data_5B01
#
_entry.id   5B01
#
_cell.length_a   106.604
_cell.length_b   106.604
_cell.length_c   310.713
_cell.angle_alpha   90.00
_cell.angle_beta   90.00
_cell.angle_gamma   90.00
#
_symmetry.space_group_name_H-M   'P 41'
#
_entity_poly.entity_id   1
_entity_poly.type   'polypeptide(L)'
_entity_poly.pdbx_seq_one_letter_code
;MAHHHHHHVDDDDKAASWSHPQFEKGAENLYFQSMLAAEAANRDHVTRCVAQTGGSPDLVAHTAALRLYLRVPHFLTEWT
TDPDRRAAVSRALALDIVSMKLLDDLMDDDTGLDRVELACVCLRLHLRALHELESLARDPKAVTDILEQDAVHLCGGQIR
TKRSRATNLREWRAHASTYGSTFLGRYGALAAACGGEGQPADSVREFAEAFAMTITMADDLTDYDRNGERDGNLAHLMRT
GAVAGQDVVDLLEELRGRALAAVAAPPGAPGLVPVVHLYTDDVLVRLLPRHLGE
;
_entity_poly.pdbx_strand_id   A,B,C,D,E,F,G,H,I,J
#
# COMPACT_ATOMS: atom_id res chain seq x y z
N TYR A 31 -3.13 57.78 -13.93
CA TYR A 31 -3.99 57.39 -12.76
C TYR A 31 -3.83 55.94 -12.34
N PHE A 32 -4.09 54.98 -13.22
CA PHE A 32 -3.98 53.56 -12.87
C PHE A 32 -2.62 53.26 -12.29
N GLN A 33 -1.99 54.34 -11.86
CA GLN A 33 -0.70 54.33 -11.22
C GLN A 33 -1.02 54.78 -9.80
N SER A 34 -1.22 56.09 -9.61
CA SER A 34 -1.54 56.68 -8.31
C SER A 34 -2.40 55.80 -7.40
N MET A 35 -3.27 54.97 -7.98
CA MET A 35 -4.09 54.09 -7.16
C MET A 35 -3.23 52.96 -6.62
N LEU A 36 -2.06 52.75 -7.23
CA LEU A 36 -1.13 51.71 -6.78
C LEU A 36 -0.17 52.36 -5.85
N ALA A 37 -0.08 53.67 -6.00
CA ALA A 37 0.79 54.49 -5.21
C ALA A 37 0.19 54.58 -3.84
N ALA A 38 -1.15 54.65 -3.82
CA ALA A 38 -1.87 54.75 -2.56
C ALA A 38 -1.91 53.36 -2.01
N GLU A 39 -2.23 52.40 -2.87
CA GLU A 39 -2.36 51.04 -2.42
C GLU A 39 -1.09 50.67 -1.70
N ALA A 40 -0.02 51.33 -2.10
CA ALA A 40 1.30 51.08 -1.54
C ALA A 40 1.53 51.78 -0.19
N ALA A 41 1.16 53.05 -0.13
CA ALA A 41 1.33 53.83 1.08
C ALA A 41 0.56 53.22 2.23
N ASN A 42 -0.68 52.89 1.94
CA ASN A 42 -1.58 52.31 2.89
C ASN A 42 -1.02 50.98 3.26
N ARG A 43 -0.56 50.18 2.30
CA ARG A 43 0.00 48.88 2.65
C ARG A 43 1.12 49.08 3.66
N ASP A 44 1.84 50.18 3.56
CA ASP A 44 2.93 50.43 4.51
C ASP A 44 2.37 50.71 5.88
N HIS A 45 1.65 51.83 5.99
CA HIS A 45 1.02 52.26 7.23
C HIS A 45 0.34 51.14 8.04
N VAL A 46 -0.33 50.23 7.33
CA VAL A 46 -1.00 49.11 7.93
C VAL A 46 0.01 48.11 8.48
N THR A 47 0.85 47.55 7.62
CA THR A 47 1.84 46.57 8.09
C THR A 47 2.77 47.15 9.16
N ARG A 48 2.99 48.46 9.09
CA ARG A 48 3.82 49.14 10.06
C ARG A 48 3.17 48.90 11.41
N CYS A 49 1.86 49.12 11.45
CA CYS A 49 1.09 48.91 12.66
C CYS A 49 1.03 47.43 13.06
N VAL A 50 0.59 46.58 12.15
CA VAL A 50 0.49 45.17 12.39
C VAL A 50 1.69 44.63 13.08
N ALA A 51 2.84 45.07 12.63
CA ALA A 51 4.08 44.59 13.17
C ALA A 51 4.41 45.14 14.55
N GLN A 52 4.39 46.46 14.68
CA GLN A 52 4.73 47.10 15.94
C GLN A 52 3.76 46.75 17.07
N THR A 53 2.83 45.85 16.83
CA THR A 53 1.86 45.46 17.86
C THR A 53 2.09 44.02 18.15
N GLY A 54 3.07 43.45 17.46
CA GLY A 54 3.38 42.06 17.66
C GLY A 54 2.92 41.15 16.55
N GLY A 55 2.69 41.69 15.37
CA GLY A 55 2.27 40.83 14.29
C GLY A 55 3.44 39.94 13.89
N SER A 56 3.17 38.67 13.60
CA SER A 56 4.23 37.74 13.20
C SER A 56 4.44 37.90 11.67
N PRO A 57 5.53 37.33 11.15
CA PRO A 57 5.85 37.38 9.73
C PRO A 57 4.65 37.01 8.88
N ASP A 58 3.99 35.90 9.23
CA ASP A 58 2.80 35.37 8.56
C ASP A 58 1.65 36.35 8.52
N LEU A 59 1.40 37.01 9.64
CA LEU A 59 0.30 37.98 9.68
C LEU A 59 0.62 39.25 8.90
N VAL A 60 1.86 39.73 8.97
CA VAL A 60 2.21 40.93 8.21
C VAL A 60 2.14 40.57 6.75
N ALA A 61 2.53 39.34 6.45
CA ALA A 61 2.48 38.88 5.08
C ALA A 61 1.03 38.92 4.69
N HIS A 62 0.20 38.16 5.39
CA HIS A 62 -1.24 38.09 5.11
C HIS A 62 -1.86 39.44 4.80
N THR A 63 -1.70 40.40 5.71
CA THR A 63 -2.27 41.73 5.53
C THR A 63 -1.66 42.48 4.33
N ALA A 64 -0.33 42.45 4.22
CA ALA A 64 0.35 43.12 3.11
C ALA A 64 -0.26 42.69 1.77
N ALA A 65 -0.76 41.47 1.72
CA ALA A 65 -1.33 40.92 0.53
C ALA A 65 -2.82 41.23 0.31
N LEU A 66 -3.47 41.96 1.25
CA LEU A 66 -4.91 42.30 1.14
C LEU A 66 -5.05 43.50 0.24
N ARG A 67 -4.65 43.31 -1.00
CA ARG A 67 -4.64 44.35 -1.99
C ARG A 67 -5.92 45.15 -2.13
N LEU A 68 -7.04 44.51 -2.47
CA LEU A 68 -8.25 45.30 -2.70
C LEU A 68 -8.64 46.18 -1.53
N TYR A 69 -8.53 45.63 -0.32
CA TYR A 69 -8.87 46.34 0.89
C TYR A 69 -8.01 47.54 0.99
N LEU A 70 -6.72 47.32 0.85
CA LEU A 70 -5.74 48.40 0.98
C LEU A 70 -5.94 49.53 0.00
N ARG A 71 -6.52 49.15 -1.13
CA ARG A 71 -6.76 50.03 -2.26
C ARG A 71 -8.09 50.80 -2.27
N VAL A 72 -9.18 50.15 -1.86
CA VAL A 72 -10.49 50.79 -1.82
C VAL A 72 -10.56 52.16 -1.12
N PRO A 73 -9.79 52.35 -0.03
CA PRO A 73 -9.82 53.63 0.67
C PRO A 73 -9.44 54.75 -0.25
N HIS A 74 -8.80 54.38 -1.35
CA HIS A 74 -8.36 55.37 -2.30
C HIS A 74 -9.53 55.85 -3.08
N PHE A 75 -10.32 54.90 -3.56
CA PHE A 75 -11.47 55.26 -4.33
C PHE A 75 -12.44 56.14 -3.52
N LEU A 76 -12.64 55.82 -2.25
CA LEU A 76 -13.57 56.58 -1.42
C LEU A 76 -13.14 58.01 -1.07
N THR A 77 -11.85 58.26 -1.10
CA THR A 77 -11.35 59.57 -0.76
C THR A 77 -11.19 60.41 -2.02
N GLU A 78 -11.58 59.86 -3.16
CA GLU A 78 -11.44 60.54 -4.44
C GLU A 78 -12.08 61.92 -4.51
N TRP A 79 -13.13 62.14 -3.72
CA TRP A 79 -13.80 63.45 -3.71
C TRP A 79 -13.06 64.49 -2.84
N THR A 80 -11.96 64.09 -2.21
CA THR A 80 -11.21 64.99 -1.35
C THR A 80 -10.15 65.69 -2.14
N THR A 81 -10.18 67.02 -2.12
CA THR A 81 -9.21 67.79 -2.89
C THR A 81 -7.84 67.92 -2.23
N ASP A 82 -7.75 68.33 -0.97
CA ASP A 82 -6.42 68.44 -0.32
C ASP A 82 -5.72 67.10 -0.39
N PRO A 83 -4.53 67.04 -1.03
CA PRO A 83 -3.74 65.84 -1.21
C PRO A 83 -3.32 65.16 0.05
N ASP A 84 -3.07 65.95 1.08
CA ASP A 84 -2.60 65.39 2.36
C ASP A 84 -3.71 64.85 3.21
N ARG A 85 -4.78 65.61 3.32
CA ARG A 85 -5.92 65.13 4.08
C ARG A 85 -6.32 63.86 3.33
N ARG A 86 -6.54 63.98 2.03
CA ARG A 86 -6.93 62.83 1.23
C ARG A 86 -6.03 61.63 1.55
N ALA A 87 -4.73 61.81 1.64
CA ALA A 87 -3.86 60.68 1.91
C ALA A 87 -3.90 60.17 3.35
N ALA A 88 -4.33 61.07 4.26
CA ALA A 88 -4.46 60.80 5.70
C ALA A 88 -5.70 59.98 6.07
N VAL A 89 -6.80 60.33 5.39
CA VAL A 89 -8.05 59.67 5.56
C VAL A 89 -7.89 58.36 4.86
N SER A 90 -7.29 58.40 3.67
CA SER A 90 -7.10 57.19 2.87
C SER A 90 -6.44 56.10 3.70
N ARG A 91 -5.36 56.43 4.38
CA ARG A 91 -4.66 55.46 5.21
C ARG A 91 -5.45 55.10 6.45
N ALA A 92 -6.05 56.10 7.10
CA ALA A 92 -6.88 55.86 8.28
C ALA A 92 -8.00 54.80 8.00
N LEU A 93 -8.71 54.96 6.87
CA LEU A 93 -9.76 54.05 6.46
C LEU A 93 -9.21 52.70 6.16
N ALA A 94 -7.98 52.61 5.64
CA ALA A 94 -7.39 51.29 5.35
C ALA A 94 -7.21 50.55 6.68
N LEU A 95 -6.79 51.30 7.70
CA LEU A 95 -6.59 50.73 9.01
C LEU A 95 -7.81 50.00 9.45
N ASP A 96 -8.98 50.65 9.38
CA ASP A 96 -10.20 49.98 9.81
C ASP A 96 -10.72 48.90 8.86
N ILE A 97 -10.56 49.10 7.56
CA ILE A 97 -11.03 48.06 6.65
C ILE A 97 -10.25 46.78 6.86
N VAL A 98 -8.93 46.89 7.05
CA VAL A 98 -8.15 45.67 7.31
C VAL A 98 -8.57 45.13 8.67
N SER A 99 -8.82 46.02 9.62
CA SER A 99 -9.22 45.59 10.96
C SER A 99 -10.38 44.63 10.85
N MET A 100 -11.44 45.06 10.18
CA MET A 100 -12.61 44.24 10.03
C MET A 100 -12.25 43.00 9.30
N LYS A 101 -11.36 43.12 8.33
CA LYS A 101 -10.99 41.95 7.56
C LYS A 101 -10.39 40.87 8.44
N LEU A 102 -9.59 41.26 9.42
CA LEU A 102 -8.97 40.28 10.29
C LEU A 102 -10.01 39.63 11.17
N LEU A 103 -10.94 40.43 11.70
CA LEU A 103 -12.05 39.96 12.55
C LEU A 103 -12.87 38.95 11.76
N ASP A 104 -12.90 39.12 10.46
CA ASP A 104 -13.61 38.19 9.63
C ASP A 104 -12.85 36.85 9.64
N ASP A 105 -11.54 36.87 9.41
CA ASP A 105 -10.75 35.64 9.41
C ASP A 105 -10.83 34.93 10.73
N LEU A 106 -11.10 35.70 11.76
CA LEU A 106 -11.20 35.20 13.08
C LEU A 106 -12.45 34.38 13.20
N MET A 107 -13.49 34.78 12.48
CA MET A 107 -14.76 34.05 12.54
C MET A 107 -14.85 32.90 11.55
N ASP A 108 -14.33 33.08 10.36
CA ASP A 108 -14.39 31.95 9.44
C ASP A 108 -13.44 30.91 10.01
N ASP A 109 -12.34 31.42 10.57
CA ASP A 109 -11.27 30.60 11.18
C ASP A 109 -10.55 29.62 10.24
N ASP A 110 -10.82 29.72 8.95
CA ASP A 110 -10.13 28.87 7.99
C ASP A 110 -8.69 29.36 7.87
N THR A 111 -8.52 30.67 7.88
CA THR A 111 -7.23 31.35 7.78
C THR A 111 -5.98 30.54 8.12
N GLY A 112 -6.07 29.73 9.16
CA GLY A 112 -4.92 28.94 9.57
C GLY A 112 -3.89 29.80 10.26
N LEU A 113 -4.18 31.09 10.35
CA LEU A 113 -3.33 32.06 10.99
C LEU A 113 -3.54 31.93 12.49
N ASP A 114 -2.67 32.53 13.30
CA ASP A 114 -2.90 32.41 14.73
C ASP A 114 -4.11 33.17 15.32
N ARG A 115 -4.95 32.42 15.99
CA ARG A 115 -6.14 32.93 16.62
C ARG A 115 -5.92 34.21 17.44
N VAL A 116 -5.06 34.14 18.43
CA VAL A 116 -4.77 35.25 19.30
C VAL A 116 -4.30 36.52 18.58
N GLU A 117 -3.22 36.41 17.81
CA GLU A 117 -2.65 37.53 17.06
C GLU A 117 -3.77 38.28 16.35
N LEU A 118 -4.54 37.52 15.57
CA LEU A 118 -5.64 38.06 14.80
C LEU A 118 -6.55 39.02 15.60
N ALA A 119 -7.06 38.52 16.72
CA ALA A 119 -7.91 39.33 17.55
C ALA A 119 -7.21 40.57 18.03
N CYS A 120 -6.03 40.43 18.62
CA CYS A 120 -5.35 41.59 19.16
C CYS A 120 -4.97 42.62 18.15
N VAL A 121 -4.41 42.15 17.06
CA VAL A 121 -4.00 43.06 16.00
C VAL A 121 -5.24 43.73 15.44
N CYS A 122 -6.32 42.96 15.32
CA CYS A 122 -7.57 43.45 14.80
C CYS A 122 -8.00 44.65 15.66
N LEU A 123 -8.17 44.37 16.95
CA LEU A 123 -8.60 45.40 17.87
C LEU A 123 -7.64 46.56 17.84
N ARG A 124 -6.33 46.30 17.74
CA ARG A 124 -5.36 47.39 17.73
C ARG A 124 -5.59 48.33 16.53
N LEU A 125 -5.62 47.76 15.34
CA LEU A 125 -5.83 48.52 14.11
C LEU A 125 -7.09 49.32 14.20
N HIS A 126 -8.12 48.67 14.68
CA HIS A 126 -9.38 49.34 14.81
C HIS A 126 -9.29 50.62 15.65
N LEU A 127 -8.71 50.52 16.83
CA LEU A 127 -8.59 51.66 17.71
C LEU A 127 -7.76 52.76 17.12
N ARG A 128 -6.74 52.36 16.38
CA ARG A 128 -5.91 53.35 15.77
C ARG A 128 -6.70 54.11 14.70
N ALA A 129 -7.49 53.36 13.93
CA ALA A 129 -8.30 53.94 12.86
C ALA A 129 -9.23 54.95 13.47
N LEU A 130 -9.90 54.54 14.54
CA LEU A 130 -10.85 55.38 15.25
C LEU A 130 -10.19 56.66 15.64
N HIS A 131 -8.97 56.51 16.15
CA HIS A 131 -8.21 57.64 16.60
C HIS A 131 -7.96 58.58 15.47
N GLU A 132 -7.31 58.04 14.44
CA GLU A 132 -6.98 58.79 13.26
C GLU A 132 -8.18 59.41 12.58
N LEU A 133 -9.19 58.62 12.27
CA LEU A 133 -10.37 59.18 11.60
C LEU A 133 -10.95 60.34 12.41
N GLU A 134 -11.03 60.14 13.71
CA GLU A 134 -11.62 61.13 14.60
C GLU A 134 -10.92 62.48 14.66
N SER A 135 -9.62 62.50 14.42
CA SER A 135 -8.89 63.76 14.48
C SER A 135 -8.85 64.42 13.13
N LEU A 136 -9.23 63.68 12.10
CA LEU A 136 -9.29 64.21 10.73
C LEU A 136 -10.67 64.85 10.52
N ALA A 137 -11.69 64.28 11.14
CA ALA A 137 -13.05 64.77 11.00
C ALA A 137 -13.27 66.15 11.63
N ARG A 138 -14.07 66.97 10.94
CA ARG A 138 -14.41 68.33 11.38
C ARG A 138 -15.08 68.25 12.76
N ASP A 139 -16.06 67.37 12.90
CA ASP A 139 -16.78 67.15 14.17
C ASP A 139 -16.50 65.73 14.75
N PRO A 140 -15.67 65.60 15.83
CA PRO A 140 -15.36 64.29 16.40
C PRO A 140 -16.54 63.31 16.61
N LYS A 141 -17.72 63.83 16.95
CA LYS A 141 -18.88 62.96 17.15
C LYS A 141 -19.26 62.18 15.87
N ALA A 142 -19.25 62.85 14.73
CA ALA A 142 -19.60 62.23 13.47
C ALA A 142 -19.07 60.84 13.24
N VAL A 143 -17.87 60.52 13.69
CA VAL A 143 -17.29 59.20 13.44
C VAL A 143 -18.12 58.08 14.05
N THR A 144 -18.30 58.16 15.35
CA THR A 144 -19.05 57.13 16.08
C THR A 144 -20.49 57.13 15.71
N ASP A 145 -20.93 58.27 15.18
CA ASP A 145 -22.30 58.43 14.75
C ASP A 145 -22.49 57.54 13.54
N ILE A 146 -21.71 57.82 12.49
CA ILE A 146 -21.75 57.05 11.25
C ILE A 146 -21.61 55.59 11.51
N LEU A 147 -20.63 55.30 12.39
CA LEU A 147 -20.28 53.94 12.77
C LEU A 147 -21.33 53.18 13.55
N GLU A 148 -22.12 53.92 14.32
CA GLU A 148 -23.20 53.33 15.12
C GLU A 148 -24.48 53.31 14.30
N GLN A 149 -24.95 54.52 14.00
CA GLN A 149 -26.17 54.77 13.28
C GLN A 149 -26.84 53.71 12.37
N ASP A 150 -26.23 52.54 12.19
CA ASP A 150 -26.81 51.50 11.33
C ASP A 150 -26.12 50.15 11.55
N ALA A 151 -25.25 50.14 12.57
CA ALA A 151 -24.46 48.99 12.96
C ALA A 151 -25.33 47.77 13.15
N VAL A 152 -26.52 48.02 13.71
CA VAL A 152 -27.52 46.98 14.01
C VAL A 152 -27.84 46.20 12.77
N HIS A 153 -28.00 46.96 11.69
CA HIS A 153 -28.33 46.43 10.39
C HIS A 153 -27.22 45.61 9.75
N LEU A 154 -26.02 46.14 9.85
CA LEU A 154 -24.83 45.48 9.28
C LEU A 154 -24.41 44.19 10.00
N CYS A 155 -24.46 44.21 11.33
CA CYS A 155 -24.10 43.05 12.16
C CYS A 155 -25.17 42.01 12.12
N GLY A 156 -26.42 42.46 12.18
CA GLY A 156 -27.52 41.54 12.11
C GLY A 156 -27.47 40.99 10.69
N GLY A 157 -27.53 41.91 9.73
CA GLY A 157 -27.46 41.53 8.32
C GLY A 157 -26.41 40.44 8.10
N GLN A 158 -25.24 40.62 8.68
CA GLN A 158 -24.18 39.63 8.51
C GLN A 158 -24.48 38.30 9.21
N ILE A 159 -25.14 38.32 10.36
CA ILE A 159 -25.40 37.05 11.04
C ILE A 159 -26.42 36.28 10.24
N ARG A 160 -27.50 36.96 9.86
CA ARG A 160 -28.57 36.32 9.08
C ARG A 160 -28.00 35.72 7.81
N THR A 161 -27.25 36.53 7.10
CA THR A 161 -26.62 36.09 5.86
C THR A 161 -26.06 34.69 5.93
N LYS A 162 -25.38 34.37 7.03
CA LYS A 162 -24.76 33.06 7.17
C LYS A 162 -25.62 31.98 7.83
N ARG A 163 -26.73 32.40 8.48
CA ARG A 163 -27.65 31.45 9.14
C ARG A 163 -28.63 30.85 8.14
N SER A 164 -29.34 31.72 7.44
CA SER A 164 -30.30 31.31 6.43
C SER A 164 -29.72 31.49 5.00
N ARG A 165 -28.53 30.92 4.76
CA ARG A 165 -27.86 31.01 3.47
C ARG A 165 -28.91 31.10 2.34
N ALA A 166 -28.76 32.08 1.46
CA ALA A 166 -29.72 32.31 0.36
C ALA A 166 -29.81 31.21 -0.70
N THR A 167 -30.93 31.22 -1.42
CA THR A 167 -31.28 30.26 -2.50
C THR A 167 -31.55 30.77 -3.95
N ASN A 168 -31.70 32.08 -4.14
CA ASN A 168 -31.95 32.65 -5.47
C ASN A 168 -31.50 34.11 -5.52
N LEU A 169 -31.09 34.57 -6.70
CA LEU A 169 -30.58 35.93 -6.82
C LEU A 169 -31.36 36.97 -6.06
N ARG A 170 -32.67 36.82 -5.92
CA ARG A 170 -33.39 37.88 -5.22
C ARG A 170 -32.93 38.02 -3.76
N GLU A 171 -32.50 36.90 -3.20
CA GLU A 171 -32.04 36.78 -1.80
C GLU A 171 -30.59 37.16 -1.66
N TRP A 172 -29.72 36.34 -2.28
CA TRP A 172 -28.28 36.56 -2.28
C TRP A 172 -28.03 38.03 -2.32
N ARG A 173 -28.76 38.71 -3.22
CA ARG A 173 -28.65 40.17 -3.41
C ARG A 173 -28.96 40.92 -2.13
N ALA A 174 -30.15 40.70 -1.59
CA ALA A 174 -30.52 41.38 -0.36
C ALA A 174 -29.54 41.06 0.78
N HIS A 175 -28.90 39.89 0.71
CA HIS A 175 -27.91 39.46 1.72
C HIS A 175 -26.67 40.30 1.55
N ALA A 176 -26.12 40.24 0.35
CA ALA A 176 -24.95 41.01 0.02
C ALA A 176 -25.15 42.51 0.13
N SER A 177 -26.38 42.98 0.22
CA SER A 177 -26.57 44.41 0.30
C SER A 177 -26.41 44.92 1.72
N THR A 178 -25.94 44.07 2.62
CA THR A 178 -25.77 44.45 4.02
C THR A 178 -24.33 44.15 4.41
N TYR A 179 -23.97 42.88 4.32
CA TYR A 179 -22.60 42.50 4.67
C TYR A 179 -21.62 43.08 3.68
N GLY A 180 -22.15 43.66 2.61
CA GLY A 180 -21.29 44.23 1.60
C GLY A 180 -21.55 45.70 1.38
N SER A 181 -22.75 46.04 0.89
CA SER A 181 -23.08 47.44 0.63
C SER A 181 -23.07 48.32 1.89
N THR A 182 -23.88 47.96 2.88
CA THR A 182 -23.93 48.76 4.10
C THR A 182 -22.56 48.85 4.76
N PHE A 183 -21.73 47.83 4.57
CA PHE A 183 -20.37 47.76 5.15
C PHE A 183 -19.43 48.83 4.64
N LEU A 184 -19.18 48.80 3.35
CA LEU A 184 -18.30 49.73 2.69
C LEU A 184 -19.00 51.07 2.61
N GLY A 185 -20.33 51.03 2.62
CA GLY A 185 -21.11 52.24 2.56
C GLY A 185 -20.74 53.16 3.70
N ARG A 186 -20.62 52.58 4.88
CA ARG A 186 -20.25 53.33 6.07
C ARG A 186 -18.92 53.97 5.88
N TYR A 187 -17.95 53.22 5.37
CA TYR A 187 -16.63 53.80 5.15
C TYR A 187 -16.70 55.00 4.26
N GLY A 188 -17.49 54.90 3.18
CA GLY A 188 -17.66 56.02 2.28
C GLY A 188 -18.23 57.22 3.03
N ALA A 189 -19.19 56.96 3.89
CA ALA A 189 -19.78 57.99 4.72
C ALA A 189 -18.73 58.66 5.59
N LEU A 190 -17.78 57.85 6.04
CA LEU A 190 -16.69 58.33 6.90
C LEU A 190 -15.77 59.19 6.07
N ALA A 191 -15.43 58.69 4.89
CA ALA A 191 -14.54 59.40 3.98
C ALA A 191 -15.05 60.78 3.77
N ALA A 192 -16.36 60.92 3.57
CA ALA A 192 -16.98 62.23 3.36
C ALA A 192 -16.93 63.16 4.59
N ALA A 193 -17.18 62.61 5.78
CA ALA A 193 -17.12 63.40 6.99
C ALA A 193 -15.69 63.79 7.43
N CYS A 194 -14.76 62.84 7.39
CA CYS A 194 -13.38 63.08 7.77
C CYS A 194 -12.65 63.78 6.67
N GLY A 195 -12.99 63.40 5.47
CA GLY A 195 -12.34 63.93 4.30
C GLY A 195 -12.31 65.41 4.02
N GLY A 196 -13.01 66.22 4.78
CA GLY A 196 -12.93 67.61 4.44
C GLY A 196 -14.11 68.19 3.72
N GLU A 197 -14.53 69.30 4.33
CA GLU A 197 -15.67 70.13 3.92
C GLU A 197 -15.92 70.23 2.41
N GLY A 198 -17.20 70.22 2.06
CA GLY A 198 -17.59 70.32 0.68
C GLY A 198 -17.59 69.01 -0.07
N GLN A 199 -17.98 67.94 0.59
CA GLN A 199 -18.01 66.67 -0.11
C GLN A 199 -19.47 66.23 -0.28
N PRO A 200 -19.85 65.72 -1.48
CA PRO A 200 -21.23 65.24 -1.77
C PRO A 200 -21.61 63.98 -1.01
N ALA A 201 -21.54 64.06 0.31
CA ALA A 201 -21.85 63.00 1.24
C ALA A 201 -22.56 61.78 0.68
N ASP A 202 -23.75 61.99 0.14
CA ASP A 202 -24.60 60.92 -0.39
C ASP A 202 -24.08 60.19 -1.58
N SER A 203 -23.45 60.94 -2.45
CA SER A 203 -22.91 60.36 -3.66
C SER A 203 -21.74 59.40 -3.33
N VAL A 204 -20.87 59.83 -2.41
CA VAL A 204 -19.73 59.01 -2.01
C VAL A 204 -20.31 57.71 -1.49
N ARG A 205 -21.28 57.79 -0.58
CA ARG A 205 -21.90 56.60 -0.01
C ARG A 205 -22.53 55.71 -1.08
N GLU A 206 -23.30 56.34 -1.97
CA GLU A 206 -23.98 55.64 -3.04
C GLU A 206 -22.96 54.87 -3.86
N PHE A 207 -21.89 55.56 -4.26
CA PHE A 207 -20.82 54.92 -5.03
C PHE A 207 -20.30 53.67 -4.31
N ALA A 208 -19.96 53.86 -3.03
CA ALA A 208 -19.43 52.83 -2.17
C ALA A 208 -20.29 51.61 -2.17
N GLU A 209 -21.58 51.81 -1.98
CA GLU A 209 -22.48 50.70 -1.95
C GLU A 209 -22.56 49.92 -3.23
N ALA A 210 -22.62 50.62 -4.35
CA ALA A 210 -22.69 49.95 -5.63
C ALA A 210 -21.39 49.15 -5.85
N PHE A 211 -20.28 49.88 -5.76
CA PHE A 211 -18.96 49.31 -5.94
C PHE A 211 -18.85 48.07 -5.02
N ALA A 212 -19.22 48.22 -3.76
CA ALA A 212 -19.12 47.11 -2.82
C ALA A 212 -19.80 45.86 -3.33
N MET A 213 -21.06 45.98 -3.76
CA MET A 213 -21.76 44.79 -4.21
C MET A 213 -21.12 44.19 -5.44
N THR A 214 -20.53 45.05 -6.30
CA THR A 214 -19.90 44.53 -7.52
C THR A 214 -18.70 43.69 -7.09
N ILE A 215 -18.01 44.14 -6.05
CA ILE A 215 -16.87 43.38 -5.53
C ILE A 215 -17.36 42.08 -4.91
N THR A 216 -18.50 42.13 -4.24
CA THR A 216 -19.08 40.95 -3.58
C THR A 216 -19.29 39.78 -4.51
N MET A 217 -19.96 40.05 -5.63
CA MET A 217 -20.24 39.06 -6.65
C MET A 217 -18.92 38.59 -7.18
N ALA A 218 -18.03 39.55 -7.46
CA ALA A 218 -16.71 39.26 -7.97
C ALA A 218 -16.12 38.16 -7.09
N ASP A 219 -16.36 38.27 -5.79
CA ASP A 219 -15.88 37.33 -4.79
C ASP A 219 -16.44 35.97 -5.01
N ASP A 220 -17.70 35.82 -4.62
CA ASP A 220 -18.39 34.56 -4.74
C ASP A 220 -18.03 33.75 -5.97
N LEU A 221 -17.75 34.41 -7.10
CA LEU A 221 -17.41 33.67 -8.32
C LEU A 221 -15.98 33.15 -8.30
N THR A 222 -15.09 33.83 -7.59
CA THR A 222 -13.71 33.41 -7.47
C THR A 222 -13.68 32.30 -6.44
N ASP A 223 -14.39 32.54 -5.34
CA ASP A 223 -14.53 31.64 -4.18
C ASP A 223 -15.22 30.27 -4.39
N TYR A 224 -15.95 30.08 -5.48
CA TYR A 224 -16.60 28.80 -5.76
C TYR A 224 -15.53 27.85 -6.30
N ASP A 225 -14.68 28.37 -7.20
CA ASP A 225 -13.59 27.60 -7.81
C ASP A 225 -12.41 27.52 -6.85
N ARG A 226 -11.68 28.64 -6.75
CA ARG A 226 -10.46 28.78 -5.92
C ARG A 226 -10.39 27.99 -4.61
N ASN A 227 -11.49 27.93 -3.86
CA ASN A 227 -11.50 27.13 -2.65
C ASN A 227 -12.91 26.59 -2.36
N GLY A 228 -13.34 25.68 -3.23
CA GLY A 228 -14.64 25.03 -3.12
C GLY A 228 -15.52 25.47 -1.96
N GLU A 229 -16.44 26.37 -2.24
CA GLU A 229 -17.40 26.90 -1.26
C GLU A 229 -18.69 26.73 -2.06
N ARG A 230 -19.84 26.51 -1.42
CA ARG A 230 -20.99 26.26 -2.28
C ARG A 230 -22.41 26.52 -1.78
N ASP A 231 -22.60 26.66 -0.47
CA ASP A 231 -23.96 26.85 0.05
C ASP A 231 -24.48 28.30 0.18
N GLY A 232 -25.21 28.75 -0.84
CA GLY A 232 -25.73 30.12 -0.82
C GLY A 232 -24.83 31.03 -1.64
N ASN A 233 -23.81 30.41 -2.24
CA ASN A 233 -22.80 31.04 -3.09
C ASN A 233 -23.39 31.33 -4.48
N LEU A 234 -23.30 32.57 -4.93
CA LEU A 234 -23.85 32.94 -6.23
C LEU A 234 -23.44 32.06 -7.40
N ALA A 235 -22.21 31.59 -7.40
CA ALA A 235 -21.73 30.74 -8.49
C ALA A 235 -22.49 29.40 -8.52
N HIS A 236 -22.85 28.93 -7.34
CA HIS A 236 -23.57 27.69 -7.22
C HIS A 236 -24.98 27.93 -7.69
N LEU A 237 -25.63 28.93 -7.11
CA LEU A 237 -27.01 29.23 -7.50
C LEU A 237 -27.14 29.38 -9.01
N MET A 238 -26.02 29.61 -9.69
CA MET A 238 -26.01 29.70 -11.15
C MET A 238 -25.90 28.27 -11.74
N ARG A 239 -24.97 27.48 -11.18
CA ARG A 239 -24.76 26.09 -11.58
C ARG A 239 -26.04 25.32 -11.40
N THR A 240 -26.64 25.48 -10.22
CA THR A 240 -27.89 24.81 -9.86
C THR A 240 -29.11 25.35 -10.58
N GLY A 241 -28.89 26.21 -11.57
CA GLY A 241 -30.03 26.76 -12.31
C GLY A 241 -31.09 27.46 -11.44
N ALA A 242 -30.70 27.84 -10.24
CA ALA A 242 -31.60 28.57 -9.34
C ALA A 242 -31.52 30.09 -9.61
N VAL A 243 -30.43 30.51 -10.26
CA VAL A 243 -30.14 31.91 -10.64
C VAL A 243 -29.80 32.01 -12.13
N ALA A 244 -30.47 32.96 -12.80
CA ALA A 244 -30.32 33.18 -14.24
C ALA A 244 -29.09 33.94 -14.72
N GLY A 245 -28.27 33.27 -15.51
CA GLY A 245 -27.09 33.94 -16.01
C GLY A 245 -27.41 35.35 -16.46
N GLN A 246 -28.45 35.51 -17.29
CA GLN A 246 -28.86 36.80 -17.86
C GLN A 246 -29.16 37.81 -16.76
N ASP A 247 -29.56 37.32 -15.59
CA ASP A 247 -29.91 38.21 -14.47
C ASP A 247 -28.76 38.68 -13.62
N VAL A 248 -27.75 37.80 -13.53
CA VAL A 248 -26.55 38.11 -12.82
C VAL A 248 -25.98 39.27 -13.61
N VAL A 249 -25.83 39.06 -14.92
CA VAL A 249 -25.33 40.07 -15.85
C VAL A 249 -26.13 41.37 -15.74
N ASP A 250 -27.44 41.23 -15.62
CA ASP A 250 -28.31 42.38 -15.50
C ASP A 250 -28.03 43.14 -14.22
N LEU A 251 -27.94 42.40 -13.12
CA LEU A 251 -27.61 42.98 -11.82
C LEU A 251 -26.29 43.72 -11.91
N LEU A 252 -25.26 43.01 -12.36
CA LEU A 252 -23.93 43.54 -12.53
C LEU A 252 -23.95 44.92 -13.14
N GLU A 253 -24.61 44.98 -14.29
CA GLU A 253 -24.70 46.18 -15.05
C GLU A 253 -25.55 47.22 -14.42
N GLU A 254 -26.52 46.79 -13.64
CA GLU A 254 -27.36 47.76 -12.98
C GLU A 254 -26.53 48.42 -11.91
N LEU A 255 -25.57 47.68 -11.37
CA LEU A 255 -24.68 48.19 -10.33
C LEU A 255 -23.69 49.19 -10.94
N ARG A 256 -23.17 48.85 -12.14
CA ARG A 256 -22.25 49.73 -12.85
C ARG A 256 -23.02 51.04 -13.06
N GLY A 257 -24.33 50.91 -13.29
CA GLY A 257 -25.17 52.05 -13.51
C GLY A 257 -25.11 52.91 -12.28
N ARG A 258 -25.64 52.37 -11.18
CA ARG A 258 -25.70 53.08 -9.88
C ARG A 258 -24.37 53.81 -9.55
N ALA A 259 -23.25 53.12 -9.75
CA ALA A 259 -21.91 53.63 -9.46
C ALA A 259 -21.49 54.84 -10.27
N LEU A 260 -21.45 54.60 -11.58
CA LEU A 260 -21.10 55.59 -12.58
C LEU A 260 -21.95 56.84 -12.35
N ALA A 261 -23.21 56.62 -11.99
CA ALA A 261 -24.14 57.69 -11.74
C ALA A 261 -23.65 58.59 -10.64
N ALA A 262 -23.18 57.97 -9.56
CA ALA A 262 -22.74 58.67 -8.36
C ALA A 262 -21.45 59.44 -8.52
N VAL A 263 -20.53 58.89 -9.30
CA VAL A 263 -19.24 59.54 -9.53
C VAL A 263 -19.46 60.73 -10.44
N ALA A 264 -20.60 60.72 -11.10
CA ALA A 264 -21.03 61.76 -12.02
C ALA A 264 -21.70 62.93 -11.29
N ALA A 265 -22.45 62.67 -10.21
CA ALA A 265 -23.08 63.75 -9.45
C ALA A 265 -21.99 64.77 -9.11
N PRO A 266 -22.32 66.07 -9.26
CA PRO A 266 -21.47 67.26 -9.03
C PRO A 266 -20.94 67.49 -7.60
N PRO A 267 -19.64 67.84 -7.47
CA PRO A 267 -18.67 68.02 -8.56
C PRO A 267 -18.38 66.74 -9.33
N GLY A 268 -18.26 65.64 -8.61
CA GLY A 268 -18.00 64.37 -9.25
C GLY A 268 -16.54 63.93 -9.29
N ALA A 269 -16.38 62.61 -9.43
CA ALA A 269 -15.09 61.98 -9.47
C ALA A 269 -14.82 61.36 -10.81
N PRO A 270 -14.44 62.17 -11.78
CA PRO A 270 -14.13 61.68 -13.12
C PRO A 270 -13.08 60.55 -13.04
N GLY A 271 -12.15 60.69 -12.10
CA GLY A 271 -11.10 59.68 -11.94
C GLY A 271 -11.59 58.27 -11.70
N LEU A 272 -12.74 58.11 -11.03
CA LEU A 272 -13.30 56.77 -10.70
C LEU A 272 -14.06 56.06 -11.81
N VAL A 273 -14.40 56.79 -12.88
CA VAL A 273 -15.12 56.23 -14.02
C VAL A 273 -14.38 55.05 -14.66
N PRO A 274 -13.08 55.19 -14.88
CA PRO A 274 -12.34 54.10 -15.50
C PRO A 274 -12.32 52.90 -14.58
N VAL A 275 -12.26 53.20 -13.28
CA VAL A 275 -12.19 52.21 -12.19
C VAL A 275 -13.44 51.37 -12.12
N VAL A 276 -14.59 52.06 -12.19
CA VAL A 276 -15.90 51.42 -12.14
C VAL A 276 -15.94 50.40 -13.24
N HIS A 277 -15.80 50.88 -14.46
CA HIS A 277 -15.81 50.00 -15.63
C HIS A 277 -14.79 48.88 -15.48
N LEU A 278 -13.60 49.25 -14.98
CA LEU A 278 -12.54 48.28 -14.83
C LEU A 278 -13.00 47.06 -14.04
N TYR A 279 -13.50 47.30 -12.84
CA TYR A 279 -13.95 46.22 -11.97
C TYR A 279 -15.09 45.42 -12.53
N THR A 280 -16.20 46.11 -12.79
CA THR A 280 -17.42 45.52 -13.36
C THR A 280 -17.07 44.77 -14.63
N ASP A 281 -16.31 45.40 -15.53
CA ASP A 281 -15.91 44.71 -16.76
C ASP A 281 -15.20 43.40 -16.41
N ASP A 282 -14.37 43.45 -15.38
CA ASP A 282 -13.61 42.28 -15.04
C ASP A 282 -14.43 41.07 -14.67
N VAL A 283 -15.53 41.30 -13.98
CA VAL A 283 -16.36 40.18 -13.61
C VAL A 283 -16.91 39.57 -14.91
N LEU A 284 -17.49 40.40 -15.80
CA LEU A 284 -18.06 39.97 -17.08
C LEU A 284 -17.10 39.17 -17.88
N VAL A 285 -15.98 39.81 -18.20
CA VAL A 285 -14.93 39.20 -18.99
C VAL A 285 -14.26 37.97 -18.43
N ARG A 286 -13.71 38.04 -17.22
CA ARG A 286 -12.96 36.90 -16.65
C ARG A 286 -13.64 35.92 -15.67
N LEU A 287 -14.57 36.41 -14.88
CA LEU A 287 -15.22 35.53 -13.91
C LEU A 287 -16.55 34.92 -14.39
N LEU A 288 -17.45 35.72 -14.96
CA LEU A 288 -18.73 35.19 -15.39
C LEU A 288 -18.67 34.05 -16.38
N PRO A 289 -17.72 34.08 -17.35
CA PRO A 289 -17.64 32.99 -18.34
C PRO A 289 -17.64 31.56 -17.80
N ARG A 290 -17.01 31.37 -16.64
CA ARG A 290 -16.91 30.04 -16.00
C ARG A 290 -18.25 29.42 -15.62
N HIS A 291 -19.15 30.22 -15.05
CA HIS A 291 -20.47 29.74 -14.61
C HIS A 291 -21.59 30.18 -15.54
N LEU A 292 -21.38 29.93 -16.83
CA LEU A 292 -22.34 30.26 -17.88
C LEU A 292 -22.29 29.13 -18.92
N TYR B 31 -25.84 48.33 50.43
CA TYR B 31 -24.96 48.42 49.23
C TYR B 31 -24.81 47.10 48.48
N PHE B 32 -24.34 46.04 49.15
CA PHE B 32 -24.16 44.73 48.50
C PHE B 32 -25.45 44.28 47.85
N GLN B 33 -26.32 45.25 47.65
CA GLN B 33 -27.58 45.11 47.01
C GLN B 33 -27.38 45.91 45.72
N SER B 34 -27.48 47.24 45.80
CA SER B 34 -27.31 48.15 44.66
C SER B 34 -26.31 47.67 43.60
N MET B 35 -25.27 46.96 44.01
CA MET B 35 -24.30 46.45 43.05
C MET B 35 -24.90 45.31 42.28
N LEU B 36 -25.99 44.74 42.78
CA LEU B 36 -26.69 43.65 42.12
C LEU B 36 -27.79 44.27 41.32
N ALA B 37 -28.17 45.46 41.75
CA ALA B 37 -29.21 46.22 41.11
C ALA B 37 -28.65 46.72 39.80
N ALA B 38 -27.37 47.09 39.83
CA ALA B 38 -26.71 47.60 38.65
C ALA B 38 -26.39 46.38 37.80
N GLU B 39 -25.84 45.37 38.44
CA GLU B 39 -25.46 44.18 37.71
C GLU B 39 -26.62 43.72 36.90
N ALA B 40 -27.80 44.03 37.41
CA ALA B 40 -29.07 43.64 36.80
C ALA B 40 -29.49 44.54 35.64
N ALA B 41 -29.39 45.83 35.85
CA ALA B 41 -29.74 46.78 34.83
C ALA B 41 -28.88 46.60 33.60
N ASN B 42 -27.59 46.48 33.85
CA ASN B 42 -26.59 46.32 32.81
C ASN B 42 -26.86 45.00 32.13
N ARG B 43 -27.11 43.95 32.90
CA ARG B 43 -27.40 42.67 32.26
C ARG B 43 -28.55 42.85 31.27
N ASP B 44 -29.49 43.73 31.59
CA ASP B 44 -30.63 43.94 30.70
C ASP B 44 -30.20 44.61 29.43
N HIS B 45 -29.72 45.85 29.57
CA HIS B 45 -29.22 46.66 28.47
C HIS B 45 -28.35 45.90 27.46
N VAL B 46 -27.45 45.06 27.98
CA VAL B 46 -26.58 44.26 27.16
C VAL B 46 -27.36 43.20 26.39
N THR B 47 -28.05 42.31 27.10
CA THR B 47 -28.83 41.26 26.41
C THR B 47 -29.88 41.86 25.48
N ARG B 48 -30.40 43.03 25.83
CA ARG B 48 -31.37 43.70 24.99
C ARG B 48 -30.70 43.86 23.63
N CYS B 49 -29.48 44.37 23.68
CA CYS B 49 -28.71 44.58 22.47
C CYS B 49 -28.34 43.27 21.78
N VAL B 50 -27.72 42.36 22.51
CA VAL B 50 -27.31 41.09 21.95
C VAL B 50 -28.37 40.46 21.12
N ALA B 51 -29.58 40.56 21.62
CA ALA B 51 -30.70 39.95 20.98
C ALA B 51 -31.19 40.68 19.74
N GLN B 52 -31.47 41.97 19.90
CA GLN B 52 -31.96 42.78 18.78
C GLN B 52 -30.96 42.91 17.63
N THR B 53 -29.85 42.19 17.68
CA THR B 53 -28.84 42.25 16.63
C THR B 53 -28.74 40.85 16.07
N GLY B 54 -29.59 39.98 16.58
CA GLY B 54 -29.59 38.63 16.10
C GLY B 54 -28.92 37.62 17.01
N GLY B 55 -28.79 37.95 18.28
CA GLY B 55 -28.16 36.98 19.16
C GLY B 55 -29.10 35.79 19.31
N SER B 56 -28.56 34.57 19.36
CA SER B 56 -29.39 33.38 19.53
C SER B 56 -29.62 33.16 21.03
N PRO B 57 -30.54 32.27 21.39
CA PRO B 57 -30.84 31.95 22.80
C PRO B 57 -29.55 31.69 23.59
N ASP B 58 -28.70 30.83 23.03
CA ASP B 58 -27.41 30.45 23.61
C ASP B 58 -26.51 31.63 23.87
N LEU B 59 -26.40 32.53 22.91
CA LEU B 59 -25.54 33.70 23.09
C LEU B 59 -26.10 34.68 24.13
N VAL B 60 -27.42 34.90 24.13
CA VAL B 60 -27.99 35.81 25.12
C VAL B 60 -27.83 35.18 26.48
N ALA B 61 -27.94 33.87 26.49
CA ALA B 61 -27.76 33.14 27.73
C ALA B 61 -26.36 33.41 28.16
N HIS B 62 -25.39 33.01 27.33
CA HIS B 62 -23.96 33.18 27.61
C HIS B 62 -23.64 34.54 28.22
N THR B 63 -24.01 35.61 27.51
CA THR B 63 -23.73 36.96 28.00
C THR B 63 -24.45 37.28 29.30
N ALA B 64 -25.74 36.96 29.38
CA ALA B 64 -26.53 37.20 30.59
C ALA B 64 -25.81 36.63 31.83
N ALA B 65 -25.02 35.59 31.60
CA ALA B 65 -24.29 34.92 32.65
C ALA B 65 -22.92 35.51 32.97
N LEU B 66 -22.47 36.55 32.25
CA LEU B 66 -21.14 37.14 32.48
C LEU B 66 -21.27 38.13 33.61
N ARG B 67 -21.61 37.60 34.77
CA ARG B 67 -21.81 38.38 35.95
C ARG B 67 -20.73 39.38 36.29
N LEU B 68 -19.50 38.93 36.52
CA LEU B 68 -18.47 39.88 36.92
C LEU B 68 -18.30 41.04 35.97
N TYR B 69 -18.33 40.75 34.68
CA TYR B 69 -18.15 41.78 33.66
C TYR B 69 -19.22 42.78 33.80
N LEU B 70 -20.45 42.28 33.88
CA LEU B 70 -21.65 43.12 33.96
C LEU B 70 -21.70 44.02 35.15
N ARG B 71 -21.03 43.55 36.18
CA ARG B 71 -20.93 44.19 37.48
C ARG B 71 -19.80 45.21 37.68
N VAL B 72 -18.61 44.91 37.17
CA VAL B 72 -17.45 45.80 37.27
C VAL B 72 -17.70 47.27 36.89
N PRO B 73 -18.51 47.52 35.84
CA PRO B 73 -18.81 48.89 35.42
C PRO B 73 -19.41 49.70 36.55
N HIS B 74 -19.91 48.99 37.54
CA HIS B 74 -20.53 49.63 38.67
C HIS B 74 -19.47 50.18 39.57
N PHE B 75 -18.49 49.34 39.83
CA PHE B 75 -17.41 49.75 40.69
C PHE B 75 -16.66 50.97 40.11
N LEU B 76 -16.41 50.97 38.80
CA LEU B 76 -15.69 52.07 38.17
C LEU B 76 -16.43 53.42 38.13
N THR B 77 -17.74 53.37 38.18
CA THR B 77 -18.52 54.58 38.12
C THR B 77 -18.82 55.11 39.52
N GLU B 78 -18.32 54.40 40.54
CA GLU B 78 -18.57 54.78 41.93
C GLU B 78 -18.22 56.22 42.30
N TRP B 79 -17.27 56.82 41.60
CA TRP B 79 -16.89 58.19 41.87
C TRP B 79 -17.84 59.19 41.23
N THR B 80 -18.84 58.71 40.50
CA THR B 80 -19.78 59.62 39.84
C THR B 80 -20.95 59.88 40.73
N THR B 81 -21.23 61.16 40.97
CA THR B 81 -22.32 61.54 41.86
C THR B 81 -23.71 61.51 41.22
N ASP B 82 -23.90 62.16 40.07
CA ASP B 82 -25.24 62.11 39.45
C ASP B 82 -25.64 60.64 39.22
N PRO B 83 -26.77 60.21 39.80
CA PRO B 83 -27.29 58.84 39.71
C PRO B 83 -27.59 58.37 38.33
N ASP B 84 -28.03 59.28 37.48
CA ASP B 84 -28.39 58.94 36.09
C ASP B 84 -27.22 58.83 35.16
N ARG B 85 -26.34 59.82 35.23
CA ARG B 85 -25.15 59.77 34.41
C ARG B 85 -24.46 58.48 34.88
N ARG B 86 -24.24 58.36 36.19
CA ARG B 86 -23.60 57.18 36.74
C ARG B 86 -24.20 55.91 36.14
N ALA B 87 -25.52 55.83 36.05
CA ALA B 87 -26.14 54.62 35.53
C ALA B 87 -26.02 54.43 34.03
N ALA B 88 -25.81 55.57 33.35
CA ALA B 88 -25.67 55.66 31.89
C ALA B 88 -24.30 55.22 31.40
N VAL B 89 -23.28 55.64 32.16
CA VAL B 89 -21.90 55.32 31.89
C VAL B 89 -21.75 53.89 32.31
N SER B 90 -22.37 53.53 33.43
CA SER B 90 -22.27 52.16 33.97
C SER B 90 -22.68 51.14 32.93
N ARG B 91 -23.82 51.38 32.30
CA ARG B 91 -24.32 50.48 31.27
C ARG B 91 -23.49 50.58 30.00
N ALA B 92 -23.16 51.80 29.57
CA ALA B 92 -22.33 52.02 28.39
C ALA B 92 -20.99 51.20 28.47
N LEU B 93 -20.31 51.26 29.62
CA LEU B 93 -19.07 50.51 29.87
C LEU B 93 -19.29 49.01 29.85
N ALA B 94 -20.45 48.57 30.31
CA ALA B 94 -20.75 47.14 30.30
C ALA B 94 -20.80 46.67 28.85
N LEU B 95 -21.39 47.50 28.00
CA LEU B 95 -21.50 47.19 26.60
C LEU B 95 -20.16 46.86 26.05
N ASP B 96 -19.15 47.73 26.26
CA ASP B 96 -17.84 47.40 25.72
C ASP B 96 -17.08 46.29 26.44
N ILE B 97 -17.25 46.17 27.76
CA ILE B 97 -16.58 45.10 28.45
C ILE B 97 -17.07 43.74 27.96
N VAL B 98 -18.37 43.60 27.79
CA VAL B 98 -18.87 42.33 27.26
C VAL B 98 -18.37 42.17 25.82
N SER B 99 -18.30 43.28 25.08
CA SER B 99 -17.86 43.25 23.69
C SER B 99 -16.53 42.58 23.60
N MET B 100 -15.58 43.07 24.39
CA MET B 100 -14.25 42.50 24.40
C MET B 100 -14.31 41.06 24.83
N LYS B 101 -15.17 40.79 25.78
CA LYS B 101 -15.28 39.43 26.29
C LYS B 101 -15.67 38.47 25.16
N LEU B 102 -16.58 38.89 24.28
CA LEU B 102 -16.99 38.02 23.21
C LEU B 102 -15.87 37.81 22.25
N LEU B 103 -15.12 38.89 21.93
CA LEU B 103 -13.95 38.85 21.02
C LEU B 103 -12.90 37.90 21.58
N ASP B 104 -12.87 37.79 22.89
CA ASP B 104 -11.98 36.87 23.52
C ASP B 104 -12.44 35.42 23.22
N ASP B 105 -13.72 35.11 23.41
CA ASP B 105 -14.24 33.77 23.12
C ASP B 105 -14.04 33.36 21.68
N LEU B 106 -13.98 34.38 20.84
CA LEU B 106 -13.82 34.22 19.44
C LEU B 106 -12.42 33.73 19.19
N MET B 107 -11.46 34.19 20.00
CA MET B 107 -10.07 33.77 19.83
C MET B 107 -9.71 32.48 20.55
N ASP B 108 -10.23 32.27 21.74
CA ASP B 108 -9.91 31.02 22.42
C ASP B 108 -10.63 29.95 21.62
N ASP B 109 -11.82 30.34 21.15
CA ASP B 109 -12.71 29.47 20.35
C ASP B 109 -13.17 28.17 21.04
N ASP B 110 -12.88 28.05 22.32
CA ASP B 110 -13.36 26.88 23.06
C ASP B 110 -14.88 27.00 23.26
N THR B 111 -15.32 28.22 23.54
CA THR B 111 -16.73 28.57 23.76
C THR B 111 -17.79 27.61 23.21
N GLY B 112 -17.55 27.06 22.03
CA GLY B 112 -18.52 26.15 21.46
C GLY B 112 -19.73 26.91 20.94
N LEU B 113 -19.71 28.22 21.12
CA LEU B 113 -20.76 29.11 20.66
C LEU B 113 -20.56 29.36 19.17
N ASP B 114 -21.56 29.90 18.47
CA ASP B 114 -21.35 30.14 17.05
C ASP B 114 -20.34 31.22 16.67
N ARG B 115 -19.37 30.82 15.87
CA ARG B 115 -18.32 31.71 15.39
C ARG B 115 -18.81 33.07 14.85
N VAL B 116 -19.68 33.04 13.85
CA VAL B 116 -20.22 34.23 13.25
C VAL B 116 -20.93 35.19 14.21
N GLU B 117 -21.95 34.70 14.91
CA GLU B 117 -22.72 35.50 15.86
C GLU B 117 -21.76 36.31 16.73
N LEU B 118 -20.83 35.58 17.34
CA LEU B 118 -19.85 36.15 18.23
C LEU B 118 -19.20 37.40 17.67
N ALA B 119 -18.61 37.27 16.52
CA ALA B 119 -17.97 38.40 15.90
C ALA B 119 -18.93 39.54 15.64
N CYS B 120 -20.07 39.26 15.02
CA CYS B 120 -20.98 40.36 14.72
C CYS B 120 -21.57 41.05 15.91
N VAL B 121 -21.96 40.25 16.86
CA VAL B 121 -22.53 40.78 18.07
C VAL B 121 -21.47 41.59 18.76
N CYS B 122 -20.26 41.04 18.77
CA CYS B 122 -19.13 41.69 19.40
C CYS B 122 -18.98 43.09 18.83
N LEU B 123 -18.79 43.14 17.51
CA LEU B 123 -18.61 44.40 16.85
C LEU B 123 -19.79 45.30 17.11
N ARG B 124 -21.01 44.75 17.10
CA ARG B 124 -22.19 45.57 17.32
C ARG B 124 -22.15 46.28 18.71
N LEU B 125 -21.98 45.49 19.77
CA LEU B 125 -21.91 46.01 21.13
C LEU B 125 -20.84 47.06 21.24
N HIS B 126 -19.69 46.75 20.68
CA HIS B 126 -18.59 47.67 20.71
C HIS B 126 -18.98 49.06 20.15
N LEU B 127 -19.57 49.09 18.96
CA LEU B 127 -19.94 50.35 18.34
C LEU B 127 -20.98 51.13 19.14
N ARG B 128 -21.87 50.37 19.76
CA ARG B 128 -22.89 50.99 20.54
C ARG B 128 -22.26 51.62 21.76
N ALA B 129 -21.30 50.91 22.37
CA ALA B 129 -20.62 51.40 23.54
C ALA B 129 -19.91 52.70 23.18
N LEU B 130 -19.20 52.68 22.07
CA LEU B 130 -18.47 53.85 21.59
C LEU B 130 -19.40 55.02 21.43
N HIS B 131 -20.56 54.74 20.85
CA HIS B 131 -21.54 55.77 20.65
C HIS B 131 -21.97 56.36 21.97
N GLU B 132 -22.50 55.49 22.82
CA GLU B 132 -22.95 55.87 24.15
C GLU B 132 -21.89 56.56 24.96
N LEU B 133 -20.72 55.95 25.13
CA LEU B 133 -19.68 56.61 25.91
C LEU B 133 -19.38 58.01 25.38
N GLU B 134 -19.31 58.11 24.06
CA GLU B 134 -18.95 59.37 23.45
C GLU B 134 -19.91 60.51 23.65
N SER B 135 -21.18 60.21 23.86
CA SER B 135 -22.16 61.27 24.06
C SER B 135 -22.29 61.61 25.51
N LEU B 136 -21.73 60.76 26.36
CA LEU B 136 -21.76 60.98 27.80
C LEU B 136 -20.57 61.86 28.17
N ALA B 137 -19.45 61.66 27.49
CA ALA B 137 -18.23 62.40 27.76
C ALA B 137 -18.31 63.89 27.43
N ARG B 138 -17.73 64.70 28.29
CA ARG B 138 -17.67 66.17 28.15
C ARG B 138 -17.02 66.53 26.82
N ASP B 139 -15.88 65.91 26.52
CA ASP B 139 -15.17 66.13 25.25
C ASP B 139 -15.14 64.84 24.38
N PRO B 140 -15.95 64.77 23.27
CA PRO B 140 -15.98 63.56 22.42
C PRO B 140 -14.63 62.91 22.04
N LYS B 141 -13.60 63.74 21.83
CA LYS B 141 -12.28 63.21 21.49
C LYS B 141 -11.72 62.28 22.59
N ALA B 142 -11.85 62.68 23.84
CA ALA B 142 -11.37 61.90 24.97
C ALA B 142 -11.58 60.40 24.91
N VAL B 143 -12.70 59.93 24.38
CA VAL B 143 -12.95 58.48 24.33
C VAL B 143 -11.95 57.70 23.52
N THR B 144 -11.78 58.11 22.26
CA THR B 144 -10.86 57.46 21.32
C THR B 144 -9.45 57.68 21.71
N ASP B 145 -9.24 58.75 22.47
CA ASP B 145 -7.94 59.10 22.99
C ASP B 145 -7.53 58.04 23.96
N ILE B 146 -8.31 57.93 25.03
CA ILE B 146 -8.09 56.96 26.09
C ILE B 146 -7.94 55.59 25.51
N LEU B 147 -8.85 55.28 24.58
CA LEU B 147 -8.91 53.99 23.91
C LEU B 147 -7.74 53.66 23.03
N GLU B 148 -7.13 54.68 22.45
CA GLU B 148 -5.97 54.51 21.58
C GLU B 148 -4.68 54.62 22.38
N GLN B 149 -4.51 55.78 22.96
CA GLN B 149 -3.34 56.15 23.74
C GLN B 149 -2.45 55.08 24.42
N ASP B 150 -2.78 53.79 24.34
CA ASP B 150 -1.96 52.73 24.97
C ASP B 150 -2.37 51.34 24.45
N ALA B 151 -3.22 51.35 23.42
CA ALA B 151 -3.75 50.17 22.78
C ALA B 151 -2.64 49.25 22.37
N VAL B 152 -1.55 49.85 21.92
CA VAL B 152 -0.35 49.12 21.45
C VAL B 152 0.15 48.18 22.50
N HIS B 153 0.19 48.72 23.70
CA HIS B 153 0.65 48.01 24.86
C HIS B 153 -0.27 46.87 25.27
N LEU B 154 -1.56 47.15 25.28
CA LEU B 154 -2.57 46.15 25.65
C LEU B 154 -2.72 44.97 24.68
N CYS B 155 -2.68 45.26 23.38
CA CYS B 155 -2.81 44.25 22.32
C CYS B 155 -1.55 43.47 22.14
N GLY B 156 -0.43 44.18 22.21
CA GLY B 156 0.85 43.52 22.11
C GLY B 156 0.93 42.70 23.39
N GLY B 157 0.85 43.40 24.54
CA GLY B 157 0.87 42.74 25.83
C GLY B 157 0.07 41.44 25.81
N GLN B 158 -1.10 41.46 25.22
CA GLN B 158 -1.92 40.26 25.17
C GLN B 158 -1.36 39.18 24.22
N ILE B 159 -0.78 39.59 23.11
CA ILE B 159 -0.26 38.60 22.18
C ILE B 159 0.91 37.90 22.82
N ARG B 160 1.82 38.68 23.38
CA ARG B 160 3.01 38.15 24.03
C ARG B 160 2.62 37.20 25.13
N THR B 161 1.72 37.67 25.97
CA THR B 161 1.24 36.86 27.06
C THR B 161 1.00 35.41 26.68
N LYS B 162 0.38 35.19 25.53
CA LYS B 162 0.05 33.84 25.10
C LYS B 162 1.12 33.13 24.23
N ARG B 163 2.10 33.91 23.73
CA ARG B 163 3.18 33.34 22.89
C ARG B 163 4.28 32.76 23.76
N SER B 164 4.81 33.59 24.66
CA SER B 164 5.85 33.19 25.59
C SER B 164 5.28 32.94 27.02
N ARG B 165 4.24 32.11 27.11
CA ARG B 165 3.58 31.76 28.38
C ARG B 165 4.63 31.82 29.52
N ALA B 166 4.28 32.54 30.60
CA ALA B 166 5.19 32.72 31.73
C ALA B 166 5.55 31.46 32.52
N THR B 167 6.66 31.59 33.27
CA THR B 167 7.24 30.52 34.10
C THR B 167 7.42 30.75 35.63
N ASN B 168 7.31 32.00 36.09
CA ASN B 168 7.46 32.32 37.51
C ASN B 168 6.69 33.60 37.87
N LEU B 169 6.22 33.69 39.12
CA LEU B 169 5.44 34.85 39.52
C LEU B 169 5.97 36.19 39.01
N ARG B 170 7.27 36.36 38.88
CA ARG B 170 7.74 37.65 38.42
C ARG B 170 7.24 38.01 37.01
N GLU B 171 7.04 36.96 36.22
CA GLU B 171 6.58 37.05 34.83
C GLU B 171 5.07 37.13 34.75
N TRP B 172 4.42 36.03 35.17
CA TRP B 172 2.97 35.93 35.17
C TRP B 172 2.40 37.29 35.53
N ARG B 173 2.98 37.89 36.57
CA ARG B 173 2.57 39.21 37.05
C ARG B 173 2.67 40.27 35.96
N ALA B 174 3.88 40.45 35.42
CA ALA B 174 4.07 41.44 34.36
C ALA B 174 3.16 41.16 33.14
N HIS B 175 2.80 39.88 32.93
CA HIS B 175 1.91 39.49 31.83
C HIS B 175 0.52 39.98 32.16
N ALA B 176 0.02 39.54 33.30
CA ALA B 176 -1.29 39.95 33.78
C ALA B 176 -1.42 41.45 33.99
N SER B 177 -0.32 42.17 34.02
CA SER B 177 -0.42 43.59 34.24
C SER B 177 -0.71 44.34 32.95
N THR B 178 -1.03 43.61 31.87
CA THR B 178 -1.32 44.23 30.57
C THR B 178 -2.65 43.73 30.11
N TYR B 179 -2.74 42.42 29.92
CA TYR B 179 -3.99 41.85 29.48
C TYR B 179 -5.06 41.98 30.55
N GLY B 180 -4.66 42.42 31.73
CA GLY B 180 -5.59 42.58 32.83
C GLY B 180 -5.64 43.99 33.37
N SER B 181 -4.55 44.45 33.95
CA SER B 181 -4.54 45.81 34.50
C SER B 181 -4.75 46.92 33.45
N THR B 182 -3.90 46.98 32.43
CA THR B 182 -4.06 48.00 31.39
C THR B 182 -5.41 47.91 30.71
N PHE B 183 -6.01 46.72 30.66
CA PHE B 183 -7.32 46.50 30.04
C PHE B 183 -8.48 47.22 30.74
N LEU B 184 -8.67 46.86 32.01
CA LEU B 184 -9.71 47.43 32.83
C LEU B 184 -9.31 48.85 33.19
N GLY B 185 -8.00 49.08 33.22
CA GLY B 185 -7.50 50.40 33.56
C GLY B 185 -8.09 51.43 32.64
N ARG B 186 -8.09 51.10 31.36
CA ARG B 186 -8.63 51.99 30.36
C ARG B 186 -10.10 52.28 30.65
N TYR B 187 -10.86 51.24 30.98
CA TYR B 187 -12.27 51.46 31.27
C TYR B 187 -12.46 52.44 32.40
N GLY B 188 -11.64 52.28 33.45
CA GLY B 188 -11.68 53.19 34.57
C GLY B 188 -11.40 54.59 34.09
N ALA B 189 -10.44 54.72 33.19
CA ALA B 189 -10.07 56.01 32.62
C ALA B 189 -11.24 56.61 31.87
N LEU B 190 -12.01 55.73 31.23
CA LEU B 190 -13.18 56.13 30.48
C LEU B 190 -14.26 56.61 31.46
N ALA B 191 -14.48 55.81 32.49
CA ALA B 191 -15.49 56.11 33.50
C ALA B 191 -15.29 57.50 34.02
N ALA B 192 -14.02 57.86 34.25
CA ALA B 192 -13.67 59.18 34.75
C ALA B 192 -13.97 60.30 33.74
N ALA B 193 -13.63 60.09 32.48
CA ALA B 193 -13.89 61.09 31.48
C ALA B 193 -15.38 61.24 31.10
N CYS B 194 -16.08 60.14 30.93
CA CYS B 194 -17.49 60.16 30.56
C CYS B 194 -18.33 60.43 31.77
N GLY B 195 -17.86 59.89 32.87
CA GLY B 195 -18.59 60.02 34.12
C GLY B 195 -18.93 61.37 34.72
N GLY B 196 -18.44 62.45 34.15
CA GLY B 196 -18.80 63.69 34.78
C GLY B 196 -17.75 64.37 35.64
N GLU B 197 -17.60 65.64 35.30
CA GLU B 197 -16.67 66.60 35.88
C GLU B 197 -16.41 66.40 37.38
N GLY B 198 -15.16 66.63 37.75
CA GLY B 198 -14.76 66.50 39.13
C GLY B 198 -14.47 65.09 39.57
N GLN B 199 -13.87 64.29 38.69
CA GLN B 199 -13.55 62.95 39.12
C GLN B 199 -12.02 62.80 39.22
N PRO B 200 -11.51 62.14 40.30
CA PRO B 200 -10.06 61.90 40.53
C PRO B 200 -9.43 60.94 39.53
N ALA B 201 -9.52 61.31 38.26
CA ALA B 201 -9.02 60.55 37.12
C ALA B 201 -8.08 59.41 37.43
N ASP B 202 -6.93 59.74 38.01
CA ASP B 202 -5.87 58.79 38.34
C ASP B 202 -6.21 57.74 39.35
N SER B 203 -6.97 58.14 40.35
CA SER B 203 -7.35 57.22 41.40
C SER B 203 -8.30 56.14 40.85
N VAL B 204 -9.26 56.55 40.01
CA VAL B 204 -10.19 55.59 39.42
C VAL B 204 -9.37 54.56 38.65
N ARG B 205 -8.46 55.03 37.81
CA ARG B 205 -7.61 54.15 37.02
C ARG B 205 -6.78 53.24 37.90
N GLU B 206 -6.14 53.81 38.92
CA GLU B 206 -5.30 53.06 39.83
C GLU B 206 -6.12 51.95 40.45
N PHE B 207 -7.31 52.30 40.95
CA PHE B 207 -8.20 51.31 41.54
C PHE B 207 -8.45 50.17 40.55
N ALA B 208 -8.86 50.55 39.34
CA ALA B 208 -9.17 49.60 38.27
C ALA B 208 -8.08 48.59 38.02
N GLU B 209 -6.86 49.08 37.92
CA GLU B 209 -5.73 48.24 37.66
C GLU B 209 -5.48 47.25 38.76
N ALA B 210 -5.54 47.70 40.01
CA ALA B 210 -5.30 46.80 41.13
C ALA B 210 -6.39 45.73 41.13
N PHE B 211 -7.63 46.20 41.18
CA PHE B 211 -8.79 45.34 41.18
C PHE B 211 -8.64 44.33 40.03
N ALA B 212 -8.32 44.81 38.84
CA ALA B 212 -8.21 43.93 37.67
C ALA B 212 -7.26 42.77 37.91
N MET B 213 -6.06 43.04 38.39
CA MET B 213 -5.12 41.96 38.62
C MET B 213 -5.57 41.01 39.71
N THR B 214 -6.31 41.53 40.71
CA THR B 214 -6.79 40.66 41.79
C THR B 214 -7.80 39.68 41.14
N ILE B 215 -8.63 40.17 40.22
CA ILE B 215 -9.58 39.29 39.55
C ILE B 215 -8.84 38.27 38.66
N THR B 216 -7.74 38.71 38.05
CA THR B 216 -6.93 37.86 37.16
C THR B 216 -6.46 36.59 37.82
N MET B 217 -5.83 36.76 38.98
CA MET B 217 -5.32 35.66 39.76
C MET B 217 -6.52 34.83 40.13
N ALA B 218 -7.58 35.51 40.59
CA ALA B 218 -8.81 34.84 41.00
C ALA B 218 -9.17 33.86 39.90
N ASP B 219 -8.98 34.29 38.66
CA ASP B 219 -9.27 33.49 37.49
C ASP B 219 -8.41 32.26 37.40
N ASP B 220 -7.15 32.48 37.04
CA ASP B 220 -6.21 31.40 36.89
C ASP B 220 -6.37 30.30 37.92
N LEU B 221 -6.74 30.63 39.15
CA LEU B 221 -6.89 29.58 40.17
C LEU B 221 -8.20 28.78 40.01
N THR B 222 -9.21 29.39 39.44
CA THR B 222 -10.49 28.72 39.21
C THR B 222 -10.29 27.87 37.98
N ASP B 223 -9.68 28.49 36.97
CA ASP B 223 -9.38 27.88 35.68
C ASP B 223 -8.43 26.67 35.60
N TYR B 224 -7.65 26.43 36.65
CA TYR B 224 -6.73 25.29 36.66
C TYR B 224 -7.56 24.05 36.96
N ASP B 225 -8.47 24.17 37.93
CA ASP B 225 -9.37 23.08 38.34
C ASP B 225 -10.52 22.97 37.35
N ARG B 226 -11.46 23.90 37.46
CA ARG B 226 -12.69 23.96 36.65
C ARG B 226 -12.63 23.46 35.20
N ASN B 227 -11.56 23.79 34.49
CA ASN B 227 -11.41 23.29 33.12
C ASN B 227 -9.92 23.13 32.77
N GLY B 228 -9.29 22.17 33.44
CA GLY B 228 -7.89 21.85 33.23
C GLY B 228 -7.16 22.70 32.19
N GLU B 229 -6.45 23.69 32.67
CA GLU B 229 -5.65 24.61 31.86
C GLU B 229 -4.32 24.54 32.62
N ARG B 230 -3.16 24.71 31.98
CA ARG B 230 -1.98 24.55 32.81
C ARG B 230 -0.64 25.20 32.40
N ASP B 231 -0.52 25.65 31.17
CA ASP B 231 0.76 26.23 30.74
C ASP B 231 0.96 27.73 30.92
N GLY B 232 1.58 28.12 32.03
CA GLY B 232 1.81 29.53 32.31
C GLY B 232 0.77 30.05 33.29
N ASN B 233 -0.09 29.12 33.72
CA ASN B 233 -1.19 29.32 34.67
C ASN B 233 -0.64 29.42 36.10
N LEU B 234 -0.98 30.50 36.79
CA LEU B 234 -0.49 30.68 38.15
C LEU B 234 -0.68 29.52 39.09
N ALA B 235 -1.79 28.79 38.97
CA ALA B 235 -2.05 27.65 39.85
C ALA B 235 -1.02 26.53 39.62
N HIS B 236 -0.59 26.43 38.38
CA HIS B 236 0.36 25.43 38.02
C HIS B 236 1.68 25.85 38.57
N LEU B 237 2.10 27.07 38.24
CA LEU B 237 3.38 27.57 38.71
C LEU B 237 3.52 27.43 40.22
N MET B 238 2.39 27.24 40.90
CA MET B 238 2.39 27.02 42.35
C MET B 238 2.60 25.52 42.61
N ARG B 239 1.85 24.69 41.87
CA ARG B 239 1.94 23.23 41.95
C ARG B 239 3.37 22.81 41.63
N THR B 240 3.91 23.33 40.54
CA THR B 240 5.25 23.02 40.07
C THR B 240 6.35 23.63 40.93
N GLY B 241 5.97 24.22 42.07
CA GLY B 241 6.97 24.82 42.94
C GLY B 241 7.84 25.89 42.27
N ALA B 242 7.35 26.44 41.15
CA ALA B 242 8.07 27.50 40.47
C ALA B 242 7.65 28.89 41.04
N VAL B 243 6.50 28.92 41.75
CA VAL B 243 5.94 30.12 42.39
C VAL B 243 5.63 29.84 43.87
N ALA B 244 6.09 30.75 44.73
CA ALA B 244 5.94 30.63 46.19
C ALA B 244 4.60 30.99 46.77
N GLY B 245 3.96 30.02 47.41
CA GLY B 245 2.68 30.29 48.01
C GLY B 245 2.70 31.62 48.75
N GLN B 246 3.70 31.79 49.63
CA GLN B 246 3.83 32.99 50.46
C GLN B 246 3.87 34.25 49.61
N ASP B 247 4.33 34.11 48.38
CA ASP B 247 4.46 35.28 47.48
C ASP B 247 3.20 35.65 46.72
N VAL B 248 2.41 34.64 46.43
CA VAL B 248 1.15 34.83 45.76
C VAL B 248 0.37 35.64 46.76
N VAL B 249 0.32 35.16 47.99
CA VAL B 249 -0.37 35.82 49.09
C VAL B 249 0.13 37.24 49.28
N ASP B 250 1.44 37.41 49.16
CA ASP B 250 2.04 38.71 49.31
C ASP B 250 1.58 39.63 48.21
N LEU B 251 1.62 39.13 46.98
CA LEU B 251 1.16 39.89 45.82
C LEU B 251 -0.27 40.28 46.04
N LEU B 252 -1.12 39.29 46.31
CA LEU B 252 -2.54 39.49 46.54
C LEU B 252 -2.81 40.67 47.45
N GLU B 253 -2.16 40.63 48.59
CA GLU B 253 -2.31 41.63 49.58
C GLU B 253 -1.74 42.94 49.19
N GLU B 254 -0.71 42.92 48.38
CA GLU B 254 -0.10 44.18 47.93
C GLU B 254 -1.07 44.89 47.01
N LEU B 255 -1.86 44.09 46.30
CA LEU B 255 -2.87 44.60 45.36
C LEU B 255 -4.06 45.19 46.14
N ARG B 256 -4.46 44.51 47.23
CA ARG B 256 -5.54 45.01 48.12
C ARG B 256 -5.05 46.37 48.63
N GLY B 257 -3.74 46.45 48.85
CA GLY B 257 -3.16 47.68 49.33
C GLY B 257 -3.41 48.73 48.28
N ARG B 258 -2.78 48.58 47.13
CA ARG B 258 -2.91 49.53 46.02
C ARG B 258 -4.37 50.00 45.80
N ALA B 259 -5.31 49.06 45.83
CA ALA B 259 -6.76 49.33 45.62
C ALA B 259 -7.40 50.22 46.67
N LEU B 260 -7.37 49.70 47.90
CA LEU B 260 -7.88 50.39 49.07
C LEU B 260 -7.32 51.81 49.13
N ALA B 261 -6.06 51.95 48.77
CA ALA B 261 -5.39 53.22 48.79
C ALA B 261 -6.07 54.21 47.88
N ALA B 262 -6.44 53.74 46.68
CA ALA B 262 -7.06 54.55 45.63
C ALA B 262 -8.48 54.97 45.90
N VAL B 263 -9.23 54.08 46.53
CA VAL B 263 -10.62 54.39 46.87
C VAL B 263 -10.63 55.40 48.03
N ALA B 264 -9.50 55.47 48.71
CA ALA B 264 -9.26 56.37 49.82
C ALA B 264 -8.87 57.78 49.37
N ALA B 265 -8.11 57.92 48.27
CA ALA B 265 -7.75 59.25 47.78
C ALA B 265 -9.04 60.06 47.63
N PRO B 266 -9.01 61.34 48.03
CA PRO B 266 -10.09 62.35 48.04
C PRO B 266 -10.70 62.77 46.68
N PRO B 267 -12.06 62.86 46.61
CA PRO B 267 -13.02 62.59 47.69
C PRO B 267 -13.02 61.13 48.18
N GLY B 268 -12.92 60.20 47.26
CA GLY B 268 -12.89 58.81 47.64
C GLY B 268 -14.21 58.05 47.54
N ALA B 269 -14.08 56.74 47.35
CA ALA B 269 -15.19 55.87 47.21
C ALA B 269 -15.32 54.94 48.39
N PRO B 270 -15.82 55.43 49.51
CA PRO B 270 -16.00 54.59 50.70
C PRO B 270 -16.80 53.32 50.38
N GLY B 271 -17.76 53.45 49.46
CA GLY B 271 -18.56 52.31 49.08
C GLY B 271 -17.77 51.11 48.56
N LEU B 272 -16.63 51.33 47.89
CA LEU B 272 -15.78 50.26 47.29
C LEU B 272 -14.85 49.51 48.26
N VAL B 273 -14.65 50.04 49.45
CA VAL B 273 -13.82 49.42 50.47
C VAL B 273 -14.27 48.01 50.83
N PRO B 274 -15.57 47.82 51.06
CA PRO B 274 -16.05 46.48 51.40
C PRO B 274 -15.84 45.49 50.25
N VAL B 275 -15.99 46.02 49.03
CA VAL B 275 -15.88 45.30 47.75
C VAL B 275 -14.47 44.81 47.52
N VAL B 276 -13.50 45.69 47.79
CA VAL B 276 -12.09 45.38 47.61
C VAL B 276 -11.80 44.19 48.46
N HIS B 277 -12.03 44.35 49.76
CA HIS B 277 -11.81 43.28 50.73
C HIS B 277 -12.57 42.03 50.34
N LEU B 278 -13.83 42.21 49.92
CA LEU B 278 -14.65 41.09 49.53
C LEU B 278 -13.97 40.17 48.51
N TYR B 279 -13.53 40.76 47.41
CA TYR B 279 -12.90 40.03 46.32
C TYR B 279 -11.58 39.41 46.69
N THR B 280 -10.65 40.24 47.17
CA THR B 280 -9.32 39.81 47.61
C THR B 280 -9.47 38.74 48.68
N ASP B 281 -10.31 38.99 49.69
CA ASP B 281 -10.55 38.00 50.75
C ASP B 281 -10.96 36.70 50.11
N ASP B 282 -11.82 36.78 49.13
CA ASP B 282 -12.31 35.57 48.51
C ASP B 282 -11.25 34.67 47.89
N VAL B 283 -10.23 35.26 47.31
CA VAL B 283 -9.19 34.46 46.72
C VAL B 283 -8.49 33.71 47.86
N LEU B 284 -8.07 34.43 48.91
CA LEU B 284 -7.39 33.86 50.08
C LEU B 284 -8.17 32.73 50.67
N VAL B 285 -9.39 33.04 51.09
CA VAL B 285 -10.30 32.09 51.72
C VAL B 285 -10.69 30.88 50.89
N ARG B 286 -11.30 31.08 49.73
CA ARG B 286 -11.77 29.94 48.92
C ARG B 286 -10.91 29.36 47.79
N LEU B 287 -10.12 30.20 47.13
CA LEU B 287 -9.31 29.71 46.03
C LEU B 287 -7.88 29.31 46.39
N LEU B 288 -7.16 30.15 47.13
CA LEU B 288 -5.80 29.82 47.46
C LEU B 288 -5.59 28.51 48.20
N PRO B 289 -6.51 28.13 49.12
CA PRO B 289 -6.33 26.88 49.87
C PRO B 289 -6.04 25.63 49.03
N ARG B 290 -6.63 25.55 47.83
CA ARG B 290 -6.47 24.40 46.93
C ARG B 290 -5.04 24.16 46.45
N HIS B 291 -4.33 25.24 46.10
CA HIS B 291 -2.96 25.17 45.59
C HIS B 291 -1.93 25.62 46.63
N LEU B 292 -2.05 25.07 47.82
CA LEU B 292 -1.15 25.37 48.93
C LEU B 292 -0.93 24.08 49.73
N TYR C 31 -59.85 -50.58 28.63
CA TYR C 31 -59.43 -49.50 27.70
C TYR C 31 -59.35 -48.08 28.26
N PHE C 32 -60.47 -47.53 28.70
CA PHE C 32 -60.52 -46.17 29.27
C PHE C 32 -59.54 -46.00 30.40
N GLN C 33 -58.58 -46.93 30.41
CA GLN C 33 -57.49 -46.97 31.31
C GLN C 33 -56.34 -46.67 30.37
N SER C 34 -55.93 -47.68 29.60
CA SER C 34 -54.82 -47.57 28.64
C SER C 34 -54.63 -46.20 27.97
N MET C 35 -55.73 -45.49 27.75
CA MET C 35 -55.64 -44.17 27.17
C MET C 35 -55.10 -43.15 28.19
N LEU C 36 -55.17 -43.49 29.47
CA LEU C 36 -54.65 -42.63 30.53
C LEU C 36 -53.23 -43.05 30.79
N ALA C 37 -52.92 -44.29 30.41
CA ALA C 37 -51.61 -44.90 30.60
C ALA C 37 -50.72 -44.27 29.58
N ALA C 38 -51.31 -44.02 28.42
CA ALA C 38 -50.58 -43.39 27.29
C ALA C 38 -50.49 -41.94 27.64
N GLU C 39 -51.64 -41.37 27.99
CA GLU C 39 -51.68 -39.95 28.35
C GLU C 39 -50.59 -39.63 29.38
N ALA C 40 -50.25 -40.64 30.17
CA ALA C 40 -49.25 -40.51 31.23
C ALA C 40 -47.81 -40.65 30.73
N ALA C 41 -47.59 -41.63 29.86
CA ALA C 41 -46.28 -41.87 29.28
C ALA C 41 -45.82 -40.64 28.49
N ASN C 42 -46.74 -40.17 27.65
CA ASN C 42 -46.51 -39.05 26.80
C ASN C 42 -46.28 -37.84 27.66
N ARG C 43 -47.11 -37.65 28.68
CA ARG C 43 -46.89 -36.51 29.57
C ARG C 43 -45.47 -36.55 30.14
N ASP C 44 -44.95 -37.75 30.40
CA ASP C 44 -43.61 -37.86 30.91
C ASP C 44 -42.63 -37.40 29.84
N HIS C 45 -42.60 -38.12 28.73
CA HIS C 45 -41.70 -37.85 27.61
C HIS C 45 -41.59 -36.38 27.24
N VAL C 46 -42.75 -35.71 27.24
CA VAL C 46 -42.82 -34.29 26.91
C VAL C 46 -42.18 -33.43 27.97
N THR C 47 -42.66 -33.50 29.22
CA THR C 47 -42.10 -32.69 30.31
C THR C 47 -40.63 -32.98 30.56
N ARG C 48 -40.19 -34.20 30.23
CA ARG C 48 -38.80 -34.61 30.34
C ARG C 48 -38.03 -33.66 29.42
N CYS C 49 -38.53 -33.53 28.21
CA CYS C 49 -37.93 -32.65 27.23
C CYS C 49 -38.01 -31.21 27.68
N VAL C 50 -39.22 -30.71 27.84
CA VAL C 50 -39.45 -29.34 28.27
C VAL C 50 -38.45 -28.86 29.30
N ALA C 51 -38.20 -29.72 30.28
CA ALA C 51 -37.31 -29.40 31.37
C ALA C 51 -35.85 -29.43 31.01
N GLN C 52 -35.37 -30.52 30.44
CA GLN C 52 -33.97 -30.62 30.09
C GLN C 52 -33.54 -29.60 29.04
N THR C 53 -34.43 -28.71 28.61
CA THR C 53 -34.09 -27.67 27.62
C THR C 53 -34.14 -26.30 28.27
N GLY C 54 -34.41 -26.30 29.57
CA GLY C 54 -34.50 -25.08 30.32
C GLY C 54 -35.92 -24.67 30.62
N GLY C 55 -36.85 -25.61 30.64
CA GLY C 55 -38.22 -25.23 30.93
C GLY C 55 -38.29 -24.86 32.39
N SER C 56 -39.02 -23.82 32.75
CA SER C 56 -39.14 -23.45 34.16
C SER C 56 -40.27 -24.25 34.79
N PRO C 57 -40.36 -24.23 36.11
CA PRO C 57 -41.42 -24.96 36.81
C PRO C 57 -42.81 -24.71 36.18
N ASP C 58 -43.11 -23.43 35.94
CA ASP C 58 -44.38 -22.97 35.36
C ASP C 58 -44.66 -23.55 34.00
N LEU C 59 -43.62 -23.61 33.18
CA LEU C 59 -43.83 -24.14 31.84
C LEU C 59 -44.03 -25.68 31.86
N VAL C 60 -43.28 -26.36 32.72
CA VAL C 60 -43.39 -27.79 32.82
C VAL C 60 -44.78 -28.04 33.35
N ALA C 61 -45.18 -27.20 34.30
CA ALA C 61 -46.52 -27.31 34.87
C ALA C 61 -47.51 -27.18 33.74
N HIS C 62 -47.46 -26.05 33.07
CA HIS C 62 -48.35 -25.76 31.96
C HIS C 62 -48.54 -26.92 30.97
N THR C 63 -47.44 -27.43 30.44
CA THR C 63 -47.47 -28.54 29.48
C THR C 63 -48.00 -29.81 30.12
N ALA C 64 -47.52 -30.11 31.32
CA ALA C 64 -47.98 -31.30 32.01
C ALA C 64 -49.52 -31.36 32.08
N ALA C 65 -50.13 -30.18 32.11
CA ALA C 65 -51.57 -30.07 32.20
C ALA C 65 -52.33 -30.06 30.86
N LEU C 66 -51.66 -30.23 29.73
CA LEU C 66 -52.33 -30.20 28.41
C LEU C 66 -52.78 -31.59 28.11
N ARG C 67 -53.69 -32.04 28.96
CA ARG C 67 -54.21 -33.38 28.87
C ARG C 67 -54.64 -33.84 27.51
N LEU C 68 -55.60 -33.16 26.91
CA LEU C 68 -56.11 -33.61 25.62
C LEU C 68 -55.06 -33.76 24.57
N TYR C 69 -54.14 -32.80 24.50
CA TYR C 69 -53.09 -32.85 23.52
C TYR C 69 -52.24 -34.05 23.74
N LEU C 70 -51.88 -34.25 25.02
CA LEU C 70 -51.04 -35.38 25.40
C LEU C 70 -51.64 -36.72 25.09
N ARG C 71 -52.97 -36.77 25.12
CA ARG C 71 -53.79 -37.96 24.88
C ARG C 71 -54.20 -38.31 23.47
N VAL C 72 -54.45 -37.30 22.65
CA VAL C 72 -54.84 -37.52 21.26
C VAL C 72 -53.92 -38.45 20.44
N PRO C 73 -52.58 -38.31 20.63
CA PRO C 73 -51.66 -39.15 19.88
C PRO C 73 -51.98 -40.61 20.08
N HIS C 74 -52.73 -40.89 21.12
CA HIS C 74 -53.08 -42.27 21.42
C HIS C 74 -54.15 -42.73 20.48
N PHE C 75 -55.15 -41.89 20.32
CA PHE C 75 -56.21 -42.25 19.45
C PHE C 75 -55.72 -42.45 18.02
N LEU C 76 -54.82 -41.59 17.56
CA LEU C 76 -54.33 -41.70 16.18
C LEU C 76 -53.45 -42.95 15.88
N THR C 77 -52.76 -43.44 16.89
CA THR C 77 -51.89 -44.58 16.69
C THR C 77 -52.64 -45.87 16.91
N GLU C 78 -53.95 -45.77 17.17
CA GLU C 78 -54.80 -46.94 17.43
C GLU C 78 -54.75 -48.00 16.35
N TRP C 79 -54.49 -47.62 15.11
CA TRP C 79 -54.44 -48.59 14.01
C TRP C 79 -53.10 -49.33 13.92
N THR C 80 -52.19 -48.97 14.81
CA THR C 80 -50.86 -49.57 14.87
C THR C 80 -50.84 -50.79 15.78
N THR C 81 -50.48 -51.95 15.20
CA THR C 81 -50.47 -53.20 15.96
C THR C 81 -49.27 -53.37 16.91
N ASP C 82 -48.02 -53.23 16.42
CA ASP C 82 -46.86 -53.38 17.31
C ASP C 82 -47.01 -52.35 18.46
N PRO C 83 -47.06 -52.84 19.71
CA PRO C 83 -47.20 -52.05 20.93
C PRO C 83 -46.08 -51.03 21.15
N ASP C 84 -44.87 -51.39 20.72
CA ASP C 84 -43.76 -50.53 20.92
C ASP C 84 -43.68 -49.47 19.90
N ARG C 85 -43.88 -49.83 18.64
CA ARG C 85 -43.84 -48.81 17.60
C ARG C 85 -45.01 -47.90 17.97
N ARG C 86 -46.15 -48.50 18.27
CA ARG C 86 -47.31 -47.73 18.62
C ARG C 86 -47.03 -46.73 19.74
N ALA C 87 -46.29 -47.14 20.75
CA ALA C 87 -46.00 -46.23 21.85
C ALA C 87 -44.93 -45.18 21.54
N ALA C 88 -44.11 -45.46 20.55
CA ALA C 88 -43.03 -44.61 20.10
C ALA C 88 -43.55 -43.46 19.23
N VAL C 89 -44.49 -43.80 18.35
CA VAL C 89 -45.10 -42.85 17.46
C VAL C 89 -45.97 -42.03 18.34
N SER C 90 -46.68 -42.71 19.24
CA SER C 90 -47.60 -42.06 20.17
C SER C 90 -46.91 -40.87 20.86
N ARG C 91 -45.77 -41.15 21.47
CA ARG C 91 -45.00 -40.12 22.17
C ARG C 91 -44.41 -39.07 21.20
N ALA C 92 -43.84 -39.52 20.08
CA ALA C 92 -43.27 -38.61 19.09
C ALA C 92 -44.30 -37.57 18.63
N LEU C 93 -45.51 -38.01 18.31
CA LEU C 93 -46.59 -37.13 17.91
C LEU C 93 -46.98 -36.19 19.04
N ALA C 94 -46.89 -36.63 20.28
CA ALA C 94 -47.25 -35.73 21.37
C ALA C 94 -46.27 -34.59 21.40
N LEU C 95 -45.02 -34.91 21.12
CA LEU C 95 -43.98 -33.91 21.11
C LEU C 95 -44.36 -32.76 20.21
N ASP C 96 -44.74 -33.07 18.97
CA ASP C 96 -45.10 -32.00 18.04
C ASP C 96 -46.43 -31.31 18.34
N ILE C 97 -47.43 -32.08 18.77
CA ILE C 97 -48.70 -31.44 19.08
C ILE C 97 -48.50 -30.41 20.17
N VAL C 98 -47.80 -30.77 21.25
CA VAL C 98 -47.54 -29.80 22.33
C VAL C 98 -46.68 -28.66 21.75
N SER C 99 -45.73 -28.98 20.87
CA SER C 99 -44.88 -27.97 20.26
C SER C 99 -45.74 -26.90 19.68
N MET C 100 -46.67 -27.29 18.82
CA MET C 100 -47.57 -26.35 18.16
C MET C 100 -48.40 -25.60 19.20
N LYS C 101 -48.82 -26.31 20.23
CA LYS C 101 -49.65 -25.68 21.25
C LYS C 101 -48.91 -24.54 21.91
N LEU C 102 -47.61 -24.68 22.10
CA LEU C 102 -46.84 -23.65 22.76
C LEU C 102 -46.76 -22.47 21.87
N LEU C 103 -46.51 -22.72 20.58
CA LEU C 103 -46.41 -21.68 19.53
C LEU C 103 -47.72 -20.89 19.47
N ASP C 104 -48.80 -21.55 19.81
CA ASP C 104 -50.07 -20.91 19.81
C ASP C 104 -50.14 -19.95 20.99
N ASP C 105 -49.72 -20.39 22.17
CA ASP C 105 -49.72 -19.55 23.36
C ASP C 105 -48.83 -18.34 23.18
N LEU C 106 -47.86 -18.49 22.30
CA LEU C 106 -46.88 -17.45 21.96
C LEU C 106 -47.55 -16.36 21.12
N MET C 107 -48.53 -16.76 20.31
CA MET C 107 -49.24 -15.82 19.49
C MET C 107 -50.43 -15.20 20.23
N ASP C 108 -51.21 -15.99 20.96
CA ASP C 108 -52.33 -15.39 21.69
C ASP C 108 -51.70 -14.46 22.74
N ASP C 109 -50.61 -14.93 23.31
CA ASP C 109 -49.84 -14.22 24.34
C ASP C 109 -50.58 -13.92 25.66
N ASP C 110 -51.77 -14.47 25.78
CA ASP C 110 -52.51 -14.32 27.02
C ASP C 110 -51.81 -15.19 28.11
N THR C 111 -51.37 -16.39 27.74
CA THR C 111 -50.69 -17.34 28.64
C THR C 111 -50.07 -16.80 29.90
N GLY C 112 -49.46 -15.62 29.82
CA GLY C 112 -48.80 -15.02 30.98
C GLY C 112 -47.48 -15.73 31.29
N LEU C 113 -47.19 -16.74 30.50
CA LEU C 113 -45.99 -17.53 30.60
C LEU C 113 -44.86 -16.73 30.00
N ASP C 114 -43.63 -17.09 30.29
CA ASP C 114 -42.53 -16.35 29.67
C ASP C 114 -42.37 -16.51 28.15
N ARG C 115 -42.39 -15.37 27.48
CA ARG C 115 -42.25 -15.27 26.02
C ARG C 115 -41.10 -16.08 25.43
N VAL C 116 -39.88 -15.84 25.90
CA VAL C 116 -38.68 -16.53 25.43
C VAL C 116 -38.71 -18.05 25.56
N GLU C 117 -38.91 -18.55 26.78
CA GLU C 117 -39.00 -19.98 27.09
C GLU C 117 -39.89 -20.68 26.04
N LEU C 118 -41.12 -20.16 25.95
CA LEU C 118 -42.12 -20.66 25.03
C LEU C 118 -41.55 -20.93 23.64
N ALA C 119 -41.01 -19.88 23.02
CA ALA C 119 -40.47 -19.98 21.69
C ALA C 119 -39.38 -21.05 21.58
N CYS C 120 -38.41 -21.05 22.49
CA CYS C 120 -37.29 -21.99 22.45
C CYS C 120 -37.66 -23.42 22.72
N VAL C 121 -38.51 -23.61 23.71
CA VAL C 121 -38.99 -24.95 24.06
C VAL C 121 -39.88 -25.45 22.92
N CYS C 122 -40.68 -24.54 22.39
CA CYS C 122 -41.52 -24.89 21.28
C CYS C 122 -40.63 -25.44 20.15
N LEU C 123 -39.70 -24.63 19.68
CA LEU C 123 -38.81 -25.06 18.62
C LEU C 123 -38.11 -26.34 18.95
N ARG C 124 -37.67 -26.48 20.21
CA ARG C 124 -36.94 -27.70 20.64
C ARG C 124 -37.76 -28.99 20.51
N LEU C 125 -38.96 -28.97 21.10
CA LEU C 125 -39.88 -30.09 21.03
C LEU C 125 -40.18 -30.45 19.57
N HIS C 126 -40.45 -29.44 18.77
CA HIS C 126 -40.72 -29.64 17.37
C HIS C 126 -39.60 -30.42 16.66
N LEU C 127 -38.35 -29.98 16.82
CA LEU C 127 -37.22 -30.63 16.18
C LEU C 127 -37.04 -32.05 16.67
N ARG C 128 -37.32 -32.25 17.94
CA ARG C 128 -37.17 -33.58 18.49
C ARG C 128 -38.22 -34.50 17.88
N ALA C 129 -39.43 -33.97 17.71
CA ALA C 129 -40.55 -34.71 17.12
C ALA C 129 -40.15 -35.09 15.72
N LEU C 130 -39.69 -34.09 14.97
CA LEU C 130 -39.23 -34.31 13.62
C LEU C 130 -38.20 -35.44 13.57
N HIS C 131 -37.25 -35.37 14.48
CA HIS C 131 -36.24 -36.39 14.53
C HIS C 131 -36.88 -37.74 14.75
N GLU C 132 -37.60 -37.90 15.87
CA GLU C 132 -38.28 -39.15 16.22
C GLU C 132 -39.23 -39.67 15.18
N LEU C 133 -40.16 -38.86 14.71
CA LEU C 133 -41.09 -39.32 13.71
C LEU C 133 -40.35 -39.88 12.51
N GLU C 134 -39.36 -39.13 12.05
CA GLU C 134 -38.59 -39.49 10.88
C GLU C 134 -37.82 -40.80 10.91
N SER C 135 -37.47 -41.26 12.10
CA SER C 135 -36.72 -42.51 12.21
C SER C 135 -37.66 -43.65 12.44
N LEU C 136 -38.92 -43.32 12.71
CA LEU C 136 -39.96 -44.32 12.92
C LEU C 136 -40.61 -44.63 11.57
N ALA C 137 -40.70 -43.63 10.71
CA ALA C 137 -41.27 -43.80 9.38
C ALA C 137 -40.44 -44.69 8.43
N ARG C 138 -41.15 -45.48 7.62
CA ARG C 138 -40.55 -46.40 6.64
C ARG C 138 -39.73 -45.60 5.67
N ASP C 139 -40.30 -44.52 5.13
CA ASP C 139 -39.59 -43.65 4.19
C ASP C 139 -39.38 -42.24 4.81
N PRO C 140 -38.12 -41.87 5.17
CA PRO C 140 -37.87 -40.54 5.80
C PRO C 140 -38.50 -39.32 5.14
N LYS C 141 -38.57 -39.32 3.82
CA LYS C 141 -39.16 -38.22 3.10
C LYS C 141 -40.64 -38.00 3.48
N ALA C 142 -41.42 -39.08 3.61
CA ALA C 142 -42.82 -38.96 3.95
C ALA C 142 -43.17 -38.00 5.04
N VAL C 143 -42.33 -37.84 6.05
CA VAL C 143 -42.66 -36.95 7.14
C VAL C 143 -42.81 -35.49 6.71
N THR C 144 -41.76 -34.92 6.09
CA THR C 144 -41.74 -33.51 5.60
C THR C 144 -42.71 -33.30 4.43
N ASP C 145 -43.06 -34.42 3.81
CA ASP C 145 -44.00 -34.47 2.71
C ASP C 145 -45.35 -34.13 3.31
N ILE C 146 -45.82 -35.00 4.17
CA ILE C 146 -47.11 -34.82 4.81
C ILE C 146 -47.23 -33.45 5.45
N LEU C 147 -46.14 -33.08 6.13
CA LEU C 147 -46.06 -31.83 6.86
C LEU C 147 -46.08 -30.60 5.99
N GLU C 148 -45.57 -30.72 4.77
CA GLU C 148 -45.55 -29.60 3.85
C GLU C 148 -46.81 -29.62 2.99
N GLN C 149 -46.96 -30.70 2.25
CA GLN C 149 -48.04 -30.92 1.32
C GLN C 149 -49.38 -30.24 1.49
N ASP C 150 -49.56 -29.43 2.54
CA ASP C 150 -50.84 -28.74 2.69
C ASP C 150 -50.72 -27.60 3.71
N ALA C 151 -49.47 -27.33 4.10
CA ALA C 151 -49.09 -26.32 5.10
C ALA C 151 -49.67 -24.96 4.77
N VAL C 152 -49.65 -24.65 3.48
CA VAL C 152 -50.16 -23.40 2.94
C VAL C 152 -51.57 -23.15 3.39
N HIS C 153 -52.36 -24.22 3.29
CA HIS C 153 -53.77 -24.19 3.65
C HIS C 153 -54.03 -24.06 5.16
N LEU C 154 -53.25 -24.79 5.96
CA LEU C 154 -53.39 -24.79 7.41
C LEU C 154 -52.95 -23.46 8.04
N CYS C 155 -51.88 -22.88 7.52
CA CYS C 155 -51.34 -21.61 8.02
C CYS C 155 -52.13 -20.41 7.50
N GLY C 156 -52.55 -20.46 6.25
CA GLY C 156 -53.34 -19.38 5.70
C GLY C 156 -54.65 -19.53 6.42
N GLY C 157 -55.19 -20.74 6.36
CA GLY C 157 -56.45 -21.03 7.01
C GLY C 157 -56.49 -20.48 8.41
N GLN C 158 -55.42 -20.64 9.17
CA GLN C 158 -55.37 -20.11 10.54
C GLN C 158 -55.29 -18.56 10.62
N ILE C 159 -54.62 -17.93 9.65
CA ILE C 159 -54.50 -16.48 9.67
C ILE C 159 -55.84 -15.89 9.38
N ARG C 160 -56.48 -16.39 8.32
CA ARG C 160 -57.80 -15.91 7.91
C ARG C 160 -58.78 -16.05 9.06
N THR C 161 -58.84 -17.25 9.61
CA THR C 161 -59.71 -17.56 10.71
C THR C 161 -59.77 -16.43 11.72
N LYS C 162 -58.63 -15.85 12.07
CA LYS C 162 -58.62 -14.78 13.07
C LYS C 162 -58.76 -13.36 12.55
N ARG C 163 -58.57 -13.19 11.24
CA ARG C 163 -58.68 -11.87 10.60
C ARG C 163 -60.14 -11.51 10.36
N SER C 164 -60.81 -12.37 9.58
CA SER C 164 -62.23 -12.20 9.25
C SER C 164 -63.13 -13.10 10.14
N ARG C 165 -62.95 -13.01 11.48
CA ARG C 165 -63.73 -13.80 12.45
C ARG C 165 -65.14 -14.11 11.89
N ALA C 166 -65.56 -15.38 11.92
CA ALA C 166 -66.85 -15.79 11.39
C ALA C 166 -68.12 -15.26 12.07
N THR C 167 -69.21 -15.29 11.32
CA THR C 167 -70.51 -14.78 11.78
C THR C 167 -71.70 -15.75 11.82
N ASN C 168 -71.56 -16.94 11.22
CA ASN C 168 -72.65 -17.92 11.22
C ASN C 168 -72.10 -19.34 11.07
N LEU C 169 -72.82 -20.33 11.59
CA LEU C 169 -72.32 -21.71 11.51
C LEU C 169 -71.72 -22.15 10.17
N ARG C 170 -72.24 -21.67 9.05
CA ARG C 170 -71.67 -22.08 7.77
C ARG C 170 -70.18 -21.70 7.61
N GLU C 171 -69.83 -20.59 8.26
CA GLU C 171 -68.47 -20.03 8.26
C GLU C 171 -67.62 -20.65 9.34
N TRP C 172 -68.01 -20.42 10.61
CA TRP C 172 -67.31 -20.97 11.78
C TRP C 172 -66.77 -22.34 11.41
N ARG C 173 -67.68 -23.16 10.86
CA ARG C 173 -67.38 -24.52 10.39
C ARG C 173 -66.20 -24.54 9.39
N ALA C 174 -66.35 -23.87 8.26
CA ALA C 174 -65.28 -23.84 7.27
C ALA C 174 -63.97 -23.29 7.89
N HIS C 175 -64.09 -22.45 8.91
CA HIS C 175 -62.90 -21.90 9.58
C HIS C 175 -62.27 -23.01 10.35
N ALA C 176 -63.05 -23.58 11.28
CA ALA C 176 -62.59 -24.67 12.11
C ALA C 176 -62.18 -25.91 11.32
N SER C 177 -62.45 -25.95 10.02
CA SER C 177 -62.09 -27.11 9.21
C SER C 177 -60.66 -27.03 8.66
N THR C 178 -59.93 -26.02 9.11
CA THR C 178 -58.54 -25.79 8.70
C THR C 178 -57.64 -25.73 9.93
N TYR C 179 -57.90 -24.73 10.79
CA TYR C 179 -57.13 -24.58 12.01
C TYR C 179 -57.36 -25.75 12.94
N GLY C 180 -58.36 -26.59 12.65
CA GLY C 180 -58.68 -27.75 13.48
C GLY C 180 -58.54 -29.04 12.72
N SER C 181 -59.43 -29.28 11.75
CA SER C 181 -59.37 -30.53 11.00
C SER C 181 -58.06 -30.76 10.27
N THR C 182 -57.70 -29.82 9.40
CA THR C 182 -56.46 -29.95 8.61
C THR C 182 -55.24 -30.07 9.53
N PHE C 183 -55.34 -29.49 10.72
CA PHE C 183 -54.25 -29.52 11.71
C PHE C 183 -53.96 -30.91 12.28
N LEU C 184 -54.98 -31.50 12.90
CA LEU C 184 -54.86 -32.82 13.48
C LEU C 184 -54.90 -33.85 12.35
N GLY C 185 -55.54 -33.48 11.25
CA GLY C 185 -55.58 -34.38 10.11
C GLY C 185 -54.17 -34.83 9.73
N ARG C 186 -53.25 -33.85 9.62
CA ARG C 186 -51.85 -34.09 9.25
C ARG C 186 -51.21 -35.05 10.21
N TYR C 187 -51.45 -34.86 11.51
CA TYR C 187 -50.88 -35.77 12.52
C TYR C 187 -51.35 -37.18 12.28
N GLY C 188 -52.63 -37.35 11.95
CA GLY C 188 -53.18 -38.67 11.68
C GLY C 188 -52.46 -39.30 10.48
N ALA C 189 -52.19 -38.44 9.52
CA ALA C 189 -51.50 -38.85 8.30
C ALA C 189 -50.09 -39.32 8.65
N LEU C 190 -49.50 -38.64 9.63
CA LEU C 190 -48.17 -38.95 10.10
C LEU C 190 -48.22 -40.30 10.81
N ALA C 191 -49.19 -40.45 11.72
CA ALA C 191 -49.33 -41.67 12.49
C ALA C 191 -49.38 -42.85 11.55
N ALA C 192 -50.07 -42.69 10.42
CA ALA C 192 -50.21 -43.76 9.45
C ALA C 192 -48.89 -44.10 8.79
N ALA C 193 -48.15 -43.06 8.43
CA ALA C 193 -46.88 -43.28 7.77
C ALA C 193 -45.73 -43.77 8.69
N CYS C 194 -45.61 -43.19 9.87
CA CYS C 194 -44.58 -43.58 10.82
C CYS C 194 -44.98 -44.84 11.54
N GLY C 195 -46.28 -44.92 11.77
CA GLY C 195 -46.89 -46.03 12.49
C GLY C 195 -46.73 -47.47 12.02
N GLY C 196 -46.15 -47.69 10.86
CA GLY C 196 -46.02 -49.08 10.51
C GLY C 196 -46.99 -49.58 9.50
N GLU C 197 -46.35 -50.22 8.52
CA GLU C 197 -46.95 -50.83 7.34
C GLU C 197 -48.32 -51.50 7.59
N GLY C 198 -49.18 -51.31 6.60
CA GLY C 198 -50.51 -51.86 6.66
C GLY C 198 -51.51 -50.99 7.38
N GLN C 199 -51.42 -49.69 7.24
CA GLN C 199 -52.37 -48.88 7.95
C GLN C 199 -53.27 -48.22 6.92
N PRO C 200 -54.60 -48.17 7.17
CA PRO C 200 -55.60 -47.55 6.27
C PRO C 200 -55.48 -46.05 6.22
N ALA C 201 -54.32 -45.58 5.77
CA ALA C 201 -53.95 -44.17 5.64
C ALA C 201 -55.08 -43.15 5.72
N ASP C 202 -56.02 -43.23 4.77
CA ASP C 202 -57.19 -42.33 4.65
C ASP C 202 -58.17 -42.33 5.81
N SER C 203 -58.44 -43.51 6.33
CA SER C 203 -59.36 -43.66 7.44
C SER C 203 -58.82 -42.96 8.69
N VAL C 204 -57.56 -43.19 8.99
CA VAL C 204 -56.95 -42.56 10.15
C VAL C 204 -57.15 -41.05 10.00
N ARG C 205 -56.81 -40.52 8.82
CA ARG C 205 -56.91 -39.10 8.59
C ARG C 205 -58.32 -38.62 8.76
N GLU C 206 -59.23 -39.31 8.11
CA GLU C 206 -60.63 -38.96 8.16
C GLU C 206 -61.07 -38.91 9.64
N PHE C 207 -60.71 -39.96 10.39
CA PHE C 207 -61.07 -40.00 11.79
C PHE C 207 -60.57 -38.74 12.48
N ALA C 208 -59.28 -38.45 12.28
CA ALA C 208 -58.60 -37.30 12.88
C ALA C 208 -59.32 -36.00 12.66
N GLU C 209 -59.73 -35.75 11.41
CA GLU C 209 -60.41 -34.53 11.06
C GLU C 209 -61.77 -34.36 11.71
N ALA C 210 -62.56 -35.42 11.68
CA ALA C 210 -63.86 -35.37 12.31
C ALA C 210 -63.65 -35.09 13.81
N PHE C 211 -62.88 -35.96 14.48
CA PHE C 211 -62.56 -35.85 15.91
C PHE C 211 -62.09 -34.45 16.27
N ALA C 212 -61.18 -33.94 15.43
CA ALA C 212 -60.61 -32.61 15.62
C ALA C 212 -61.72 -31.55 15.67
N MET C 213 -62.62 -31.53 14.70
CA MET C 213 -63.64 -30.51 14.75
C MET C 213 -64.58 -30.66 15.95
N THR C 214 -64.84 -31.91 16.37
CA THR C 214 -65.74 -32.15 17.52
C THR C 214 -65.08 -31.52 18.74
N ILE C 215 -63.77 -31.66 18.85
CA ILE C 215 -63.03 -31.07 19.96
C ILE C 215 -63.09 -29.54 19.86
N THR C 216 -63.05 -29.03 18.61
CA THR C 216 -63.06 -27.58 18.33
C THR C 216 -64.27 -26.93 18.93
N MET C 217 -65.42 -27.49 18.62
CA MET C 217 -66.66 -26.95 19.12
C MET C 217 -66.62 -27.06 20.61
N ALA C 218 -66.17 -28.20 21.08
CA ALA C 218 -66.08 -28.48 22.49
C ALA C 218 -65.38 -27.33 23.16
N ASP C 219 -64.36 -26.82 22.46
CA ASP C 219 -63.57 -25.69 22.92
C ASP C 219 -64.39 -24.43 23.02
N ASP C 220 -64.71 -23.87 21.87
CA ASP C 220 -65.49 -22.65 21.79
C ASP C 220 -66.61 -22.54 22.83
N LEU C 221 -67.25 -23.66 23.20
CA LEU C 221 -68.32 -23.61 24.21
C LEU C 221 -67.83 -23.49 25.64
N THR C 222 -66.64 -24.01 25.89
CA THR C 222 -66.02 -23.92 27.20
C THR C 222 -65.45 -22.49 27.33
N ASP C 223 -64.74 -22.09 26.28
CA ASP C 223 -64.05 -20.79 26.15
C ASP C 223 -64.91 -19.52 26.17
N TYR C 224 -66.23 -19.66 25.99
CA TYR C 224 -67.12 -18.49 26.02
C TYR C 224 -67.36 -18.12 27.48
N ASP C 225 -67.58 -19.16 28.28
CA ASP C 225 -67.82 -19.01 29.72
C ASP C 225 -66.49 -18.80 30.45
N ARG C 226 -65.76 -19.91 30.58
CA ARG C 226 -64.48 -19.99 31.30
C ARG C 226 -63.59 -18.74 31.26
N ASN C 227 -63.47 -18.12 30.10
CA ASN C 227 -62.66 -16.91 30.03
C ASN C 227 -63.20 -15.96 28.96
N GLY C 228 -64.38 -15.42 29.23
CA GLY C 228 -65.04 -14.49 28.33
C GLY C 228 -64.32 -14.16 27.02
N GLU C 229 -64.72 -14.85 25.96
CA GLU C 229 -64.17 -14.69 24.59
C GLU C 229 -65.49 -14.56 23.82
N ARG C 230 -65.53 -13.82 22.72
CA ARG C 230 -66.84 -13.71 22.11
C ARG C 230 -66.97 -13.39 20.62
N ASP C 231 -65.91 -12.91 19.98
CA ASP C 231 -66.01 -12.51 18.56
C ASP C 231 -65.76 -13.61 17.50
N GLY C 232 -66.82 -14.27 17.04
CA GLY C 232 -66.66 -15.31 16.05
C GLY C 232 -66.69 -16.66 16.74
N ASN C 233 -66.90 -16.60 18.06
CA ASN C 233 -66.98 -17.77 18.94
C ASN C 233 -68.35 -18.46 18.79
N LEU C 234 -68.33 -19.77 18.54
CA LEU C 234 -69.56 -20.53 18.32
C LEU C 234 -70.64 -20.35 19.38
N ALA C 235 -70.23 -20.18 20.64
CA ALA C 235 -71.19 -20.00 21.75
C ALA C 235 -71.93 -18.68 21.64
N HIS C 236 -71.24 -17.69 21.11
CA HIS C 236 -71.80 -16.38 20.91
C HIS C 236 -72.78 -16.45 19.75
N LEU C 237 -72.30 -16.91 18.60
CA LEU C 237 -73.16 -17.00 17.45
C LEU C 237 -74.48 -17.71 17.78
N MET C 238 -74.47 -18.47 18.87
CA MET C 238 -75.66 -19.18 19.32
C MET C 238 -76.47 -18.22 20.16
N ARG C 239 -75.81 -17.52 21.08
CA ARG C 239 -76.46 -16.52 21.93
C ARG C 239 -77.09 -15.42 21.10
N THR C 240 -76.34 -14.95 20.12
CA THR C 240 -76.75 -13.90 19.18
C THR C 240 -77.80 -14.40 18.17
N GLY C 241 -78.27 -15.63 18.35
CA GLY C 241 -79.26 -16.16 17.45
C GLY C 241 -78.78 -16.15 16.02
N ALA C 242 -77.47 -16.10 15.84
CA ALA C 242 -76.94 -16.11 14.47
C ALA C 242 -76.70 -17.55 14.01
N VAL C 243 -76.66 -18.46 14.99
CA VAL C 243 -76.47 -19.89 14.76
C VAL C 243 -77.56 -20.70 15.48
N ALA C 244 -78.16 -21.62 14.73
CA ALA C 244 -79.27 -22.44 15.21
C ALA C 244 -78.90 -23.62 16.12
N GLY C 245 -79.41 -23.59 17.36
CA GLY C 245 -79.15 -24.67 18.29
C GLY C 245 -79.25 -26.05 17.63
N GLN C 246 -80.38 -26.29 16.97
CA GLN C 246 -80.63 -27.56 16.30
C GLN C 246 -79.56 -27.88 15.26
N ASP C 247 -78.89 -26.86 14.71
CA ASP C 247 -77.86 -27.05 13.68
C ASP C 247 -76.52 -27.38 14.21
N VAL C 248 -76.25 -26.84 15.40
CA VAL C 248 -75.02 -27.11 16.11
C VAL C 248 -75.07 -28.59 16.40
N VAL C 249 -76.17 -29.01 17.02
CA VAL C 249 -76.43 -30.42 17.34
C VAL C 249 -76.37 -31.32 16.10
N ASP C 250 -76.86 -30.80 14.98
CA ASP C 250 -76.83 -31.55 13.74
C ASP C 250 -75.41 -31.71 13.27
N LEU C 251 -74.66 -30.62 13.30
CA LEU C 251 -73.26 -30.68 12.92
C LEU C 251 -72.54 -31.72 13.77
N LEU C 252 -72.65 -31.52 15.08
CA LEU C 252 -72.03 -32.40 16.08
C LEU C 252 -72.20 -33.83 15.73
N GLU C 253 -73.45 -34.19 15.53
CA GLU C 253 -73.81 -35.53 15.20
C GLU C 253 -73.37 -35.99 13.83
N GLU C 254 -73.26 -35.06 12.89
CA GLU C 254 -72.80 -35.43 11.57
C GLU C 254 -71.31 -35.78 11.67
N LEU C 255 -70.63 -35.14 12.62
CA LEU C 255 -69.21 -35.34 12.88
C LEU C 255 -69.00 -36.72 13.52
N ARG C 256 -69.85 -37.04 14.50
CA ARG C 256 -69.79 -38.34 15.18
C ARG C 256 -69.98 -39.39 14.05
N GLY C 257 -70.81 -39.04 13.06
CA GLY C 257 -71.03 -39.96 11.95
C GLY C 257 -69.71 -40.22 11.23
N ARG C 258 -69.17 -39.17 10.61
CA ARG C 258 -67.93 -39.22 9.86
C ARG C 258 -66.87 -40.04 10.67
N ALA C 259 -66.70 -39.74 11.96
CA ALA C 259 -65.72 -40.39 12.84
C ALA C 259 -65.89 -41.89 12.94
N LEU C 260 -67.03 -42.25 13.52
CA LEU C 260 -67.48 -43.62 13.72
C LEU C 260 -67.32 -44.46 12.46
N ALA C 261 -67.61 -43.80 11.35
CA ALA C 261 -67.53 -44.43 10.04
C ALA C 261 -66.09 -44.84 9.72
N ALA C 262 -65.14 -43.96 10.03
CA ALA C 262 -63.73 -44.18 9.74
C ALA C 262 -63.02 -45.24 10.57
N VAL C 263 -63.40 -45.29 11.85
CA VAL C 263 -62.84 -46.28 12.76
C VAL C 263 -63.39 -47.66 12.38
N ALA C 264 -64.51 -47.63 11.64
CA ALA C 264 -65.21 -48.83 11.15
C ALA C 264 -64.57 -49.39 9.84
N ALA C 265 -64.07 -48.50 8.97
CA ALA C 265 -63.42 -48.95 7.76
C ALA C 265 -62.36 -49.95 8.19
N PRO C 266 -62.24 -51.04 7.45
CA PRO C 266 -61.33 -52.19 7.63
C PRO C 266 -59.80 -51.94 7.57
N PRO C 267 -59.00 -52.55 8.51
CA PRO C 267 -59.44 -53.43 9.61
C PRO C 267 -60.31 -52.70 10.64
N GLY C 268 -59.98 -51.46 10.97
CA GLY C 268 -60.81 -50.74 11.91
C GLY C 268 -60.29 -50.69 13.33
N ALA C 269 -60.70 -49.64 14.02
CA ALA C 269 -60.29 -49.40 15.38
C ALA C 269 -61.45 -49.53 16.34
N PRO C 270 -61.89 -50.75 16.63
CA PRO C 270 -63.01 -50.94 17.55
C PRO C 270 -62.80 -50.16 18.84
N GLY C 271 -61.55 -50.09 19.26
CA GLY C 271 -61.24 -49.39 20.48
C GLY C 271 -61.66 -47.93 20.53
N LEU C 272 -61.66 -47.24 19.40
CA LEU C 272 -62.01 -45.81 19.35
C LEU C 272 -63.51 -45.45 19.38
N VAL C 273 -64.35 -46.45 19.15
CA VAL C 273 -65.78 -46.28 19.10
C VAL C 273 -66.32 -45.70 20.39
N PRO C 274 -65.87 -46.24 21.51
CA PRO C 274 -66.36 -45.70 22.79
C PRO C 274 -65.92 -44.24 22.99
N VAL C 275 -64.69 -43.98 22.51
CA VAL C 275 -63.99 -42.66 22.57
C VAL C 275 -64.73 -41.61 21.79
N VAL C 276 -65.09 -41.97 20.57
CA VAL C 276 -65.84 -41.06 19.72
C VAL C 276 -67.07 -40.62 20.45
N HIS C 277 -67.90 -41.61 20.80
CA HIS C 277 -69.13 -41.34 21.50
C HIS C 277 -68.87 -40.57 22.74
N LEU C 278 -67.83 -40.98 23.46
CA LEU C 278 -67.49 -40.30 24.71
C LEU C 278 -67.38 -38.78 24.54
N TYR C 279 -66.56 -38.37 23.58
CA TYR C 279 -66.33 -36.98 23.36
C TYR C 279 -67.54 -36.22 22.86
N THR C 280 -68.08 -36.72 21.75
CA THR C 280 -69.25 -36.11 21.13
C THR C 280 -70.39 -36.03 22.14
N ASP C 281 -70.63 -37.13 22.85
CA ASP C 281 -71.68 -37.18 23.87
C ASP C 281 -71.42 -36.10 24.93
N ASP C 282 -70.16 -35.88 25.29
CA ASP C 282 -69.89 -34.87 26.31
C ASP C 282 -70.30 -33.46 25.96
N VAL C 283 -70.08 -33.08 24.70
CA VAL C 283 -70.46 -31.76 24.27
C VAL C 283 -71.97 -31.62 24.46
N LEU C 284 -72.73 -32.56 23.89
CA LEU C 284 -74.19 -32.60 24.00
C LEU C 284 -74.64 -32.49 25.45
N VAL C 285 -74.21 -33.46 26.26
CA VAL C 285 -74.60 -33.54 27.63
C VAL C 285 -74.22 -32.41 28.55
N ARG C 286 -72.93 -32.05 28.57
CA ARG C 286 -72.44 -31.00 29.47
C ARG C 286 -72.18 -29.57 28.95
N LEU C 287 -71.79 -29.44 27.70
CA LEU C 287 -71.54 -28.11 27.18
C LEU C 287 -72.70 -27.46 26.42
N LEU C 288 -73.36 -28.18 25.52
CA LEU C 288 -74.46 -27.59 24.76
C LEU C 288 -75.61 -27.01 25.57
N PRO C 289 -75.93 -27.63 26.73
CA PRO C 289 -77.03 -27.14 27.58
C PRO C 289 -77.00 -25.63 27.93
N ARG C 290 -75.80 -25.13 28.25
CA ARG C 290 -75.60 -23.72 28.60
C ARG C 290 -76.06 -22.71 27.54
N HIS C 291 -75.74 -22.97 26.28
CA HIS C 291 -76.10 -22.07 25.20
C HIS C 291 -77.26 -22.61 24.37
N LEU C 292 -78.33 -22.97 25.07
CA LEU C 292 -79.55 -23.46 24.44
C LEU C 292 -80.71 -22.89 25.23
N TYR D 31 -17.94 -10.84 -8.74
CA TYR D 31 -18.56 -11.59 -7.59
C TYR D 31 -19.55 -10.80 -6.70
N PHE D 32 -19.08 -9.68 -6.12
CA PHE D 32 -19.94 -8.83 -5.27
C PHE D 32 -21.23 -8.43 -5.96
N GLN D 33 -21.54 -9.17 -7.02
CA GLN D 33 -22.71 -9.00 -7.84
C GLN D 33 -23.45 -10.27 -7.50
N SER D 34 -23.04 -11.40 -8.10
CA SER D 34 -23.68 -12.73 -7.89
C SER D 34 -24.23 -12.95 -6.48
N MET D 35 -23.60 -12.32 -5.49
CA MET D 35 -24.08 -12.43 -4.12
C MET D 35 -25.35 -11.58 -3.96
N LEU D 36 -25.56 -10.64 -4.87
CA LEU D 36 -26.74 -9.79 -4.82
C LEU D 36 -27.76 -10.43 -5.69
N ALA D 37 -27.27 -11.28 -6.60
CA ALA D 37 -28.10 -11.99 -7.57
C ALA D 37 -28.79 -13.06 -6.79
N ALA D 38 -28.06 -13.64 -5.83
CA ALA D 38 -28.61 -14.69 -4.97
C ALA D 38 -29.52 -14.01 -3.96
N GLU D 39 -28.99 -12.98 -3.32
CA GLU D 39 -29.78 -12.28 -2.34
C GLU D 39 -31.15 -11.95 -2.92
N ALA D 40 -31.19 -11.69 -4.23
CA ALA D 40 -32.41 -11.32 -4.96
C ALA D 40 -33.31 -12.49 -5.20
N ALA D 41 -32.73 -13.62 -5.62
CA ALA D 41 -33.51 -14.83 -5.92
C ALA D 41 -34.20 -15.33 -4.69
N ASN D 42 -33.40 -15.36 -3.62
CA ASN D 42 -33.83 -15.84 -2.34
C ASN D 42 -34.87 -14.89 -1.86
N ARG D 43 -34.63 -13.60 -2.01
CA ARG D 43 -35.65 -12.67 -1.59
C ARG D 43 -36.98 -12.96 -2.30
N ASP D 44 -36.92 -13.39 -3.55
CA ASP D 44 -38.13 -13.70 -4.28
C ASP D 44 -38.83 -14.93 -3.68
N HIS D 45 -38.14 -16.07 -3.77
CA HIS D 45 -38.63 -17.33 -3.23
C HIS D 45 -39.30 -17.20 -1.86
N VAL D 46 -38.66 -16.42 -0.98
CA VAL D 46 -39.15 -16.16 0.37
C VAL D 46 -40.47 -15.40 0.37
N THR D 47 -40.46 -14.18 -0.15
CA THR D 47 -41.69 -13.38 -0.18
C THR D 47 -42.82 -14.02 -0.98
N ARG D 48 -42.46 -14.88 -1.93
CA ARG D 48 -43.43 -15.60 -2.74
C ARG D 48 -44.22 -16.46 -1.76
N CYS D 49 -43.47 -17.11 -0.89
CA CYS D 49 -44.06 -17.95 0.12
C CYS D 49 -44.85 -17.13 1.14
N VAL D 50 -44.16 -16.19 1.80
CA VAL D 50 -44.77 -15.34 2.81
C VAL D 50 -46.13 -14.88 2.39
N ALA D 51 -46.22 -14.51 1.11
CA ALA D 51 -47.47 -13.99 0.55
C ALA D 51 -48.52 -15.06 0.33
N GLN D 52 -48.18 -16.08 -0.46
CA GLN D 52 -49.15 -17.12 -0.75
C GLN D 52 -49.64 -17.87 0.49
N THR D 53 -49.21 -17.45 1.69
CA THR D 53 -49.63 -18.11 2.94
C THR D 53 -50.46 -17.15 3.74
N GLY D 54 -50.68 -15.98 3.14
CA GLY D 54 -51.49 -14.97 3.78
C GLY D 54 -50.68 -13.87 4.42
N GLY D 55 -49.47 -13.63 3.93
CA GLY D 55 -48.67 -12.58 4.51
C GLY D 55 -49.26 -11.25 4.09
N SER D 56 -49.31 -10.28 5.01
CA SER D 56 -49.86 -8.98 4.66
C SER D 56 -48.75 -8.12 4.01
N PRO D 57 -49.12 -6.94 3.43
CA PRO D 57 -48.15 -6.05 2.79
C PRO D 57 -46.97 -5.78 3.68
N ASP D 58 -47.25 -5.43 4.92
CA ASP D 58 -46.26 -5.15 5.95
C ASP D 58 -45.31 -6.29 6.24
N LEU D 59 -45.82 -7.51 6.31
CA LEU D 59 -44.95 -8.65 6.58
C LEU D 59 -44.08 -9.01 5.35
N VAL D 60 -44.64 -8.93 4.16
CA VAL D 60 -43.86 -9.21 2.97
C VAL D 60 -42.78 -8.15 2.88
N ALA D 61 -43.15 -6.94 3.21
CA ALA D 61 -42.20 -5.84 3.22
C ALA D 61 -41.08 -6.21 4.17
N HIS D 62 -41.46 -6.42 5.42
CA HIS D 62 -40.53 -6.78 6.49
C HIS D 62 -39.50 -7.82 6.09
N THR D 63 -39.97 -8.98 5.63
CA THR D 63 -39.09 -10.06 5.21
C THR D 63 -38.26 -9.67 4.02
N ALA D 64 -38.87 -9.05 3.01
CA ALA D 64 -38.13 -8.63 1.80
C ALA D 64 -36.91 -7.77 2.17
N ALA D 65 -37.03 -7.08 3.29
CA ALA D 65 -35.97 -6.22 3.79
C ALA D 65 -34.91 -6.88 4.71
N LEU D 66 -34.99 -8.18 4.99
CA LEU D 66 -34.00 -8.87 5.85
C LEU D 66 -32.82 -9.28 4.98
N ARG D 67 -32.15 -8.28 4.47
CA ARG D 67 -31.07 -8.50 3.54
C ARG D 67 -30.05 -9.50 3.95
N LEU D 68 -29.42 -9.30 5.10
CA LEU D 68 -28.37 -10.22 5.46
C LEU D 68 -28.76 -11.66 5.53
N TYR D 69 -29.93 -11.91 6.11
CA TYR D 69 -30.43 -13.27 6.26
C TYR D 69 -30.59 -13.88 4.91
N LEU D 70 -31.23 -13.13 4.02
CA LEU D 70 -31.50 -13.57 2.65
C LEU D 70 -30.25 -13.92 1.87
N ARG D 71 -29.18 -13.26 2.26
CA ARG D 71 -27.88 -13.36 1.63
C ARG D 71 -26.93 -14.42 2.14
N VAL D 72 -26.92 -14.61 3.46
CA VAL D 72 -26.06 -15.59 4.11
C VAL D 72 -26.08 -17.01 3.48
N PRO D 73 -27.26 -17.51 3.08
CA PRO D 73 -27.37 -18.84 2.48
C PRO D 73 -26.50 -18.96 1.27
N HIS D 74 -26.09 -17.81 0.74
CA HIS D 74 -25.26 -17.78 -0.44
C HIS D 74 -23.85 -18.13 -0.02
N PHE D 75 -23.37 -17.48 1.04
CA PHE D 75 -22.05 -17.75 1.51
C PHE D 75 -21.89 -19.22 1.91
N LEU D 76 -22.87 -19.81 2.59
CA LEU D 76 -22.76 -21.21 3.04
C LEU D 76 -22.72 -22.26 1.92
N THR D 77 -23.35 -21.96 0.80
CA THR D 77 -23.42 -22.88 -0.33
C THR D 77 -22.27 -22.71 -1.27
N GLU D 78 -21.34 -21.84 -0.92
CA GLU D 78 -20.21 -21.55 -1.77
C GLU D 78 -19.35 -22.74 -2.13
N TRP D 79 -19.36 -23.76 -1.30
CA TRP D 79 -18.55 -24.96 -1.59
C TRP D 79 -19.27 -25.93 -2.53
N THR D 80 -20.48 -25.55 -2.96
CA THR D 80 -21.28 -26.40 -3.85
C THR D 80 -20.98 -26.04 -5.28
N THR D 81 -20.52 -27.03 -6.03
CA THR D 81 -20.18 -26.81 -7.43
C THR D 81 -21.39 -26.70 -8.37
N ASP D 82 -22.26 -27.72 -8.40
CA ASP D 82 -23.42 -27.62 -9.29
C ASP D 82 -24.19 -26.33 -9.00
N PRO D 83 -24.32 -25.46 -10.02
CA PRO D 83 -25.00 -24.18 -9.92
C PRO D 83 -26.46 -24.25 -9.49
N ASP D 84 -27.16 -25.28 -9.97
CA ASP D 84 -28.58 -25.44 -9.67
C ASP D 84 -28.84 -25.95 -8.28
N ARG D 85 -28.07 -26.98 -7.88
CA ARG D 85 -28.20 -27.57 -6.55
C ARG D 85 -27.84 -26.41 -5.65
N ARG D 86 -26.70 -25.81 -5.94
CA ARG D 86 -26.28 -24.67 -5.17
C ARG D 86 -27.40 -23.64 -5.00
N ALA D 87 -28.09 -23.28 -6.09
CA ALA D 87 -29.16 -22.29 -6.02
C ALA D 87 -30.43 -22.73 -5.31
N ALA D 88 -30.62 -24.08 -5.27
CA ALA D 88 -31.76 -24.77 -4.63
C ALA D 88 -31.60 -24.84 -3.13
N VAL D 89 -30.38 -25.18 -2.71
CA VAL D 89 -30.05 -25.26 -1.30
C VAL D 89 -30.02 -23.84 -0.78
N SER D 90 -29.46 -22.96 -1.59
CA SER D 90 -29.34 -21.55 -1.22
C SER D 90 -30.69 -21.00 -0.81
N ARG D 91 -31.68 -21.17 -1.69
CA ARG D 91 -33.03 -20.68 -1.39
C ARG D 91 -33.72 -21.44 -0.22
N ALA D 92 -33.60 -22.77 -0.21
CA ALA D 92 -34.19 -23.59 0.85
C ALA D 92 -33.71 -23.08 2.21
N LEU D 93 -32.39 -22.90 2.36
CA LEU D 93 -31.81 -22.40 3.59
C LEU D 93 -32.34 -21.02 3.95
N ALA D 94 -32.64 -20.21 2.93
CA ALA D 94 -33.14 -18.87 3.21
C ALA D 94 -34.50 -18.99 3.83
N LEU D 95 -35.24 -19.97 3.37
CA LEU D 95 -36.57 -20.19 3.89
C LEU D 95 -36.51 -20.39 5.39
N ASP D 96 -35.65 -21.30 5.85
CA ASP D 96 -35.57 -21.53 7.29
C ASP D 96 -34.93 -20.39 8.07
N ILE D 97 -33.86 -19.76 7.54
CA ILE D 97 -33.27 -18.63 8.29
C ILE D 97 -34.31 -17.52 8.53
N VAL D 98 -35.09 -17.18 7.50
CA VAL D 98 -36.12 -16.17 7.69
C VAL D 98 -37.17 -16.72 8.65
N SER D 99 -37.46 -18.00 8.54
CA SER D 99 -38.42 -18.59 9.43
C SER D 99 -38.04 -18.27 10.87
N MET D 100 -36.81 -18.62 11.23
CA MET D 100 -36.36 -18.40 12.59
C MET D 100 -36.37 -16.94 12.94
N LYS D 101 -36.05 -16.12 11.95
CA LYS D 101 -36.01 -14.70 12.19
C LYS D 101 -37.37 -14.21 12.58
N LEU D 102 -38.41 -14.76 11.96
CA LEU D 102 -39.75 -14.34 12.31
C LEU D 102 -40.10 -14.72 13.73
N LEU D 103 -39.78 -15.95 14.09
CA LEU D 103 -40.05 -16.50 15.41
C LEU D 103 -39.35 -15.65 16.47
N ASP D 104 -38.26 -15.01 16.06
CA ASP D 104 -37.53 -14.15 16.95
C ASP D 104 -38.36 -12.88 17.19
N ASP D 105 -38.89 -12.30 16.12
CA ASP D 105 -39.67 -11.09 16.26
C ASP D 105 -40.92 -11.36 17.05
N LEU D 106 -41.30 -12.63 17.07
CA LEU D 106 -42.48 -13.10 17.80
C LEU D 106 -42.22 -13.10 19.30
N MET D 107 -40.97 -13.37 19.67
CA MET D 107 -40.60 -13.36 21.08
C MET D 107 -40.17 -11.97 21.58
N ASP D 108 -39.40 -11.20 20.79
CA ASP D 108 -39.02 -9.85 21.24
C ASP D 108 -40.35 -9.02 21.29
N ASP D 109 -41.20 -9.27 20.27
CA ASP D 109 -42.50 -8.66 20.12
C ASP D 109 -42.45 -7.14 19.92
N ASP D 110 -41.26 -6.61 19.73
CA ASP D 110 -41.15 -5.18 19.48
C ASP D 110 -41.68 -4.93 18.05
N THR D 111 -41.32 -5.81 17.10
CA THR D 111 -41.71 -5.73 15.70
C THR D 111 -42.91 -4.83 15.37
N GLY D 112 -43.95 -4.87 16.20
CA GLY D 112 -45.12 -4.06 15.93
C GLY D 112 -45.92 -4.71 14.83
N LEU D 113 -45.38 -5.79 14.28
CA LEU D 113 -46.00 -6.58 13.22
C LEU D 113 -47.10 -7.40 13.82
N ASP D 114 -48.03 -7.93 13.01
CA ASP D 114 -49.09 -8.72 13.61
C ASP D 114 -48.66 -10.03 14.19
N ARG D 115 -49.00 -10.21 15.46
CA ARG D 115 -48.70 -11.43 16.22
C ARG D 115 -49.02 -12.78 15.52
N VAL D 116 -50.27 -12.96 15.11
CA VAL D 116 -50.71 -14.18 14.45
C VAL D 116 -50.00 -14.51 13.15
N GLU D 117 -50.02 -13.57 12.20
CA GLU D 117 -49.36 -13.69 10.90
C GLU D 117 -47.95 -14.25 11.10
N LEU D 118 -47.17 -13.52 11.91
CA LEU D 118 -45.81 -13.91 12.26
C LEU D 118 -45.68 -15.43 12.56
N ALA D 119 -46.43 -15.91 13.55
CA ALA D 119 -46.38 -17.28 13.94
C ALA D 119 -46.71 -18.25 12.80
N CYS D 120 -47.83 -18.04 12.12
CA CYS D 120 -48.24 -18.95 11.03
C CYS D 120 -47.29 -18.98 9.85
N VAL D 121 -46.87 -17.77 9.43
CA VAL D 121 -45.91 -17.60 8.32
C VAL D 121 -44.58 -18.23 8.74
N CYS D 122 -44.19 -17.98 10.00
CA CYS D 122 -42.99 -18.58 10.51
C CYS D 122 -43.07 -20.09 10.33
N LEU D 123 -44.07 -20.71 10.93
CA LEU D 123 -44.25 -22.15 10.84
C LEU D 123 -44.33 -22.61 9.41
N ARG D 124 -45.03 -21.85 8.59
CA ARG D 124 -45.16 -22.23 7.19
C ARG D 124 -43.81 -22.37 6.44
N LEU D 125 -43.02 -21.28 6.50
CA LEU D 125 -41.69 -21.18 5.89
C LEU D 125 -40.80 -22.31 6.36
N HIS D 126 -40.84 -22.53 7.67
CA HIS D 126 -40.06 -23.59 8.30
C HIS D 126 -40.34 -24.98 7.69
N LEU D 127 -41.63 -25.33 7.59
CA LEU D 127 -42.04 -26.61 7.02
C LEU D 127 -41.66 -26.75 5.58
N ARG D 128 -41.71 -25.65 4.88
CA ARG D 128 -41.33 -25.68 3.49
C ARG D 128 -39.82 -25.89 3.35
N ALA D 129 -39.05 -25.22 4.20
CA ALA D 129 -37.61 -25.35 4.17
C ALA D 129 -37.28 -26.80 4.41
N LEU D 130 -37.90 -27.36 5.45
CA LEU D 130 -37.71 -28.74 5.87
C LEU D 130 -37.92 -29.64 4.70
N HIS D 131 -39.02 -29.38 4.03
CA HIS D 131 -39.37 -30.16 2.85
C HIS D 131 -38.27 -30.10 1.81
N GLU D 132 -38.04 -28.90 1.31
CA GLU D 132 -37.01 -28.63 0.32
C GLU D 132 -35.64 -29.14 0.70
N LEU D 133 -35.15 -28.78 1.88
CA LEU D 133 -33.83 -29.25 2.29
C LEU D 133 -33.77 -30.79 2.23
N GLU D 134 -34.80 -31.42 2.75
CA GLU D 134 -34.85 -32.87 2.83
C GLU D 134 -34.82 -33.63 1.54
N SER D 135 -35.27 -32.98 0.47
CA SER D 135 -35.30 -33.61 -0.84
C SER D 135 -34.02 -33.33 -1.60
N LEU D 136 -33.25 -32.36 -1.13
CA LEU D 136 -31.99 -32.01 -1.75
C LEU D 136 -30.87 -32.87 -1.18
N ALA D 137 -31.00 -33.20 0.10
CA ALA D 137 -30.01 -33.99 0.79
C ALA D 137 -29.93 -35.43 0.28
N ARG D 138 -28.72 -35.97 0.24
CA ARG D 138 -28.44 -37.35 -0.20
C ARG D 138 -29.20 -38.32 0.70
N ASP D 139 -29.07 -38.15 2.01
CA ASP D 139 -29.77 -38.97 3.01
C ASP D 139 -30.85 -38.14 3.80
N PRO D 140 -32.16 -38.37 3.55
CA PRO D 140 -33.21 -37.61 4.25
C PRO D 140 -33.07 -37.48 5.76
N LYS D 141 -32.59 -38.54 6.42
CA LYS D 141 -32.40 -38.49 7.87
C LYS D 141 -31.46 -37.30 8.28
N ALA D 142 -30.33 -37.14 7.57
CA ALA D 142 -29.37 -36.07 7.86
C ALA D 142 -29.91 -34.70 8.26
N VAL D 143 -31.03 -34.30 7.68
CA VAL D 143 -31.58 -32.99 7.98
C VAL D 143 -32.01 -32.84 9.40
N THR D 144 -32.89 -33.74 9.83
CA THR D 144 -33.42 -33.73 11.21
C THR D 144 -32.37 -34.09 12.24
N ASP D 145 -31.33 -34.76 11.74
CA ASP D 145 -30.18 -35.15 12.54
C ASP D 145 -29.47 -33.87 12.91
N ILE D 146 -28.96 -33.19 11.90
CA ILE D 146 -28.22 -31.97 12.12
C ILE D 146 -29.00 -30.98 12.94
N LEU D 147 -30.30 -30.92 12.63
CA LEU D 147 -31.25 -30.00 13.27
C LEU D 147 -31.57 -30.28 14.70
N GLU D 148 -31.51 -31.55 15.07
CA GLU D 148 -31.75 -31.98 16.43
C GLU D 148 -30.42 -32.01 17.20
N GLN D 149 -29.52 -32.89 16.78
CA GLN D 149 -28.21 -33.11 17.37
C GLN D 149 -27.51 -32.08 18.26
N ASP D 150 -28.08 -30.89 18.44
CA ASP D 150 -27.45 -29.88 19.29
C ASP D 150 -28.45 -28.80 19.66
N ALA D 151 -29.72 -29.05 19.30
CA ALA D 151 -30.86 -28.15 19.55
C ALA D 151 -30.96 -27.69 20.99
N VAL D 152 -30.72 -28.64 21.88
CA VAL D 152 -30.75 -28.40 23.31
C VAL D 152 -29.85 -27.27 23.66
N HIS D 153 -28.65 -27.29 23.09
CA HIS D 153 -27.63 -26.29 23.32
C HIS D 153 -28.04 -24.92 22.78
N LEU D 154 -28.56 -24.90 21.56
CA LEU D 154 -28.98 -23.67 20.89
C LEU D 154 -30.18 -22.99 21.53
N CYS D 155 -31.14 -23.80 21.97
CA CYS D 155 -32.35 -23.31 22.60
C CYS D 155 -32.11 -22.90 24.06
N GLY D 156 -31.34 -23.71 24.77
CA GLY D 156 -31.00 -23.40 26.15
C GLY D 156 -30.11 -22.19 26.08
N GLY D 157 -29.04 -22.31 25.30
CA GLY D 157 -28.12 -21.20 25.12
C GLY D 157 -28.84 -19.87 24.91
N GLN D 158 -29.86 -19.88 24.06
CA GLN D 158 -30.61 -18.67 23.76
C GLN D 158 -31.43 -18.20 24.96
N ILE D 159 -31.97 -19.14 25.75
CA ILE D 159 -32.77 -18.74 26.90
C ILE D 159 -31.88 -18.12 27.93
N ARG D 160 -30.78 -18.80 28.24
CA ARG D 160 -29.80 -18.31 29.20
C ARG D 160 -29.30 -16.92 28.80
N THR D 161 -28.87 -16.80 27.55
CA THR D 161 -28.41 -15.55 27.03
C THR D 161 -29.24 -14.36 27.46
N LYS D 162 -30.56 -14.48 27.39
CA LYS D 162 -31.44 -13.39 27.77
C LYS D 162 -31.86 -13.31 29.24
N ARG D 163 -31.63 -14.37 30.01
CA ARG D 163 -31.96 -14.37 31.45
C ARG D 163 -30.86 -13.75 32.33
N SER D 164 -29.64 -14.25 32.15
CA SER D 164 -28.47 -13.75 32.87
C SER D 164 -27.62 -12.87 31.95
N ARG D 165 -28.24 -11.85 31.34
CA ARG D 165 -27.55 -10.92 30.42
C ARG D 165 -26.09 -10.74 30.85
N ALA D 166 -25.15 -10.85 29.91
CA ALA D 166 -23.71 -10.74 30.22
C ALA D 166 -23.18 -9.39 30.69
N THR D 167 -22.02 -9.44 31.36
CA THR D 167 -21.35 -8.26 31.92
C THR D 167 -19.92 -7.90 31.45
N ASN D 168 -19.24 -8.80 30.74
CA ASN D 168 -17.88 -8.55 30.25
C ASN D 168 -17.60 -9.40 29.00
N LEU D 169 -16.72 -8.91 28.14
CA LEU D 169 -16.43 -9.63 26.91
C LEU D 169 -16.27 -11.15 27.05
N ARG D 170 -15.74 -11.64 28.16
CA ARG D 170 -15.57 -13.08 28.29
C ARG D 170 -16.91 -13.81 28.22
N GLU D 171 -17.93 -13.17 28.76
CA GLU D 171 -19.30 -13.68 28.81
C GLU D 171 -20.03 -13.47 27.49
N TRP D 172 -20.27 -12.19 27.18
CA TRP D 172 -20.92 -11.79 25.94
C TRP D 172 -20.54 -12.77 24.84
N ARG D 173 -19.23 -12.99 24.72
CA ARG D 173 -18.67 -13.92 23.75
C ARG D 173 -19.30 -15.33 23.88
N ALA D 174 -19.15 -15.96 25.04
CA ALA D 174 -19.70 -17.29 25.22
C ALA D 174 -21.22 -17.33 25.00
N HIS D 175 -21.87 -16.18 25.18
CA HIS D 175 -23.33 -16.06 24.97
C HIS D 175 -23.53 -16.08 23.48
N ALA D 176 -22.88 -15.14 22.81
CA ALA D 176 -22.99 -15.04 21.35
C ALA D 176 -22.49 -16.28 20.63
N SER D 177 -21.80 -17.18 21.32
CA SER D 177 -21.29 -18.40 20.67
C SER D 177 -22.29 -19.55 20.64
N THR D 178 -23.54 -19.26 21.01
CA THR D 178 -24.63 -20.25 20.99
C THR D 178 -25.81 -19.69 20.16
N TYR D 179 -26.37 -18.57 20.61
CA TYR D 179 -27.47 -17.96 19.89
C TYR D 179 -26.99 -17.44 18.54
N GLY D 180 -25.69 -17.43 18.30
CA GLY D 180 -25.19 -16.92 17.04
C GLY D 180 -24.39 -17.95 16.29
N SER D 181 -23.28 -18.40 16.86
CA SER D 181 -22.44 -19.39 16.21
C SER D 181 -23.15 -20.73 16.01
N THR D 182 -23.62 -21.33 17.10
CA THR D 182 -24.30 -22.61 17.02
C THR D 182 -25.52 -22.53 16.11
N PHE D 183 -26.12 -21.36 16.01
CA PHE D 183 -27.30 -21.18 15.17
C PHE D 183 -27.03 -21.30 13.66
N LEU D 184 -26.14 -20.45 13.18
CA LEU D 184 -25.80 -20.42 11.77
C LEU D 184 -24.92 -21.63 11.48
N GLY D 185 -24.22 -22.10 12.51
CA GLY D 185 -23.34 -23.23 12.34
C GLY D 185 -24.13 -24.39 11.76
N ARG D 186 -25.32 -24.63 12.33
CA ARG D 186 -26.19 -25.71 11.91
C ARG D 186 -26.55 -25.58 10.46
N TYR D 187 -26.92 -24.39 10.05
CA TYR D 187 -27.25 -24.14 8.66
C TYR D 187 -26.09 -24.50 7.75
N GLY D 188 -24.87 -24.14 8.15
CA GLY D 188 -23.70 -24.49 7.36
C GLY D 188 -23.56 -26.00 7.24
N ALA D 189 -23.88 -26.66 8.35
CA ALA D 189 -23.84 -28.11 8.44
C ALA D 189 -24.84 -28.72 7.45
N LEU D 190 -26.01 -28.05 7.34
CA LEU D 190 -27.08 -28.44 6.44
C LEU D 190 -26.66 -28.23 4.99
N ALA D 191 -26.08 -27.07 4.72
CA ALA D 191 -25.61 -26.73 3.38
C ALA D 191 -24.67 -27.80 2.90
N ALA D 192 -23.77 -28.26 3.76
CA ALA D 192 -22.84 -29.30 3.41
C ALA D 192 -23.53 -30.63 3.08
N ALA D 193 -24.49 -31.04 3.92
CA ALA D 193 -25.22 -32.29 3.72
C ALA D 193 -26.19 -32.26 2.53
N CYS D 194 -26.97 -31.19 2.39
CA CYS D 194 -27.92 -31.03 1.25
C CYS D 194 -27.21 -30.63 -0.01
N GLY D 195 -26.20 -29.81 0.19
CA GLY D 195 -25.44 -29.26 -0.91
C GLY D 195 -24.73 -30.18 -1.87
N GLY D 196 -24.68 -31.48 -1.61
CA GLY D 196 -24.01 -32.27 -2.59
C GLY D 196 -22.62 -32.73 -2.28
N GLU D 197 -22.53 -34.03 -2.49
CA GLU D 197 -21.35 -34.84 -2.27
C GLU D 197 -20.02 -34.12 -2.54
N GLY D 198 -19.06 -34.46 -1.67
CA GLY D 198 -17.73 -33.90 -1.75
C GLY D 198 -17.61 -32.54 -1.12
N GLN D 199 -18.25 -32.30 0.01
CA GLN D 199 -18.09 -30.99 0.60
C GLN D 199 -17.34 -31.15 1.91
N PRO D 200 -16.36 -30.25 2.19
CA PRO D 200 -15.56 -30.27 3.43
C PRO D 200 -16.38 -29.92 4.68
N ALA D 201 -17.41 -30.74 4.95
CA ALA D 201 -18.35 -30.61 6.08
C ALA D 201 -17.98 -29.64 7.24
N ASP D 202 -16.86 -29.93 7.90
CA ASP D 202 -16.33 -29.17 9.05
C ASP D 202 -15.93 -27.75 8.77
N SER D 203 -15.30 -27.55 7.64
CA SER D 203 -14.85 -26.23 7.23
C SER D 203 -16.05 -25.28 6.99
N VAL D 204 -17.06 -25.75 6.27
CA VAL D 204 -18.26 -24.95 6.03
C VAL D 204 -18.82 -24.52 7.38
N ARG D 205 -18.97 -25.48 8.30
CA ARG D 205 -19.49 -25.20 9.63
C ARG D 205 -18.62 -24.22 10.37
N GLU D 206 -17.31 -24.46 10.36
CA GLU D 206 -16.35 -23.59 11.02
C GLU D 206 -16.54 -22.15 10.49
N PHE D 207 -16.55 -22.02 9.17
CA PHE D 207 -16.71 -20.71 8.56
C PHE D 207 -17.94 -20.03 9.10
N ALA D 208 -19.05 -20.77 9.04
CA ALA D 208 -20.36 -20.31 9.48
C ALA D 208 -20.33 -19.73 10.86
N GLU D 209 -19.72 -20.45 11.77
CA GLU D 209 -19.65 -20.00 13.15
C GLU D 209 -18.86 -18.75 13.35
N ALA D 210 -17.72 -18.66 12.69
CA ALA D 210 -16.88 -17.48 12.83
C ALA D 210 -17.67 -16.33 12.26
N PHE D 211 -18.11 -16.48 11.01
CA PHE D 211 -18.89 -15.44 10.33
C PHE D 211 -20.09 -14.99 11.17
N ALA D 212 -20.78 -15.96 11.75
CA ALA D 212 -21.95 -15.68 12.60
C ALA D 212 -21.61 -14.72 13.72
N MET D 213 -20.59 -15.03 14.50
CA MET D 213 -20.22 -14.15 15.59
C MET D 213 -19.77 -12.76 15.15
N THR D 214 -19.13 -12.67 13.98
CA THR D 214 -18.65 -11.37 13.48
C THR D 214 -19.90 -10.57 13.24
N ILE D 215 -20.92 -11.22 12.69
CA ILE D 215 -22.18 -10.53 12.42
C ILE D 215 -22.86 -10.13 13.72
N THR D 216 -22.75 -10.98 14.74
CA THR D 216 -23.36 -10.74 16.04
C THR D 216 -22.90 -9.46 16.63
N MET D 217 -21.58 -9.27 16.65
CA MET D 217 -20.99 -8.05 17.19
C MET D 217 -21.47 -6.90 16.34
N ALA D 218 -21.40 -7.10 15.03
CA ALA D 218 -21.82 -6.10 14.08
C ALA D 218 -23.17 -5.59 14.52
N ASP D 219 -24.00 -6.52 14.98
CA ASP D 219 -25.34 -6.18 15.45
C ASP D 219 -25.32 -5.30 16.67
N ASP D 220 -24.98 -5.89 17.80
CA ASP D 220 -24.93 -5.18 19.06
C ASP D 220 -24.42 -3.76 18.97
N LEU D 221 -23.49 -3.47 18.06
CA LEU D 221 -22.96 -2.12 17.90
C LEU D 221 -23.90 -1.18 17.12
N THR D 222 -24.70 -1.74 16.24
CA THR D 222 -25.67 -0.96 15.48
C THR D 222 -26.85 -0.74 16.41
N ASP D 223 -27.25 -1.82 17.08
CA ASP D 223 -28.38 -1.87 18.02
C ASP D 223 -28.32 -1.04 19.30
N TYR D 224 -27.13 -0.52 19.66
CA TYR D 224 -26.99 0.32 20.86
C TYR D 224 -27.43 1.73 20.51
N ASP D 225 -27.02 2.19 19.32
CA ASP D 225 -27.39 3.50 18.80
C ASP D 225 -28.80 3.48 18.22
N ARG D 226 -28.90 2.90 17.02
CA ARG D 226 -30.14 2.78 16.24
C ARG D 226 -31.46 2.65 17.01
N ASN D 227 -31.50 1.84 18.07
CA ASN D 227 -32.72 1.71 18.86
C ASN D 227 -32.39 1.41 20.33
N GLY D 228 -31.82 2.41 20.99
CA GLY D 228 -31.45 2.29 22.39
C GLY D 228 -31.72 0.96 23.10
N GLU D 229 -30.70 0.12 23.16
CA GLU D 229 -30.74 -1.20 23.79
C GLU D 229 -29.47 -1.11 24.66
N ARG D 230 -29.45 -1.74 25.82
CA ARG D 230 -28.25 -1.54 26.63
C ARG D 230 -27.80 -2.57 27.67
N ASP D 231 -28.70 -3.47 28.09
CA ASP D 231 -28.35 -4.45 29.14
C ASP D 231 -27.67 -5.78 28.69
N GLY D 232 -26.33 -5.79 28.69
CA GLY D 232 -25.59 -6.96 28.28
C GLY D 232 -25.17 -6.80 26.83
N ASN D 233 -25.45 -5.61 26.28
CA ASN D 233 -25.13 -5.23 24.91
C ASN D 233 -23.65 -4.84 24.81
N LEU D 234 -22.93 -5.44 23.87
CA LEU D 234 -21.48 -5.20 23.72
C LEU D 234 -21.03 -3.75 23.64
N ALA D 235 -21.84 -2.89 23.01
CA ALA D 235 -21.51 -1.49 22.89
C ALA D 235 -21.52 -0.80 24.25
N HIS D 236 -22.43 -1.26 25.10
CA HIS D 236 -22.56 -0.72 26.44
C HIS D 236 -21.35 -1.19 27.24
N LEU D 237 -21.13 -2.50 27.29
CA LEU D 237 -20.00 -3.03 28.04
C LEU D 237 -18.72 -2.30 27.65
N MET D 238 -18.73 -1.62 26.50
CA MET D 238 -17.56 -0.86 26.03
C MET D 238 -17.62 0.52 26.65
N ARG D 239 -18.79 1.15 26.57
CA ARG D 239 -19.01 2.46 27.21
C ARG D 239 -18.76 2.43 28.73
N THR D 240 -19.33 1.43 29.41
CA THR D 240 -19.18 1.24 30.85
C THR D 240 -17.76 0.80 31.24
N GLY D 241 -16.83 0.82 30.28
CA GLY D 241 -15.47 0.37 30.56
C GLY D 241 -15.37 -1.06 31.13
N ALA D 242 -16.39 -1.88 30.94
CA ALA D 242 -16.36 -3.24 31.47
C ALA D 242 -15.69 -4.15 30.41
N VAL D 243 -15.60 -3.64 29.17
CA VAL D 243 -14.99 -4.39 28.07
C VAL D 243 -13.99 -3.47 27.38
N ALA D 244 -12.81 -4.03 27.13
CA ALA D 244 -11.70 -3.32 26.50
C ALA D 244 -11.72 -3.13 24.97
N GLY D 245 -11.72 -1.87 24.51
CA GLY D 245 -11.73 -1.60 23.09
C GLY D 245 -10.76 -2.51 22.36
N GLN D 246 -9.51 -2.53 22.82
CA GLN D 246 -8.44 -3.34 22.22
C GLN D 246 -8.81 -4.83 22.13
N ASP D 247 -9.65 -5.29 23.04
CA ASP D 247 -10.03 -6.70 23.05
C ASP D 247 -11.13 -7.05 22.12
N VAL D 248 -11.99 -6.07 21.91
CA VAL D 248 -13.10 -6.22 21.01
C VAL D 248 -12.43 -6.44 19.65
N VAL D 249 -11.55 -5.51 19.32
CA VAL D 249 -10.82 -5.58 18.07
C VAL D 249 -10.02 -6.87 17.92
N ASP D 250 -9.46 -7.32 19.03
CA ASP D 250 -8.70 -8.53 19.01
C ASP D 250 -9.66 -9.66 18.70
N LEU D 251 -10.81 -9.71 19.39
CA LEU D 251 -11.79 -10.76 19.14
C LEU D 251 -12.16 -10.75 17.68
N LEU D 252 -12.58 -9.58 17.21
CA LEU D 252 -12.97 -9.37 15.83
C LEU D 252 -12.04 -10.01 14.86
N GLU D 253 -10.80 -9.58 14.98
CA GLU D 253 -9.73 -10.07 14.16
C GLU D 253 -9.42 -11.57 14.36
N GLU D 254 -9.69 -12.10 15.54
CA GLU D 254 -9.44 -13.50 15.77
C GLU D 254 -10.48 -14.29 15.01
N LEU D 255 -11.64 -13.68 14.87
CA LEU D 255 -12.77 -14.30 14.14
C LEU D 255 -12.49 -14.33 12.64
N ARG D 256 -11.99 -13.18 12.13
CA ARG D 256 -11.63 -13.06 10.73
C ARG D 256 -10.57 -14.17 10.49
N GLY D 257 -9.78 -14.46 11.51
CA GLY D 257 -8.77 -15.49 11.41
C GLY D 257 -9.46 -16.79 11.18
N ARG D 258 -10.28 -17.19 12.17
CA ARG D 258 -11.01 -18.46 12.13
C ARG D 258 -11.69 -18.67 10.79
N ALA D 259 -12.38 -17.62 10.33
CA ALA D 259 -13.13 -17.63 9.05
C ALA D 259 -12.30 -17.90 7.81
N LEU D 260 -11.37 -16.99 7.55
CA LEU D 260 -10.43 -17.03 6.44
C LEU D 260 -9.75 -18.37 6.37
N ALA D 261 -9.43 -18.90 7.56
CA ALA D 261 -8.77 -20.19 7.69
C ALA D 261 -9.58 -21.32 7.04
N ALA D 262 -10.87 -21.32 7.36
CA ALA D 262 -11.82 -22.33 6.90
C ALA D 262 -12.14 -22.27 5.41
N VAL D 263 -12.18 -21.08 4.85
CA VAL D 263 -12.46 -20.93 3.43
C VAL D 263 -11.22 -21.34 2.68
N ALA D 264 -10.12 -21.37 3.41
CA ALA D 264 -8.84 -21.77 2.86
C ALA D 264 -8.65 -23.32 2.82
N ALA D 265 -9.18 -24.04 3.82
CA ALA D 265 -9.12 -25.51 3.85
C ALA D 265 -9.61 -26.04 2.53
N PRO D 266 -8.89 -27.01 1.96
CA PRO D 266 -9.13 -27.68 0.68
C PRO D 266 -10.47 -28.43 0.48
N PRO D 267 -11.14 -28.25 -0.70
CA PRO D 267 -10.73 -27.39 -1.84
C PRO D 267 -10.68 -25.90 -1.50
N GLY D 268 -11.70 -25.45 -0.78
CA GLY D 268 -11.74 -24.06 -0.39
C GLY D 268 -12.66 -23.19 -1.22
N ALA D 269 -13.08 -22.09 -0.59
CA ALA D 269 -13.96 -21.09 -1.17
C ALA D 269 -13.27 -19.75 -1.37
N PRO D 270 -12.38 -19.69 -2.36
CA PRO D 270 -11.67 -18.44 -2.62
C PRO D 270 -12.66 -17.30 -2.71
N GLY D 271 -13.85 -17.59 -3.25
CA GLY D 271 -14.87 -16.57 -3.40
C GLY D 271 -15.29 -15.85 -2.11
N LEU D 272 -15.22 -16.56 -0.99
CA LEU D 272 -15.60 -16.01 0.33
C LEU D 272 -14.56 -15.12 1.05
N VAL D 273 -13.31 -15.18 0.57
CA VAL D 273 -12.23 -14.39 1.13
C VAL D 273 -12.51 -12.87 1.13
N PRO D 274 -13.03 -12.34 0.00
CA PRO D 274 -13.34 -10.91 -0.08
C PRO D 274 -14.47 -10.56 0.88
N VAL D 275 -15.42 -11.50 0.97
CA VAL D 275 -16.60 -11.38 1.80
C VAL D 275 -16.26 -11.32 3.28
N VAL D 276 -15.36 -12.20 3.70
CA VAL D 276 -14.96 -12.24 5.09
C VAL D 276 -14.43 -10.88 5.46
N HIS D 277 -13.41 -10.47 4.70
CA HIS D 277 -12.75 -9.19 4.92
C HIS D 277 -13.77 -8.07 4.88
N LEU D 278 -14.63 -8.14 3.89
CA LEU D 278 -15.65 -7.12 3.74
C LEU D 278 -16.46 -6.85 5.01
N TYR D 279 -17.01 -7.91 5.60
CA TYR D 279 -17.79 -7.79 6.80
C TYR D 279 -17.00 -7.39 8.04
N THR D 280 -15.95 -8.16 8.32
CA THR D 280 -15.10 -7.87 9.45
C THR D 280 -14.57 -6.42 9.32
N ASP D 281 -14.05 -6.06 8.14
CA ASP D 281 -13.53 -4.71 7.90
C ASP D 281 -14.58 -3.69 8.24
N ASP D 282 -15.81 -3.98 7.88
CA ASP D 282 -16.88 -3.04 8.14
C ASP D 282 -17.15 -2.72 9.58
N VAL D 283 -17.03 -3.70 10.46
CA VAL D 283 -17.22 -3.42 11.88
C VAL D 283 -16.11 -2.44 12.33
N LEU D 284 -14.85 -2.79 12.03
CA LEU D 284 -13.70 -1.94 12.37
C LEU D 284 -13.90 -0.51 11.93
N VAL D 285 -13.93 -0.36 10.62
CA VAL D 285 -14.08 0.90 9.98
C VAL D 285 -15.27 1.75 10.38
N ARG D 286 -16.50 1.25 10.19
CA ARG D 286 -17.71 2.04 10.46
C ARG D 286 -18.44 1.90 11.81
N LEU D 287 -18.40 0.72 12.42
CA LEU D 287 -19.10 0.56 13.67
C LEU D 287 -18.22 0.76 14.92
N LEU D 288 -17.00 0.18 14.93
CA LEU D 288 -16.14 0.29 16.10
C LEU D 288 -15.78 1.70 16.51
N PRO D 289 -15.58 2.60 15.54
CA PRO D 289 -15.23 3.99 15.87
C PRO D 289 -16.16 4.73 16.89
N ARG D 290 -17.47 4.47 16.85
CA ARG D 290 -18.46 5.11 17.75
C ARG D 290 -18.26 4.82 19.26
N HIS D 291 -17.97 3.56 19.60
CA HIS D 291 -17.76 3.13 21.00
C HIS D 291 -16.27 2.89 21.32
N LEU D 292 -15.46 3.90 21.00
CA LEU D 292 -14.01 3.89 21.25
C LEU D 292 -13.59 5.32 21.63
N TYR E 31 51.67 -33.92 -12.75
CA TYR E 31 51.01 -33.18 -11.65
C TYR E 31 50.60 -31.72 -11.87
N PHE E 32 51.57 -30.86 -12.18
CA PHE E 32 51.32 -29.43 -12.44
C PHE E 32 50.29 -29.23 -13.52
N GLN E 33 49.56 -30.31 -13.73
CA GLN E 33 48.48 -30.39 -14.66
C GLN E 33 47.31 -30.57 -13.70
N SER E 34 47.16 -31.79 -13.17
CA SER E 34 46.06 -32.13 -12.25
C SER E 34 45.62 -31.00 -11.31
N MET E 35 46.55 -30.14 -10.93
CA MET E 35 46.19 -29.04 -10.07
C MET E 35 45.43 -27.97 -10.87
N LEU E 36 45.53 -28.00 -12.19
CA LEU E 36 44.82 -27.05 -13.05
C LEU E 36 43.51 -27.70 -13.40
N ALA E 37 43.50 -29.03 -13.32
CA ALA E 37 42.33 -29.84 -13.65
C ALA E 37 41.36 -29.65 -12.56
N ALA E 38 41.88 -29.52 -11.34
CA ALA E 38 41.06 -29.33 -10.15
C ALA E 38 40.64 -27.90 -10.16
N GLU E 39 41.63 -27.04 -10.40
CA GLU E 39 41.38 -25.61 -10.42
C GLU E 39 40.22 -25.31 -11.36
N ALA E 40 40.10 -26.16 -12.39
CA ALA E 40 39.07 -26.04 -13.41
C ALA E 40 37.71 -26.56 -12.99
N ALA E 41 37.72 -27.73 -12.33
CA ALA E 41 36.51 -28.38 -11.84
C ALA E 41 35.82 -27.50 -10.83
N ASN E 42 36.64 -27.01 -9.90
CA ASN E 42 36.21 -26.15 -8.81
C ASN E 42 35.67 -24.88 -9.40
N ARG E 43 36.41 -24.30 -10.36
CA ARG E 43 35.96 -23.08 -11.03
C ARG E 43 34.58 -23.31 -11.63
N ASP E 44 34.32 -24.51 -12.12
CA ASP E 44 33.01 -24.79 -12.67
C ASP E 44 31.99 -24.78 -11.55
N HIS E 45 32.12 -25.72 -10.62
CA HIS E 45 31.22 -25.88 -9.49
C HIS E 45 30.82 -24.57 -8.82
N VAL E 46 31.81 -23.69 -8.65
CA VAL E 46 31.59 -22.40 -8.02
C VAL E 46 30.75 -21.49 -8.91
N THR E 47 31.21 -21.18 -10.12
CA THR E 47 30.45 -20.30 -11.02
C THR E 47 29.07 -20.85 -11.37
N ARG E 48 28.90 -22.17 -11.29
CA ARG E 48 27.62 -22.83 -11.52
C ARG E 48 26.70 -22.31 -10.45
N CYS E 49 27.17 -22.34 -9.22
CA CYS E 49 26.42 -21.83 -8.09
C CYS E 49 26.18 -20.31 -8.19
N VAL E 50 27.27 -19.54 -8.27
CA VAL E 50 27.21 -18.07 -8.39
C VAL E 50 26.11 -17.61 -9.32
N ALA E 51 26.01 -18.27 -10.47
CA ALA E 51 25.04 -17.93 -11.48
C ALA E 51 23.64 -18.36 -11.18
N GLN E 52 23.42 -19.63 -10.85
CA GLN E 52 22.07 -20.09 -10.56
C GLN E 52 21.48 -19.43 -9.33
N THR E 53 22.17 -18.49 -8.69
CA THR E 53 21.64 -17.77 -7.50
C THR E 53 21.38 -16.32 -7.85
N GLY E 54 21.61 -15.99 -9.11
CA GLY E 54 21.41 -14.65 -9.58
C GLY E 54 22.69 -13.88 -9.75
N GLY E 55 23.81 -14.57 -9.91
CA GLY E 55 25.04 -13.83 -10.10
C GLY E 55 25.00 -13.17 -11.47
N SER E 56 25.52 -11.96 -11.59
CA SER E 56 25.51 -11.28 -12.88
C SER E 56 26.77 -11.67 -13.64
N PRO E 57 26.82 -11.34 -14.93
CA PRO E 57 27.98 -11.65 -15.74
C PRO E 57 29.30 -11.27 -15.04
N ASP E 58 29.34 -10.03 -14.52
CA ASP E 58 30.51 -9.46 -13.83
C ASP E 58 30.91 -10.20 -12.61
N LEU E 59 29.94 -10.70 -11.85
CA LEU E 59 30.28 -11.44 -10.65
C LEU E 59 30.81 -12.86 -10.99
N VAL E 60 30.19 -13.50 -11.99
CA VAL E 60 30.62 -14.83 -12.40
C VAL E 60 32.02 -14.64 -12.94
N ALA E 61 32.21 -13.57 -13.70
CA ALA E 61 33.51 -13.27 -14.22
C ALA E 61 34.48 -13.18 -13.07
N HIS E 62 34.22 -12.25 -12.18
CA HIS E 62 35.04 -12.00 -11.01
C HIS E 62 35.51 -13.27 -10.28
N THR E 63 34.55 -14.12 -9.90
CA THR E 63 34.84 -15.36 -9.19
C THR E 63 35.62 -16.34 -10.08
N ALA E 64 35.19 -16.51 -11.32
CA ALA E 64 35.87 -17.39 -12.24
C ALA E 64 37.38 -17.08 -12.28
N ALA E 65 37.71 -15.82 -12.09
CA ALA E 65 39.09 -15.38 -12.11
C ALA E 65 39.87 -15.46 -10.77
N LEU E 66 39.27 -16.01 -9.71
CA LEU E 66 39.96 -16.10 -8.39
C LEU E 66 40.72 -17.42 -8.38
N ARG E 67 41.68 -17.48 -9.29
CA ARG E 67 42.47 -18.68 -9.47
C ARG E 67 43.03 -19.32 -8.22
N LEU E 68 43.85 -18.60 -7.49
CA LEU E 68 44.45 -19.20 -6.30
C LEU E 68 43.48 -19.79 -5.32
N TYR E 69 42.39 -19.07 -5.07
CA TYR E 69 41.39 -19.56 -4.14
C TYR E 69 40.80 -20.82 -4.65
N LEU E 70 40.47 -20.84 -5.94
CA LEU E 70 39.87 -22.01 -6.55
C LEU E 70 40.75 -23.24 -6.55
N ARG E 71 42.06 -22.97 -6.54
CA ARG E 71 43.11 -23.97 -6.57
C ARG E 71 43.62 -24.52 -5.27
N VAL E 72 43.67 -23.68 -4.24
CA VAL E 72 44.14 -24.11 -2.92
C VAL E 72 43.43 -25.36 -2.32
N PRO E 73 42.12 -25.48 -2.50
CA PRO E 73 41.41 -26.63 -1.96
C PRO E 73 42.03 -27.92 -2.47
N HIS E 74 42.79 -27.81 -3.53
CA HIS E 74 43.40 -28.99 -4.10
C HIS E 74 44.57 -29.39 -3.25
N PHE E 75 45.37 -28.41 -2.89
CA PHE E 75 46.51 -28.71 -2.09
C PHE E 75 46.10 -29.31 -0.76
N LEU E 76 45.06 -28.80 -0.14
CA LEU E 76 44.61 -29.28 1.17
C LEU E 76 44.03 -30.70 1.19
N THR E 77 43.45 -31.10 0.08
CA THR E 77 42.85 -32.41 -0.01
C THR E 77 43.87 -33.47 -0.48
N GLU E 78 45.12 -33.04 -0.68
CA GLU E 78 46.20 -33.91 -1.16
C GLU E 78 46.40 -35.16 -0.33
N TRP E 79 46.11 -35.11 0.96
CA TRP E 79 46.28 -36.27 1.83
C TRP E 79 45.13 -37.29 1.71
N THR E 80 44.13 -36.96 0.88
CA THR E 80 42.95 -37.80 0.66
C THR E 80 43.18 -38.79 -0.48
N THR E 81 43.09 -40.07 -0.15
CA THR E 81 43.31 -41.11 -1.14
C THR E 81 42.17 -41.31 -2.13
N ASP E 82 40.92 -41.57 -1.66
CA ASP E 82 39.81 -41.76 -2.60
C ASP E 82 39.71 -40.51 -3.50
N PRO E 83 39.80 -40.70 -4.82
CA PRO E 83 39.77 -39.65 -5.83
C PRO E 83 38.45 -38.88 -5.84
N ASP E 84 37.37 -39.57 -5.53
CA ASP E 84 36.08 -38.95 -5.56
C ASP E 84 35.82 -38.15 -4.35
N ARG E 85 36.07 -38.73 -3.18
CA ARG E 85 35.86 -37.98 -1.96
C ARG E 85 36.79 -36.79 -2.12
N ARG E 86 38.04 -37.05 -2.49
CA ARG E 86 39.01 -36.00 -2.69
C ARG E 86 38.48 -34.87 -3.58
N ALA E 87 37.85 -35.22 -4.68
CA ALA E 87 37.35 -34.19 -5.56
C ALA E 87 36.08 -33.48 -5.06
N ALA E 88 35.37 -34.13 -4.15
CA ALA E 88 34.14 -33.63 -3.52
C ALA E 88 34.41 -32.60 -2.40
N VAL E 89 35.41 -32.93 -1.60
CA VAL E 89 35.84 -32.07 -0.52
C VAL E 89 36.49 -30.94 -1.20
N SER E 90 37.31 -31.24 -2.19
CA SER E 90 38.04 -30.22 -2.93
C SER E 90 37.11 -29.09 -3.38
N ARG E 91 36.03 -29.46 -4.05
CA ARG E 91 35.06 -28.48 -4.56
C ARG E 91 34.28 -27.81 -3.42
N ALA E 92 33.86 -28.61 -2.43
CA ALA E 92 33.12 -28.07 -1.28
C ALA E 92 33.91 -26.94 -0.58
N LEU E 93 35.20 -27.19 -0.36
CA LEU E 93 36.06 -26.21 0.25
C LEU E 93 36.21 -24.99 -0.63
N ALA E 94 36.18 -25.15 -1.95
CA ALA E 94 36.32 -23.98 -2.82
C ALA E 94 35.12 -23.11 -2.64
N LEU E 95 33.97 -23.74 -2.47
CA LEU E 95 32.74 -23.01 -2.27
C LEU E 95 32.88 -22.03 -1.12
N ASP E 96 33.36 -22.49 0.03
CA ASP E 96 33.52 -21.60 1.18
C ASP E 96 34.67 -20.62 1.09
N ILE E 97 35.81 -21.02 0.53
CA ILE E 97 36.90 -20.07 0.40
C ILE E 97 36.45 -18.92 -0.47
N VAL E 98 35.80 -19.18 -1.61
CA VAL E 98 35.31 -18.07 -2.47
C VAL E 98 34.25 -17.27 -1.69
N SER E 99 33.42 -17.96 -0.90
CA SER E 99 32.39 -17.30 -0.11
C SER E 99 33.01 -16.21 0.70
N MET E 100 34.03 -16.58 1.47
CA MET E 100 34.73 -15.64 2.33
C MET E 100 35.36 -14.56 1.50
N LYS E 101 35.92 -14.93 0.36
CA LYS E 101 36.54 -13.93 -0.47
C LYS E 101 35.56 -12.87 -0.91
N LEU E 102 34.32 -13.24 -1.18
CA LEU E 102 33.35 -12.26 -1.61
C LEU E 102 33.04 -11.30 -0.48
N LEU E 103 32.87 -11.87 0.71
CA LEU E 103 32.57 -11.13 1.96
C LEU E 103 33.68 -10.13 2.18
N ASP E 104 34.86 -10.48 1.76
CA ASP E 104 35.98 -9.60 1.91
C ASP E 104 35.79 -8.42 0.97
N ASP E 105 35.45 -8.68 -0.27
CA ASP E 105 35.25 -7.61 -1.23
C ASP E 105 34.13 -6.70 -0.82
N LEU E 106 33.24 -7.26 -0.01
CA LEU E 106 32.08 -6.55 0.50
C LEU E 106 32.52 -5.54 1.56
N MET E 107 33.59 -5.87 2.28
CA MET E 107 34.09 -4.98 3.30
C MET E 107 35.12 -3.98 2.77
N ASP E 108 36.02 -4.40 1.87
CA ASP E 108 36.96 -3.42 1.32
C ASP E 108 36.14 -2.45 0.48
N ASP E 109 35.15 -3.02 -0.21
CA ASP E 109 34.23 -2.31 -1.10
C ASP E 109 34.86 -1.59 -2.29
N ASP E 110 36.14 -1.82 -2.50
CA ASP E 110 36.80 -1.25 -3.67
C ASP E 110 36.28 -2.01 -4.94
N THR E 111 36.14 -3.33 -4.84
CA THR E 111 35.64 -4.19 -5.93
C THR E 111 34.87 -3.52 -7.06
N GLY E 112 34.02 -2.54 -6.74
CA GLY E 112 33.22 -1.87 -7.76
C GLY E 112 32.08 -2.77 -8.24
N LEU E 113 32.05 -3.97 -7.68
CA LEU E 113 31.04 -4.96 -7.97
C LEU E 113 29.76 -4.55 -7.25
N ASP E 114 28.62 -5.08 -7.64
CA ASP E 114 27.41 -4.72 -6.91
C ASP E 114 27.33 -5.22 -5.46
N ARG E 115 27.10 -4.28 -4.56
CA ARG E 115 26.99 -4.54 -3.13
C ARG E 115 26.07 -5.70 -2.75
N VAL E 116 24.81 -5.65 -3.20
CA VAL E 116 23.78 -6.66 -2.90
C VAL E 116 24.13 -8.07 -3.35
N GLU E 117 24.41 -8.22 -4.64
CA GLU E 117 24.79 -9.52 -5.23
C GLU E 117 25.82 -10.21 -4.33
N LEU E 118 26.91 -9.48 -4.10
CA LEU E 118 28.01 -9.95 -3.29
C LEU E 118 27.54 -10.60 -2.01
N ALA E 119 26.82 -9.84 -1.20
CA ALA E 119 26.33 -10.35 0.07
C ALA E 119 25.52 -11.63 -0.06
N CYS E 120 24.53 -11.64 -0.97
CA CYS E 120 23.63 -12.78 -1.17
C CYS E 120 24.29 -14.02 -1.74
N VAL E 121 25.15 -13.82 -2.75
CA VAL E 121 25.90 -14.92 -3.37
C VAL E 121 26.90 -15.43 -2.34
N CYS E 122 27.48 -14.52 -1.57
CA CYS E 122 28.41 -14.90 -0.55
C CYS E 122 27.71 -15.85 0.42
N LEU E 123 26.62 -15.38 1.01
CA LEU E 123 25.88 -16.19 1.95
C LEU E 123 25.48 -17.50 1.33
N ARG E 124 25.00 -17.45 0.08
CA ARG E 124 24.55 -18.67 -0.61
C ARG E 124 25.65 -19.73 -0.73
N LEU E 125 26.80 -19.36 -1.29
CA LEU E 125 27.96 -20.25 -1.44
C LEU E 125 28.35 -20.84 -0.09
N HIS E 126 28.41 -19.99 0.91
CA HIS E 126 28.74 -20.39 2.24
C HIS E 126 27.83 -21.56 2.75
N LEU E 127 26.52 -21.36 2.66
CA LEU E 127 25.56 -22.36 3.10
C LEU E 127 25.67 -23.63 2.32
N ARG E 128 25.97 -23.51 1.04
CA ARG E 128 26.10 -24.69 0.23
C ARG E 128 27.33 -25.49 0.67
N ALA E 129 28.40 -24.76 0.95
CA ALA E 129 29.66 -25.34 1.39
C ALA E 129 29.39 -26.10 2.68
N LEU E 130 28.78 -25.41 3.62
CA LEU E 130 28.44 -26.02 4.89
C LEU E 130 27.67 -27.32 4.67
N HIS E 131 26.71 -27.26 3.77
CA HIS E 131 25.92 -28.42 3.46
C HIS E 131 26.82 -29.55 2.97
N GLU E 132 27.54 -29.30 1.88
CA GLU E 132 28.45 -30.28 1.27
C GLU E 132 29.50 -30.80 2.20
N LEU E 133 30.22 -29.92 2.86
CA LEU E 133 31.25 -30.37 3.77
C LEU E 133 30.67 -31.28 4.80
N GLU E 134 29.56 -30.88 5.38
CA GLU E 134 28.92 -31.62 6.44
C GLU E 134 28.46 -33.01 6.11
N SER E 135 28.15 -33.27 4.85
CA SER E 135 27.69 -34.60 4.45
C SER E 135 28.86 -35.47 4.00
N LEU E 136 30.00 -34.83 3.83
CA LEU E 136 31.23 -35.51 3.46
C LEU E 136 31.95 -35.99 4.74
N ALA E 137 31.88 -35.18 5.81
CA ALA E 137 32.51 -35.50 7.08
C ALA E 137 31.91 -36.72 7.80
N ARG E 138 32.79 -37.51 8.42
CA ARG E 138 32.41 -38.71 9.17
C ARG E 138 31.43 -38.35 10.27
N ASP E 139 31.78 -37.31 11.04
CA ASP E 139 30.94 -36.83 12.13
C ASP E 139 30.41 -35.40 11.81
N PRO E 140 29.08 -35.24 11.54
CA PRO E 140 28.54 -33.89 11.20
C PRO E 140 28.92 -32.72 12.11
N LYS E 141 29.00 -33.00 13.42
CA LYS E 141 29.38 -31.98 14.37
C LYS E 141 30.78 -31.37 14.06
N ALA E 142 31.76 -32.19 13.73
CA ALA E 142 33.10 -31.72 13.42
C ALA E 142 33.20 -30.49 12.57
N VAL E 143 32.33 -30.31 11.59
CA VAL E 143 32.42 -29.13 10.73
C VAL E 143 32.27 -27.79 11.47
N THR E 144 31.13 -27.62 12.16
CA THR E 144 30.84 -26.39 12.93
C THR E 144 31.77 -26.22 14.13
N ASP E 145 32.35 -27.35 14.53
CA ASP E 145 33.32 -27.45 15.62
C ASP E 145 34.55 -26.71 15.14
N ILE E 146 35.19 -27.25 14.13
CA ILE E 146 36.39 -26.65 13.57
C ILE E 146 36.18 -25.21 13.22
N LEU E 147 35.03 -24.95 12.61
CA LEU E 147 34.64 -23.62 12.16
C LEU E 147 34.43 -22.61 13.27
N GLU E 148 33.99 -23.09 14.43
CA GLU E 148 33.74 -22.24 15.61
C GLU E 148 35.00 -22.15 16.48
N GLN E 149 35.39 -23.30 16.99
CA GLN E 149 36.53 -23.48 17.87
C GLN E 149 37.70 -22.50 17.87
N ASP E 150 37.69 -21.47 17.01
CA ASP E 150 38.78 -20.49 17.02
C ASP E 150 38.42 -19.22 16.25
N ALA E 151 37.13 -19.16 15.88
CA ALA E 151 36.51 -18.07 15.12
C ALA E 151 36.78 -16.74 15.73
N VAL E 152 36.72 -16.72 17.06
CA VAL E 152 36.95 -15.52 17.86
C VAL E 152 38.28 -14.90 17.51
N HIS E 153 39.29 -15.76 17.41
CA HIS E 153 40.65 -15.37 17.10
C HIS E 153 40.84 -14.85 15.66
N LEU E 154 40.23 -15.55 14.70
CA LEU E 154 40.32 -15.20 13.28
C LEU E 154 39.59 -13.91 12.94
N CYS E 155 38.42 -13.70 13.56
CA CYS E 155 37.61 -12.51 13.33
C CYS E 155 38.16 -11.30 14.08
N GLY E 156 38.62 -11.54 15.31
CA GLY E 156 39.19 -10.47 16.09
C GLY E 156 40.48 -10.15 15.39
N GLY E 157 41.28 -11.19 15.21
CA GLY E 157 42.55 -11.05 14.53
C GLY E 157 42.43 -10.21 13.28
N GLN E 158 41.39 -10.42 12.52
CA GLN E 158 41.21 -9.66 11.29
C GLN E 158 40.80 -8.20 11.53
N ILE E 159 40.03 -7.94 12.60
CA ILE E 159 39.59 -6.58 12.88
C ILE E 159 40.78 -5.78 13.33
N ARG E 160 41.54 -6.35 14.26
CA ARG E 160 42.73 -5.69 14.80
C ARG E 160 43.68 -5.37 13.67
N THR E 161 43.97 -6.38 12.87
CA THR E 161 44.86 -6.27 11.73
C THR E 161 44.69 -4.96 11.00
N LYS E 162 43.45 -4.57 10.75
CA LYS E 162 43.17 -3.34 10.00
C LYS E 162 43.01 -2.07 10.83
N ARG E 163 42.83 -2.22 12.14
CA ARG E 163 42.67 -1.07 13.05
C ARG E 163 44.02 -0.48 13.40
N SER E 164 44.89 -1.32 13.98
CA SER E 164 46.25 -0.94 14.38
C SER E 164 47.30 -1.42 13.34
N ARG E 165 47.08 -1.09 12.06
CA ARG E 165 47.97 -1.46 10.96
C ARG E 165 49.43 -1.56 11.47
N ALA E 166 50.11 -2.67 11.16
CA ALA E 166 51.47 -2.90 11.64
C ALA E 166 52.57 -1.99 11.10
N THR E 167 53.68 -1.94 11.86
CA THR E 167 54.83 -1.09 11.55
C THR E 167 56.20 -1.75 11.33
N ASN E 168 56.33 -3.04 11.66
CA ASN E 168 57.59 -3.75 11.49
C ASN E 168 57.36 -5.27 11.32
N LEU E 169 58.27 -5.95 10.62
CA LEU E 169 58.09 -7.38 10.39
C LEU E 169 57.61 -8.19 11.60
N ARG E 170 58.05 -7.86 12.80
CA ARG E 170 57.60 -8.66 13.94
C ARG E 170 56.07 -8.66 14.12
N GLU E 171 55.47 -7.54 13.74
CA GLU E 171 54.03 -7.29 13.82
C GLU E 171 53.29 -7.85 12.61
N TRP E 172 53.60 -7.27 11.44
CA TRP E 172 53.00 -7.68 10.17
C TRP E 172 52.78 -9.19 10.23
N ARG E 173 53.84 -9.89 10.62
CA ARG E 173 53.86 -11.35 10.77
C ARG E 173 52.74 -11.83 11.71
N ALA E 174 52.74 -11.36 12.96
CA ALA E 174 51.72 -11.77 13.91
C ALA E 174 50.32 -11.42 13.40
N HIS E 175 50.24 -10.36 12.58
CA HIS E 175 48.95 -9.96 12.01
C HIS E 175 48.56 -11.00 11.00
N ALA E 176 49.42 -11.17 10.00
CA ALA E 176 49.18 -12.14 8.95
C ALA E 176 49.04 -13.57 9.45
N SER E 177 49.37 -13.83 10.71
CA SER E 177 49.27 -15.19 11.23
C SER E 177 47.87 -15.53 11.77
N THR E 178 46.93 -14.64 11.51
CA THR E 178 45.54 -14.80 11.95
C THR E 178 44.62 -14.67 10.75
N TYR E 179 44.65 -13.49 10.11
CA TYR E 179 43.82 -13.24 8.93
C TYR E 179 44.28 -14.11 7.78
N GLY E 180 45.44 -14.77 7.91
CA GLY E 180 45.97 -15.63 6.86
C GLY E 180 46.16 -17.05 7.31
N SER E 181 47.07 -17.29 8.23
CA SER E 181 47.30 -18.63 8.69
C SER E 181 46.09 -19.28 9.36
N THR E 182 45.56 -18.64 10.40
CA THR E 182 44.41 -19.23 11.08
C THR E 182 43.23 -19.42 10.13
N PHE E 183 43.19 -18.60 9.08
CA PHE E 183 42.09 -18.65 8.10
C PHE E 183 42.05 -19.91 7.28
N LEU E 184 43.15 -20.12 6.57
CA LEU E 184 43.34 -21.28 5.71
C LEU E 184 43.60 -22.49 6.59
N GLY E 185 44.16 -22.25 7.76
CA GLY E 185 44.43 -23.33 8.69
C GLY E 185 43.15 -24.12 8.94
N ARG E 186 42.06 -23.40 9.22
CA ARG E 186 40.77 -24.02 9.49
C ARG E 186 40.33 -24.87 8.34
N TYR E 187 40.48 -24.36 7.11
CA TYR E 187 40.09 -25.14 5.93
C TYR E 187 40.85 -26.45 5.85
N GLY E 188 42.16 -26.40 6.16
CA GLY E 188 42.99 -27.59 6.17
C GLY E 188 42.45 -28.58 7.17
N ALA E 189 42.01 -28.04 8.29
CA ALA E 189 41.44 -28.82 9.38
C ALA E 189 40.15 -29.51 8.90
N LEU E 190 39.41 -28.76 8.09
CA LEU E 190 38.17 -29.23 7.53
C LEU E 190 38.50 -30.37 6.55
N ALA E 191 39.45 -30.10 5.66
CA ALA E 191 39.84 -31.08 4.66
C ALA E 191 40.14 -32.40 5.33
N ALA E 192 40.84 -32.37 6.45
CA ALA E 192 41.21 -33.58 7.18
C ALA E 192 40.00 -34.30 7.72
N ALA E 193 39.07 -33.55 8.32
CA ALA E 193 37.87 -34.15 8.90
C ALA E 193 36.83 -34.68 7.86
N CYS E 194 36.58 -33.91 6.82
CA CYS E 194 35.62 -34.31 5.78
C CYS E 194 36.26 -35.25 4.81
N GLY E 195 37.55 -35.03 4.63
CA GLY E 195 38.36 -35.80 3.69
C GLY E 195 38.52 -37.30 3.84
N GLY E 196 38.05 -37.87 4.92
CA GLY E 196 38.21 -39.29 4.95
C GLY E 196 39.30 -39.77 5.85
N GLU E 197 38.83 -40.72 6.66
CA GLU E 197 39.57 -41.43 7.69
C GLU E 197 41.04 -41.72 7.32
N GLY E 198 41.87 -41.59 8.36
CA GLY E 198 43.29 -41.82 8.22
C GLY E 198 44.06 -40.60 7.73
N GLN E 199 43.68 -39.42 8.15
CA GLN E 199 44.43 -38.29 7.65
C GLN E 199 45.20 -37.69 8.82
N PRO E 200 46.47 -37.30 8.59
CA PRO E 200 47.34 -36.70 9.61
C PRO E 200 46.92 -35.29 10.01
N ALA E 201 45.69 -35.19 10.50
CA ALA E 201 45.05 -33.95 10.92
C ALA E 201 45.94 -32.72 11.09
N ASP E 202 46.88 -32.80 12.03
CA ASP E 202 47.81 -31.71 12.36
C ASP E 202 48.76 -31.26 11.27
N SER E 203 49.26 -32.21 10.50
CA SER E 203 50.18 -31.93 9.41
C SER E 203 49.46 -31.12 8.32
N VAL E 204 48.25 -31.55 7.98
CA VAL E 204 47.49 -30.84 6.97
C VAL E 204 47.37 -29.39 7.45
N ARG E 205 46.96 -29.21 8.70
CA ARG E 205 46.77 -27.87 9.21
C ARG E 205 48.04 -27.08 9.18
N GLU E 206 49.10 -27.68 9.69
CA GLU E 206 50.41 -27.02 9.73
C GLU E 206 50.80 -26.57 8.31
N PHE E 207 50.67 -27.47 7.34
CA PHE E 207 50.98 -27.14 5.96
C PHE E 207 50.21 -25.90 5.55
N ALA E 208 48.89 -25.94 5.78
CA ALA E 208 47.95 -24.87 5.44
C ALA E 208 48.36 -23.52 5.94
N GLU E 209 48.74 -23.47 7.22
CA GLU E 209 49.15 -22.23 7.84
C GLU E 209 50.44 -21.64 7.28
N ALA E 210 51.44 -22.50 7.09
CA ALA E 210 52.69 -22.04 6.51
C ALA E 210 52.39 -21.49 5.08
N PHE E 211 51.81 -22.35 4.24
CA PHE E 211 51.44 -22.01 2.86
C PHE E 211 50.66 -20.71 2.81
N ALA E 212 49.70 -20.59 3.72
CA ALA E 212 48.86 -19.41 3.81
C ALA E 212 49.72 -18.16 4.02
N MET E 213 50.63 -18.16 4.97
CA MET E 213 51.40 -16.94 5.15
C MET E 213 52.33 -16.60 3.99
N THR E 214 52.84 -17.64 3.30
CA THR E 214 53.74 -17.44 2.14
C THR E 214 52.94 -16.73 1.05
N ILE E 215 51.67 -17.11 0.89
CA ILE E 215 50.79 -16.46 -0.08
C ILE E 215 50.49 -15.04 0.36
N THR E 216 50.40 -14.83 1.68
CA THR E 216 50.10 -13.51 2.26
C THR E 216 51.14 -12.52 1.84
N MET E 217 52.39 -12.88 2.05
CA MET E 217 53.47 -11.99 1.70
C MET E 217 53.43 -11.76 0.23
N ALA E 218 53.23 -12.85 -0.48
CA ALA E 218 53.16 -12.83 -1.92
C ALA E 218 52.19 -11.74 -2.33
N ASP E 219 51.10 -11.63 -1.59
CA ASP E 219 50.09 -10.64 -1.84
C ASP E 219 50.64 -9.26 -1.65
N ASP E 220 50.86 -8.89 -0.39
CA ASP E 220 51.36 -7.57 -0.02
C ASP E 220 52.39 -6.99 -0.98
N LEU E 221 53.27 -7.82 -1.57
CA LEU E 221 54.28 -7.35 -2.52
C LEU E 221 53.74 -7.04 -3.92
N THR E 222 52.67 -7.73 -4.30
CA THR E 222 52.03 -7.50 -5.58
C THR E 222 51.17 -6.23 -5.41
N ASP E 223 50.41 -6.21 -4.32
CA ASP E 223 49.46 -5.14 -3.92
C ASP E 223 50.03 -3.74 -3.65
N TYR E 224 51.34 -3.63 -3.47
CA TYR E 224 51.97 -2.31 -3.22
C TYR E 224 52.09 -1.61 -4.57
N ASP E 225 52.52 -2.38 -5.58
CA ASP E 225 52.69 -1.88 -6.93
C ASP E 225 51.32 -1.82 -7.62
N ARG E 226 50.85 -3.01 -8.00
CA ARG E 226 49.59 -3.21 -8.75
C ARG E 226 48.45 -2.22 -8.47
N ASN E 227 48.22 -1.89 -7.21
CA ASN E 227 47.17 -0.93 -6.91
C ASN E 227 47.53 -0.13 -5.66
N GLY E 228 48.57 0.71 -5.79
CA GLY E 228 49.03 1.53 -4.68
C GLY E 228 48.29 1.40 -3.36
N GLU E 229 48.86 0.59 -2.46
CA GLU E 229 48.33 0.34 -1.11
C GLU E 229 49.60 0.58 -0.28
N ARG E 230 49.51 1.06 0.95
CA ARG E 230 50.77 1.34 1.61
C ARG E 230 50.86 1.36 3.15
N ASP E 231 49.73 1.44 3.83
CA ASP E 231 49.79 1.54 5.29
C ASP E 231 49.80 0.23 6.10
N GLY E 232 50.99 -0.26 6.44
CA GLY E 232 51.09 -1.51 7.17
C GLY E 232 51.37 -2.65 6.21
N ASN E 233 51.54 -2.27 4.94
CA ASN E 233 51.83 -3.18 3.83
C ASN E 233 53.31 -3.59 3.89
N LEU E 234 53.58 -4.90 3.86
CA LEU E 234 54.95 -5.40 3.93
C LEU E 234 55.96 -4.78 2.96
N ALA E 235 55.51 -4.43 1.76
CA ALA E 235 56.37 -3.82 0.73
C ALA E 235 56.82 -2.43 1.14
N HIS E 236 55.94 -1.75 1.84
CA HIS E 236 56.22 -0.41 2.33
C HIS E 236 57.21 -0.53 3.46
N LEU E 237 56.87 -1.28 4.49
CA LEU E 237 57.76 -1.44 5.60
C LEU E 237 59.18 -1.78 5.15
N MET E 238 59.31 -2.28 3.93
CA MET E 238 60.61 -2.61 3.38
C MET E 238 61.17 -1.34 2.78
N ARG E 239 60.37 -0.60 2.01
CA ARG E 239 60.78 0.68 1.41
C ARG E 239 61.18 1.69 2.48
N THR E 240 60.37 1.78 3.52
CA THR E 240 60.59 2.68 4.65
C THR E 240 61.74 2.21 5.56
N GLY E 241 62.45 1.17 5.14
CA GLY E 241 63.54 0.68 5.92
C GLY E 241 63.10 0.24 7.31
N ALA E 242 61.81 0.00 7.48
CA ALA E 242 61.32 -0.42 8.80
C ALA E 242 61.40 -1.95 8.93
N VAL E 243 61.54 -2.62 7.78
CA VAL E 243 61.66 -4.07 7.72
C VAL E 243 62.88 -4.45 6.86
N ALA E 244 63.69 -5.36 7.40
CA ALA E 244 64.93 -5.82 6.78
C ALA E 244 64.82 -6.83 5.62
N GLY E 245 65.28 -6.43 4.44
CA GLY E 245 65.22 -7.33 3.30
C GLY E 245 65.63 -8.75 3.67
N GLN E 246 66.78 -8.89 4.30
CA GLN E 246 67.31 -10.19 4.69
C GLN E 246 66.37 -10.93 5.60
N ASP E 247 65.51 -10.20 6.32
CA ASP E 247 64.57 -10.83 7.27
C ASP E 247 63.32 -11.32 6.64
N VAL E 248 62.91 -10.59 5.61
CA VAL E 248 61.74 -10.96 4.84
C VAL E 248 62.12 -12.31 4.24
N VAL E 249 63.26 -12.34 3.56
CA VAL E 249 63.80 -13.56 2.95
C VAL E 249 63.95 -14.68 3.97
N ASP E 250 64.35 -14.33 5.18
CA ASP E 250 64.50 -15.31 6.24
C ASP E 250 63.17 -15.89 6.61
N LEU E 251 62.20 -15.01 6.80
CA LEU E 251 60.84 -15.45 7.13
C LEU E 251 60.34 -16.41 6.06
N LEU E 252 60.40 -15.96 4.81
CA LEU E 252 59.96 -16.70 3.63
C LEU E 252 60.42 -18.10 3.67
N GLU E 253 61.73 -18.21 3.82
CA GLU E 253 62.37 -19.47 3.86
C GLU E 253 62.06 -20.28 5.08
N GLU E 254 61.78 -19.62 6.20
CA GLU E 254 61.44 -20.34 7.42
C GLU E 254 60.05 -20.97 7.24
N LEU E 255 59.24 -20.30 6.41
CA LEU E 255 57.87 -20.75 6.08
C LEU E 255 57.96 -21.96 5.14
N ARG E 256 58.84 -21.86 4.15
CA ARG E 256 59.07 -22.98 3.21
C ARG E 256 59.49 -24.19 4.08
N GLY E 257 60.24 -23.91 5.14
CA GLY E 257 60.66 -24.98 6.02
C GLY E 257 59.45 -25.64 6.65
N ARG E 258 58.71 -24.87 7.44
CA ARG E 258 57.53 -25.35 8.14
C ARG E 258 56.66 -26.19 7.18
N ALA E 259 56.39 -25.67 5.98
CA ALA E 259 55.54 -26.31 4.99
C ALA E 259 56.03 -27.69 4.57
N LEU E 260 57.22 -27.69 3.96
CA LEU E 260 57.94 -28.86 3.47
C LEU E 260 57.97 -29.93 4.52
N ALA E 261 58.20 -29.49 5.76
CA ALA E 261 58.26 -30.37 6.90
C ALA E 261 56.96 -31.13 7.07
N ALA E 262 55.84 -30.44 6.96
CA ALA E 262 54.51 -31.02 7.16
C ALA E 262 54.03 -32.00 6.09
N VAL E 263 54.38 -31.68 4.84
CA VAL E 263 54.02 -32.54 3.72
C VAL E 263 54.86 -33.82 3.84
N ALA E 264 55.97 -33.72 4.59
CA ALA E 264 56.91 -34.82 4.84
C ALA E 264 56.43 -35.77 5.97
N ALA E 265 55.76 -35.23 6.98
CA ALA E 265 55.23 -36.06 8.05
C ALA E 265 54.40 -37.14 7.39
N PRO E 266 54.54 -38.35 7.89
CA PRO E 266 53.88 -39.61 7.47
C PRO E 266 52.34 -39.71 7.56
N PRO E 267 51.67 -40.25 6.49
CA PRO E 267 52.26 -40.75 5.23
C PRO E 267 52.93 -39.65 4.39
N GLY E 268 52.35 -38.46 4.35
CA GLY E 268 52.96 -37.40 3.60
C GLY E 268 52.43 -37.19 2.19
N ALA E 269 52.57 -35.95 1.73
CA ALA E 269 52.11 -35.53 0.43
C ALA E 269 53.26 -35.20 -0.49
N PRO E 270 53.96 -36.21 -1.03
CA PRO E 270 55.06 -35.95 -1.95
C PRO E 270 54.68 -34.99 -3.06
N GLY E 271 53.42 -35.08 -3.46
CA GLY E 271 52.95 -34.23 -4.52
C GLY E 271 53.03 -32.74 -4.25
N LEU E 272 52.90 -32.33 -2.99
CA LEU E 272 52.94 -30.90 -2.63
C LEU E 272 54.34 -30.25 -2.55
N VAL E 273 55.38 -31.07 -2.50
CA VAL E 273 56.75 -30.61 -2.39
C VAL E 273 57.11 -29.66 -3.52
N PRO E 274 56.75 -30.02 -4.75
CA PRO E 274 57.09 -29.15 -5.87
C PRO E 274 56.36 -27.83 -5.77
N VAL E 275 55.10 -27.92 -5.26
CA VAL E 275 54.14 -26.81 -5.06
C VAL E 275 54.66 -25.80 -4.08
N VAL E 276 55.11 -26.32 -2.96
CA VAL E 276 55.67 -25.49 -1.91
C VAL E 276 56.78 -24.66 -2.53
N HIS E 277 57.81 -25.34 -3.01
CA HIS E 277 58.92 -24.65 -3.61
C HIS E 277 58.45 -23.70 -4.66
N LEU E 278 57.50 -24.15 -5.46
CA LEU E 278 57.01 -23.33 -6.54
C LEU E 278 56.58 -21.96 -6.06
N TYR E 279 55.71 -21.96 -5.06
CA TYR E 279 55.19 -20.71 -4.57
C TYR E 279 56.21 -19.81 -3.89
N THR E 280 56.88 -20.40 -2.90
CA THR E 280 57.90 -19.71 -2.14
C THR E 280 58.98 -19.20 -3.06
N ASP E 281 59.41 -20.05 -4.01
CA ASP E 281 60.43 -19.65 -5.00
C ASP E 281 59.94 -18.44 -5.80
N ASP E 282 58.66 -18.41 -6.16
CA ASP E 282 58.15 -17.31 -6.94
C ASP E 282 58.24 -15.96 -6.28
N VAL E 283 57.99 -15.90 -4.98
CA VAL E 283 58.08 -14.63 -4.27
C VAL E 283 59.55 -14.14 -4.40
N LEU E 284 60.50 -15.00 -4.03
CA LEU E 284 61.94 -14.69 -4.09
C LEU E 284 62.33 -14.18 -5.47
N VAL E 285 62.10 -15.02 -6.46
CA VAL E 285 62.46 -14.74 -7.83
C VAL E 285 61.80 -13.54 -8.47
N ARG E 286 60.46 -13.51 -8.46
CA ARG E 286 59.73 -12.43 -9.12
C ARG E 286 59.20 -11.23 -8.31
N LEU E 287 58.83 -11.44 -7.07
CA LEU E 287 58.31 -10.34 -6.29
C LEU E 287 59.34 -9.61 -5.41
N LEU E 288 60.15 -10.36 -4.65
CA LEU E 288 61.12 -9.71 -3.77
C LEU E 288 62.10 -8.77 -4.42
N PRO E 289 62.51 -9.04 -5.68
CA PRO E 289 63.46 -8.17 -6.36
C PRO E 289 63.08 -6.68 -6.39
N ARG E 290 61.80 -6.39 -6.60
CA ARG E 290 61.29 -5.00 -6.66
C ARG E 290 61.55 -4.12 -5.40
N HIS E 291 61.33 -4.71 -4.22
CA HIS E 291 61.51 -4.01 -2.96
C HIS E 291 62.78 -4.45 -2.25
N LEU E 292 63.89 -4.39 -2.97
CA LEU E 292 65.21 -4.74 -2.43
C LEU E 292 66.21 -3.77 -3.04
N TYR F 31 3.13 -12.85 31.20
CA TYR F 31 3.88 -13.19 29.94
C TYR F 31 4.65 -12.03 29.26
N PHE F 32 3.93 -10.96 28.92
CA PHE F 32 4.55 -9.79 28.27
C PHE F 32 5.75 -9.28 29.08
N GLN F 33 6.24 -10.13 29.95
CA GLN F 33 7.37 -9.92 30.82
C GLN F 33 8.35 -10.89 30.24
N SER F 34 8.19 -12.18 30.56
CA SER F 34 9.08 -13.24 30.10
C SER F 34 9.64 -13.02 28.71
N MET F 35 8.85 -12.38 27.85
CA MET F 35 9.33 -12.09 26.49
C MET F 35 10.41 -10.97 26.53
N LEU F 36 10.44 -10.21 27.63
CA LEU F 36 11.41 -9.14 27.79
C LEU F 36 12.57 -9.73 28.53
N ALA F 37 12.28 -10.81 29.24
CA ALA F 37 13.26 -11.52 30.05
C ALA F 37 14.17 -12.23 29.10
N ALA F 38 13.55 -12.71 28.02
CA ALA F 38 14.28 -13.43 26.97
C ALA F 38 14.98 -12.39 26.12
N GLU F 39 14.23 -11.38 25.72
CA GLU F 39 14.83 -10.35 24.90
C GLU F 39 16.11 -9.85 25.58
N ALA F 40 16.11 -9.90 26.93
CA ALA F 40 17.24 -9.45 27.76
C ALA F 40 18.40 -10.45 27.76
N ALA F 41 18.08 -11.73 27.93
CA ALA F 41 19.11 -12.77 27.97
C ALA F 41 19.85 -12.83 26.67
N ASN F 42 19.06 -12.80 25.61
CA ASN F 42 19.55 -12.89 24.25
C ASN F 42 20.36 -11.67 23.99
N ARG F 43 19.87 -10.52 24.40
CA ARG F 43 20.65 -9.31 24.21
C ARG F 43 22.01 -9.44 24.88
N ASP F 44 22.08 -10.13 26.00
CA ASP F 44 23.36 -10.32 26.68
C ASP F 44 24.25 -11.24 25.86
N HIS F 45 23.80 -12.48 25.66
CA HIS F 45 24.54 -13.47 24.90
C HIS F 45 25.13 -12.90 23.61
N VAL F 46 24.33 -12.11 22.91
CA VAL F 46 24.75 -11.50 21.65
C VAL F 46 25.88 -10.50 21.85
N THR F 47 25.64 -9.44 22.63
CA THR F 47 26.66 -8.41 22.86
C THR F 47 27.93 -8.96 23.54
N ARG F 48 27.77 -10.06 24.28
CA ARG F 48 28.90 -10.72 24.92
C ARG F 48 29.85 -11.13 23.80
N CYS F 49 29.26 -11.74 22.81
CA CYS F 49 29.96 -12.21 21.64
C CYS F 49 30.52 -11.03 20.82
N VAL F 50 29.63 -10.13 20.39
CA VAL F 50 30.00 -8.97 19.60
C VAL F 50 31.24 -8.35 20.13
N ALA F 51 31.29 -8.23 21.45
CA ALA F 51 32.42 -7.62 22.13
C ALA F 51 33.67 -8.44 22.16
N GLN F 52 33.58 -9.64 22.72
CA GLN F 52 34.75 -10.49 22.79
C GLN F 52 35.35 -10.85 21.42
N THR F 53 34.81 -10.29 20.33
CA THR F 53 35.32 -10.55 18.99
C THR F 53 35.91 -9.29 18.42
N GLY F 54 35.91 -8.25 19.25
CA GLY F 54 36.46 -6.97 18.86
C GLY F 54 35.42 -5.95 18.43
N GLY F 55 34.20 -6.11 18.90
CA GLY F 55 33.18 -5.15 18.53
C GLY F 55 33.49 -3.85 19.25
N SER F 56 33.29 -2.71 18.60
CA SER F 56 33.57 -1.44 19.25
C SER F 56 32.32 -0.99 20.02
N PRO F 57 32.44 0.07 20.85
CA PRO F 57 31.33 0.60 21.65
C PRO F 57 30.10 0.77 20.82
N ASP F 58 30.28 1.46 19.69
CA ASP F 58 29.23 1.72 18.70
C ASP F 58 28.52 0.48 18.14
N LEU F 59 29.28 -0.57 17.84
CA LEU F 59 28.67 -1.78 17.31
C LEU F 59 27.94 -2.55 18.42
N VAL F 60 28.50 -2.63 19.62
CA VAL F 60 27.82 -3.33 20.70
C VAL F 60 26.54 -2.56 20.96
N ALA F 61 26.65 -1.24 20.92
CA ALA F 61 25.49 -0.39 21.11
C ALA F 61 24.45 -0.78 20.09
N HIS F 62 24.82 -0.62 18.83
CA HIS F 62 23.94 -0.96 17.70
C HIS F 62 23.19 -2.26 17.84
N THR F 63 23.90 -3.35 18.07
CA THR F 63 23.29 -4.65 18.23
C THR F 63 22.42 -4.73 19.47
N ALA F 64 22.89 -4.20 20.59
CA ALA F 64 22.13 -4.22 21.85
C ALA F 64 20.73 -3.62 21.64
N ALA F 65 20.66 -2.69 20.69
CA ALA F 65 19.44 -1.99 20.37
C ALA F 65 18.51 -2.66 19.32
N LEU F 66 18.88 -3.81 18.77
CA LEU F 66 18.04 -4.49 17.77
C LEU F 66 17.01 -5.32 18.49
N ARG F 67 16.15 -4.61 19.20
CA ARG F 67 15.15 -5.24 20.03
C ARG F 67 14.35 -6.31 19.40
N LEU F 68 13.67 -6.00 18.32
CA LEU F 68 12.82 -7.01 17.72
C LEU F 68 13.53 -8.30 17.33
N TYR F 69 14.72 -8.17 16.76
CA TYR F 69 15.49 -9.33 16.32
C TYR F 69 15.80 -10.18 17.50
N LEU F 70 16.28 -9.51 18.56
CA LEU F 70 16.67 -10.16 19.80
C LEU F 70 15.54 -10.93 20.48
N ARG F 71 14.34 -10.45 20.22
CA ARG F 71 13.10 -10.94 20.80
C ARG F 71 12.37 -12.04 20.02
N VAL F 72 12.40 -11.95 18.71
CA VAL F 72 11.76 -12.93 17.84
C VAL F 72 12.08 -14.40 18.13
N PRO F 73 13.34 -14.73 18.45
CA PRO F 73 13.75 -16.09 18.75
C PRO F 73 12.97 -16.62 19.92
N HIS F 74 12.34 -15.73 20.67
CA HIS F 74 11.55 -16.16 21.81
C HIS F 74 10.24 -16.70 21.29
N PHE F 75 9.62 -15.97 20.37
CA PHE F 75 8.36 -16.41 19.82
C PHE F 75 8.49 -17.78 19.09
N LEU F 76 9.55 -17.99 18.31
CA LEU F 76 9.73 -19.24 17.58
C LEU F 76 9.94 -20.47 18.46
N THR F 77 10.53 -20.27 19.63
CA THR F 77 10.84 -21.37 20.56
C THR F 77 9.71 -21.69 21.52
N GLU F 78 8.60 -20.97 21.35
CA GLU F 78 7.45 -21.12 22.20
C GLU F 78 6.88 -22.52 22.27
N TRP F 79 7.07 -23.31 21.22
CA TRP F 79 6.56 -24.69 21.21
C TRP F 79 7.49 -25.66 21.96
N THR F 80 8.60 -25.13 22.47
CA THR F 80 9.59 -25.93 23.19
C THR F 80 9.24 -25.96 24.66
N THR F 81 9.00 -27.16 25.18
CA THR F 81 8.67 -27.33 26.59
C THR F 81 9.85 -27.18 27.59
N ASP F 82 10.92 -27.97 27.43
CA ASP F 82 12.07 -27.84 28.33
C ASP F 82 12.54 -26.38 28.32
N PRO F 83 12.49 -25.75 29.48
CA PRO F 83 12.89 -24.35 29.68
C PRO F 83 14.32 -24.02 29.27
N ASP F 84 15.23 -24.96 29.53
CA ASP F 84 16.63 -24.73 29.25
C ASP F 84 16.95 -24.87 27.80
N ARG F 85 16.43 -25.93 27.17
CA ARG F 85 16.65 -26.18 25.76
C ARG F 85 16.01 -24.94 25.14
N ARG F 86 14.77 -24.68 25.50
CA ARG F 86 14.12 -23.51 24.97
C ARG F 86 14.97 -22.25 25.06
N ALA F 87 15.60 -22.00 26.21
CA ALA F 87 16.44 -20.80 26.36
C ALA F 87 17.77 -20.81 25.58
N ALA F 88 18.23 -22.03 25.28
CA ALA F 88 19.47 -22.31 24.54
C ALA F 88 19.31 -22.11 23.04
N VAL F 89 18.18 -22.60 22.53
CA VAL F 89 17.84 -22.45 21.14
C VAL F 89 17.48 -20.99 20.94
N SER F 90 16.76 -20.43 21.92
CA SER F 90 16.35 -19.04 21.87
C SER F 90 17.52 -18.13 21.62
N ARG F 91 18.55 -18.28 22.45
CA ARG F 91 19.75 -17.48 22.29
C ARG F 91 20.57 -17.82 21.02
N ALA F 92 20.73 -19.12 20.72
CA ALA F 92 21.45 -19.56 19.54
C ALA F 92 20.84 -18.91 18.29
N LEU F 93 19.50 -18.94 18.18
CA LEU F 93 18.78 -18.32 17.04
C LEU F 93 18.98 -16.79 16.96
N ALA F 94 19.14 -16.15 18.12
CA ALA F 94 19.35 -14.70 18.15
C ALA F 94 20.70 -14.39 17.54
N LEU F 95 21.66 -15.27 17.80
CA LEU F 95 23.00 -15.11 17.28
C LEU F 95 22.95 -15.01 15.78
N ASP F 96 22.31 -15.96 15.12
CA ASP F 96 22.24 -15.90 13.68
C ASP F 96 21.35 -14.78 13.13
N ILE F 97 20.20 -14.52 13.76
CA ILE F 97 19.35 -13.42 13.26
C ILE F 97 20.11 -12.09 13.28
N VAL F 98 20.84 -11.82 14.37
CA VAL F 98 21.61 -10.57 14.43
C VAL F 98 22.71 -10.67 13.40
N SER F 99 23.28 -11.87 13.23
CA SER F 99 24.33 -12.06 12.27
C SER F 99 23.88 -11.52 10.91
N MET F 100 22.74 -12.03 10.45
CA MET F 100 22.21 -11.61 9.17
C MET F 100 21.89 -10.14 9.13
N LYS F 101 21.40 -9.63 10.25
CA LYS F 101 21.06 -8.24 10.31
C LYS F 101 22.27 -7.39 10.10
N LEU F 102 23.43 -7.84 10.57
CA LEU F 102 24.67 -7.08 10.39
C LEU F 102 25.08 -7.05 8.94
N LEU F 103 25.00 -8.24 8.32
CA LEU F 103 25.34 -8.44 6.91
C LEU F 103 24.47 -7.53 6.08
N ASP F 104 23.26 -7.28 6.55
CA ASP F 104 22.35 -6.41 5.84
C ASP F 104 22.87 -4.97 5.93
N ASP F 105 23.32 -4.53 7.10
CA ASP F 105 23.84 -3.18 7.24
C ASP F 105 25.09 -2.99 6.43
N LEU F 106 25.73 -4.12 6.13
CA LEU F 106 26.95 -4.14 5.36
C LEU F 106 26.66 -3.89 3.89
N MET F 107 25.49 -4.33 3.44
CA MET F 107 25.10 -4.10 2.06
C MET F 107 24.37 -2.77 1.86
N ASP F 108 23.47 -2.37 2.76
CA ASP F 108 22.81 -1.07 2.59
C ASP F 108 23.93 0.00 2.75
N ASP F 109 24.82 -0.28 3.70
CA ASP F 109 25.96 0.56 4.01
C ASP F 109 25.60 1.95 4.54
N ASP F 110 24.32 2.18 4.78
CA ASP F 110 23.92 3.46 5.33
C ASP F 110 24.41 3.51 6.81
N THR F 111 24.25 2.39 7.54
CA THR F 111 24.65 2.25 8.95
C THR F 111 25.67 3.27 9.49
N GLY F 112 26.68 3.62 8.70
CA GLY F 112 27.66 4.59 9.17
C GLY F 112 28.61 3.91 10.12
N LEU F 113 28.32 2.64 10.40
CA LEU F 113 29.10 1.82 11.29
C LEU F 113 30.34 1.41 10.56
N ASP F 114 31.37 0.95 11.25
CA ASP F 114 32.56 0.55 10.50
C ASP F 114 32.42 -0.68 9.64
N ARG F 115 32.77 -0.50 8.38
CA ARG F 115 32.72 -1.58 7.39
C ARG F 115 33.32 -2.96 7.79
N VAL F 116 34.60 -2.97 8.15
CA VAL F 116 35.32 -4.16 8.57
C VAL F 116 34.72 -4.90 9.77
N GLU F 117 34.56 -4.21 10.89
CA GLU F 117 33.98 -4.77 12.11
C GLU F 117 32.73 -5.56 11.73
N LEU F 118 31.79 -4.86 11.07
CA LEU F 118 30.53 -5.43 10.63
C LEU F 118 30.73 -6.83 10.03
N ALA F 119 31.51 -6.89 8.96
CA ALA F 119 31.74 -8.15 8.30
C ALA F 119 32.30 -9.22 9.24
N CYS F 120 33.36 -8.94 9.96
CA CYS F 120 33.97 -9.95 10.85
C CYS F 120 33.09 -10.43 11.99
N VAL F 121 32.43 -9.47 12.66
CA VAL F 121 31.51 -9.72 13.76
C VAL F 121 30.33 -10.50 13.18
N CYS F 122 29.87 -10.10 12.00
CA CYS F 122 28.82 -10.82 11.33
C CYS F 122 29.20 -12.30 11.19
N LEU F 123 30.30 -12.53 10.50
CA LEU F 123 30.76 -13.88 10.28
C LEU F 123 30.94 -14.61 11.58
N ARG F 124 31.50 -13.91 12.56
CA ARG F 124 31.74 -14.56 13.83
C ARG F 124 30.45 -15.14 14.48
N LEU F 125 29.45 -14.25 14.63
CA LEU F 125 28.15 -14.57 15.23
C LEU F 125 27.54 -15.72 14.49
N HIS F 126 27.57 -15.64 13.18
CA HIS F 126 27.02 -16.68 12.36
C HIS F 126 27.60 -18.07 12.71
N LEU F 127 28.94 -18.18 12.74
CA LEU F 127 29.64 -19.42 13.02
C LEU F 127 29.33 -19.95 14.38
N ARG F 128 29.16 -19.04 15.31
CA ARG F 128 28.84 -19.45 16.66
C ARG F 128 27.40 -20.00 16.70
N ALA F 129 26.51 -19.37 15.97
CA ALA F 129 25.14 -19.79 15.93
C ALA F 129 25.12 -21.20 15.39
N LEU F 130 25.80 -21.36 14.26
CA LEU F 130 25.88 -22.65 13.57
C LEU F 130 26.29 -23.69 14.55
N HIS F 131 27.36 -23.38 15.26
CA HIS F 131 27.88 -24.29 16.27
C HIS F 131 26.81 -24.68 17.28
N GLU F 132 26.33 -23.69 18.00
CA GLU F 132 25.30 -23.83 19.00
C GLU F 132 24.05 -24.52 18.48
N LEU F 133 23.45 -24.01 17.41
CA LEU F 133 22.28 -24.68 16.90
C LEU F 133 22.56 -26.17 16.62
N GLU F 134 23.68 -26.43 15.98
CA GLU F 134 24.04 -27.78 15.60
C GLU F 134 24.20 -28.80 16.72
N SER F 135 24.53 -28.32 17.91
CA SER F 135 24.72 -29.21 19.04
C SER F 135 23.43 -29.36 19.83
N LEU F 136 22.46 -28.51 19.54
CA LEU F 136 21.17 -28.57 20.20
C LEU F 136 20.24 -29.51 19.44
N ALA F 137 20.40 -29.52 18.13
CA ALA F 137 19.58 -30.35 17.27
C ALA F 137 19.84 -31.84 17.46
N ARG F 138 18.76 -32.62 17.36
CA ARG F 138 18.80 -34.09 17.48
C ARG F 138 19.71 -34.68 16.41
N ASP F 139 19.54 -34.26 15.15
CA ASP F 139 20.37 -34.70 14.00
C ASP F 139 21.24 -33.50 13.45
N PRO F 140 22.59 -33.50 13.67
CA PRO F 140 23.42 -32.39 13.18
C PRO F 140 23.23 -31.95 11.73
N LYS F 141 22.96 -32.92 10.85
CA LYS F 141 22.71 -32.61 9.44
C LYS F 141 21.52 -31.61 9.29
N ALA F 142 20.41 -31.85 9.99
CA ALA F 142 19.24 -30.99 9.91
C ALA F 142 19.49 -29.49 9.81
N VAL F 143 20.51 -28.99 10.49
CA VAL F 143 20.75 -27.56 10.47
C VAL F 143 21.11 -27.00 9.11
N THR F 144 22.14 -27.58 8.51
CA THR F 144 22.63 -27.15 7.20
C THR F 144 21.66 -27.51 6.09
N ASP F 145 20.79 -28.46 6.42
CA ASP F 145 19.74 -28.92 5.53
C ASP F 145 18.74 -27.79 5.42
N ILE F 146 18.16 -27.44 6.55
CA ILE F 146 17.17 -26.40 6.58
C ILE F 146 17.71 -25.12 6.00
N LEU F 147 18.98 -24.85 6.36
CA LEU F 147 19.70 -23.64 5.95
C LEU F 147 20.03 -23.53 4.49
N GLU F 148 20.22 -24.67 3.86
CA GLU F 148 20.51 -24.77 2.42
C GLU F 148 19.20 -24.92 1.63
N GLN F 149 18.53 -26.03 1.84
CA GLN F 149 17.28 -26.41 1.19
C GLN F 149 16.35 -25.37 0.51
N ASP F 150 16.65 -24.08 0.62
CA ASP F 150 15.80 -23.07 -0.04
C ASP F 150 16.55 -21.74 -0.14
N ALA F 151 17.84 -21.78 0.20
CA ALA F 151 18.75 -20.64 0.20
C ALA F 151 18.72 -19.89 -1.09
N VAL F 152 18.67 -20.66 -2.17
CA VAL F 152 18.62 -20.11 -3.52
C VAL F 152 17.48 -19.14 -3.67
N HIS F 153 16.34 -19.53 -3.13
CA HIS F 153 15.11 -18.74 -3.17
C HIS F 153 15.23 -17.44 -2.36
N LEU F 154 15.76 -17.58 -1.14
CA LEU F 154 15.93 -16.46 -0.21
C LEU F 154 16.94 -15.43 -0.67
N CYS F 155 18.04 -15.92 -1.25
CA CYS F 155 19.10 -15.05 -1.75
C CYS F 155 18.75 -14.41 -3.08
N GLY F 156 18.13 -15.20 -3.95
CA GLY F 156 17.70 -14.69 -5.25
C GLY F 156 16.59 -13.74 -4.94
N GLY F 157 15.59 -14.24 -4.22
CA GLY F 157 14.46 -13.40 -3.83
C GLY F 157 14.90 -12.02 -3.35
N GLN F 158 15.92 -11.99 -2.50
CA GLN F 158 16.41 -10.75 -1.95
C GLN F 158 17.10 -9.88 -2.99
N ILE F 159 17.79 -10.49 -3.95
CA ILE F 159 18.46 -9.69 -4.97
C ILE F 159 17.43 -9.07 -5.86
N ARG F 160 16.49 -9.89 -6.32
CA ARG F 160 15.42 -9.42 -7.18
C ARG F 160 14.65 -8.29 -6.50
N THR F 161 14.23 -8.54 -5.27
CA THR F 161 13.51 -7.54 -4.52
C THR F 161 14.06 -6.14 -4.69
N LYS F 162 15.38 -5.99 -4.62
CA LYS F 162 16.00 -4.68 -4.72
C LYS F 162 16.36 -4.22 -6.12
N ARG F 163 16.34 -5.12 -7.10
CA ARG F 163 16.64 -4.75 -8.51
C ARG F 163 15.41 -4.20 -9.23
N SER F 164 14.32 -4.97 -9.21
CA SER F 164 13.06 -4.57 -9.83
C SER F 164 12.06 -4.11 -8.75
N ARG F 165 12.46 -3.15 -7.93
CA ARG F 165 11.61 -2.60 -6.86
C ARG F 165 10.12 -2.63 -7.29
N ALA F 166 9.25 -3.16 -6.42
CA ALA F 166 7.82 -3.30 -6.74
C ALA F 166 7.00 -2.01 -6.91
N THR F 167 5.85 -2.17 -7.59
CA THR F 167 4.94 -1.05 -7.90
C THR F 167 3.48 -1.12 -7.41
N ASN F 168 3.03 -2.27 -6.91
CA ASN F 168 1.65 -2.44 -6.42
C ASN F 168 1.58 -3.56 -5.38
N LEU F 169 0.63 -3.47 -4.47
CA LEU F 169 0.54 -4.47 -3.42
C LEU F 169 0.71 -5.92 -3.88
N ARG F 170 0.28 -6.25 -5.08
CA ARG F 170 0.42 -7.64 -5.52
C ARG F 170 1.87 -8.08 -5.56
N GLU F 171 2.73 -7.13 -5.94
CA GLU F 171 4.19 -7.33 -6.07
C GLU F 171 4.88 -7.25 -4.72
N TRP F 172 4.85 -6.05 -4.14
CA TRP F 172 5.42 -5.78 -2.81
C TRP F 172 5.30 -7.03 -1.97
N ARG F 173 4.06 -7.55 -1.92
CA ARG F 173 3.73 -8.76 -1.18
C ARG F 173 4.64 -9.94 -1.60
N ALA F 174 4.60 -10.32 -2.88
CA ALA F 174 5.41 -11.44 -3.34
C ALA F 174 6.90 -11.19 -3.07
N HIS F 175 7.29 -9.91 -3.00
CA HIS F 175 8.69 -9.55 -2.73
C HIS F 175 8.93 -9.83 -1.26
N ALA F 176 8.13 -9.21 -0.42
CA ALA F 176 8.25 -9.40 1.01
C ALA F 176 8.04 -10.84 1.44
N SER F 177 7.52 -11.69 0.56
CA SER F 177 7.29 -13.10 0.92
C SER F 177 8.53 -14.00 0.73
N THR F 178 9.68 -13.38 0.47
CA THR F 178 10.95 -14.11 0.30
C THR F 178 12.02 -13.50 1.25
N TYR F 179 12.32 -12.21 1.08
CA TYR F 179 13.28 -11.56 1.93
C TYR F 179 12.73 -11.48 3.34
N GLY F 180 11.45 -11.76 3.54
CA GLY F 180 10.89 -11.67 4.88
C GLY F 180 10.35 -12.99 5.40
N SER F 181 9.33 -13.50 4.73
CA SER F 181 8.73 -14.76 5.14
C SER F 181 9.73 -15.95 5.05
N THR F 182 10.29 -16.19 3.88
CA THR F 182 11.22 -17.30 3.72
C THR F 182 12.43 -17.13 4.62
N PHE F 183 12.77 -15.91 4.97
CA PHE F 183 13.91 -15.65 5.85
C PHE F 183 13.72 -16.16 7.28
N LEU F 184 12.68 -15.63 7.91
CA LEU F 184 12.34 -15.98 9.28
C LEU F 184 11.75 -17.39 9.29
N GLY F 185 11.10 -17.77 8.19
CA GLY F 185 10.51 -19.08 8.10
C GLY F 185 11.55 -20.12 8.43
N ARG F 186 12.75 -19.99 7.85
CA ARG F 186 13.86 -20.92 8.06
C ARG F 186 14.21 -21.03 9.52
N TYR F 187 14.33 -19.88 10.19
CA TYR F 187 14.63 -19.88 11.62
C TYR F 187 13.59 -20.66 12.41
N GLY F 188 12.31 -20.49 12.07
CA GLY F 188 11.26 -21.24 12.74
C GLY F 188 11.46 -22.72 12.49
N ALA F 189 11.87 -23.06 11.27
CA ALA F 189 12.14 -24.43 10.88
C ALA F 189 13.27 -24.97 11.73
N LEU F 190 14.25 -24.12 12.01
CA LEU F 190 15.41 -24.45 12.84
C LEU F 190 14.98 -24.67 14.28
N ALA F 191 14.21 -23.72 14.80
CA ALA F 191 13.71 -23.80 16.17
C ALA F 191 13.05 -25.15 16.40
N ALA F 192 12.24 -25.59 15.44
CA ALA F 192 11.56 -26.85 15.53
C ALA F 192 12.53 -28.03 15.59
N ALA F 193 13.51 -28.06 14.70
CA ALA F 193 14.47 -29.15 14.69
C ALA F 193 15.46 -29.16 15.88
N CYS F 194 15.99 -27.99 16.24
CA CYS F 194 16.94 -27.87 17.38
C CYS F 194 16.18 -27.91 18.68
N GLY F 195 15.02 -27.28 18.64
CA GLY F 195 14.19 -27.18 19.81
C GLY F 195 13.72 -28.41 20.53
N GLY F 196 13.95 -29.60 20.00
CA GLY F 196 13.48 -30.71 20.77
C GLY F 196 12.23 -31.38 20.33
N GLU F 197 12.40 -32.68 20.27
CA GLU F 197 11.41 -33.64 19.84
C GLU F 197 9.95 -33.30 20.22
N GLY F 198 9.07 -33.64 19.29
CA GLY F 198 7.65 -33.40 19.46
C GLY F 198 7.21 -31.99 19.14
N GLN F 199 7.76 -31.39 18.10
CA GLN F 199 7.30 -30.06 17.81
C GLN F 199 6.58 -30.12 16.48
N PRO F 200 5.43 -29.40 16.36
CA PRO F 200 4.63 -29.33 15.13
C PRO F 200 5.33 -28.56 14.00
N ALA F 201 6.49 -29.05 13.59
CA ALA F 201 7.35 -28.47 12.54
C ALA F 201 6.78 -27.40 11.60
N ASP F 202 5.74 -27.77 10.86
CA ASP F 202 5.06 -26.91 9.89
C ASP F 202 4.35 -25.71 10.46
N SER F 203 3.72 -25.89 11.61
CA SER F 203 3.01 -24.82 12.28
C SER F 203 3.98 -23.73 12.73
N VAL F 204 5.10 -24.11 13.34
CA VAL F 204 6.10 -23.15 13.76
C VAL F 204 6.51 -22.31 12.54
N ARG F 205 6.84 -23.00 11.45
CA ARG F 205 7.27 -22.35 10.22
C ARG F 205 6.21 -21.43 9.69
N GLU F 206 4.98 -21.94 9.61
CA GLU F 206 3.84 -21.15 9.13
C GLU F 206 3.70 -19.86 9.97
N PHE F 207 3.72 -20.02 11.29
CA PHE F 207 3.61 -18.87 12.18
C PHE F 207 4.65 -17.82 11.81
N ALA F 208 5.88 -18.31 11.75
CA ALA F 208 7.06 -17.50 11.44
C ALA F 208 6.91 -16.66 10.20
N GLU F 209 6.40 -17.27 9.16
CA GLU F 209 6.22 -16.59 7.90
C GLU F 209 5.18 -15.52 7.96
N ALA F 210 4.05 -15.82 8.59
CA ALA F 210 2.97 -14.84 8.69
C ALA F 210 3.52 -13.69 9.52
N PHE F 211 3.99 -14.00 10.73
CA PHE F 211 4.56 -13.00 11.63
C PHE F 211 5.62 -12.14 10.92
N ALA F 212 6.49 -12.78 10.15
CA ALA F 212 7.55 -12.10 9.39
C ALA F 212 7.00 -11.01 8.48
N MET F 213 6.06 -11.36 7.64
CA MET F 213 5.49 -10.39 6.76
C MET F 213 4.75 -9.27 7.48
N THR F 214 4.15 -9.57 8.63
CA THR F 214 3.41 -8.52 9.38
C THR F 214 4.46 -7.52 9.85
N ILE F 215 5.62 -8.03 10.26
CA ILE F 215 6.71 -7.17 10.70
C ILE F 215 7.25 -6.38 9.53
N THR F 216 7.29 -7.00 8.34
CA THR F 216 7.81 -6.36 7.13
C THR F 216 7.07 -5.12 6.81
N MET F 217 5.74 -5.20 6.82
CA MET F 217 4.88 -4.05 6.54
C MET F 217 5.12 -3.03 7.62
N ALA F 218 5.11 -3.50 8.85
CA ALA F 218 5.34 -2.66 9.99
C ALA F 218 6.54 -1.80 9.70
N ASP F 219 7.55 -2.39 9.07
CA ASP F 219 8.78 -1.69 8.71
C ASP F 219 8.56 -0.59 7.71
N ASP F 220 8.32 -1.00 6.48
CA ASP F 220 8.08 -0.07 5.39
C ASP F 220 7.28 1.14 5.78
N LEU F 221 6.33 1.02 6.71
CA LEU F 221 5.53 2.17 7.13
C LEU F 221 6.25 3.09 8.11
N THR F 222 7.18 2.54 8.86
CA THR F 222 7.99 3.33 9.79
C THR F 222 9.09 4.00 8.95
N ASP F 223 9.71 3.20 8.08
CA ASP F 223 10.80 3.60 7.19
C ASP F 223 10.53 4.65 6.10
N TYR F 224 9.26 4.98 5.86
CA TYR F 224 8.90 6.00 4.85
C TYR F 224 9.04 7.37 5.50
N ASP F 225 8.57 7.46 6.75
CA ASP F 225 8.65 8.69 7.53
C ASP F 225 10.04 8.84 8.15
N ARG F 226 10.28 8.05 9.19
CA ARG F 226 11.54 8.04 9.96
C ARG F 226 12.85 8.34 9.20
N ASN F 227 13.03 7.80 7.99
CA ASN F 227 14.23 8.11 7.23
C ASN F 227 13.95 8.07 5.73
N GLY F 228 13.15 9.04 5.28
CA GLY F 228 12.78 9.15 3.87
C GLY F 228 13.32 8.08 2.92
N GLU F 229 12.49 7.07 2.65
CA GLU F 229 12.80 5.96 1.75
C GLU F 229 11.54 5.95 0.89
N ARG F 230 11.61 5.59 -0.39
CA ARG F 230 10.37 5.69 -1.16
C ARG F 230 10.14 4.84 -2.41
N ASP F 231 11.18 4.26 -2.98
CA ASP F 231 11.02 3.48 -4.22
C ASP F 231 10.66 1.99 -4.07
N GLY F 232 9.36 1.70 -4.11
CA GLY F 232 8.89 0.33 -3.96
C GLY F 232 8.48 0.08 -2.53
N ASN F 233 8.50 1.15 -1.73
CA ASN F 233 8.14 1.15 -0.32
C ASN F 233 6.63 1.18 -0.20
N LEU F 234 6.07 0.26 0.58
CA LEU F 234 4.60 0.15 0.74
C LEU F 234 3.87 1.44 1.12
N ALA F 235 4.49 2.27 1.94
CA ALA F 235 3.86 3.52 2.35
C ALA F 235 3.71 4.47 1.17
N HIS F 236 4.67 4.37 0.26
CA HIS F 236 4.65 5.22 -0.94
C HIS F 236 3.56 4.69 -1.83
N LEU F 237 3.62 3.40 -2.16
CA LEU F 237 2.61 2.83 -3.03
C LEU F 237 1.21 3.18 -2.53
N MET F 238 1.10 3.57 -1.27
CA MET F 238 -0.19 3.95 -0.69
C MET F 238 -0.45 5.40 -1.00
N ARG F 239 0.56 6.23 -0.78
CA ARG F 239 0.49 7.67 -1.08
C ARG F 239 0.22 7.92 -2.58
N THR F 240 0.96 7.22 -3.43
CA THR F 240 0.84 7.32 -4.89
C THR F 240 -0.47 6.68 -5.39
N GLY F 241 -1.38 6.29 -4.48
CA GLY F 241 -2.62 5.65 -4.87
C GLY F 241 -2.42 4.39 -5.74
N ALA F 242 -1.24 3.76 -5.70
CA ALA F 242 -1.01 2.57 -6.51
C ALA F 242 -1.45 1.35 -5.68
N VAL F 243 -1.62 1.55 -4.38
CA VAL F 243 -2.03 0.48 -3.45
C VAL F 243 -3.17 1.01 -2.59
N ALA F 244 -4.20 0.17 -2.51
CA ALA F 244 -5.43 0.48 -1.78
C ALA F 244 -5.41 0.36 -0.24
N GLY F 245 -5.68 1.46 0.45
CA GLY F 245 -5.69 1.40 1.89
C GLY F 245 -6.41 0.17 2.41
N GLN F 246 -7.64 -0.02 1.94
CA GLN F 246 -8.48 -1.15 2.34
C GLN F 246 -7.82 -2.51 2.11
N ASP F 247 -6.91 -2.59 1.15
CA ASP F 247 -6.26 -3.85 0.83
C ASP F 247 -5.08 -4.14 1.72
N VAL F 248 -4.43 -3.07 2.15
CA VAL F 248 -3.30 -3.17 3.01
C VAL F 248 -3.87 -3.81 4.26
N VAL F 249 -4.92 -3.18 4.75
CA VAL F 249 -5.61 -3.66 5.94
C VAL F 249 -6.11 -5.09 5.80
N ASP F 250 -6.57 -5.41 4.61
CA ASP F 250 -7.04 -6.74 4.37
C ASP F 250 -5.85 -7.68 4.45
N LEU F 251 -4.76 -7.34 3.78
CA LEU F 251 -3.57 -8.19 3.82
C LEU F 251 -3.19 -8.41 5.28
N LEU F 252 -3.00 -7.32 5.99
CA LEU F 252 -2.64 -7.31 7.39
C LEU F 252 -3.40 -8.33 8.16
N GLU F 253 -4.71 -8.16 8.11
CA GLU F 253 -5.63 -9.04 8.79
C GLU F 253 -5.62 -10.48 8.29
N GLU F 254 -5.27 -10.68 7.03
CA GLU F 254 -5.22 -12.01 6.48
C GLU F 254 -4.01 -12.71 7.08
N LEU F 255 -3.00 -11.91 7.40
CA LEU F 255 -1.74 -12.41 7.98
C LEU F 255 -1.97 -12.82 9.45
N ARG F 256 -2.69 -11.94 10.18
CA ARG F 256 -3.04 -12.20 11.57
C ARG F 256 -3.81 -13.52 11.55
N GLY F 257 -4.59 -13.74 10.48
CA GLY F 257 -5.34 -14.96 10.35
C GLY F 257 -4.37 -16.12 10.29
N ARG F 258 -3.51 -16.12 9.26
CA ARG F 258 -2.54 -17.18 9.04
C ARG F 258 -1.79 -17.50 10.30
N ALA F 259 -1.33 -16.46 11.00
CA ALA F 259 -0.57 -16.57 12.26
C ALA F 259 -1.27 -17.27 13.44
N LEU F 260 -2.38 -16.66 13.85
CA LEU F 260 -3.26 -17.13 14.91
C LEU F 260 -3.64 -18.57 14.66
N ALA F 261 -3.86 -18.90 13.38
CA ALA F 261 -4.23 -20.24 12.97
C ALA F 261 -3.18 -21.28 13.38
N ALA F 262 -1.92 -20.95 13.07
CA ALA F 262 -0.78 -21.80 13.34
C ALA F 262 -0.44 -22.00 14.81
N VAL F 263 -0.63 -20.96 15.62
CA VAL F 263 -0.34 -21.08 17.03
C VAL F 263 -1.46 -21.90 17.66
N ALA F 264 -2.54 -22.03 16.91
CA ALA F 264 -3.70 -22.78 17.35
C ALA F 264 -3.55 -24.31 17.05
N ALA F 265 -2.92 -24.64 15.92
CA ALA F 265 -2.69 -26.06 15.57
C ALA F 265 -2.07 -26.73 16.78
N PRO F 266 -2.56 -27.94 17.12
CA PRO F 266 -2.15 -28.80 18.24
C PRO F 266 -0.67 -29.26 18.30
N PRO F 267 -0.02 -29.19 19.50
CA PRO F 267 -0.57 -28.70 20.79
C PRO F 267 -0.96 -27.22 20.76
N GLY F 268 -0.07 -26.42 20.20
CA GLY F 268 -0.36 -25.02 20.10
C GLY F 268 0.37 -24.17 21.13
N ALA F 269 0.53 -22.90 20.75
CA ALA F 269 1.20 -21.87 21.52
C ALA F 269 0.24 -20.79 21.99
N PRO F 270 -0.60 -21.10 22.95
CA PRO F 270 -1.54 -20.13 23.47
C PRO F 270 -0.84 -18.84 23.82
N GLY F 271 0.40 -18.96 24.30
CA GLY F 271 1.16 -17.79 24.69
C GLY F 271 1.41 -16.77 23.58
N LEU F 272 1.44 -17.24 22.34
CA LEU F 272 1.69 -16.37 21.20
C LEU F 272 0.47 -15.60 20.65
N VAL F 273 -0.71 -16.01 21.09
CA VAL F 273 -1.95 -15.37 20.68
C VAL F 273 -2.00 -13.86 21.01
N PRO F 274 -1.57 -13.46 22.23
CA PRO F 274 -1.59 -12.06 22.61
C PRO F 274 -0.56 -11.27 21.79
N VAL F 275 0.56 -11.95 21.53
CA VAL F 275 1.67 -11.40 20.75
C VAL F 275 1.28 -11.09 19.31
N VAL F 276 0.61 -12.04 18.66
CA VAL F 276 0.18 -11.86 17.28
C VAL F 276 -0.65 -10.60 17.23
N HIS F 277 -1.72 -10.60 18.02
CA HIS F 277 -2.63 -9.47 18.06
C HIS F 277 -1.86 -8.20 18.38
N LEU F 278 -0.98 -8.31 19.34
CA LEU F 278 -0.20 -7.16 19.75
C LEU F 278 0.50 -6.46 18.58
N TYR F 279 1.24 -7.23 17.79
CA TYR F 279 1.96 -6.69 16.66
C TYR F 279 1.07 -6.23 15.51
N THR F 280 0.18 -7.12 15.06
CA THR F 280 -0.73 -6.79 13.99
C THR F 280 -1.56 -5.55 14.39
N ASP F 281 -2.10 -5.55 15.61
CA ASP F 281 -2.89 -4.42 16.12
C ASP F 281 -2.11 -3.14 16.04
N ASP F 282 -0.83 -3.23 16.37
CA ASP F 282 0.02 -2.05 16.34
C ASP F 282 0.17 -1.40 14.98
N VAL F 283 0.24 -2.18 13.92
CA VAL F 283 0.34 -1.60 12.60
C VAL F 283 -0.94 -0.79 12.35
N LEU F 284 -2.10 -1.43 12.53
CA LEU F 284 -3.41 -0.78 12.34
C LEU F 284 -3.53 0.53 13.09
N VAL F 285 -3.47 0.40 14.41
CA VAL F 285 -3.59 1.49 15.33
C VAL F 285 -2.62 2.64 15.16
N ARG F 286 -1.31 2.38 15.27
CA ARG F 286 -0.30 3.45 15.19
C ARG F 286 0.42 3.77 13.85
N LEU F 287 0.62 2.78 12.99
CA LEU F 287 1.31 3.03 11.74
C LEU F 287 0.36 3.30 10.55
N LEU F 288 -0.69 2.49 10.39
CA LEU F 288 -1.61 2.65 9.25
C LEU F 288 -2.27 4.00 9.13
N PRO F 289 -2.62 4.62 10.27
CA PRO F 289 -3.26 5.96 10.24
C PRO F 289 -2.54 7.06 9.42
N ARG F 290 -1.20 7.08 9.43
CA ARG F 290 -0.38 8.08 8.70
C ARG F 290 -0.55 8.09 7.17
N HIS F 291 -0.57 6.90 6.56
CA HIS F 291 -0.72 6.75 5.11
C HIS F 291 -2.13 6.29 4.71
N LEU F 292 -3.13 6.99 5.23
CA LEU F 292 -4.55 6.73 4.95
C LEU F 292 -5.26 8.08 4.85
N TYR G 31 -30.01 -69.96 -14.50
CA TYR G 31 -29.40 -68.94 -15.43
C TYR G 31 -29.42 -67.53 -14.88
N PHE G 32 -30.61 -67.04 -14.50
CA PHE G 32 -30.76 -65.69 -13.97
C PHE G 32 -29.83 -65.48 -12.80
N GLN G 33 -28.86 -66.36 -12.74
CA GLN G 33 -27.83 -66.35 -11.75
C GLN G 33 -26.59 -66.01 -12.58
N SER G 34 -26.07 -67.02 -13.29
CA SER G 34 -24.87 -66.90 -14.13
C SER G 34 -24.69 -65.52 -14.79
N MET G 35 -25.81 -64.87 -15.12
CA MET G 35 -25.74 -63.57 -15.74
C MET G 35 -25.35 -62.52 -14.69
N LEU G 36 -25.51 -62.86 -13.42
CA LEU G 36 -25.13 -61.97 -12.33
C LEU G 36 -23.74 -62.33 -11.92
N ALA G 37 -23.36 -63.55 -12.30
CA ALA G 37 -22.05 -64.10 -12.04
C ALA G 37 -21.11 -63.41 -12.97
N ALA G 38 -21.56 -63.24 -14.21
CA ALA G 38 -20.75 -62.57 -15.22
C ALA G 38 -20.73 -61.09 -14.88
N GLU G 39 -21.92 -60.54 -14.65
CA GLU G 39 -22.04 -59.11 -14.31
C GLU G 39 -21.08 -58.76 -13.17
N ALA G 40 -20.78 -59.75 -12.32
CA ALA G 40 -19.89 -59.56 -11.17
C ALA G 40 -18.42 -59.62 -11.56
N ALA G 41 -18.06 -60.60 -12.40
CA ALA G 41 -16.68 -60.82 -12.87
C ALA G 41 -16.21 -59.59 -13.64
N ASN G 42 -17.06 -59.19 -14.57
CA ASN G 42 -16.83 -58.05 -15.40
C ASN G 42 -16.77 -56.84 -14.49
N ARG G 43 -17.69 -56.69 -13.54
CA ARG G 43 -17.60 -55.52 -12.66
C ARG G 43 -16.24 -55.46 -11.98
N ASP G 44 -15.66 -56.63 -11.72
CA ASP G 44 -14.35 -56.68 -11.08
C ASP G 44 -13.28 -56.16 -12.04
N HIS G 45 -13.08 -56.93 -13.12
CA HIS G 45 -12.11 -56.61 -14.17
C HIS G 45 -12.04 -55.12 -14.54
N VAL G 46 -13.22 -54.53 -14.69
CA VAL G 46 -13.35 -53.12 -15.03
C VAL G 46 -12.84 -52.24 -13.90
N THR G 47 -13.44 -52.32 -12.72
CA THR G 47 -13.00 -51.47 -11.60
C THR G 47 -11.54 -51.72 -11.24
N ARG G 48 -11.06 -52.92 -11.52
CA ARG G 48 -9.66 -53.28 -11.29
C ARG G 48 -8.83 -52.30 -12.10
N CYS G 49 -9.23 -52.17 -13.37
CA CYS G 49 -8.58 -51.28 -14.28
C CYS G 49 -8.74 -49.80 -13.90
N VAL G 50 -9.99 -49.36 -13.81
CA VAL G 50 -10.32 -47.98 -13.44
C VAL G 50 -9.44 -47.47 -12.33
N ALA G 51 -9.25 -48.32 -11.33
CA ALA G 51 -8.48 -47.95 -10.17
C ALA G 51 -6.99 -47.89 -10.41
N GLN G 52 -6.43 -48.98 -10.92
CA GLN G 52 -5.00 -49.04 -11.18
C GLN G 52 -4.52 -48.02 -12.21
N THR G 53 -5.39 -47.16 -12.69
CA THR G 53 -5.01 -46.12 -13.66
C THR G 53 -5.21 -44.77 -13.00
N GLY G 54 -5.57 -44.81 -11.71
CA GLY G 54 -5.76 -43.58 -10.99
C GLY G 54 -7.20 -43.20 -10.80
N GLY G 55 -8.10 -44.17 -10.87
CA GLY G 55 -9.50 -43.85 -10.69
C GLY G 55 -9.69 -43.48 -9.23
N SER G 56 -10.52 -42.46 -8.95
CA SER G 56 -10.80 -42.06 -7.57
C SER G 56 -11.96 -42.92 -7.01
N PRO G 57 -12.17 -42.86 -5.70
CA PRO G 57 -13.24 -43.63 -5.09
C PRO G 57 -14.55 -43.46 -5.88
N ASP G 58 -14.92 -42.20 -6.12
CA ASP G 58 -16.16 -41.79 -6.84
C ASP G 58 -16.32 -42.40 -8.23
N LEU G 59 -15.21 -42.43 -8.97
CA LEU G 59 -15.26 -43.00 -10.31
C LEU G 59 -15.35 -44.53 -10.27
N VAL G 60 -14.63 -45.16 -9.35
CA VAL G 60 -14.71 -46.61 -9.26
C VAL G 60 -16.12 -46.94 -8.86
N ALA G 61 -16.66 -46.11 -7.98
CA ALA G 61 -18.03 -46.28 -7.52
C ALA G 61 -18.94 -46.22 -8.72
N HIS G 62 -18.89 -45.07 -9.37
CA HIS G 62 -19.70 -44.78 -10.56
C HIS G 62 -19.73 -45.97 -11.53
N THR G 63 -18.56 -46.44 -11.97
CA THR G 63 -18.47 -47.56 -12.91
C THR G 63 -19.00 -48.86 -12.32
N ALA G 64 -18.59 -49.16 -11.09
CA ALA G 64 -19.05 -50.38 -10.45
C ALA G 64 -20.59 -50.47 -10.50
N ALA G 65 -21.24 -49.31 -10.49
CA ALA G 65 -22.68 -49.21 -10.52
C ALA G 65 -23.33 -49.27 -11.91
N LEU G 66 -22.56 -49.38 -12.99
CA LEU G 66 -23.13 -49.42 -14.37
C LEU G 66 -23.54 -50.83 -14.72
N ARG G 67 -24.50 -51.31 -13.95
CA ARG G 67 -24.99 -52.65 -14.07
C ARG G 67 -25.27 -53.14 -15.45
N LEU G 68 -26.20 -52.50 -16.13
CA LEU G 68 -26.57 -53.00 -17.45
C LEU G 68 -25.42 -53.15 -18.43
N TYR G 69 -24.54 -52.16 -18.43
CA TYR G 69 -23.40 -52.15 -19.33
C TYR G 69 -22.54 -53.33 -19.03
N LEU G 70 -22.25 -53.50 -17.74
CA LEU G 70 -21.41 -54.59 -17.25
C LEU G 70 -21.94 -55.98 -17.57
N ARG G 71 -23.26 -56.06 -17.66
CA ARG G 71 -23.98 -57.29 -17.93
C ARG G 71 -24.22 -57.67 -19.37
N VAL G 72 -24.50 -56.68 -20.20
CA VAL G 72 -24.76 -56.85 -21.62
C VAL G 72 -23.73 -57.72 -22.38
N PRO G 73 -22.43 -57.56 -22.05
CA PRO G 73 -21.41 -58.35 -22.73
C PRO G 73 -21.68 -59.85 -22.53
N HIS G 74 -22.46 -60.15 -21.50
CA HIS G 74 -22.77 -61.53 -21.24
C HIS G 74 -23.73 -62.03 -22.31
N PHE G 75 -24.76 -61.25 -22.56
CA PHE G 75 -25.74 -61.65 -23.53
C PHE G 75 -25.12 -61.84 -24.88
N LEU G 76 -24.25 -60.93 -25.29
CA LEU G 76 -23.63 -61.02 -26.62
C LEU G 76 -22.71 -62.23 -26.87
N THR G 77 -22.10 -62.71 -25.78
CA THR G 77 -21.16 -63.84 -25.84
C THR G 77 -21.87 -65.17 -25.67
N GLU G 78 -23.19 -65.12 -25.56
CA GLU G 78 -23.99 -66.31 -25.37
C GLU G 78 -23.82 -67.37 -26.45
N TRP G 79 -23.48 -66.99 -27.67
CA TRP G 79 -23.27 -67.97 -28.73
C TRP G 79 -21.89 -68.65 -28.68
N THR G 80 -21.07 -68.25 -27.70
CA THR G 80 -19.71 -68.78 -27.53
C THR G 80 -19.76 -70.01 -26.64
N THR G 81 -19.31 -71.14 -27.18
CA THR G 81 -19.29 -72.40 -26.42
C THR G 81 -18.14 -72.49 -25.37
N ASP G 82 -16.87 -72.35 -25.77
CA ASP G 82 -15.81 -72.41 -24.75
C ASP G 82 -16.09 -71.41 -23.62
N PRO G 83 -16.19 -71.90 -22.39
CA PRO G 83 -16.47 -71.11 -21.18
C PRO G 83 -15.45 -70.03 -20.88
N ASP G 84 -14.20 -70.31 -21.20
CA ASP G 84 -13.13 -69.37 -20.90
C ASP G 84 -12.98 -68.27 -21.93
N ARG G 85 -13.04 -68.63 -23.21
CA ARG G 85 -12.97 -67.62 -24.25
C ARG G 85 -14.21 -66.76 -24.00
N ARG G 86 -15.37 -67.42 -23.87
CA ARG G 86 -16.60 -66.71 -23.60
C ARG G 86 -16.42 -65.72 -22.44
N ALA G 87 -15.76 -66.10 -21.35
CA ALA G 87 -15.56 -65.21 -20.19
C ALA G 87 -14.55 -64.12 -20.42
N ALA G 88 -13.66 -64.38 -21.36
CA ALA G 88 -12.58 -63.48 -21.78
C ALA G 88 -13.09 -62.36 -22.68
N VAL G 89 -13.89 -62.74 -23.66
CA VAL G 89 -14.48 -61.80 -24.60
C VAL G 89 -15.48 -60.99 -23.81
N SER G 90 -16.21 -61.69 -22.94
CA SER G 90 -17.24 -61.06 -22.10
C SER G 90 -16.66 -59.87 -21.35
N ARG G 91 -15.54 -60.09 -20.65
CA ARG G 91 -14.91 -59.04 -19.90
C ARG G 91 -14.27 -57.98 -20.80
N ALA G 92 -13.61 -58.44 -21.86
CA ALA G 92 -12.99 -57.50 -22.77
C ALA G 92 -14.04 -56.49 -23.30
N LEU G 93 -15.19 -56.99 -23.77
CA LEU G 93 -16.28 -56.15 -24.28
C LEU G 93 -16.79 -55.19 -23.23
N ALA G 94 -16.78 -55.61 -21.98
CA ALA G 94 -17.26 -54.74 -20.92
C ALA G 94 -16.34 -53.59 -20.82
N LEU G 95 -15.05 -53.87 -21.00
CA LEU G 95 -14.05 -52.83 -20.92
C LEU G 95 -14.40 -51.70 -21.86
N ASP G 96 -14.67 -52.03 -23.13
CA ASP G 96 -14.98 -50.94 -24.06
C ASP G 96 -16.35 -50.32 -23.86
N ILE G 97 -17.36 -51.12 -23.53
CA ILE G 97 -18.67 -50.55 -23.31
C ILE G 97 -18.59 -49.53 -22.20
N VAL G 98 -17.95 -49.85 -21.09
CA VAL G 98 -17.82 -48.86 -20.02
C VAL G 98 -17.01 -47.68 -20.51
N SER G 99 -15.99 -47.96 -21.33
CA SER G 99 -15.14 -46.92 -21.88
C SER G 99 -16.00 -45.83 -22.52
N MET G 100 -16.81 -46.26 -23.49
CA MET G 100 -17.73 -45.38 -24.22
C MET G 100 -18.68 -44.69 -23.25
N LYS G 101 -19.17 -45.43 -22.27
CA LYS G 101 -20.09 -44.84 -21.32
C LYS G 101 -19.41 -43.68 -20.62
N LEU G 102 -18.13 -43.79 -20.32
CA LEU G 102 -17.45 -42.71 -19.64
C LEU G 102 -17.36 -41.51 -20.53
N LEU G 103 -16.97 -41.76 -21.78
CA LEU G 103 -16.83 -40.71 -22.80
C LEU G 103 -18.16 -39.99 -22.98
N ASP G 104 -19.24 -40.71 -22.71
CA ASP G 104 -20.54 -40.13 -22.82
C ASP G 104 -20.75 -39.15 -21.66
N ASP G 105 -20.39 -39.55 -20.44
CA ASP G 105 -20.54 -38.67 -19.27
C ASP G 105 -19.66 -37.44 -19.37
N LEU G 106 -18.63 -37.58 -20.19
CA LEU G 106 -17.68 -36.53 -20.44
C LEU G 106 -18.34 -35.47 -21.32
N MET G 107 -19.20 -35.90 -22.25
CA MET G 107 -19.91 -34.98 -23.14
C MET G 107 -21.18 -34.37 -22.54
N ASP G 108 -21.98 -35.18 -21.85
CA ASP G 108 -23.20 -34.63 -21.21
C ASP G 108 -22.70 -33.69 -20.12
N ASP G 109 -21.61 -34.12 -19.49
CA ASP G 109 -20.95 -33.38 -18.42
C ASP G 109 -21.80 -33.13 -17.17
N ASP G 110 -22.99 -33.74 -17.12
CA ASP G 110 -23.87 -33.62 -15.95
C ASP G 110 -23.23 -34.41 -14.77
N THR G 111 -22.72 -35.60 -15.10
CA THR G 111 -22.06 -36.49 -14.17
C THR G 111 -21.57 -35.88 -12.84
N GLY G 112 -21.01 -34.68 -12.89
CA GLY G 112 -20.51 -34.07 -11.66
C GLY G 112 -19.21 -34.73 -11.22
N LEU G 113 -18.81 -35.75 -11.97
CA LEU G 113 -17.58 -36.50 -11.75
C LEU G 113 -16.41 -35.67 -12.28
N ASP G 114 -15.18 -36.00 -11.91
CA ASP G 114 -14.06 -35.21 -12.41
C ASP G 114 -13.78 -35.32 -13.91
N ARG G 115 -13.76 -34.17 -14.58
CA ARG G 115 -13.51 -34.04 -16.02
C ARG G 115 -12.29 -34.82 -16.54
N VAL G 116 -11.14 -34.54 -15.96
CA VAL G 116 -9.87 -35.19 -16.31
C VAL G 116 -9.85 -36.72 -16.17
N GLU G 117 -10.12 -37.20 -14.96
CA GLU G 117 -10.17 -38.64 -14.66
C GLU G 117 -10.93 -39.37 -15.76
N LEU G 118 -12.16 -38.88 -15.98
CA LEU G 118 -13.08 -39.42 -16.96
C LEU G 118 -12.38 -39.72 -18.29
N ALA G 119 -11.84 -38.64 -18.88
CA ALA G 119 -11.15 -38.75 -20.15
C ALA G 119 -10.01 -39.78 -20.13
N CYS G 120 -9.11 -39.70 -19.16
CA CYS G 120 -7.98 -40.62 -19.10
C CYS G 120 -8.35 -42.07 -18.86
N VAL G 121 -9.26 -42.26 -17.92
CA VAL G 121 -9.71 -43.59 -17.61
C VAL G 121 -10.43 -44.15 -18.83
N CYS G 122 -11.23 -43.29 -19.44
CA CYS G 122 -11.96 -43.69 -20.63
C CYS G 122 -10.99 -44.24 -21.67
N LEU G 123 -10.02 -43.42 -22.04
CA LEU G 123 -9.04 -43.80 -23.04
C LEU G 123 -8.31 -45.05 -22.62
N ARG G 124 -7.96 -45.11 -21.34
CA ARG G 124 -7.23 -46.26 -20.82
C ARG G 124 -8.01 -47.55 -21.05
N LEU G 125 -9.25 -47.60 -20.54
CA LEU G 125 -10.14 -48.76 -20.70
C LEU G 125 -10.26 -49.17 -22.17
N HIS G 126 -10.52 -48.16 -22.98
CA HIS G 126 -10.66 -48.37 -24.40
C HIS G 126 -9.48 -49.15 -25.01
N LEU G 127 -8.27 -48.66 -24.76
CA LEU G 127 -7.04 -49.28 -25.29
C LEU G 127 -6.86 -50.70 -24.75
N ARG G 128 -7.24 -50.92 -23.51
CA ARG G 128 -7.08 -52.24 -22.96
C ARG G 128 -8.04 -53.19 -23.64
N ALA G 129 -9.25 -52.69 -23.86
CA ALA G 129 -10.26 -53.48 -24.52
C ALA G 129 -9.75 -53.87 -25.90
N LEU G 130 -9.25 -52.88 -26.64
CA LEU G 130 -8.71 -53.06 -27.98
C LEU G 130 -7.66 -54.13 -27.99
N HIS G 131 -6.83 -54.06 -26.96
CA HIS G 131 -5.76 -55.02 -26.82
C HIS G 131 -6.32 -56.42 -26.65
N GLU G 132 -7.12 -56.58 -25.58
CA GLU G 132 -7.75 -57.84 -25.25
C GLU G 132 -8.57 -58.41 -26.39
N LEU G 133 -9.51 -57.64 -26.89
CA LEU G 133 -10.32 -58.13 -27.99
C LEU G 133 -9.43 -58.65 -29.13
N GLU G 134 -8.45 -57.85 -29.48
CA GLU G 134 -7.58 -58.19 -30.59
C GLU G 134 -6.79 -59.49 -30.48
N SER G 135 -6.47 -59.89 -29.26
CA SER G 135 -5.70 -61.12 -29.07
C SER G 135 -6.62 -62.30 -28.92
N LEU G 136 -7.90 -62.02 -28.76
CA LEU G 136 -8.89 -63.07 -28.64
C LEU G 136 -9.38 -63.41 -30.05
N ALA G 137 -9.45 -62.41 -30.92
CA ALA G 137 -9.92 -62.61 -32.28
C ALA G 137 -9.00 -63.45 -33.13
N ARG G 138 -9.61 -64.30 -33.95
CA ARG G 138 -8.89 -65.21 -34.86
C ARG G 138 -8.01 -64.37 -35.78
N ASP G 139 -8.58 -63.33 -36.38
CA ASP G 139 -7.83 -62.44 -37.28
C ASP G 139 -7.73 -61.01 -36.67
N PRO G 140 -6.52 -60.59 -36.17
CA PRO G 140 -6.37 -59.24 -35.57
C PRO G 140 -6.98 -58.05 -36.31
N LYS G 141 -6.95 -58.09 -37.63
CA LYS G 141 -7.52 -57.03 -38.42
C LYS G 141 -9.04 -56.84 -38.16
N ALA G 142 -9.78 -57.93 -38.12
CA ALA G 142 -11.22 -57.89 -37.89
C ALA G 142 -11.73 -56.90 -36.82
N VAL G 143 -10.99 -56.70 -35.74
CA VAL G 143 -11.43 -55.80 -34.69
C VAL G 143 -11.60 -54.40 -35.15
N THR G 144 -10.53 -53.83 -35.69
CA THR G 144 -10.54 -52.45 -36.19
C THR G 144 -11.40 -52.29 -37.43
N ASP G 145 -11.62 -53.42 -38.09
CA ASP G 145 -12.47 -53.45 -39.26
C ASP G 145 -13.89 -53.16 -38.80
N ILE G 146 -14.41 -54.04 -37.94
CA ILE G 146 -15.75 -53.94 -37.40
C ILE G 146 -15.98 -52.57 -36.77
N LEU G 147 -14.96 -52.15 -36.01
CA LEU G 147 -14.97 -50.87 -35.28
C LEU G 147 -14.95 -49.60 -36.15
N GLU G 148 -14.36 -49.72 -37.33
CA GLU G 148 -14.30 -48.62 -38.29
C GLU G 148 -15.49 -48.70 -39.26
N GLN G 149 -15.52 -49.78 -40.03
CA GLN G 149 -16.54 -50.08 -41.05
C GLN G 149 -17.95 -49.44 -41.01
N ASP G 150 -18.25 -48.62 -40.01
CA ASP G 150 -19.56 -47.99 -39.93
C ASP G 150 -19.55 -46.88 -38.89
N ALA G 151 -18.35 -46.58 -38.38
CA ALA G 151 -18.12 -45.58 -37.35
C ALA G 151 -18.69 -44.23 -37.72
N VAL G 152 -18.58 -43.93 -39.01
CA VAL G 152 -19.06 -42.68 -39.58
C VAL G 152 -20.55 -42.47 -39.26
N HIS G 153 -21.31 -43.55 -39.47
CA HIS G 153 -22.74 -43.61 -39.24
C HIS G 153 -23.11 -43.47 -37.75
N LEU G 154 -22.37 -44.16 -36.89
CA LEU G 154 -22.62 -44.13 -35.46
C LEU G 154 -22.26 -42.78 -34.80
N CYS G 155 -21.17 -42.17 -35.24
CA CYS G 155 -20.72 -40.88 -34.68
C CYS G 155 -21.51 -39.74 -35.23
N GLY G 156 -21.80 -39.82 -36.51
CA GLY G 156 -22.62 -38.81 -37.14
C GLY G 156 -23.99 -38.99 -36.54
N GLY G 157 -24.53 -40.22 -36.68
CA GLY G 157 -25.84 -40.53 -36.13
C GLY G 157 -26.03 -39.95 -34.74
N GLN G 158 -25.01 -40.05 -33.91
CA GLN G 158 -25.09 -39.54 -32.55
C GLN G 158 -25.06 -38.02 -32.49
N ILE G 159 -24.33 -37.39 -33.41
CA ILE G 159 -24.28 -35.95 -33.36
C ILE G 159 -25.62 -35.40 -33.79
N ARG G 160 -26.14 -35.94 -34.90
CA ARG G 160 -27.44 -35.51 -35.45
C ARG G 160 -28.52 -35.68 -34.39
N THR G 161 -28.59 -36.87 -33.83
CA THR G 161 -29.54 -37.19 -32.78
C THR G 161 -29.72 -36.08 -31.77
N LYS G 162 -28.63 -35.46 -31.33
CA LYS G 162 -28.73 -34.39 -30.33
C LYS G 162 -28.85 -32.96 -30.90
N ARG G 163 -28.60 -32.79 -32.20
CA ARG G 163 -28.71 -31.47 -32.83
C ARG G 163 -30.17 -31.20 -33.24
N SER G 164 -30.73 -32.11 -34.03
CA SER G 164 -32.13 -32.02 -34.50
C SER G 164 -33.06 -32.94 -33.69
N ARG G 165 -33.02 -32.80 -32.36
CA ARG G 165 -33.83 -33.59 -31.43
C ARG G 165 -35.16 -33.94 -32.10
N ALA G 166 -35.52 -35.23 -32.09
CA ALA G 166 -36.75 -35.72 -32.73
C ALA G 166 -38.10 -35.22 -32.17
N THR G 167 -39.15 -35.32 -33.01
CA THR G 167 -40.50 -34.87 -32.66
C THR G 167 -41.66 -35.88 -32.72
N ASN G 168 -41.43 -37.07 -33.28
CA ASN G 168 -42.45 -38.11 -33.38
C ASN G 168 -41.82 -39.50 -33.47
N LEU G 169 -42.53 -40.53 -33.00
CA LEU G 169 -41.97 -41.89 -33.03
C LEU G 169 -41.25 -42.31 -34.32
N ARG G 170 -41.70 -41.83 -35.47
CA ARG G 170 -41.02 -42.24 -36.68
C ARG G 170 -39.53 -41.81 -36.67
N GLU G 171 -39.29 -40.66 -36.05
CA GLU G 171 -37.97 -40.05 -35.93
C GLU G 171 -37.19 -40.64 -34.74
N TRP G 172 -37.65 -40.38 -33.52
CA TRP G 172 -37.01 -40.88 -32.30
C TRP G 172 -36.42 -42.25 -32.61
N ARG G 173 -37.23 -43.09 -33.27
CA ARG G 173 -36.84 -44.45 -33.69
C ARG G 173 -35.59 -44.48 -34.57
N ALA G 174 -35.62 -43.78 -35.72
CA ALA G 174 -34.46 -43.74 -36.60
C ALA G 174 -33.23 -43.12 -35.90
N HIS G 175 -33.47 -42.28 -34.89
CA HIS G 175 -32.40 -41.65 -34.12
C HIS G 175 -31.79 -42.75 -33.25
N ALA G 176 -32.62 -43.32 -32.39
CA ALA G 176 -32.18 -44.39 -31.52
C ALA G 176 -31.65 -45.60 -32.27
N SER G 177 -31.86 -45.70 -33.59
CA SER G 177 -31.37 -46.86 -34.36
C SER G 177 -29.92 -46.71 -34.82
N THR G 178 -29.24 -45.67 -34.30
CA THR G 178 -27.85 -45.39 -34.62
C THR G 178 -27.07 -45.28 -33.29
N TYR G 179 -27.46 -44.31 -32.45
CA TYR G 179 -26.78 -44.11 -31.17
C TYR G 179 -27.07 -45.28 -30.24
N GLY G 180 -27.98 -46.16 -30.65
CA GLY G 180 -28.31 -47.29 -29.83
C GLY G 180 -28.06 -48.60 -30.54
N SER G 181 -28.81 -48.87 -31.59
CA SER G 181 -28.66 -50.12 -32.35
C SER G 181 -27.29 -50.33 -32.98
N THR G 182 -26.88 -49.39 -33.82
CA THR G 182 -25.57 -49.49 -34.48
C THR G 182 -24.43 -49.54 -33.45
N PHE G 183 -24.62 -48.92 -32.27
CA PHE G 183 -23.64 -48.90 -31.19
C PHE G 183 -23.35 -50.26 -30.59
N LEU G 184 -24.38 -50.90 -30.06
CA LEU G 184 -24.26 -52.19 -29.44
C LEU G 184 -24.13 -53.22 -30.53
N GLY G 185 -24.69 -52.91 -31.69
CA GLY G 185 -24.64 -53.82 -32.82
C GLY G 185 -23.21 -54.21 -33.12
N ARG G 186 -22.34 -53.19 -33.15
CA ARG G 186 -20.89 -53.40 -33.39
C ARG G 186 -20.30 -54.36 -32.34
N TYR G 187 -20.57 -54.13 -31.04
CA TYR G 187 -20.08 -55.02 -30.01
C TYR G 187 -20.47 -56.45 -30.29
N GLY G 188 -21.73 -56.64 -30.68
CA GLY G 188 -22.20 -57.98 -30.99
C GLY G 188 -21.36 -58.52 -32.13
N ALA G 189 -21.07 -57.67 -33.11
CA ALA G 189 -20.26 -58.07 -34.26
C ALA G 189 -18.87 -58.51 -33.80
N LEU G 190 -18.40 -57.82 -32.76
CA LEU G 190 -17.10 -58.08 -32.17
C LEU G 190 -17.15 -59.42 -31.46
N ALA G 191 -18.17 -59.58 -30.63
CA ALA G 191 -18.36 -60.79 -29.86
C ALA G 191 -18.28 -61.99 -30.80
N ALA G 192 -18.87 -61.88 -32.00
CA ALA G 192 -18.84 -62.98 -32.98
C ALA G 192 -17.44 -63.27 -33.55
N ALA G 193 -16.72 -62.22 -33.90
CA ALA G 193 -15.38 -62.38 -34.43
C ALA G 193 -14.33 -62.81 -33.40
N CYS G 194 -14.34 -62.20 -32.21
CA CYS G 194 -13.42 -62.55 -31.13
C CYS G 194 -13.85 -63.82 -30.43
N GLY G 195 -15.16 -63.96 -30.30
CA GLY G 195 -15.74 -65.10 -29.61
C GLY G 195 -15.45 -66.53 -30.04
N GLY G 196 -14.80 -66.74 -31.16
CA GLY G 196 -14.55 -68.11 -31.49
C GLY G 196 -15.40 -68.68 -32.59
N GLU G 197 -14.64 -69.26 -33.51
CA GLU G 197 -15.11 -69.90 -34.73
C GLU G 197 -16.48 -70.60 -34.59
N GLY G 198 -17.26 -70.48 -35.66
CA GLY G 198 -18.56 -71.08 -35.71
C GLY G 198 -19.65 -70.27 -35.06
N GLN G 199 -19.61 -68.96 -35.21
CA GLN G 199 -20.67 -68.19 -34.61
C GLN G 199 -21.50 -67.58 -35.72
N PRO G 200 -22.84 -67.61 -35.56
CA PRO G 200 -23.79 -67.04 -36.54
C PRO G 200 -23.74 -65.51 -36.60
N ALA G 201 -22.55 -65.00 -36.94
CA ALA G 201 -22.25 -63.59 -37.05
C ALA G 201 -23.46 -62.63 -37.08
N ASP G 202 -24.27 -62.74 -38.12
CA ASP G 202 -25.44 -61.88 -38.33
C ASP G 202 -26.51 -61.90 -37.27
N SER G 203 -26.79 -63.09 -36.75
CA SER G 203 -27.82 -63.29 -35.73
C SER G 203 -27.41 -62.58 -34.44
N VAL G 204 -26.14 -62.73 -34.05
CA VAL G 204 -25.65 -62.07 -32.86
C VAL G 204 -25.88 -60.58 -33.02
N ARG G 205 -25.48 -60.04 -34.17
CA ARG G 205 -25.62 -58.61 -34.45
C ARG G 205 -27.08 -58.18 -34.43
N GLU G 206 -27.91 -58.94 -35.13
CA GLU G 206 -29.33 -58.64 -35.18
C GLU G 206 -29.89 -58.58 -33.74
N PHE G 207 -29.57 -59.59 -32.94
CA PHE G 207 -30.03 -59.64 -31.56
C PHE G 207 -29.66 -58.36 -30.84
N ALA G 208 -28.37 -58.05 -30.93
CA ALA G 208 -27.78 -56.87 -30.31
C ALA G 208 -28.52 -55.60 -30.63
N GLU G 209 -28.84 -55.40 -31.90
CA GLU G 209 -29.55 -54.21 -32.33
C GLU G 209 -30.98 -54.08 -31.77
N ALA G 210 -31.73 -55.17 -31.85
CA ALA G 210 -33.08 -55.14 -31.33
C ALA G 210 -33.00 -54.85 -29.82
N PHE G 211 -32.25 -55.68 -29.09
CA PHE G 211 -32.09 -55.55 -27.65
C PHE G 211 -31.68 -54.12 -27.28
N ALA G 212 -30.76 -53.58 -28.05
CA ALA G 212 -30.25 -52.26 -27.82
C ALA G 212 -31.38 -51.25 -27.81
N MET G 213 -32.18 -51.25 -28.88
CA MET G 213 -33.28 -50.31 -28.97
C MET G 213 -34.30 -50.48 -27.86
N THR G 214 -34.55 -51.73 -27.46
CA THR G 214 -35.50 -51.99 -26.40
C THR G 214 -34.95 -51.31 -25.14
N ILE G 215 -33.62 -51.37 -24.95
CA ILE G 215 -33.05 -50.73 -23.78
C ILE G 215 -33.13 -49.24 -23.86
N THR G 216 -33.02 -48.74 -25.09
CA THR G 216 -33.04 -47.32 -25.37
C THR G 216 -34.31 -46.70 -24.86
N MET G 217 -35.43 -47.29 -25.29
CA MET G 217 -36.76 -46.82 -24.90
C MET G 217 -36.86 -46.91 -23.38
N ALA G 218 -36.40 -48.05 -22.87
CA ALA G 218 -36.40 -48.31 -21.45
C ALA G 218 -35.80 -47.10 -20.76
N ASP G 219 -34.74 -46.59 -21.36
CA ASP G 219 -34.05 -45.44 -20.83
C ASP G 219 -34.92 -44.21 -20.79
N ASP G 220 -35.20 -43.67 -21.98
CA ASP G 220 -36.00 -42.46 -22.16
C ASP G 220 -37.19 -42.36 -21.20
N LEU G 221 -37.84 -43.49 -20.90
CA LEU G 221 -39.00 -43.50 -20.00
C LEU G 221 -38.61 -43.34 -18.54
N THR G 222 -37.42 -43.82 -18.17
CA THR G 222 -36.94 -43.70 -16.80
C THR G 222 -36.43 -42.29 -16.64
N ASP G 223 -35.69 -41.85 -17.66
CA ASP G 223 -35.06 -40.52 -17.74
C ASP G 223 -35.96 -39.27 -17.82
N TYR G 224 -37.24 -39.45 -18.12
CA TYR G 224 -38.16 -38.33 -18.19
C TYR G 224 -38.54 -37.96 -16.74
N ASP G 225 -38.78 -38.99 -15.93
CA ASP G 225 -39.15 -38.86 -14.52
C ASP G 225 -37.91 -38.62 -13.65
N ARG G 226 -37.16 -39.70 -13.41
CA ARG G 226 -35.94 -39.72 -12.60
C ARG G 226 -35.06 -38.46 -12.58
N ASN G 227 -34.87 -37.81 -13.73
CA ASN G 227 -34.09 -36.57 -13.78
C ASN G 227 -34.58 -35.65 -14.91
N GLY G 228 -35.80 -35.13 -14.75
CA GLY G 228 -36.43 -34.23 -15.72
C GLY G 228 -35.63 -33.89 -16.97
N GLU G 229 -35.90 -34.62 -18.04
CA GLU G 229 -35.26 -34.43 -19.34
C GLU G 229 -36.49 -34.39 -20.23
N ARG G 230 -36.48 -33.67 -21.35
CA ARG G 230 -37.74 -33.61 -22.09
C ARG G 230 -37.75 -33.30 -23.59
N ASP G 231 -36.67 -32.76 -24.13
CA ASP G 231 -36.67 -32.39 -25.55
C ASP G 231 -36.28 -33.46 -26.59
N GLY G 232 -37.27 -34.16 -27.13
CA GLY G 232 -37.00 -35.22 -28.09
C GLY G 232 -37.05 -36.57 -27.41
N ASN G 233 -37.33 -36.53 -26.10
CA ASN G 233 -37.45 -37.68 -25.19
C ASN G 233 -38.77 -38.42 -25.47
N LEU G 234 -38.70 -39.72 -25.76
CA LEU G 234 -39.89 -40.51 -26.05
C LEU G 234 -41.04 -40.39 -25.05
N ALA G 235 -40.74 -40.22 -23.77
CA ALA G 235 -41.77 -40.09 -22.73
C ALA G 235 -42.56 -38.80 -22.92
N HIS G 236 -41.84 -37.76 -23.38
CA HIS G 236 -42.47 -36.48 -23.63
C HIS G 236 -43.33 -36.59 -24.86
N LEU G 237 -42.76 -37.05 -25.97
CA LEU G 237 -43.52 -37.20 -27.21
C LEU G 237 -44.81 -37.99 -27.00
N MET G 238 -44.89 -38.72 -25.90
CA MET G 238 -46.08 -39.47 -25.56
C MET G 238 -47.02 -38.52 -24.80
N ARG G 239 -46.47 -37.77 -23.83
CA ARG G 239 -47.20 -36.78 -23.01
C ARG G 239 -47.83 -35.70 -23.91
N THR G 240 -47.02 -35.19 -24.84
CA THR G 240 -47.43 -34.18 -25.80
C THR G 240 -48.34 -34.73 -26.91
N GLY G 241 -48.79 -35.97 -26.75
CA GLY G 241 -49.67 -36.55 -27.75
C GLY G 241 -49.07 -36.55 -29.14
N ALA G 242 -47.75 -36.41 -29.24
CA ALA G 242 -47.08 -36.43 -30.54
C ALA G 242 -46.77 -37.88 -30.94
N VAL G 243 -46.75 -38.78 -29.95
CA VAL G 243 -46.48 -40.20 -30.16
C VAL G 243 -47.59 -41.06 -29.53
N ALA G 244 -48.07 -42.03 -30.32
CA ALA G 244 -49.18 -42.90 -29.91
C ALA G 244 -48.85 -44.04 -28.95
N GLY G 245 -49.46 -44.00 -27.77
CA GLY G 245 -49.21 -45.06 -26.81
C GLY G 245 -49.21 -46.43 -27.47
N GLN G 246 -50.26 -46.73 -28.22
CA GLN G 246 -50.43 -48.03 -28.89
C GLN G 246 -49.27 -48.34 -29.85
N ASP G 247 -48.60 -47.30 -30.33
CA ASP G 247 -47.48 -47.45 -31.29
C ASP G 247 -46.14 -47.73 -30.61
N VAL G 248 -45.98 -47.15 -29.41
CA VAL G 248 -44.81 -47.34 -28.59
C VAL G 248 -44.81 -48.84 -28.31
N VAL G 249 -45.97 -49.32 -27.81
CA VAL G 249 -46.20 -50.72 -27.49
C VAL G 249 -46.01 -51.63 -28.71
N ASP G 250 -46.41 -51.15 -29.87
CA ASP G 250 -46.25 -51.93 -31.09
C ASP G 250 -44.78 -52.04 -31.44
N LEU G 251 -44.08 -50.92 -31.37
CA LEU G 251 -42.65 -50.91 -31.64
C LEU G 251 -41.97 -51.90 -30.69
N LEU G 252 -42.17 -51.66 -29.38
CA LEU G 252 -41.64 -52.49 -28.31
C LEU G 252 -41.69 -53.93 -28.68
N GLU G 253 -42.92 -54.36 -28.96
CA GLU G 253 -43.21 -55.73 -29.31
C GLU G 253 -42.61 -56.16 -30.63
N GLU G 254 -42.45 -55.21 -31.54
CA GLU G 254 -41.86 -55.58 -32.82
C GLU G 254 -40.39 -55.89 -32.60
N LEU G 255 -39.81 -55.22 -31.60
CA LEU G 255 -38.41 -55.38 -31.23
C LEU G 255 -38.19 -56.74 -30.57
N ARG G 256 -39.13 -57.11 -29.69
CA ARG G 256 -39.10 -58.40 -28.99
C ARG G 256 -39.16 -59.46 -30.10
N GLY G 257 -39.88 -59.14 -31.15
CA GLY G 257 -39.97 -60.07 -32.25
C GLY G 257 -38.59 -60.26 -32.85
N ARG G 258 -38.05 -59.17 -33.41
CA ARG G 258 -36.73 -59.18 -34.05
C ARG G 258 -35.70 -59.95 -33.20
N ALA G 259 -35.68 -59.66 -31.90
CA ALA G 259 -34.74 -60.26 -30.92
C ALA G 259 -34.86 -61.76 -30.77
N LEU G 260 -36.05 -62.18 -30.35
CA LEU G 260 -36.42 -63.58 -30.15
C LEU G 260 -36.12 -64.39 -31.40
N ALA G 261 -36.38 -63.77 -32.55
CA ALA G 261 -36.15 -64.37 -33.85
C ALA G 261 -34.67 -64.75 -34.02
N ALA G 262 -33.78 -63.80 -33.69
CA ALA G 262 -32.33 -63.97 -33.82
C ALA G 262 -31.68 -64.99 -32.87
N VAL G 263 -32.18 -65.06 -31.64
CA VAL G 263 -31.64 -66.02 -30.67
C VAL G 263 -32.10 -67.41 -31.08
N ALA G 264 -33.13 -67.43 -31.92
CA ALA G 264 -33.71 -68.65 -32.46
C ALA G 264 -32.94 -69.19 -33.67
N ALA G 265 -32.43 -68.30 -34.53
CA ALA G 265 -31.65 -68.74 -35.69
C ALA G 265 -30.60 -69.70 -35.15
N PRO G 266 -30.36 -70.83 -35.90
CA PRO G 266 -29.42 -71.95 -35.65
C PRO G 266 -27.91 -71.62 -35.58
N PRO G 267 -27.18 -72.17 -34.57
CA PRO G 267 -27.68 -73.04 -33.49
C PRO G 267 -28.69 -72.35 -32.58
N GLY G 268 -28.42 -71.10 -32.21
CA GLY G 268 -29.32 -70.36 -31.37
C GLY G 268 -28.96 -70.31 -29.89
N ALA G 269 -29.44 -69.26 -29.25
CA ALA G 269 -29.20 -69.00 -27.85
C ALA G 269 -30.43 -69.15 -26.99
N PRO G 270 -30.86 -70.39 -26.73
CA PRO G 270 -32.03 -70.61 -25.91
C PRO G 270 -31.94 -69.83 -24.59
N GLY G 271 -30.73 -69.74 -24.03
CA GLY G 271 -30.58 -69.04 -22.78
C GLY G 271 -31.07 -67.59 -22.77
N LEU G 272 -31.00 -66.91 -23.92
CA LEU G 272 -31.40 -65.47 -24.06
C LEU G 272 -32.89 -65.19 -24.19
N VAL G 273 -33.66 -66.25 -24.43
CA VAL G 273 -35.10 -66.13 -24.60
C VAL G 273 -35.81 -65.54 -23.38
N PRO G 274 -35.45 -66.02 -22.19
CA PRO G 274 -36.07 -65.49 -20.97
C PRO G 274 -35.68 -64.05 -20.72
N VAL G 275 -34.44 -63.73 -21.10
CA VAL G 275 -33.77 -62.41 -21.01
C VAL G 275 -34.49 -61.38 -21.87
N VAL G 276 -34.71 -61.74 -23.14
CA VAL G 276 -35.41 -60.89 -24.09
C VAL G 276 -36.73 -60.48 -23.45
N HIS G 277 -37.54 -61.51 -23.16
CA HIS G 277 -38.86 -61.31 -22.55
C HIS G 277 -38.71 -60.48 -21.28
N LEU G 278 -37.74 -60.85 -20.45
CA LEU G 278 -37.54 -60.15 -19.22
C LEU G 278 -37.48 -58.65 -19.38
N TYR G 279 -36.60 -58.20 -20.26
CA TYR G 279 -36.41 -56.76 -20.48
C TYR G 279 -37.59 -56.07 -21.11
N THR G 280 -37.98 -56.57 -22.28
CA THR G 280 -39.11 -56.04 -23.01
C THR G 280 -40.34 -55.98 -22.09
N ASP G 281 -40.64 -57.11 -21.43
CA ASP G 281 -41.78 -57.18 -20.48
C ASP G 281 -41.67 -56.07 -19.44
N ASP G 282 -40.45 -55.81 -18.98
CA ASP G 282 -40.28 -54.80 -17.96
C ASP G 282 -40.69 -53.40 -18.36
N VAL G 283 -40.44 -53.07 -19.62
CA VAL G 283 -40.82 -51.76 -20.08
C VAL G 283 -42.34 -51.71 -19.97
N LEU G 284 -43.00 -52.68 -20.59
CA LEU G 284 -44.48 -52.78 -20.61
C LEU G 284 -45.07 -52.65 -19.24
N VAL G 285 -44.69 -53.59 -18.39
CA VAL G 285 -45.17 -53.65 -17.03
C VAL G 285 -44.89 -52.46 -16.11
N ARG G 286 -43.61 -52.10 -15.96
CA ARG G 286 -43.27 -51.02 -15.04
C ARG G 286 -43.04 -49.62 -15.56
N LEU G 287 -42.53 -49.49 -16.77
CA LEU G 287 -42.27 -48.15 -17.29
C LEU G 287 -43.40 -47.52 -18.12
N LEU G 288 -43.95 -48.28 -19.07
CA LEU G 288 -45.01 -47.74 -19.92
C LEU G 288 -46.24 -47.23 -19.21
N PRO G 289 -46.64 -47.86 -18.08
CA PRO G 289 -47.82 -47.40 -17.34
C PRO G 289 -47.85 -45.92 -16.96
N ARG G 290 -46.69 -45.35 -16.65
CA ARG G 290 -46.56 -43.93 -16.27
C ARG G 290 -46.97 -42.90 -17.33
N HIS G 291 -46.56 -43.16 -18.57
CA HIS G 291 -46.85 -42.26 -19.69
C HIS G 291 -47.93 -42.83 -20.60
N LEU G 292 -49.06 -43.21 -19.99
CA LEU G 292 -50.20 -43.76 -20.70
C LEU G 292 -51.46 -43.28 -19.97
N TYR H 31 13.58 -27.96 -47.99
CA TYR H 31 12.91 -28.74 -46.90
C TYR H 31 11.86 -27.96 -46.10
N PHE H 32 12.27 -26.86 -45.48
CA PHE H 32 11.35 -26.04 -44.68
C PHE H 32 10.11 -25.65 -45.47
N GLN H 33 9.90 -26.43 -46.53
CA GLN H 33 8.79 -26.31 -47.44
C GLN H 33 8.05 -27.61 -47.23
N SER H 34 8.55 -28.70 -47.81
CA SER H 34 7.94 -30.03 -47.70
C SER H 34 7.28 -30.31 -46.36
N MET H 35 7.79 -29.71 -45.28
CA MET H 35 7.19 -29.91 -43.96
C MET H 35 5.88 -29.12 -43.87
N LEU H 36 5.71 -28.17 -44.77
CA LEU H 36 4.48 -27.36 -44.83
C LEU H 36 3.58 -27.99 -45.83
N ALA H 37 4.20 -28.76 -46.71
CA ALA H 37 3.52 -29.49 -47.77
C ALA H 37 2.77 -30.63 -47.09
N ALA H 38 3.42 -31.22 -46.08
CA ALA H 38 2.85 -32.32 -45.32
C ALA H 38 1.85 -31.71 -44.38
N GLU H 39 2.27 -30.69 -43.65
CA GLU H 39 1.39 -30.04 -42.71
C GLU H 39 0.07 -29.73 -43.41
N ALA H 40 0.13 -29.53 -44.72
CA ALA H 40 -1.04 -29.15 -45.52
C ALA H 40 -1.90 -30.34 -45.90
N ALA H 41 -1.24 -31.41 -46.34
CA ALA H 41 -1.92 -32.66 -46.74
C ALA H 41 -2.73 -33.24 -45.60
N ASN H 42 -2.04 -33.35 -44.46
CA ASN H 42 -2.59 -33.86 -43.23
C ASN H 42 -3.69 -32.93 -42.82
N ARG H 43 -3.48 -31.62 -42.85
CA ARG H 43 -4.58 -30.71 -42.49
C ARG H 43 -5.79 -31.04 -43.36
N ASP H 44 -5.57 -31.44 -44.60
CA ASP H 44 -6.71 -31.75 -45.46
C ASP H 44 -7.39 -33.01 -44.96
N HIS H 45 -6.65 -34.11 -45.02
CA HIS H 45 -7.15 -35.41 -44.58
C HIS H 45 -7.93 -35.40 -43.26
N VAL H 46 -7.46 -34.60 -42.29
CA VAL H 46 -8.11 -34.47 -40.99
C VAL H 46 -9.44 -33.73 -41.09
N THR H 47 -9.42 -32.51 -41.60
CA THR H 47 -10.66 -31.74 -41.71
C THR H 47 -11.68 -32.41 -42.65
N ARG H 48 -11.18 -33.20 -43.60
CA ARG H 48 -12.04 -33.95 -44.51
C ARG H 48 -12.87 -34.84 -43.65
N CYS H 49 -12.20 -35.50 -42.72
CA CYS H 49 -12.85 -36.40 -41.78
C CYS H 49 -13.75 -35.66 -40.80
N VAL H 50 -13.16 -34.71 -40.07
CA VAL H 50 -13.92 -33.91 -39.09
C VAL H 50 -15.26 -33.48 -39.61
N ALA H 51 -15.27 -33.05 -40.86
CA ALA H 51 -16.47 -32.56 -41.50
C ALA H 51 -17.46 -33.65 -41.87
N GLN H 52 -17.00 -34.62 -42.65
CA GLN H 52 -17.86 -35.71 -43.08
C GLN H 52 -18.43 -36.55 -41.93
N THR H 53 -18.18 -36.16 -40.69
CA THR H 53 -18.70 -36.88 -39.53
C THR H 53 -19.63 -35.94 -38.79
N GLY H 54 -19.82 -34.76 -39.37
CA GLY H 54 -20.70 -33.80 -38.73
C GLY H 54 -20.00 -32.68 -38.00
N GLY H 55 -18.78 -32.39 -38.39
CA GLY H 55 -18.06 -31.33 -37.73
C GLY H 55 -18.69 -30.03 -38.17
N SER H 56 -18.86 -29.11 -37.24
CA SER H 56 -19.43 -27.80 -37.58
C SER H 56 -18.31 -26.88 -38.08
N PRO H 57 -18.69 -25.73 -38.64
CA PRO H 57 -17.69 -24.78 -39.16
C PRO H 57 -16.58 -24.49 -38.12
N ASP H 58 -17.01 -24.20 -36.90
CA ASP H 58 -16.10 -23.88 -35.80
C ASP H 58 -15.12 -24.96 -35.47
N LEU H 59 -15.57 -26.21 -35.50
CA LEU H 59 -14.70 -27.33 -35.18
C LEU H 59 -13.70 -27.60 -36.31
N VAL H 60 -14.17 -27.52 -37.56
CA VAL H 60 -13.26 -27.75 -38.66
C VAL H 60 -12.22 -26.66 -38.60
N ALA H 61 -12.69 -25.46 -38.26
CA ALA H 61 -11.82 -24.30 -38.13
C ALA H 61 -10.77 -24.64 -37.09
N HIS H 62 -11.25 -24.89 -35.87
CA HIS H 62 -10.39 -25.26 -34.75
C HIS H 62 -9.28 -26.26 -35.11
N THR H 63 -9.67 -27.39 -35.68
CA THR H 63 -8.70 -28.42 -36.05
C THR H 63 -7.75 -27.96 -37.14
N ALA H 64 -8.28 -27.37 -38.20
CA ALA H 64 -7.46 -26.89 -39.32
C ALA H 64 -6.30 -26.01 -38.80
N ALA H 65 -6.55 -25.34 -37.69
CA ALA H 65 -5.60 -24.45 -37.06
C ALA H 65 -4.60 -25.12 -36.09
N LEU H 66 -4.68 -26.43 -35.89
CA LEU H 66 -3.77 -27.13 -34.95
C LEU H 66 -2.49 -27.48 -35.72
N ARG H 67 -1.82 -26.43 -36.12
CA ARG H 67 -0.62 -26.56 -36.91
C ARG H 67 0.40 -27.56 -36.42
N LEU H 68 0.95 -27.35 -35.23
CA LEU H 68 2.00 -28.23 -34.77
C LEU H 68 1.64 -29.69 -34.79
N TYR H 69 0.42 -30.00 -34.34
CA TYR H 69 -0.03 -31.39 -34.26
C TYR H 69 -0.06 -31.94 -35.62
N LEU H 70 -0.61 -31.17 -36.54
CA LEU H 70 -0.76 -31.58 -37.92
C LEU H 70 0.56 -31.85 -38.61
N ARG H 71 1.58 -31.14 -38.09
CA ARG H 71 2.94 -31.16 -38.61
C ARG H 71 3.88 -32.18 -38.05
N VAL H 72 3.77 -32.40 -36.74
CA VAL H 72 4.62 -33.37 -36.05
C VAL H 72 4.72 -34.78 -36.71
N PRO H 73 3.61 -35.32 -37.23
CA PRO H 73 3.60 -36.63 -37.89
C PRO H 73 4.60 -36.68 -39.01
N HIS H 74 4.98 -35.51 -39.48
CA HIS H 74 5.93 -35.45 -40.57
C HIS H 74 7.31 -35.76 -40.03
N PHE H 75 7.65 -35.12 -38.92
CA PHE H 75 8.93 -35.34 -38.31
C PHE H 75 9.12 -36.81 -37.96
N LEU H 76 8.13 -37.48 -37.35
CA LEU H 76 8.25 -38.91 -36.97
C LEU H 76 8.42 -39.92 -38.13
N THR H 77 7.88 -39.58 -39.29
CA THR H 77 7.95 -40.48 -40.42
C THR H 77 9.17 -40.22 -41.25
N GLU H 78 10.01 -39.29 -40.80
CA GLU H 78 11.24 -38.91 -41.54
C GLU H 78 12.17 -40.07 -41.86
N TRP H 79 12.17 -41.13 -41.04
CA TRP H 79 13.03 -42.29 -41.29
C TRP H 79 12.44 -43.25 -42.32
N THR H 80 11.25 -42.91 -42.83
CA THR H 80 10.58 -43.74 -43.81
C THR H 80 11.00 -43.33 -45.20
N THR H 81 11.56 -44.28 -45.95
CA THR H 81 12.02 -44.01 -47.32
C THR H 81 10.91 -43.96 -48.37
N ASP H 82 10.07 -45.00 -48.50
CA ASP H 82 8.99 -44.91 -49.51
C ASP H 82 8.16 -43.63 -49.25
N PRO H 83 8.06 -42.74 -50.27
CA PRO H 83 7.32 -41.49 -50.20
C PRO H 83 5.85 -41.62 -49.90
N ASP H 84 5.25 -42.69 -50.42
CA ASP H 84 3.82 -42.92 -50.25
C ASP H 84 3.46 -43.53 -48.91
N ARG H 85 4.20 -44.55 -48.51
CA ARG H 85 3.92 -45.13 -47.23
C ARG H 85 4.14 -43.95 -46.28
N ARG H 86 5.30 -43.30 -46.42
CA ARG H 86 5.62 -42.17 -45.56
C ARG H 86 4.46 -41.17 -45.45
N ALA H 87 3.85 -40.85 -46.58
CA ALA H 87 2.75 -39.87 -46.55
C ALA H 87 1.45 -40.44 -45.96
N ALA H 88 1.32 -41.78 -46.03
CA ALA H 88 0.16 -42.53 -45.54
C ALA H 88 0.16 -42.64 -44.03
N VAL H 89 1.33 -42.94 -43.49
CA VAL H 89 1.52 -43.06 -42.07
C VAL H 89 1.46 -41.66 -41.52
N SER H 90 2.07 -40.74 -42.26
CA SER H 90 2.12 -39.34 -41.84
C SER H 90 0.74 -38.85 -41.52
N ARG H 91 -0.17 -39.07 -42.48
CA ARG H 91 -1.56 -38.64 -42.32
C ARG H 91 -2.32 -39.47 -41.26
N ALA H 92 -2.12 -40.79 -41.26
CA ALA H 92 -2.78 -41.66 -40.29
C ALA H 92 -2.48 -41.20 -38.86
N LEU H 93 -1.19 -40.90 -38.58
CA LEU H 93 -0.76 -40.43 -37.26
C LEU H 93 -1.35 -39.09 -36.88
N ALA H 94 -1.59 -38.24 -37.89
CA ALA H 94 -2.17 -36.91 -37.63
C ALA H 94 -3.60 -37.12 -37.14
N LEU H 95 -4.26 -38.12 -37.73
CA LEU H 95 -5.63 -38.43 -37.36
C LEU H 95 -5.69 -38.67 -35.87
N ASP H 96 -4.86 -39.56 -35.34
CA ASP H 96 -4.91 -39.82 -33.92
C ASP H 96 -4.37 -38.67 -33.05
N ILE H 97 -3.32 -37.98 -33.48
CA ILE H 97 -2.81 -36.89 -32.66
C ILE H 97 -3.88 -35.86 -32.51
N VAL H 98 -4.60 -35.55 -33.59
CA VAL H 98 -5.68 -34.56 -33.48
C VAL H 98 -6.77 -35.13 -32.60
N SER H 99 -7.04 -36.42 -32.76
CA SER H 99 -8.07 -37.07 -31.97
C SER H 99 -7.82 -36.78 -30.50
N MET H 100 -6.63 -37.12 -30.02
CA MET H 100 -6.31 -36.92 -28.62
C MET H 100 -6.38 -35.46 -28.25
N LYS H 101 -6.03 -34.59 -29.19
CA LYS H 101 -6.06 -33.18 -28.90
C LYS H 101 -7.50 -32.75 -28.60
N LEU H 102 -8.46 -33.32 -29.32
CA LEU H 102 -9.87 -32.94 -29.10
C LEU H 102 -10.32 -33.40 -27.74
N LEU H 103 -9.95 -34.64 -27.40
CA LEU H 103 -10.28 -35.27 -26.11
C LEU H 103 -9.72 -34.42 -24.98
N ASP H 104 -8.62 -33.73 -25.28
CA ASP H 104 -8.00 -32.87 -24.32
C ASP H 104 -8.89 -31.64 -24.14
N ASP H 105 -9.35 -31.04 -25.23
CA ASP H 105 -10.21 -29.88 -25.13
C ASP H 105 -11.53 -30.21 -24.44
N LEU H 106 -11.88 -31.50 -24.51
CA LEU H 106 -13.10 -32.01 -23.91
C LEU H 106 -12.94 -32.01 -22.40
N MET H 107 -11.73 -32.29 -21.92
CA MET H 107 -11.49 -32.29 -20.48
C MET H 107 -11.17 -30.90 -19.87
N ASP H 108 -10.40 -30.08 -20.56
CA ASP H 108 -10.11 -28.74 -20.02
C ASP H 108 -11.46 -28.00 -20.06
N ASP H 109 -12.19 -28.27 -21.15
CA ASP H 109 -13.49 -27.67 -21.41
C ASP H 109 -13.53 -26.17 -21.57
N ASP H 110 -12.36 -25.55 -21.62
CA ASP H 110 -12.28 -24.11 -21.84
C ASP H 110 -12.65 -23.84 -23.30
N THR H 111 -12.15 -24.66 -24.22
CA THR H 111 -12.41 -24.55 -25.66
C THR H 111 -13.63 -23.74 -26.12
N GLY H 112 -14.73 -23.83 -25.38
CA GLY H 112 -15.93 -23.09 -25.75
C GLY H 112 -16.59 -23.69 -26.97
N LEU H 113 -15.97 -24.74 -27.47
CA LEU H 113 -16.45 -25.47 -28.61
C LEU H 113 -17.59 -26.37 -28.11
N ASP H 114 -18.38 -26.93 -29.01
CA ASP H 114 -19.46 -27.80 -28.55
C ASP H 114 -19.03 -29.16 -27.95
N ARG H 115 -19.48 -29.39 -26.72
CA ARG H 115 -19.21 -30.61 -25.95
C ARG H 115 -19.39 -31.91 -26.71
N VAL H 116 -20.59 -32.14 -27.23
CA VAL H 116 -20.92 -33.34 -28.00
C VAL H 116 -20.06 -33.59 -29.25
N GLU H 117 -20.02 -32.63 -30.17
CA GLU H 117 -19.24 -32.69 -31.41
C GLU H 117 -17.83 -33.21 -31.10
N LEU H 118 -17.16 -32.51 -30.18
CA LEU H 118 -15.83 -32.84 -29.72
C LEU H 118 -15.68 -34.33 -29.45
N ALA H 119 -16.47 -34.86 -28.51
CA ALA H 119 -16.42 -36.27 -28.18
C ALA H 119 -16.60 -37.22 -29.38
N CYS H 120 -17.66 -37.03 -30.15
CA CYS H 120 -17.92 -37.92 -31.30
C CYS H 120 -16.88 -37.85 -32.37
N VAL H 121 -16.45 -36.62 -32.73
CA VAL H 121 -15.44 -36.40 -33.76
C VAL H 121 -14.14 -37.00 -33.27
N CYS H 122 -13.87 -36.78 -31.98
CA CYS H 122 -12.70 -37.31 -31.37
C CYS H 122 -12.68 -38.83 -31.58
N LEU H 123 -13.72 -39.50 -31.07
CA LEU H 123 -13.77 -40.92 -31.21
C LEU H 123 -13.69 -41.35 -32.66
N ARG H 124 -14.35 -40.60 -33.53
CA ARG H 124 -14.35 -40.95 -34.95
C ARG H 124 -12.93 -40.97 -35.53
N LEU H 125 -12.22 -39.85 -35.37
CA LEU H 125 -10.84 -39.70 -35.86
C LEU H 125 -9.98 -40.82 -35.33
N HIS H 126 -10.13 -41.06 -34.05
CA HIS H 126 -9.38 -42.10 -33.40
C HIS H 126 -9.54 -43.44 -34.06
N LEU H 127 -10.78 -43.86 -34.28
CA LEU H 127 -11.05 -45.15 -34.92
C LEU H 127 -10.53 -45.22 -36.34
N ARG H 128 -10.54 -44.09 -37.01
CA ARG H 128 -10.06 -44.07 -38.37
C ARG H 128 -8.54 -44.24 -38.35
N ALA H 129 -7.91 -43.56 -37.42
CA ALA H 129 -6.47 -43.66 -37.29
C ALA H 129 -6.10 -45.13 -37.09
N LEU H 130 -6.75 -45.72 -36.11
CA LEU H 130 -6.52 -47.12 -35.74
C LEU H 130 -6.62 -47.97 -36.94
N HIS H 131 -7.68 -47.76 -37.71
CA HIS H 131 -7.88 -48.52 -38.91
C HIS H 131 -6.69 -48.34 -39.86
N GLU H 132 -6.42 -47.11 -40.26
CA GLU H 132 -5.34 -46.78 -41.18
C GLU H 132 -3.97 -47.26 -40.69
N LEU H 133 -3.63 -46.93 -39.45
CA LEU H 133 -2.33 -47.33 -38.93
C LEU H 133 -2.20 -48.83 -39.06
N GLU H 134 -3.23 -49.52 -38.65
CA GLU H 134 -3.23 -50.95 -38.64
C GLU H 134 -3.07 -51.65 -39.96
N SER H 135 -3.47 -51.03 -41.05
CA SER H 135 -3.32 -51.66 -42.36
C SER H 135 -2.00 -51.28 -42.99
N LEU H 136 -1.36 -50.28 -42.42
CA LEU H 136 -0.08 -49.83 -42.89
C LEU H 136 1.01 -50.69 -42.23
N ALA H 137 0.79 -51.06 -40.97
CA ALA H 137 1.75 -51.87 -40.21
C ALA H 137 1.95 -53.28 -40.74
N ARG H 138 3.19 -53.75 -40.68
CA ARG H 138 3.58 -55.09 -41.14
C ARG H 138 2.79 -56.13 -40.36
N ASP H 139 2.80 -56.01 -39.04
CA ASP H 139 2.07 -56.93 -38.15
C ASP H 139 0.88 -56.17 -37.44
N PRO H 140 -0.40 -56.46 -37.83
CA PRO H 140 -1.55 -55.76 -37.21
C PRO H 140 -1.55 -55.64 -35.68
N LYS H 141 -1.07 -56.67 -34.99
CA LYS H 141 -1.03 -56.65 -33.55
C LYS H 141 -0.20 -55.48 -33.00
N ALA H 142 0.98 -55.24 -33.60
CA ALA H 142 1.86 -54.18 -33.14
C ALA H 142 1.23 -52.84 -32.73
N VAL H 143 0.19 -52.42 -33.44
CA VAL H 143 -0.45 -51.13 -33.18
C VAL H 143 -1.01 -51.02 -31.77
N THR H 144 -1.87 -51.97 -31.43
CA THR H 144 -2.54 -52.02 -30.12
C THR H 144 -1.56 -52.34 -29.03
N ASP H 145 -0.49 -52.99 -29.47
CA ASP H 145 0.57 -53.37 -28.58
C ASP H 145 1.19 -52.09 -28.09
N ILE H 146 1.79 -51.38 -29.03
CA ILE H 146 2.45 -50.13 -28.74
C ILE H 146 1.53 -49.21 -27.97
N LEU H 147 0.26 -49.19 -28.42
CA LEU H 147 -0.77 -48.32 -27.86
C LEU H 147 -1.19 -48.68 -26.46
N GLU H 148 -1.09 -49.96 -26.14
CA GLU H 148 -1.44 -50.40 -24.80
C GLU H 148 -0.20 -50.40 -23.89
N GLN H 149 0.76 -51.24 -24.29
CA GLN H 149 2.02 -51.45 -23.59
C GLN H 149 2.60 -50.42 -22.61
N ASP H 150 1.94 -49.26 -22.42
CA ASP H 150 2.44 -48.27 -21.47
C ASP H 150 1.38 -47.22 -21.15
N ALA H 151 0.17 -47.50 -21.66
CA ALA H 151 -1.00 -46.63 -21.53
C ALA H 151 -1.25 -46.25 -20.10
N VAL H 152 -1.03 -47.21 -19.23
CA VAL H 152 -1.23 -47.05 -17.80
C VAL H 152 -0.43 -45.87 -17.29
N HIS H 153 0.81 -45.81 -17.76
CA HIS H 153 1.78 -44.77 -17.39
C HIS H 153 1.36 -43.39 -17.90
N LEU H 154 0.99 -43.34 -19.17
CA LEU H 154 0.58 -42.09 -19.83
C LEU H 154 -0.71 -41.47 -19.28
N CYS H 155 -1.71 -42.33 -18.99
CA CYS H 155 -3.01 -41.92 -18.44
C CYS H 155 -2.92 -41.58 -16.97
N GLY H 156 -2.17 -42.39 -16.23
CA GLY H 156 -1.98 -42.09 -14.83
C GLY H 156 -1.11 -40.84 -14.78
N GLY H 157 0.03 -40.93 -15.47
CA GLY H 157 0.94 -39.80 -15.53
C GLY H 157 0.17 -38.51 -15.77
N GLN H 158 -0.76 -38.53 -16.72
CA GLN H 158 -1.54 -37.34 -17.01
C GLN H 158 -2.51 -36.95 -15.89
N ILE H 159 -3.07 -37.94 -15.16
CA ILE H 159 -4.00 -37.59 -14.10
C ILE H 159 -3.23 -36.97 -12.97
N ARG H 160 -2.14 -37.62 -12.58
CA ARG H 160 -1.31 -37.13 -11.49
C ARG H 160 -0.85 -35.71 -11.79
N THR H 161 -0.30 -35.53 -12.99
CA THR H 161 0.19 -34.23 -13.45
C THR H 161 -0.74 -33.08 -13.05
N LYS H 162 -2.03 -33.26 -13.23
CA LYS H 162 -2.98 -32.20 -12.90
C LYS H 162 -3.54 -32.18 -11.47
N ARG H 163 -3.36 -33.28 -10.72
CA ARG H 163 -3.82 -33.36 -9.32
C ARG H 163 -2.83 -32.73 -8.36
N SER H 164 -1.59 -33.19 -8.43
CA SER H 164 -0.48 -32.68 -7.61
C SER H 164 0.44 -31.73 -8.43
N ARG H 165 -0.18 -30.72 -9.05
CA ARG H 165 0.52 -29.73 -9.86
C ARG H 165 1.94 -29.52 -9.26
N ALA H 166 2.97 -29.60 -10.10
CA ALA H 166 4.36 -29.44 -9.66
C ALA H 166 4.78 -28.07 -9.10
N THR H 167 5.88 -28.08 -8.36
CA THR H 167 6.43 -26.87 -7.70
C THR H 167 7.89 -26.45 -8.01
N ASN H 168 8.66 -27.29 -8.71
CA ASN H 168 10.04 -26.96 -9.03
C ASN H 168 10.47 -27.74 -10.25
N LEU H 169 11.41 -27.21 -11.02
CA LEU H 169 11.86 -27.89 -12.24
C LEU H 169 12.09 -29.41 -12.13
N ARG H 170 12.54 -29.90 -10.99
CA ARG H 170 12.77 -31.34 -10.90
C ARG H 170 11.49 -32.14 -11.13
N GLU H 171 10.36 -31.54 -10.70
CA GLU H 171 8.98 -32.11 -10.80
C GLU H 171 8.34 -31.88 -12.17
N TRP H 172 8.07 -30.60 -12.47
CA TRP H 172 7.50 -30.18 -13.74
C TRP H 172 8.03 -31.11 -14.81
N ARG H 173 9.35 -31.27 -14.81
CA ARG H 173 10.04 -32.15 -15.75
C ARG H 173 9.50 -33.58 -15.70
N ALA H 174 9.57 -34.23 -14.55
CA ALA H 174 9.07 -35.59 -14.48
C ALA H 174 7.58 -35.67 -14.87
N HIS H 175 6.85 -34.57 -14.67
CA HIS H 175 5.43 -34.52 -15.01
C HIS H 175 5.36 -34.51 -16.52
N ALA H 176 5.96 -33.49 -17.12
CA ALA H 176 5.99 -33.36 -18.57
C ALA H 176 6.64 -34.54 -19.27
N SER H 177 7.30 -35.43 -18.55
CA SER H 177 7.95 -36.56 -19.20
C SER H 177 7.01 -37.75 -19.39
N THR H 178 5.72 -37.54 -19.12
CA THR H 178 4.69 -38.58 -19.26
C THR H 178 3.59 -38.05 -20.19
N TYR H 179 2.97 -36.97 -19.75
CA TYR H 179 1.92 -36.34 -20.54
C TYR H 179 2.48 -35.76 -21.84
N GLY H 180 3.80 -35.68 -21.93
CA GLY H 180 4.42 -35.12 -23.11
C GLY H 180 5.30 -36.14 -23.80
N SER H 181 6.38 -36.54 -23.15
CA SER H 181 7.30 -37.49 -23.76
C SER H 181 6.69 -38.85 -24.07
N THR H 182 6.14 -39.50 -23.07
CA THR H 182 5.56 -40.82 -23.31
C THR H 182 4.41 -40.76 -24.33
N PHE H 183 3.72 -39.62 -24.37
CA PHE H 183 2.61 -39.41 -25.29
C PHE H 183 3.00 -39.48 -26.76
N LEU H 184 3.89 -38.57 -27.16
CA LEU H 184 4.39 -38.50 -28.54
C LEU H 184 5.34 -39.69 -28.79
N GLY H 185 5.96 -40.15 -27.71
CA GLY H 185 6.89 -41.25 -27.83
C GLY H 185 6.21 -42.38 -28.53
N ARG H 186 5.02 -42.69 -28.04
CA ARG H 186 4.23 -43.78 -28.58
C ARG H 186 4.02 -43.61 -30.08
N TYR H 187 3.66 -42.39 -30.49
CA TYR H 187 3.42 -42.12 -31.90
C TYR H 187 4.64 -42.43 -32.69
N GLY H 188 5.79 -42.01 -32.15
CA GLY H 188 7.06 -42.31 -32.83
C GLY H 188 7.22 -43.83 -32.98
N ALA H 189 6.87 -44.52 -31.90
CA ALA H 189 6.96 -45.96 -31.87
C ALA H 189 6.07 -46.55 -32.98
N LEU H 190 4.93 -45.90 -33.18
CA LEU H 190 3.99 -46.32 -34.19
C LEU H 190 4.57 -46.07 -35.57
N ALA H 191 5.10 -44.87 -35.74
CA ALA H 191 5.68 -44.47 -37.00
C ALA H 191 6.67 -45.50 -37.46
N ALA H 192 7.49 -45.96 -36.52
CA ALA H 192 8.48 -46.97 -36.86
C ALA H 192 7.84 -48.31 -37.28
N ALA H 193 6.83 -48.77 -36.55
CA ALA H 193 6.18 -50.05 -36.86
C ALA H 193 5.35 -50.03 -38.13
N CYS H 194 4.57 -48.98 -38.31
CA CYS H 194 3.74 -48.84 -39.51
C CYS H 194 4.54 -48.35 -40.68
N GLY H 195 5.49 -47.50 -40.35
CA GLY H 195 6.32 -46.89 -41.36
C GLY H 195 7.13 -47.73 -42.31
N GLY H 196 7.22 -49.02 -42.08
CA GLY H 196 8.03 -49.74 -43.04
C GLY H 196 9.39 -50.20 -42.58
N GLU H 197 9.57 -51.49 -42.83
CA GLU H 197 10.76 -52.27 -42.50
C GLU H 197 12.06 -51.50 -42.60
N GLY H 198 12.93 -51.77 -41.64
CA GLY H 198 14.24 -51.16 -41.62
C GLY H 198 14.27 -49.81 -40.95
N GLN H 199 13.50 -49.65 -39.90
CA GLN H 199 13.54 -48.35 -39.23
C GLN H 199 14.17 -48.54 -37.84
N PRO H 200 15.05 -47.61 -37.44
CA PRO H 200 15.74 -47.64 -36.13
C PRO H 200 14.81 -47.36 -34.96
N ALA H 201 13.79 -48.22 -34.83
CA ALA H 201 12.76 -48.16 -33.80
C ALA H 201 13.01 -47.23 -32.61
N ASP H 202 14.06 -47.52 -31.86
CA ASP H 202 14.44 -46.77 -30.65
C ASP H 202 14.84 -45.31 -30.84
N SER H 203 15.53 -45.04 -31.95
CA SER H 203 15.99 -43.71 -32.25
C SER H 203 14.78 -42.81 -32.54
N VAL H 204 13.84 -43.31 -33.35
CA VAL H 204 12.64 -42.55 -33.67
C VAL H 204 11.92 -42.18 -32.37
N ARG H 205 11.76 -43.17 -31.49
CA ARG H 205 11.10 -42.94 -30.21
C ARG H 205 11.86 -41.92 -29.37
N GLU H 206 13.17 -42.14 -29.27
CA GLU H 206 14.04 -41.26 -28.49
C GLU H 206 13.82 -39.82 -28.98
N PHE H 207 13.92 -39.64 -30.30
CA PHE H 207 13.74 -38.31 -30.90
C PHE H 207 12.44 -37.68 -30.46
N ALA H 208 11.37 -38.46 -30.66
CA ALA H 208 10.03 -38.07 -30.32
C ALA H 208 9.90 -37.56 -28.89
N GLU H 209 10.47 -38.31 -27.95
CA GLU H 209 10.39 -37.90 -26.57
C GLU H 209 11.09 -36.59 -26.25
N ALA H 210 12.29 -36.44 -26.79
CA ALA H 210 13.04 -35.22 -26.54
C ALA H 210 12.26 -34.06 -27.11
N PHE H 211 11.97 -34.19 -28.41
CA PHE H 211 11.24 -33.17 -29.14
C PHE H 211 9.96 -32.82 -28.39
N ALA H 212 9.25 -33.85 -27.95
CA ALA H 212 8.00 -33.64 -27.26
C ALA H 212 8.20 -32.71 -26.07
N MET H 213 9.17 -33.02 -25.20
CA MET H 213 9.38 -32.17 -24.04
C MET H 213 9.81 -30.75 -24.36
N THR H 214 10.54 -30.59 -25.46
CA THR H 214 10.99 -29.27 -25.87
C THR H 214 9.73 -28.49 -26.22
N ILE H 215 8.77 -29.15 -26.89
CA ILE H 215 7.52 -28.47 -27.27
C ILE H 215 6.71 -28.11 -26.03
N THR H 216 6.76 -29.00 -25.03
CA THR H 216 6.04 -28.83 -23.76
C THR H 216 6.36 -27.54 -23.09
N MET H 217 7.66 -27.32 -22.92
CA MET H 217 8.14 -26.11 -22.27
C MET H 217 7.71 -24.95 -23.11
N ALA H 218 7.88 -25.12 -24.42
CA ALA H 218 7.51 -24.11 -25.41
C ALA H 218 6.10 -23.67 -25.08
N ASP H 219 5.29 -24.65 -24.74
CA ASP H 219 3.90 -24.40 -24.39
C ASP H 219 3.78 -23.54 -23.16
N ASP H 220 4.04 -24.16 -22.02
CA ASP H 220 3.96 -23.49 -20.74
C ASP H 220 4.38 -22.04 -20.73
N LEU H 221 5.40 -21.70 -21.54
CA LEU H 221 5.88 -20.31 -21.60
C LEU H 221 4.99 -19.38 -22.44
N THR H 222 4.29 -19.95 -23.42
CA THR H 222 3.37 -19.15 -24.23
C THR H 222 2.07 -18.99 -23.42
N ASP H 223 1.64 -20.11 -22.83
CA ASP H 223 0.42 -20.26 -22.00
C ASP H 223 0.34 -19.46 -20.68
N TYR H 224 1.47 -18.94 -20.20
CA TYR H 224 1.45 -18.16 -18.97
C TYR H 224 0.96 -16.76 -19.33
N ASP H 225 1.46 -16.26 -20.47
CA ASP H 225 1.11 -14.93 -20.98
C ASP H 225 -0.21 -14.99 -21.71
N ARG H 226 -0.16 -15.56 -22.90
CA ARG H 226 -1.31 -15.69 -23.80
C ARG H 226 -2.72 -15.89 -23.19
N ASN H 227 -2.82 -16.72 -22.16
CA ASN H 227 -4.11 -16.95 -21.47
C ASN H 227 -3.90 -17.28 -19.98
N GLY H 228 -3.42 -16.27 -19.24
CA GLY H 228 -3.15 -16.40 -17.81
C GLY H 228 -3.45 -17.76 -17.18
N GLU H 229 -2.40 -18.58 -17.05
CA GLU H 229 -2.46 -19.91 -16.45
C GLU H 229 -1.29 -19.81 -15.47
N ARG H 230 -1.32 -20.50 -14.33
CA ARG H 230 -0.21 -20.26 -13.41
C ARG H 230 0.17 -21.30 -12.37
N ASP H 231 -0.72 -22.25 -12.08
CA ASP H 231 -0.43 -23.25 -11.03
C ASP H 231 0.34 -24.50 -11.44
N GLY H 232 1.66 -24.46 -11.31
CA GLY H 232 2.48 -25.61 -11.68
C GLY H 232 3.06 -25.38 -13.08
N ASN H 233 2.76 -24.20 -13.62
CA ASN H 233 3.20 -23.74 -14.94
C ASN H 233 4.68 -23.30 -14.86
N LEU H 234 5.52 -23.88 -15.71
CA LEU H 234 6.96 -23.58 -15.73
C LEU H 234 7.33 -22.09 -15.72
N ALA H 235 6.54 -21.28 -16.41
CA ALA H 235 6.80 -19.84 -16.47
C ALA H 235 6.61 -19.19 -15.11
N HIS H 236 5.68 -19.75 -14.35
CA HIS H 236 5.38 -19.25 -13.02
C HIS H 236 6.52 -19.68 -12.11
N LEU H 237 6.82 -20.98 -12.09
CA LEU H 237 7.91 -21.47 -11.27
C LEU H 237 9.22 -20.69 -11.51
N MET H 238 9.30 -19.99 -12.64
CA MET H 238 10.47 -19.17 -12.94
C MET H 238 10.28 -17.81 -12.29
N ARG H 239 9.07 -17.23 -12.45
CA ARG H 239 8.69 -15.94 -11.84
C ARG H 239 8.83 -15.99 -10.32
N THR H 240 8.26 -17.05 -9.73
CA THR H 240 8.28 -17.28 -8.30
C THR H 240 9.68 -17.68 -7.76
N GLY H 241 10.70 -17.61 -8.62
CA GLY H 241 12.03 -17.97 -8.19
C GLY H 241 12.15 -19.40 -7.67
N ALA H 242 11.18 -20.27 -7.99
CA ALA H 242 11.22 -21.66 -7.54
C ALA H 242 12.00 -22.51 -8.55
N VAL H 243 12.18 -21.96 -9.75
CA VAL H 243 12.92 -22.61 -10.84
C VAL H 243 13.97 -21.62 -11.40
N ALA H 244 15.19 -22.12 -11.53
CA ALA H 244 16.35 -21.35 -12.01
C ALA H 244 16.45 -21.12 -13.51
N GLY H 245 16.43 -19.84 -13.91
CA GLY H 245 16.54 -19.53 -15.31
C GLY H 245 17.63 -20.36 -15.97
N GLN H 246 18.81 -20.39 -15.36
CA GLN H 246 19.97 -21.12 -15.90
C GLN H 246 19.69 -22.61 -16.08
N ASP H 247 18.76 -23.15 -15.30
CA ASP H 247 18.41 -24.58 -15.34
C ASP H 247 17.42 -24.96 -16.43
N VAL H 248 16.52 -24.04 -16.69
CA VAL H 248 15.51 -24.18 -17.72
C VAL H 248 16.35 -24.31 -19.00
N VAL H 249 17.22 -23.31 -19.22
CA VAL H 249 18.11 -23.25 -20.36
C VAL H 249 18.96 -24.52 -20.46
N ASP H 250 19.39 -25.03 -19.32
CA ASP H 250 20.21 -26.23 -19.30
C ASP H 250 19.38 -27.39 -19.75
N LEU H 251 18.18 -27.50 -19.19
CA LEU H 251 17.31 -28.58 -19.58
C LEU H 251 17.07 -28.53 -21.08
N LEU H 252 16.63 -27.35 -21.53
CA LEU H 252 16.34 -27.07 -22.93
C LEU H 252 17.38 -27.66 -23.81
N GLU H 253 18.60 -27.23 -23.55
CA GLU H 253 19.75 -27.65 -24.31
C GLU H 253 20.06 -29.11 -24.14
N GLU H 254 19.75 -29.66 -22.98
CA GLU H 254 20.02 -31.07 -22.78
C GLU H 254 19.10 -31.88 -23.67
N LEU H 255 17.91 -31.30 -23.90
CA LEU H 255 16.89 -31.92 -24.73
C LEU H 255 17.31 -31.88 -26.20
N ARG H 256 17.88 -30.75 -26.63
CA ARG H 256 18.37 -30.55 -28.01
C ARG H 256 19.45 -31.61 -28.19
N GLY H 257 20.18 -31.89 -27.11
CA GLY H 257 21.21 -32.91 -27.17
C GLY H 257 20.60 -34.25 -27.50
N ARG H 258 19.77 -34.74 -26.57
CA ARG H 258 19.11 -36.04 -26.71
C ARG H 258 18.57 -36.21 -28.14
N ALA H 259 17.89 -35.16 -28.63
CA ALA H 259 17.24 -35.13 -29.96
C ALA H 259 18.16 -35.32 -31.14
N LEU H 260 19.07 -34.35 -31.25
CA LEU H 260 20.09 -34.29 -32.28
C LEU H 260 20.84 -35.62 -32.34
N ALA H 261 21.04 -36.18 -31.15
CA ALA H 261 21.72 -37.43 -31.00
C ALA H 261 20.98 -38.53 -31.76
N ALA H 262 19.67 -38.60 -31.54
CA ALA H 262 18.83 -39.65 -32.14
C ALA H 262 18.65 -39.59 -33.65
N VAL H 263 18.57 -38.37 -34.18
CA VAL H 263 18.41 -38.18 -35.63
C VAL H 263 19.72 -38.55 -36.26
N ALA H 264 20.78 -38.53 -35.44
CA ALA H 264 22.14 -38.87 -35.85
C ALA H 264 22.39 -40.40 -35.90
N ALA H 265 21.80 -41.15 -34.98
CA ALA H 265 21.95 -42.61 -34.99
C ALA H 265 21.63 -43.09 -36.41
N PRO H 266 22.40 -44.04 -36.94
CA PRO H 266 22.33 -44.68 -38.27
C PRO H 266 21.06 -45.48 -38.63
N PRO H 267 20.50 -45.30 -39.87
CA PRO H 267 20.99 -44.40 -40.93
C PRO H 267 20.93 -42.92 -40.53
N GLY H 268 19.85 -42.51 -39.86
CA GLY H 268 19.71 -41.12 -39.44
C GLY H 268 18.85 -40.23 -40.33
N ALA H 269 18.30 -39.23 -39.67
CA ALA H 269 17.42 -38.26 -40.31
C ALA H 269 18.07 -36.89 -40.42
N PRO H 270 19.00 -36.73 -41.38
CA PRO H 270 19.68 -35.43 -41.56
C PRO H 270 18.68 -34.29 -41.69
N GLY H 271 17.57 -34.60 -42.34
CA GLY H 271 16.55 -33.60 -42.51
C GLY H 271 16.00 -32.96 -41.25
N LEU H 272 16.01 -33.70 -40.13
CA LEU H 272 15.46 -33.23 -38.84
C LEU H 272 16.35 -32.34 -38.02
N VAL H 273 17.63 -32.35 -38.39
CA VAL H 273 18.63 -31.56 -37.70
C VAL H 273 18.28 -30.05 -37.64
N PRO H 274 17.90 -29.50 -38.78
CA PRO H 274 17.56 -28.08 -38.80
C PRO H 274 16.30 -27.83 -37.95
N VAL H 275 15.38 -28.80 -37.99
CA VAL H 275 14.10 -28.76 -37.30
C VAL H 275 14.31 -28.71 -35.83
N VAL H 276 15.21 -29.58 -35.35
CA VAL H 276 15.54 -29.66 -33.91
C VAL H 276 15.96 -28.30 -33.39
N HIS H 277 17.03 -27.81 -34.02
CA HIS H 277 17.59 -26.52 -33.70
C HIS H 277 16.51 -25.48 -33.84
N LEU H 278 15.74 -25.56 -34.93
CA LEU H 278 14.71 -24.57 -35.16
C LEU H 278 13.82 -24.36 -33.96
N TYR H 279 13.27 -25.47 -33.44
CA TYR H 279 12.35 -25.42 -32.33
C TYR H 279 12.97 -25.00 -31.03
N THR H 280 14.01 -25.74 -30.64
CA THR H 280 14.75 -25.46 -29.41
C THR H 280 15.24 -23.99 -29.38
N ASP H 281 15.86 -23.57 -30.49
CA ASP H 281 16.34 -22.19 -30.66
C ASP H 281 15.20 -21.21 -30.42
N ASP H 282 14.02 -21.53 -30.95
CA ASP H 282 12.88 -20.65 -30.79
C ASP H 282 12.49 -20.36 -29.36
N VAL H 283 12.58 -21.38 -28.50
CA VAL H 283 12.23 -21.18 -27.11
C VAL H 283 13.20 -20.16 -26.53
N LEU H 284 14.49 -20.43 -26.71
CA LEU H 284 15.59 -19.57 -26.24
C LEU H 284 15.42 -18.13 -26.66
N VAL H 285 15.46 -17.95 -27.95
CA VAL H 285 15.32 -16.64 -28.55
C VAL H 285 14.02 -15.87 -28.25
N ARG H 286 12.85 -16.44 -28.53
CA ARG H 286 11.60 -15.70 -28.36
C ARG H 286 10.78 -15.91 -27.10
N LEU H 287 10.79 -17.11 -26.53
CA LEU H 287 9.99 -17.35 -25.35
C LEU H 287 10.72 -17.15 -24.04
N LEU H 288 11.92 -17.71 -23.90
CA LEU H 288 12.67 -17.56 -22.65
C LEU H 288 12.94 -16.14 -22.15
N PRO H 289 13.21 -15.19 -23.06
CA PRO H 289 13.48 -13.80 -22.69
C PRO H 289 12.45 -13.16 -21.75
N ARG H 290 11.16 -13.49 -21.92
CA ARG H 290 10.06 -12.94 -21.10
C ARG H 290 10.13 -13.26 -19.59
N HIS H 291 10.44 -14.51 -19.28
CA HIS H 291 10.53 -14.96 -17.90
C HIS H 291 11.98 -15.13 -17.46
N LEU H 292 12.76 -14.06 -17.62
CA LEU H 292 14.16 -14.05 -17.23
C LEU H 292 14.49 -12.64 -16.77
N TYR I 31 61.81 17.85 -28.68
CA TYR I 31 61.02 18.48 -27.58
C TYR I 31 60.72 19.96 -27.81
N PHE I 32 61.78 20.74 -28.05
CA PHE I 32 61.62 22.18 -28.28
C PHE I 32 60.65 22.43 -29.40
N GLN I 33 59.88 21.40 -29.66
CA GLN I 33 58.85 21.41 -30.66
C GLN I 33 57.58 21.28 -29.81
N SER I 34 57.31 20.07 -29.34
CA SER I 34 56.14 19.75 -28.51
C SER I 34 55.70 20.88 -27.58
N MET I 35 56.65 21.67 -27.09
CA MET I 35 56.32 22.77 -26.21
C MET I 35 55.69 23.90 -27.03
N LEU I 36 55.87 23.88 -28.36
CA LEU I 36 55.29 24.88 -29.25
C LEU I 36 53.98 24.33 -29.74
N ALA I 37 53.90 23.01 -29.66
CA ALA I 37 52.72 22.26 -30.06
C ALA I 37 51.66 22.52 -29.01
N ALA I 38 52.10 22.50 -27.76
CA ALA I 38 51.22 22.77 -26.63
C ALA I 38 50.87 24.27 -26.64
N GLU I 39 51.91 25.10 -26.71
CA GLU I 39 51.71 26.55 -26.75
C GLU I 39 50.68 26.91 -27.82
N ALA I 40 50.59 26.09 -28.86
CA ALA I 40 49.65 26.30 -29.96
C ALA I 40 48.23 25.86 -29.62
N ALA I 41 48.10 24.67 -29.02
CA ALA I 41 46.81 24.09 -28.62
C ALA I 41 46.11 25.00 -27.64
N ASN I 42 46.87 25.34 -26.60
CA ASN I 42 46.40 26.19 -25.55
C ASN I 42 46.07 27.54 -26.18
N ARG I 43 46.91 28.07 -27.07
CA ARG I 43 46.57 29.35 -27.67
C ARG I 43 45.22 29.25 -28.36
N ASP I 44 44.92 28.06 -28.90
CA ASP I 44 43.63 27.87 -29.56
C ASP I 44 42.49 27.93 -28.52
N HIS I 45 42.49 26.94 -27.63
CA HIS I 45 41.51 26.82 -26.57
C HIS I 45 41.14 28.15 -25.90
N VAL I 46 42.16 28.95 -25.59
CA VAL I 46 41.99 30.25 -24.96
C VAL I 46 41.27 31.22 -25.88
N THR I 47 41.85 31.54 -27.04
CA THR I 47 41.21 32.49 -27.95
C THR I 47 39.82 32.02 -28.40
N ARG I 48 39.60 30.70 -28.39
CA ARG I 48 38.30 30.11 -28.73
C ARG I 48 37.30 30.70 -27.74
N CYS I 49 37.69 30.64 -26.47
CA CYS I 49 36.88 31.17 -25.38
C CYS I 49 36.73 32.68 -25.45
N VAL I 50 37.85 33.38 -25.43
CA VAL I 50 37.88 34.84 -25.49
C VAL I 50 36.90 35.37 -26.49
N ALA I 51 36.88 34.74 -27.66
CA ALA I 51 36.02 35.16 -28.74
C ALA I 51 34.54 34.85 -28.52
N GLN I 52 34.23 33.57 -28.26
CA GLN I 52 32.84 33.16 -28.05
C GLN I 52 32.17 33.82 -26.83
N THR I 53 32.85 34.72 -26.16
CA THR I 53 32.29 35.42 -25.02
C THR I 53 32.19 36.88 -25.36
N GLY I 54 32.54 37.21 -26.61
CA GLY I 54 32.44 38.58 -27.05
C GLY I 54 33.76 39.30 -27.12
N GLY I 55 34.84 38.56 -27.22
CA GLY I 55 36.13 39.21 -27.31
C GLY I 55 36.19 39.91 -28.66
N SER I 56 36.79 41.11 -28.71
CA SER I 56 36.92 41.83 -29.98
C SER I 56 38.23 41.37 -30.66
N PRO I 57 38.40 41.76 -31.91
CA PRO I 57 39.61 41.38 -32.65
C PRO I 57 40.88 41.64 -31.82
N ASP I 58 40.98 42.88 -31.31
CA ASP I 58 42.12 43.36 -30.50
C ASP I 58 42.42 42.52 -29.29
N LEU I 59 41.37 42.12 -28.58
CA LEU I 59 41.55 41.31 -27.39
C LEU I 59 41.96 39.88 -27.75
N VAL I 60 41.38 39.30 -28.79
CA VAL I 60 41.77 37.96 -29.17
C VAL I 60 43.22 38.05 -29.60
N ALA I 61 43.54 39.14 -30.29
CA ALA I 61 44.89 39.37 -30.74
C ALA I 61 45.80 39.36 -29.54
N HIS I 62 45.54 40.32 -28.66
CA HIS I 62 46.29 40.50 -27.43
C HIS I 62 46.62 39.16 -26.73
N THR I 63 45.58 38.37 -26.42
CA THR I 63 45.74 37.08 -25.74
C THR I 63 46.51 36.08 -26.58
N ALA I 64 46.16 35.97 -27.86
CA ALA I 64 46.84 35.04 -28.74
C ALA I 64 48.36 35.27 -28.66
N ALA I 65 48.74 36.53 -28.43
CA ALA I 65 50.13 36.92 -28.34
C ALA I 65 50.82 36.73 -26.97
N LEU I 66 50.12 36.19 -25.96
CA LEU I 66 50.72 35.99 -24.61
C LEU I 66 51.44 34.66 -24.57
N ARG I 67 52.46 34.58 -25.39
CA ARG I 67 53.23 33.38 -25.55
C ARG I 67 53.64 32.68 -24.31
N LEU I 68 54.43 33.33 -23.49
CA LEU I 68 54.92 32.66 -22.30
C LEU I 68 53.85 32.05 -21.39
N TYR I 69 52.78 32.81 -21.20
CA TYR I 69 51.68 32.39 -20.34
C TYR I 69 51.08 31.14 -20.90
N LEU I 70 50.80 31.20 -22.20
CA LEU I 70 50.19 30.08 -22.90
C LEU I 70 51.01 28.81 -22.86
N ARG I 71 52.32 28.99 -22.75
CA ARG I 71 53.31 27.92 -22.77
C ARG I 71 53.65 27.28 -21.43
N VAL I 72 53.73 28.12 -20.41
CA VAL I 72 54.06 27.70 -19.06
C VAL I 72 53.25 26.50 -18.52
N PRO I 73 51.95 26.43 -18.85
CA PRO I 73 51.13 25.32 -18.36
C PRO I 73 51.72 24.01 -18.88
N HIS I 74 52.52 24.11 -19.93
CA HIS I 74 53.10 22.92 -20.48
C HIS I 74 54.17 22.41 -19.53
N PHE I 75 55.01 23.33 -19.09
CA PHE I 75 56.07 22.96 -18.22
C PHE I 75 55.55 22.37 -16.93
N LEU I 76 54.50 22.95 -16.36
CA LEU I 76 53.94 22.45 -15.08
C LEU I 76 53.29 21.04 -15.11
N THR I 77 52.78 20.68 -16.28
CA THR I 77 52.12 19.39 -16.50
C THR I 77 53.09 18.29 -16.95
N GLU I 78 54.37 18.64 -17.02
CA GLU I 78 55.41 17.72 -17.44
C GLU I 78 55.49 16.45 -16.63
N TRP I 79 55.09 16.49 -15.36
CA TRP I 79 55.12 15.28 -14.52
C TRP I 79 53.92 14.36 -14.74
N THR I 80 53.01 14.78 -15.63
CA THR I 80 51.79 14.02 -15.94
C THR I 80 52.08 13.05 -17.07
N THR I 81 51.91 11.76 -16.80
CA THR I 81 52.14 10.72 -17.81
C THR I 81 51.01 10.59 -18.88
N ASP I 82 49.75 10.37 -18.50
CA ASP I 82 48.71 10.28 -19.51
C ASP I 82 48.74 11.54 -20.39
N PRO I 83 48.92 11.37 -21.70
CA PRO I 83 48.98 12.44 -22.70
C PRO I 83 47.76 13.33 -22.81
N ASP I 84 46.59 12.72 -22.58
CA ASP I 84 45.35 13.46 -22.69
C ASP I 84 45.00 14.27 -21.46
N ARG I 85 45.15 13.65 -20.29
CA ARG I 85 44.89 14.37 -19.05
C ARG I 85 45.93 15.51 -19.08
N ARG I 86 47.19 15.17 -19.32
CA ARG I 86 48.25 16.17 -19.40
C ARG I 86 47.84 17.32 -20.35
N ALA I 87 47.25 17.04 -21.52
CA ALA I 87 46.85 18.10 -22.47
C ALA I 87 45.61 18.87 -22.03
N ALA I 88 44.82 18.22 -21.17
CA ALA I 88 43.58 18.77 -20.61
C ALA I 88 43.84 19.76 -19.47
N VAL I 89 44.74 19.36 -18.57
CA VAL I 89 45.14 20.18 -17.44
C VAL I 89 45.93 21.32 -18.02
N SER I 90 46.79 21.00 -18.98
CA SER I 90 47.64 22.00 -19.63
C SER I 90 46.79 23.18 -20.15
N ARG I 91 45.74 22.87 -20.90
CA ARG I 91 44.88 23.92 -21.44
C ARG I 91 44.03 24.60 -20.35
N ALA I 92 43.50 23.81 -19.43
CA ALA I 92 42.72 24.35 -18.33
C ALA I 92 43.53 25.43 -17.57
N LEU I 93 44.78 25.09 -17.21
CA LEU I 93 45.66 26.02 -16.49
C LEU I 93 45.92 27.25 -17.31
N ALA I 94 45.99 27.10 -18.63
CA ALA I 94 46.26 28.26 -19.49
C ALA I 94 45.12 29.22 -19.37
N LEU I 95 43.92 28.64 -19.28
CA LEU I 95 42.71 29.43 -19.15
C LEU I 95 42.84 30.37 -17.97
N ASP I 96 43.21 29.84 -16.80
CA ASP I 96 43.32 30.72 -15.65
C ASP I 96 44.52 31.65 -15.66
N ILE I 97 45.66 31.19 -16.15
CA ILE I 97 46.81 32.07 -16.19
C ILE I 97 46.50 33.25 -17.06
N VAL I 98 45.89 33.04 -18.22
CA VAL I 98 45.55 34.18 -19.07
C VAL I 98 44.51 35.05 -18.34
N SER I 99 43.58 34.40 -17.64
CA SER I 99 42.54 35.10 -16.91
C SER I 99 43.18 36.16 -16.04
N MET I 100 44.09 35.72 -15.16
CA MET I 100 44.82 36.60 -14.25
C MET I 100 45.57 37.65 -15.02
N LYS I 101 46.17 37.28 -16.13
CA LYS I 101 46.91 38.23 -16.90
C LYS I 101 46.02 39.34 -17.37
N LEU I 102 44.77 39.04 -17.70
CA LEU I 102 43.86 40.08 -18.15
C LEU I 102 43.53 41.01 -17.03
N LEU I 103 43.23 40.43 -15.87
CA LEU I 103 42.90 41.16 -14.64
C LEU I 103 44.06 42.11 -14.29
N ASP I 104 45.28 41.70 -14.67
CA ASP I 104 46.42 42.52 -14.41
C ASP I 104 46.37 43.74 -15.35
N ASP I 105 46.08 43.54 -16.63
CA ASP I 105 46.00 44.65 -17.59
C ASP I 105 44.88 45.62 -17.25
N LEU I 106 43.94 45.10 -16.50
CA LEU I 106 42.79 45.85 -16.05
C LEU I 106 43.24 46.80 -14.95
N MET I 107 44.20 46.37 -14.12
CA MET I 107 44.70 47.22 -13.04
C MET I 107 45.81 48.20 -13.47
N ASP I 108 46.74 47.76 -14.30
CA ASP I 108 47.79 48.66 -14.76
C ASP I 108 47.09 49.69 -15.64
N ASP I 109 46.10 49.19 -16.38
CA ASP I 109 45.27 49.98 -17.29
C ASP I 109 46.02 50.66 -18.44
N ASP I 110 47.30 50.35 -18.59
CA ASP I 110 48.09 50.90 -19.70
C ASP I 110 47.62 50.25 -21.02
N THR I 111 47.38 48.95 -20.96
CA THR I 111 46.91 48.14 -22.07
C THR I 111 46.26 48.89 -23.24
N GLY I 112 45.47 49.92 -22.96
CA GLY I 112 44.84 50.64 -24.04
C GLY I 112 43.69 49.84 -24.65
N LEU I 113 43.53 48.62 -24.13
CA LEU I 113 42.48 47.68 -24.53
C LEU I 113 41.18 48.13 -23.87
N ASP I 114 40.03 47.62 -24.33
CA ASP I 114 38.78 48.04 -23.69
C ASP I 114 38.56 47.54 -22.26
N ARG I 115 38.33 48.50 -21.35
CA ARG I 115 38.09 48.25 -19.93
C ARG I 115 37.08 47.12 -19.63
N VAL I 116 35.87 47.26 -20.16
CA VAL I 116 34.77 46.31 -19.98
C VAL I 116 35.08 44.89 -20.44
N GLU I 117 35.40 44.74 -21.71
CA GLU I 117 35.77 43.44 -22.31
C GLU I 117 36.69 42.68 -21.38
N LEU I 118 37.80 43.35 -21.04
CA LEU I 118 38.84 42.83 -20.18
C LEU I 118 38.25 42.14 -18.97
N ALA I 119 37.48 42.91 -18.20
CA ALA I 119 36.86 42.38 -16.99
C ALA I 119 35.97 41.16 -17.23
N CYS I 120 35.06 41.25 -18.20
CA CYS I 120 34.15 40.15 -18.46
C CYS I 120 34.81 38.92 -18.99
N VAL I 121 35.71 39.11 -19.94
CA VAL I 121 36.45 37.99 -20.52
C VAL I 121 37.30 37.36 -19.43
N CYS I 122 37.92 38.20 -18.61
CA CYS I 122 38.75 37.74 -17.52
C CYS I 122 37.94 36.78 -16.64
N LEU I 123 36.84 37.30 -16.12
CA LEU I 123 35.98 36.53 -15.24
C LEU I 123 35.54 35.27 -15.95
N ARG I 124 35.16 35.39 -17.21
CA ARG I 124 34.68 34.24 -17.97
C ARG I 124 35.73 33.11 -18.01
N LEU I 125 36.93 33.44 -18.49
CA LEU I 125 38.03 32.50 -18.58
C LEU I 125 38.27 31.85 -17.24
N HIS I 126 38.33 32.69 -16.22
CA HIS I 126 38.54 32.22 -14.87
C HIS I 126 37.57 31.08 -14.45
N LEU I 127 36.27 31.33 -14.62
CA LEU I 127 35.22 30.38 -14.27
C LEU I 127 35.31 29.11 -15.10
N ARG I 128 35.72 29.24 -16.36
CA ARG I 128 35.83 28.07 -17.19
C ARG I 128 36.99 27.24 -16.70
N ALA I 129 38.08 27.90 -16.34
CA ALA I 129 39.25 27.20 -15.84
C ALA I 129 38.85 26.42 -14.59
N LEU I 130 38.17 27.12 -13.67
CA LEU I 130 37.71 26.54 -12.40
C LEU I 130 36.94 25.31 -12.67
N HIS I 131 36.08 25.43 -13.66
CA HIS I 131 35.25 24.31 -14.04
C HIS I 131 36.09 23.14 -14.49
N GLU I 132 36.89 23.38 -15.53
CA GLU I 132 37.77 22.38 -16.11
C GLU I 132 38.71 21.75 -15.11
N LEU I 133 39.47 22.58 -14.41
CA LEU I 133 40.38 22.04 -13.43
C LEU I 133 39.67 21.14 -12.43
N GLU I 134 38.54 21.61 -11.96
CA GLU I 134 37.80 20.87 -10.97
C GLU I 134 37.31 19.49 -11.37
N SER I 135 37.03 19.29 -12.65
CA SER I 135 36.54 18.00 -13.12
C SER I 135 37.68 17.09 -13.49
N LEU I 136 38.88 17.67 -13.58
CA LEU I 136 40.07 16.91 -13.89
C LEU I 136 40.65 16.38 -12.57
N ALA I 137 40.53 17.15 -11.51
CA ALA I 137 41.05 16.78 -10.21
C ALA I 137 40.36 15.60 -9.60
N ARG I 138 41.14 14.75 -8.93
CA ARG I 138 40.65 13.54 -8.25
C ARG I 138 39.62 13.94 -7.20
N ASP I 139 39.96 14.93 -6.37
CA ASP I 139 39.08 15.44 -5.32
C ASP I 139 38.65 16.92 -5.62
N PRO I 140 37.38 17.17 -6.04
CA PRO I 140 36.93 18.55 -6.35
C PRO I 140 37.29 19.66 -5.37
N LYS I 141 37.33 19.33 -4.08
CA LYS I 141 37.67 20.31 -3.06
C LYS I 141 39.10 20.86 -3.25
N ALA I 142 40.06 19.98 -3.50
CA ALA I 142 41.45 20.39 -3.69
C ALA I 142 41.69 21.65 -4.52
N VAL I 143 40.89 21.91 -5.56
CA VAL I 143 41.12 23.08 -6.39
C VAL I 143 40.99 24.37 -5.64
N THR I 144 39.85 24.56 -4.99
CA THR I 144 39.56 25.77 -4.22
C THR I 144 40.40 25.84 -2.96
N ASP I 145 40.88 24.67 -2.54
CA ASP I 145 41.74 24.59 -1.38
C ASP I 145 43.06 25.24 -1.74
N ILE I 146 43.73 24.71 -2.75
CA ILE I 146 45.01 25.24 -3.23
C ILE I 146 44.94 26.72 -3.56
N LEU I 147 43.84 27.07 -4.22
CA LEU I 147 43.55 28.43 -4.68
C LEU I 147 43.27 29.46 -3.57
N GLU I 148 42.77 28.96 -2.44
CA GLU I 148 42.48 29.81 -1.27
C GLU I 148 43.69 29.77 -0.31
N GLN I 149 43.96 28.58 0.23
CA GLN I 149 45.05 28.30 1.19
C GLN I 149 46.29 29.23 1.32
N ASP I 150 46.39 30.27 0.51
CA ASP I 150 47.53 31.17 0.59
C ASP I 150 47.26 32.45 -0.21
N ALA I 151 46.01 32.58 -0.66
CA ALA I 151 45.54 33.71 -1.46
C ALA I 151 45.82 35.04 -0.81
N VAL I 152 45.69 35.03 0.51
CA VAL I 152 45.90 36.21 1.36
C VAL I 152 47.29 36.78 1.13
N HIS I 153 48.28 35.87 1.12
CA HIS I 153 49.68 36.19 0.92
C HIS I 153 49.99 36.70 -0.50
N LEU I 154 49.39 36.07 -1.50
CA LEU I 154 49.58 36.44 -2.89
C LEU I 154 48.95 37.80 -3.24
N CYS I 155 47.75 38.06 -2.72
CA CYS I 155 47.03 39.30 -2.99
C CYS I 155 47.57 40.44 -2.20
N GLY I 156 47.92 40.14 -0.95
CA GLY I 156 48.52 41.15 -0.11
C GLY I 156 49.89 41.39 -0.69
N GLY I 157 50.66 40.31 -0.84
CA GLY I 157 51.99 40.41 -1.41
C GLY I 157 52.03 41.31 -2.63
N GLN I 158 51.03 41.16 -3.49
CA GLN I 158 50.96 41.96 -4.71
C GLN I 158 50.61 43.41 -4.44
N ILE I 159 49.78 43.67 -3.44
CA ILE I 159 49.40 45.06 -3.18
C ILE I 159 50.62 45.77 -2.61
N ARG I 160 51.27 45.13 -1.63
CA ARG I 160 52.46 45.70 -0.95
C ARG I 160 53.53 45.99 -2.00
N THR I 161 53.83 44.99 -2.80
CA THR I 161 54.80 45.12 -3.87
C THR I 161 54.73 46.44 -4.61
N LYS I 162 53.51 46.89 -4.94
CA LYS I 162 53.37 48.13 -5.68
C LYS I 162 53.19 49.40 -4.84
N ARG I 163 52.93 49.24 -3.53
CA ARG I 163 52.79 50.40 -2.62
C ARG I 163 54.15 50.88 -2.13
N SER I 164 54.93 49.97 -1.55
CA SER I 164 56.27 50.24 -1.04
C SER I 164 57.36 49.74 -2.01
N ARG I 165 57.26 50.14 -3.29
CA ARG I 165 58.19 49.75 -4.34
C ARG I 165 59.58 49.56 -3.72
N ALA I 166 60.22 48.41 -4.01
CA ALA I 166 61.54 48.07 -3.45
C ALA I 166 62.73 48.95 -3.86
N THR I 167 63.79 48.89 -3.03
CA THR I 167 65.01 49.69 -3.24
C THR I 167 66.37 48.95 -3.38
N ASN I 168 66.39 47.65 -3.09
CA ASN I 168 67.62 46.85 -3.19
C ASN I 168 67.30 45.37 -3.41
N LEU I 169 68.21 44.64 -4.05
CA LEU I 169 67.96 43.23 -4.34
C LEU I 169 67.39 42.41 -3.20
N ARG I 170 67.74 42.72 -1.97
CA ARG I 170 67.18 41.91 -0.89
C ARG I 170 65.63 42.00 -0.83
N GLU I 171 65.12 43.18 -1.18
CA GLU I 171 63.70 43.51 -1.21
C GLU I 171 63.03 43.02 -2.48
N TRP I 172 63.41 43.62 -3.62
CA TRP I 172 62.88 43.27 -4.94
C TRP I 172 62.59 41.78 -4.94
N ARG I 173 63.57 41.01 -4.47
CA ARG I 173 63.50 39.55 -4.38
C ARG I 173 62.30 39.09 -3.54
N ALA I 174 62.22 39.53 -2.28
CA ALA I 174 61.10 39.14 -1.42
C ALA I 174 59.74 39.61 -1.99
N HIS I 175 59.79 40.67 -2.81
CA HIS I 175 58.59 41.19 -3.46
C HIS I 175 58.21 40.20 -4.55
N ALA I 176 59.12 40.01 -5.49
CA ALA I 176 58.89 39.08 -6.58
C ALA I 176 58.65 37.64 -6.10
N SER I 177 58.90 37.33 -4.83
CA SER I 177 58.69 35.95 -4.35
C SER I 177 57.25 35.69 -3.91
N THR I 178 56.36 36.64 -4.21
CA THR I 178 54.94 36.54 -3.88
C THR I 178 54.13 36.78 -5.16
N TYR I 179 54.27 37.96 -5.75
CA TYR I 179 53.55 38.27 -6.97
C TYR I 179 54.07 37.42 -8.11
N GLY I 180 55.15 36.67 -7.87
CA GLY I 180 55.71 35.84 -8.92
C GLY I 180 55.75 34.39 -8.50
N SER I 181 56.58 34.07 -7.52
CA SER I 181 56.70 32.69 -7.06
C SER I 181 55.42 32.09 -6.51
N THR I 182 54.84 32.71 -5.50
CA THR I 182 53.60 32.18 -4.92
C THR I 182 52.47 32.11 -5.97
N PHE I 183 52.52 32.98 -6.98
CA PHE I 183 51.51 33.02 -8.03
C PHE I 183 51.49 31.77 -8.89
N LEU I 184 52.62 31.51 -9.54
CA LEU I 184 52.79 30.38 -10.43
C LEU I 184 52.90 29.14 -9.60
N GLY I 185 53.38 29.31 -8.37
CA GLY I 185 53.55 28.20 -7.46
C GLY I 185 52.24 27.47 -7.29
N ARG I 186 51.18 28.24 -7.08
CA ARG I 186 49.81 27.71 -6.93
C ARG I 186 49.41 26.87 -8.18
N TYR I 187 49.59 27.42 -9.38
CA TYR I 187 49.27 26.68 -10.58
C TYR I 187 49.98 25.35 -10.60
N GLY I 188 51.26 25.33 -10.25
CA GLY I 188 52.03 24.10 -10.22
C GLY I 188 51.36 23.15 -9.24
N ALA I 189 50.92 23.68 -8.11
CA ALA I 189 50.25 22.88 -7.09
C ALA I 189 48.96 22.27 -7.66
N LEU I 190 48.32 23.07 -8.53
CA LEU I 190 47.07 22.67 -9.20
C LEU I 190 47.40 21.56 -10.17
N ALA I 191 48.41 21.79 -11.00
CA ALA I 191 48.86 20.82 -11.99
C ALA I 191 49.05 19.46 -11.33
N ALA I 192 49.63 19.45 -10.13
CA ALA I 192 49.87 18.19 -9.41
C ALA I 192 48.57 17.51 -8.95
N ALA I 193 47.65 18.29 -8.40
CA ALA I 193 46.39 17.74 -7.95
C ALA I 193 45.43 17.30 -9.08
N CYS I 194 45.27 18.14 -10.11
CA CYS I 194 44.41 17.84 -11.26
C CYS I 194 45.09 16.90 -12.21
N GLY I 195 46.39 17.05 -12.33
CA GLY I 195 47.18 16.23 -13.24
C GLY I 195 47.21 14.71 -13.13
N GLY I 196 46.66 14.13 -12.08
CA GLY I 196 46.72 12.69 -12.05
C GLY I 196 47.70 12.11 -11.07
N GLU I 197 47.11 11.21 -10.31
CA GLU I 197 47.73 10.44 -9.24
C GLU I 197 49.21 10.09 -9.49
N GLY I 198 49.97 10.13 -8.40
CA GLY I 198 51.37 9.81 -8.46
C GLY I 198 52.24 10.95 -8.91
N GLN I 199 51.93 12.16 -8.47
CA GLN I 199 52.78 13.26 -8.88
C GLN I 199 53.48 13.79 -7.66
N PRO I 200 54.80 14.09 -7.79
CA PRO I 200 55.64 14.63 -6.69
C PRO I 200 55.25 16.07 -6.29
N ALA I 201 53.99 16.23 -5.89
CA ALA I 201 53.41 17.49 -5.48
C ALA I 201 54.38 18.65 -5.21
N ASP I 202 55.22 18.49 -4.20
CA ASP I 202 56.19 19.51 -3.78
C ASP I 202 57.21 19.95 -4.80
N SER I 203 57.72 18.98 -5.55
CA SER I 203 58.74 19.23 -6.57
C SER I 203 58.16 20.11 -7.69
N VAL I 204 56.94 19.79 -8.13
CA VAL I 204 56.30 20.57 -9.19
C VAL I 204 56.21 22.00 -8.70
N ARG I 205 55.74 22.17 -7.46
CA ARG I 205 55.58 23.49 -6.88
C ARG I 205 56.90 24.22 -6.78
N GLU I 206 57.89 23.52 -6.23
CA GLU I 206 59.21 24.10 -6.08
C GLU I 206 59.72 24.58 -7.45
N PHE I 207 59.62 23.72 -8.47
CA PHE I 207 60.05 24.07 -9.82
C PHE I 207 59.38 25.36 -10.27
N ALA I 208 58.07 25.39 -10.13
CA ALA I 208 57.22 26.51 -10.50
C ALA I 208 57.67 27.81 -9.91
N GLU I 209 57.96 27.80 -8.62
CA GLU I 209 58.41 28.99 -7.93
C GLU I 209 59.75 29.54 -8.42
N ALA I 210 60.73 28.64 -8.55
CA ALA I 210 62.04 29.05 -9.03
C ALA I 210 61.87 29.64 -10.44
N PHE I 211 61.32 28.84 -11.34
CA PHE I 211 61.08 29.25 -12.73
C PHE I 211 60.36 30.58 -12.79
N ALA I 212 59.36 30.73 -11.94
CA ALA I 212 58.58 31.93 -11.88
C ALA I 212 59.47 33.12 -11.66
N MET I 213 60.27 33.08 -10.59
CA MET I 213 61.15 34.21 -10.29
C MET I 213 62.17 34.50 -11.39
N THR I 214 62.65 33.45 -12.05
CA THR I 214 63.63 33.63 -13.11
C THR I 214 62.90 34.41 -14.21
N ILE I 215 61.63 34.12 -14.44
CA ILE I 215 60.89 34.85 -15.49
C ILE I 215 60.65 36.28 -15.07
N THR I 216 60.47 36.48 -13.77
CA THR I 216 60.21 37.81 -13.20
C THR I 216 61.31 38.77 -13.53
N MET I 217 62.54 38.34 -13.21
CA MET I 217 63.73 39.15 -13.46
C MET I 217 63.80 39.40 -14.95
N ALA I 218 63.60 38.33 -15.70
CA ALA I 218 63.61 38.37 -17.15
C ALA I 218 62.75 39.54 -17.58
N ASP I 219 61.63 39.69 -16.89
CA ASP I 219 60.69 40.75 -17.19
C ASP I 219 61.29 42.12 -16.94
N ASP I 220 61.43 42.44 -15.65
CA ASP I 220 61.97 43.73 -15.21
C ASP I 220 63.10 44.28 -16.10
N LEU I 221 63.97 43.40 -16.62
CA LEU I 221 65.08 43.82 -17.48
C LEU I 221 64.63 44.19 -18.88
N THR I 222 63.56 43.56 -19.36
CA THR I 222 63.02 43.86 -20.68
C THR I 222 62.22 45.13 -20.57
N ASP I 223 61.43 45.18 -19.49
CA ASP I 223 60.53 46.30 -19.15
C ASP I 223 61.16 47.66 -18.80
N TYR I 224 62.47 47.70 -18.52
CA TYR I 224 63.12 48.96 -18.21
C TYR I 224 63.38 49.71 -19.52
N ASP I 225 63.82 48.95 -20.52
CA ASP I 225 64.12 49.47 -21.85
C ASP I 225 62.83 49.62 -22.66
N ARG I 226 62.32 48.48 -23.14
CA ARG I 226 61.11 48.36 -23.97
C ARG I 226 59.99 49.38 -23.74
N ASN I 227 59.69 49.71 -22.49
CA ASN I 227 58.67 50.71 -22.21
C ASN I 227 58.98 51.46 -20.90
N GLY I 228 60.06 52.24 -20.92
CA GLY I 228 60.50 53.02 -19.76
C GLY I 228 59.68 52.93 -18.47
N GLU I 229 60.12 52.06 -17.57
CA GLU I 229 59.49 51.83 -16.27
C GLU I 229 60.70 51.95 -15.36
N ARG I 230 60.56 52.40 -14.12
CA ARG I 230 61.81 52.57 -13.38
C ARG I 230 61.79 52.55 -11.84
N ASP I 231 60.64 52.72 -11.21
CA ASP I 231 60.59 52.77 -9.74
C ASP I 231 60.46 51.43 -8.95
N GLY I 232 61.61 50.87 -8.56
CA GLY I 232 61.61 49.60 -7.85
C GLY I 232 61.92 48.45 -8.82
N ASN I 233 62.15 48.83 -10.07
CA ASN I 233 62.45 47.94 -11.20
C ASN I 233 63.91 47.47 -11.05
N LEU I 234 64.12 46.15 -11.08
CA LEU I 234 65.47 45.59 -10.92
C LEU I 234 66.55 46.16 -11.85
N ALA I 235 66.18 46.53 -13.08
CA ALA I 235 67.15 47.09 -14.03
C ALA I 235 67.64 48.44 -13.54
N HIS I 236 66.73 49.17 -12.90
CA HIS I 236 67.06 50.48 -12.36
C HIS I 236 67.95 50.29 -11.16
N LEU I 237 67.53 49.50 -10.18
CA LEU I 237 68.34 49.26 -8.99
C LEU I 237 69.75 48.85 -9.33
N MET I 238 69.95 48.39 -10.57
CA MET I 238 71.27 48.00 -11.04
C MET I 238 71.98 49.27 -11.54
N ARG I 239 71.27 50.08 -12.36
CA ARG I 239 71.75 51.37 -12.93
C ARG I 239 72.17 52.33 -11.82
N THR I 240 71.28 52.46 -10.82
CA THR I 240 71.50 53.30 -9.65
C THR I 240 72.52 52.73 -8.68
N GLY I 241 73.22 51.68 -9.09
CA GLY I 241 74.20 51.08 -8.22
C GLY I 241 73.65 50.65 -6.87
N ALA I 242 72.33 50.48 -6.77
CA ALA I 242 71.73 50.05 -5.51
C ALA I 242 71.74 48.50 -5.42
N VAL I 243 71.89 47.86 -6.57
CA VAL I 243 71.93 46.39 -6.67
C VAL I 243 73.19 45.96 -7.45
N ALA I 244 73.90 44.98 -6.88
CA ALA I 244 75.15 44.48 -7.43
C ALA I 244 75.05 43.51 -8.61
N GLY I 245 75.61 43.91 -9.75
CA GLY I 245 75.55 43.06 -10.93
C GLY I 245 75.85 41.61 -10.58
N GLN I 246 76.97 41.39 -9.88
CA GLN I 246 77.41 40.04 -9.50
C GLN I 246 76.38 39.30 -8.66
N ASP I 247 75.51 40.04 -7.98
CA ASP I 247 74.48 39.46 -7.11
C ASP I 247 73.21 39.06 -7.86
N VAL I 248 72.91 39.84 -8.90
CA VAL I 248 71.78 39.58 -9.78
C VAL I 248 72.12 38.22 -10.37
N VAL I 249 73.32 38.12 -10.94
CA VAL I 249 73.86 36.90 -11.54
C VAL I 249 73.87 35.73 -10.55
N ASP I 250 74.19 36.02 -9.30
CA ASP I 250 74.23 34.97 -8.28
C ASP I 250 72.83 34.46 -7.99
N LEU I 251 71.90 35.39 -7.84
CA LEU I 251 70.49 35.03 -7.61
C LEU I 251 70.02 34.15 -8.77
N LEU I 252 70.13 34.69 -9.99
CA LEU I 252 69.77 34.03 -11.22
C LEU I 252 70.16 32.60 -11.15
N GLU I 253 71.45 32.40 -10.94
CA GLU I 253 72.02 31.08 -10.88
C GLU I 253 71.56 30.26 -9.70
N GLU I 254 71.24 30.93 -8.60
CA GLU I 254 70.79 30.18 -7.45
C GLU I 254 69.40 29.63 -7.78
N LEU I 255 68.67 30.36 -8.63
CA LEU I 255 67.32 29.98 -9.05
C LEU I 255 67.38 28.78 -10.00
N ARG I 256 68.34 28.82 -10.94
CA ARG I 256 68.56 27.74 -11.88
C ARG I 256 68.86 26.52 -11.03
N GLY I 257 69.53 26.74 -9.91
CA GLY I 257 69.84 25.64 -9.04
C GLY I 257 68.55 25.03 -8.51
N ARG I 258 67.80 25.83 -7.74
CA ARG I 258 66.52 25.39 -7.14
C ARG I 258 65.65 24.62 -8.16
N ALA I 259 65.54 25.18 -9.38
CA ALA I 259 64.75 24.61 -10.48
C ALA I 259 65.19 23.24 -10.94
N LEU I 260 66.42 23.18 -11.42
CA LEU I 260 67.07 21.97 -11.90
C LEU I 260 66.99 20.88 -10.84
N ALA I 261 67.14 21.30 -9.59
CA ALA I 261 67.09 20.40 -8.46
C ALA I 261 65.74 19.67 -8.41
N ALA I 262 64.65 20.44 -8.55
CA ALA I 262 63.27 19.93 -8.48
C ALA I 262 62.82 19.02 -9.65
N VAL I 263 63.28 19.33 -10.86
CA VAL I 263 62.93 18.53 -12.02
C VAL I 263 63.67 17.21 -11.89
N ALA I 264 64.71 17.23 -11.06
CA ALA I 264 65.56 16.06 -10.77
C ALA I 264 64.95 15.11 -9.72
N ALA I 265 64.28 15.66 -8.70
CA ALA I 265 63.64 14.84 -7.67
C ALA I 265 62.81 13.81 -8.44
N PRO I 266 62.85 12.54 -7.98
CA PRO I 266 62.16 11.34 -8.49
C PRO I 266 60.63 11.34 -8.51
N PRO I 267 59.98 10.89 -9.63
CA PRO I 267 60.63 10.39 -10.85
C PRO I 267 61.44 11.46 -11.56
N GLY I 268 60.89 12.67 -11.65
CA GLY I 268 61.61 13.75 -12.29
C GLY I 268 61.23 14.02 -13.74
N ALA I 269 61.45 15.27 -14.14
CA ALA I 269 61.13 15.75 -15.46
C ALA I 269 62.35 16.05 -16.31
N PRO I 270 63.03 15.01 -16.80
CA PRO I 270 64.21 15.23 -17.63
C PRO I 270 63.91 16.24 -18.75
N GLY I 271 62.70 16.19 -19.29
CA GLY I 271 62.36 17.08 -20.36
C GLY I 271 62.53 18.56 -20.06
N LEU I 272 62.38 18.93 -18.80
CA LEU I 272 62.44 20.36 -18.36
C LEU I 272 63.85 20.94 -18.14
N VAL I 273 64.83 20.04 -18.12
CA VAL I 273 66.20 20.43 -17.89
C VAL I 273 66.73 21.40 -18.95
N PRO I 274 66.47 21.11 -20.22
CA PRO I 274 66.93 22.00 -21.29
C PRO I 274 66.23 23.34 -21.22
N VAL I 275 64.95 23.31 -20.82
CA VAL I 275 64.03 24.47 -20.65
C VAL I 275 64.52 25.43 -19.58
N VAL I 276 64.86 24.85 -18.42
CA VAL I 276 65.37 25.59 -17.28
C VAL I 276 66.56 26.41 -17.79
N HIS I 277 67.58 25.67 -18.25
CA HIS I 277 68.81 26.28 -18.77
C HIS I 277 68.47 27.30 -19.83
N LEU I 278 67.58 26.94 -20.74
CA LEU I 278 67.20 27.81 -21.83
C LEU I 278 66.82 29.20 -21.35
N TYR I 279 65.89 29.26 -20.40
CA TYR I 279 65.40 30.53 -19.88
C TYR I 279 66.43 31.31 -19.08
N THR I 280 66.92 30.69 -18.03
CA THR I 280 67.94 31.29 -17.19
C THR I 280 69.10 31.79 -18.06
N ASP I 281 69.62 30.91 -18.94
CA ASP I 281 70.71 31.27 -19.85
C ASP I 281 70.35 32.53 -20.63
N ASP I 282 69.09 32.61 -21.07
CA ASP I 282 68.70 33.75 -21.85
C ASP I 282 68.81 35.06 -21.14
N VAL I 283 68.52 35.06 -19.84
CA VAL I 283 68.63 36.31 -19.12
C VAL I 283 70.08 36.72 -19.17
N LEU I 284 70.97 35.78 -18.79
CA LEU I 284 72.43 36.01 -18.76
C LEU I 284 72.96 36.56 -20.05
N VAL I 285 72.78 35.74 -21.07
CA VAL I 285 73.23 36.09 -22.39
C VAL I 285 72.68 37.36 -23.03
N ARG I 286 71.35 37.47 -23.14
CA ARG I 286 70.75 38.62 -23.83
C ARG I 286 70.25 39.81 -23.02
N LEU I 287 69.74 39.56 -21.82
CA LEU I 287 69.21 40.67 -21.04
C LEU I 287 70.20 41.32 -20.07
N LEU I 288 70.92 40.51 -19.29
CA LEU I 288 71.87 41.07 -18.34
C LEU I 288 72.94 41.97 -18.90
N PRO I 289 73.43 41.70 -20.13
CA PRO I 289 74.47 42.54 -20.73
C PRO I 289 74.16 44.04 -20.76
N ARG I 290 72.91 44.40 -20.99
CA ARG I 290 72.47 45.82 -21.05
C ARG I 290 72.67 46.67 -19.77
N HIS I 291 72.35 46.07 -18.62
CA HIS I 291 72.47 46.74 -17.32
C HIS I 291 73.69 46.24 -16.55
N LEU I 292 74.85 46.25 -17.20
CA LEU I 292 76.11 45.83 -16.59
C LEU I 292 77.21 46.71 -17.17
N TYR J 31 11.09 41.54 11.91
CA TYR J 31 11.90 41.17 10.70
C TYR J 31 12.73 42.30 10.10
N PHE J 32 12.08 43.41 9.72
CA PHE J 32 12.79 44.55 9.13
C PHE J 32 13.93 45.00 10.03
N GLN J 33 14.32 44.09 10.90
CA GLN J 33 15.39 44.24 11.85
C GLN J 33 16.38 43.22 11.37
N SER J 34 16.14 41.96 11.70
CA SER J 34 17.02 40.85 11.32
C SER J 34 17.69 41.01 9.97
N MET J 35 17.04 41.70 9.02
CA MET J 35 17.64 41.90 7.71
C MET J 35 18.75 42.95 7.81
N LEU J 36 18.75 43.71 8.90
CA LEU J 36 19.77 44.73 9.18
C LEU J 36 20.81 44.09 10.02
N ALA J 37 20.39 43.05 10.71
CA ALA J 37 21.24 42.28 11.60
C ALA J 37 22.20 41.48 10.72
N ALA J 38 21.65 41.01 9.60
CA ALA J 38 22.43 40.23 8.65
C ALA J 38 23.24 41.24 7.87
N GLU J 39 22.59 42.28 7.40
CA GLU J 39 23.29 43.27 6.62
C GLU J 39 24.54 43.71 7.39
N ALA J 40 24.46 43.63 8.73
CA ALA J 40 25.55 44.05 9.61
C ALA J 40 26.66 43.02 9.75
N ALA J 41 26.25 41.76 9.95
CA ALA J 41 27.18 40.65 10.09
C ALA J 41 28.06 40.50 8.86
N ASN J 42 27.39 40.50 7.70
CA ASN J 42 28.00 40.37 6.39
C ASN J 42 28.87 41.58 6.18
N ARG J 43 28.41 42.77 6.54
CA ARG J 43 29.27 43.95 6.39
C ARG J 43 30.56 43.71 7.16
N ASP J 44 30.46 43.06 8.31
CA ASP J 44 31.65 42.77 9.12
C ASP J 44 32.58 41.82 8.39
N HIS J 45 32.12 40.59 8.19
CA HIS J 45 32.87 39.55 7.48
C HIS J 45 33.59 40.03 6.21
N VAL J 46 32.92 40.88 5.42
CA VAL J 46 33.48 41.41 4.18
C VAL J 46 34.62 42.37 4.46
N THR J 47 34.36 43.44 5.22
CA THR J 47 35.43 44.43 5.53
C THR J 47 36.58 43.81 6.35
N ARG J 48 36.28 42.75 7.10
CA ARG J 48 37.26 42.01 7.86
C ARG J 48 38.26 41.52 6.83
N CYS J 49 37.74 40.93 5.78
CA CYS J 49 38.55 40.44 4.68
C CYS J 49 39.25 41.55 3.88
N VAL J 50 38.47 42.50 3.37
CA VAL J 50 39.01 43.63 2.60
C VAL J 50 40.23 44.19 3.22
N ALA J 51 40.17 44.32 4.54
CA ALA J 51 41.26 44.90 5.32
C ALA J 51 42.48 44.01 5.46
N GLN J 52 42.27 42.82 6.01
CA GLN J 52 43.34 41.86 6.20
C GLN J 52 44.05 41.41 4.91
N THR J 53 43.69 42.01 3.77
CA THR J 53 44.30 41.68 2.49
C THR J 53 45.00 42.93 2.00
N GLY J 54 44.95 43.97 2.81
CA GLY J 54 45.59 45.21 2.43
C GLY J 54 44.65 46.27 1.94
N GLY J 55 43.40 46.22 2.37
CA GLY J 55 42.46 47.22 1.92
C GLY J 55 42.82 48.50 2.63
N SER J 56 42.75 49.63 1.92
CA SER J 56 43.06 50.91 2.55
C SER J 56 41.78 51.44 3.21
N PRO J 57 41.90 52.50 4.03
CA PRO J 57 40.74 53.09 4.71
C PRO J 57 39.57 53.36 3.75
N ASP J 58 39.90 53.98 2.62
CA ASP J 58 38.93 54.33 1.57
C ASP J 58 38.19 53.14 0.98
N LEU J 59 38.90 52.04 0.73
CA LEU J 59 38.27 50.86 0.17
C LEU J 59 37.40 50.15 1.21
N VAL J 60 37.86 50.06 2.45
CA VAL J 60 37.05 49.40 3.45
C VAL J 60 35.82 50.26 3.62
N ALA J 61 36.00 51.56 3.56
CA ALA J 61 34.89 52.52 3.66
C ALA J 61 33.93 52.19 2.54
N HIS J 62 34.41 52.32 1.31
CA HIS J 62 33.62 52.05 0.12
C HIS J 62 32.74 50.80 0.23
N THR J 63 33.36 49.66 0.54
CA THR J 63 32.67 48.37 0.67
C THR J 63 31.68 48.36 1.81
N ALA J 64 32.09 48.82 2.99
CA ALA J 64 31.20 48.87 4.17
C ALA J 64 29.88 49.57 3.83
N ALA J 65 29.95 50.50 2.88
CA ALA J 65 28.82 51.28 2.42
C ALA J 65 27.95 50.65 1.29
N LEU J 66 28.30 49.46 0.82
CA LEU J 66 27.52 48.79 -0.26
C LEU J 66 26.39 48.03 0.38
N ARG J 67 25.53 48.81 0.99
CA ARG J 67 24.41 48.28 1.72
C ARG J 67 23.62 47.21 1.01
N LEU J 68 23.00 47.55 -0.11
CA LEU J 68 22.16 46.58 -0.78
C LEU J 68 22.83 45.26 -1.09
N TYR J 69 24.07 45.33 -1.56
CA TYR J 69 24.79 44.12 -1.91
C TYR J 69 24.96 43.31 -0.69
N LEU J 70 25.39 43.96 0.38
CA LEU J 70 25.62 43.28 1.65
C LEU J 70 24.40 42.60 2.24
N ARG J 71 23.24 43.16 1.87
CA ARG J 71 21.93 42.75 2.33
C ARG J 71 21.21 41.69 1.54
N VAL J 72 21.32 41.78 0.23
CA VAL J 72 20.70 40.82 -0.69
C VAL J 72 20.92 39.33 -0.35
N PRO J 73 22.15 38.94 0.08
CA PRO J 73 22.45 37.56 0.43
C PRO J 73 21.52 37.05 1.49
N HIS J 74 20.90 37.99 2.21
CA HIS J 74 19.97 37.62 3.25
C HIS J 74 18.67 37.13 2.64
N PHE J 75 18.19 37.90 1.68
CA PHE J 75 16.96 37.56 1.01
C PHE J 75 17.09 36.18 0.35
N LEU J 76 18.20 35.88 -0.36
CA LEU J 76 18.38 34.58 -1.06
C LEU J 76 18.46 33.34 -0.15
N THR J 77 18.94 33.54 1.06
CA THR J 77 19.08 32.42 1.99
C THR J 77 17.84 32.21 2.84
N GLU J 78 16.80 33.03 2.59
CA GLU J 78 15.53 32.99 3.35
C GLU J 78 14.89 31.62 3.38
N TRP J 79 15.10 30.80 2.35
CA TRP J 79 14.52 29.44 2.31
C TRP J 79 15.34 28.44 3.13
N THR J 80 16.43 28.90 3.75
CA THR J 80 17.29 28.04 4.55
C THR J 80 16.82 28.03 5.98
N THR J 81 16.48 26.85 6.50
CA THR J 81 15.99 26.73 7.87
C THR J 81 17.08 26.79 8.94
N ASP J 82 18.14 25.95 8.86
CA ASP J 82 19.19 26.03 9.89
C ASP J 82 19.74 27.47 9.92
N PRO J 83 19.68 28.13 11.10
CA PRO J 83 20.12 29.51 11.33
C PRO J 83 21.60 29.75 11.06
N ASP J 84 22.41 28.75 11.34
CA ASP J 84 23.85 28.86 11.16
C ASP J 84 24.29 28.67 9.74
N ARG J 85 23.79 27.61 9.11
CA ARG J 85 24.15 27.39 7.74
C ARG J 85 23.64 28.67 7.05
N ARG J 86 22.39 29.01 7.32
CA ARG J 86 21.80 30.20 6.72
C ARG J 86 22.72 31.42 6.87
N ALA J 87 23.28 31.64 8.05
CA ALA J 87 24.14 32.79 8.24
C ALA J 87 25.53 32.66 7.58
N ALA J 88 25.95 31.40 7.36
CA ALA J 88 27.23 31.04 6.75
C ALA J 88 27.23 31.23 5.24
N VAL J 89 26.13 30.82 4.63
CA VAL J 89 25.94 30.96 3.21
C VAL J 89 25.71 32.43 2.96
N SER J 90 24.93 33.03 3.86
CA SER J 90 24.57 34.44 3.75
C SER J 90 25.80 35.27 3.59
N ARG J 91 26.75 35.05 4.50
CA ARG J 91 28.00 35.79 4.48
C ARG J 91 28.90 35.38 3.26
N ALA J 92 28.98 34.09 2.97
CA ALA J 92 29.78 33.60 1.86
C ALA J 92 29.33 34.29 0.56
N LEU J 93 28.03 34.33 0.33
CA LEU J 93 27.48 34.98 -0.86
C LEU J 93 27.77 36.47 -0.92
N ALA J 94 27.83 37.11 0.24
CA ALA J 94 28.12 38.55 0.29
C ALA J 94 29.55 38.76 -0.20
N LEU J 95 30.42 37.82 0.17
CA LEU J 95 31.82 37.89 -0.25
C LEU J 95 31.90 38.01 -1.76
N ASP J 96 31.26 37.09 -2.48
CA ASP J 96 31.33 37.17 -3.91
C ASP J 96 30.55 38.31 -4.54
N ILE J 97 29.39 38.66 -4.00
CA ILE J 97 28.64 39.77 -4.59
C ILE J 97 29.47 41.04 -4.49
N VAL J 98 30.13 41.26 -3.36
CA VAL J 98 30.95 42.45 -3.23
C VAL J 98 32.13 42.30 -4.18
N SER J 99 32.66 41.09 -4.27
CA SER J 99 33.78 40.85 -5.17
C SER J 99 33.45 41.39 -6.55
N MET J 100 32.35 40.92 -7.11
CA MET J 100 31.95 41.35 -8.43
C MET J 100 31.73 42.82 -8.48
N LYS J 101 31.18 43.37 -7.41
CA LYS J 101 30.93 44.80 -7.38
C LYS J 101 32.24 45.59 -7.53
N LEU J 102 33.33 45.10 -6.95
CA LEU J 102 34.63 45.79 -7.04
C LEU J 102 35.15 45.74 -8.46
N LEU J 103 35.04 44.56 -9.06
CA LEU J 103 35.45 44.29 -10.44
C LEU J 103 34.68 45.24 -11.37
N ASP J 104 33.47 45.57 -10.97
CA ASP J 104 32.67 46.47 -11.74
C ASP J 104 33.28 47.88 -11.64
N ASP J 105 33.63 48.31 -10.44
CA ASP J 105 34.23 49.64 -10.28
C ASP J 105 35.55 49.74 -10.99
N LEU J 106 36.17 48.57 -11.18
CA LEU J 106 37.44 48.47 -11.84
C LEU J 106 37.27 48.74 -13.33
N MET J 107 36.12 48.36 -13.88
CA MET J 107 35.87 48.60 -15.29
C MET J 107 35.25 49.98 -15.60
N ASP J 108 34.34 50.45 -14.76
CA ASP J 108 33.76 51.77 -15.02
C ASP J 108 34.91 52.75 -14.77
N ASP J 109 35.70 52.42 -13.74
CA ASP J 109 36.86 53.21 -13.34
C ASP J 109 36.58 54.62 -12.86
N ASP J 110 35.31 54.97 -12.72
CA ASP J 110 34.92 56.27 -12.21
C ASP J 110 35.26 56.31 -10.72
N THR J 111 34.96 55.21 -10.00
CA THR J 111 35.24 55.07 -8.56
C THR J 111 36.27 56.00 -7.92
N GLY J 112 37.36 56.30 -8.64
CA GLY J 112 38.37 57.19 -8.09
C GLY J 112 39.18 56.49 -7.02
N LEU J 113 38.79 55.25 -6.74
CA LEU J 113 39.45 54.43 -5.76
C LEU J 113 40.74 53.92 -6.42
N ASP J 114 41.68 53.36 -5.63
CA ASP J 114 42.89 52.86 -6.26
C ASP J 114 42.76 51.61 -7.16
N ARG J 115 43.21 51.74 -8.40
CA ARG J 115 43.18 50.68 -9.40
C ARG J 115 43.63 49.29 -8.93
N VAL J 116 44.86 49.22 -8.45
CA VAL J 116 45.47 47.99 -7.94
C VAL J 116 44.72 47.30 -6.79
N GLU J 117 44.51 48.03 -5.69
CA GLU J 117 43.79 47.51 -4.53
C GLU J 117 42.51 46.78 -5.00
N LEU J 118 41.70 47.51 -5.77
CA LEU J 118 40.45 47.01 -6.32
C LEU J 118 40.61 45.62 -6.89
N ALA J 119 41.47 45.48 -7.89
CA ALA J 119 41.70 44.19 -8.51
C ALA J 119 42.10 43.07 -7.53
N CYS J 120 43.10 43.33 -6.70
CA CYS J 120 43.58 42.29 -5.76
C CYS J 120 42.58 41.89 -4.70
N VAL J 121 41.91 42.89 -4.12
CA VAL J 121 40.90 42.67 -3.09
C VAL J 121 39.74 41.95 -3.74
N CYS J 122 39.41 42.36 -4.96
CA CYS J 122 38.36 41.74 -5.70
C CYS J 122 38.67 40.25 -5.83
N LEU J 123 39.82 39.94 -6.43
CA LEU J 123 40.18 38.56 -6.60
C LEU J 123 40.23 37.82 -5.28
N ARG J 124 40.71 38.50 -4.24
CA ARG J 124 40.83 37.86 -2.95
C ARG J 124 39.46 37.39 -2.42
N LEU J 125 38.52 38.34 -2.36
CA LEU J 125 37.14 38.10 -1.88
C LEU J 125 36.53 36.96 -2.67
N HIS J 126 36.69 37.03 -3.97
CA HIS J 126 36.17 36.02 -4.83
C HIS J 126 36.63 34.64 -4.43
N LEU J 127 37.93 34.46 -4.29
CA LEU J 127 38.49 33.16 -3.92
C LEU J 127 38.04 32.68 -2.56
N ARG J 128 37.82 33.61 -1.67
CA ARG J 128 37.38 33.22 -0.35
C ARG J 128 35.94 32.75 -0.44
N ALA J 129 35.15 33.46 -1.22
CA ALA J 129 33.77 33.10 -1.38
C ALA J 129 33.69 31.68 -1.92
N LEU J 130 34.45 31.44 -2.99
CA LEU J 130 34.51 30.14 -3.65
C LEU J 130 34.80 29.10 -2.66
N HIS J 131 35.81 29.36 -1.84
CA HIS J 131 36.20 28.43 -0.85
C HIS J 131 35.01 28.12 0.09
N GLU J 132 34.50 29.16 0.75
CA GLU J 132 33.38 29.06 1.69
C GLU J 132 32.13 28.43 1.07
N LEU J 133 31.69 28.94 -0.07
CA LEU J 133 30.51 28.38 -0.67
C LEU J 133 30.71 26.92 -0.88
N GLU J 134 31.86 26.57 -1.40
CA GLU J 134 32.17 25.19 -1.72
C GLU J 134 32.18 24.20 -0.58
N SER J 135 32.47 24.65 0.63
CA SER J 135 32.49 23.73 1.77
C SER J 135 31.14 23.66 2.43
N LEU J 136 30.28 24.59 2.06
CA LEU J 136 28.93 24.67 2.58
C LEU J 136 28.04 23.75 1.74
N ALA J 137 28.31 23.71 0.44
CA ALA J 137 27.51 22.91 -0.49
C ALA J 137 27.64 21.42 -0.28
N ARG J 138 26.52 20.71 -0.45
CA ARG J 138 26.45 19.26 -0.29
C ARG J 138 27.43 18.60 -1.27
N ASP J 139 27.35 18.99 -2.55
CA ASP J 139 28.24 18.46 -3.59
C ASP J 139 29.20 19.57 -4.10
N PRO J 140 30.53 19.50 -3.75
CA PRO J 140 31.49 20.54 -4.19
C PRO J 140 31.45 20.99 -5.66
N LYS J 141 31.17 20.05 -6.56
CA LYS J 141 31.10 20.37 -7.96
C LYS J 141 30.01 21.42 -8.25
N ALA J 142 28.84 21.25 -7.65
CA ALA J 142 27.75 22.17 -7.89
C ALA J 142 28.08 23.66 -7.99
N VAL J 143 29.03 24.13 -7.18
CA VAL J 143 29.37 25.57 -7.15
C VAL J 143 29.87 26.10 -8.47
N THR J 144 30.90 25.45 -9.00
CA THR J 144 31.52 25.84 -10.27
C THR J 144 30.60 25.53 -11.42
N ASP J 145 29.69 24.59 -11.17
CA ASP J 145 28.72 24.19 -12.15
C ASP J 145 27.81 25.36 -12.38
N ILE J 146 27.12 25.74 -11.32
CA ILE J 146 26.21 26.86 -11.35
C ILE J 146 26.89 28.10 -11.88
N LEU J 147 28.13 28.30 -11.42
CA LEU J 147 28.96 29.45 -11.76
C LEU J 147 29.39 29.51 -13.19
N GLU J 148 29.58 28.34 -13.78
CA GLU J 148 29.97 28.26 -15.18
C GLU J 148 28.73 28.18 -16.08
N GLN J 149 27.98 27.11 -15.88
CA GLN J 149 26.77 26.80 -16.62
C GLN J 149 25.97 27.87 -17.36
N ASP J 150 26.38 29.14 -17.31
CA ASP J 150 25.65 30.19 -18.03
C ASP J 150 26.45 31.48 -18.10
N ALA J 151 27.71 31.37 -17.64
CA ALA J 151 28.67 32.47 -17.56
C ALA J 151 28.81 33.19 -18.87
N VAL J 152 28.76 32.41 -19.94
CA VAL J 152 28.88 32.90 -21.30
C VAL J 152 27.85 33.97 -21.58
N HIS J 153 26.64 33.67 -21.13
CA HIS J 153 25.47 34.53 -21.28
C HIS J 153 25.59 35.82 -20.49
N LEU J 154 25.97 35.69 -19.23
CA LEU J 154 26.12 36.83 -18.32
C LEU J 154 27.25 37.82 -18.69
N CYS J 155 28.38 37.26 -19.13
CA CYS J 155 29.56 38.04 -19.53
C CYS J 155 29.37 38.67 -20.89
N GLY J 156 28.80 37.89 -21.79
CA GLY J 156 28.52 38.43 -23.11
C GLY J 156 27.41 39.44 -22.91
N GLY J 157 26.33 38.98 -22.27
CA GLY J 157 25.21 39.84 -22.00
C GLY J 157 25.69 41.19 -21.48
N GLN J 158 26.63 41.16 -20.54
CA GLN J 158 27.15 42.38 -19.99
C GLN J 158 27.99 43.21 -20.97
N ILE J 159 28.72 42.56 -21.88
CA ILE J 159 29.52 43.33 -22.83
C ILE J 159 28.61 44.00 -23.83
N ARG J 160 27.67 43.22 -24.37
CA ARG J 160 26.73 43.74 -25.35
C ARG J 160 25.98 44.92 -24.75
N THR J 161 25.44 44.73 -23.56
CA THR J 161 24.71 45.77 -22.86
C THR J 161 25.35 47.16 -22.98
N LYS J 162 26.68 47.23 -22.80
CA LYS J 162 27.36 48.50 -22.86
C LYS J 162 27.86 48.93 -24.25
N ARG J 163 27.89 48.00 -25.21
CA ARG J 163 28.35 48.31 -26.60
C ARG J 163 27.22 48.91 -27.42
N SER J 164 26.10 48.19 -27.48
CA SER J 164 24.90 48.63 -28.21
C SER J 164 23.82 49.17 -27.23
N ARG J 165 24.22 50.13 -26.38
CA ARG J 165 23.33 50.75 -25.41
C ARG J 165 21.89 50.78 -25.99
N ALA J 166 20.93 50.31 -25.21
CA ALA J 166 19.52 50.25 -25.64
C ALA J 166 18.82 51.59 -25.90
N THR J 167 17.73 51.50 -26.66
CA THR J 167 16.92 52.68 -27.06
C THR J 167 15.40 52.71 -26.68
N ASN J 168 14.84 51.59 -26.21
CA ASN J 168 13.41 51.53 -25.86
C ASN J 168 13.19 50.43 -24.83
N LEU J 169 12.18 50.60 -23.98
CA LEU J 169 11.93 49.60 -22.95
C LEU J 169 12.02 48.13 -23.40
N ARG J 170 11.66 47.81 -24.63
CA ARG J 170 11.73 46.41 -25.04
C ARG J 170 13.17 45.86 -24.94
N GLU J 171 14.13 46.75 -25.22
CA GLU J 171 15.60 46.47 -25.20
C GLU J 171 16.21 46.54 -23.78
N TRP J 172 16.22 47.76 -23.22
CA TRP J 172 16.73 47.99 -21.87
C TRP J 172 16.43 46.77 -21.03
N ARG J 173 15.17 46.32 -21.10
CA ARG J 173 14.68 45.16 -20.39
C ARG J 173 15.51 43.93 -20.73
N ALA J 174 15.54 43.53 -21.98
CA ALA J 174 16.32 42.36 -22.34
C ALA J 174 17.81 42.52 -21.94
N HIS J 175 18.28 43.76 -21.88
CA HIS J 175 19.68 44.05 -21.49
C HIS J 175 19.78 43.75 -20.01
N ALA J 176 18.98 44.48 -19.24
CA ALA J 176 18.95 44.28 -17.81
C ALA J 176 18.58 42.85 -17.37
N SER J 177 18.12 42.01 -18.29
CA SER J 177 17.75 40.65 -17.92
C SER J 177 18.91 39.68 -17.94
N THR J 178 20.12 40.21 -18.13
CA THR J 178 21.35 39.40 -18.17
C THR J 178 22.32 39.95 -17.14
N TYR J 179 22.71 41.21 -17.31
CA TYR J 179 23.63 41.88 -16.41
C TYR J 179 22.99 42.04 -15.04
N GLY J 180 21.69 41.81 -14.95
CA GLY J 180 20.99 41.95 -13.70
C GLY J 180 20.36 40.66 -13.26
N SER J 181 19.36 40.19 -14.01
CA SER J 181 18.67 38.97 -13.64
C SER J 181 19.56 37.74 -13.60
N THR J 182 20.23 37.46 -14.71
CA THR J 182 21.09 36.27 -14.75
C THR J 182 22.22 36.34 -13.73
N PHE J 183 22.64 37.56 -13.40
CA PHE J 183 23.71 37.79 -12.42
C PHE J 183 23.37 37.33 -11.01
N LEU J 184 22.30 37.91 -10.45
CA LEU J 184 21.84 37.58 -9.11
C LEU J 184 21.16 36.22 -9.12
N GLY J 185 20.61 35.88 -10.29
CA GLY J 185 19.95 34.60 -10.43
C GLY J 185 20.88 33.48 -9.99
N ARG J 186 22.10 33.54 -10.52
CA ARG J 186 23.12 32.56 -10.21
C ARG J 186 23.32 32.46 -8.70
N TYR J 187 23.42 33.61 -8.03
CA TYR J 187 23.62 33.63 -6.59
C TYR J 187 22.49 32.92 -5.89
N GLY J 188 21.26 33.18 -6.36
CA GLY J 188 20.11 32.50 -5.81
C GLY J 188 20.31 30.98 -5.98
N ALA J 189 20.76 30.61 -7.18
CA ALA J 189 21.01 29.22 -7.50
C ALA J 189 22.00 28.62 -6.51
N LEU J 190 22.99 29.42 -6.17
CA LEU J 190 24.03 28.99 -5.25
C LEU J 190 23.44 28.82 -3.86
N ALA J 191 22.67 29.82 -3.46
CA ALA J 191 22.06 29.82 -2.15
C ALA J 191 21.33 28.52 -1.96
N ALA J 192 20.60 28.10 -2.98
CA ALA J 192 19.86 26.87 -2.90
C ALA J 192 20.77 25.63 -2.74
N ALA J 193 21.84 25.56 -3.54
CA ALA J 193 22.72 24.41 -3.48
C ALA J 193 23.55 24.31 -2.22
N CYS J 194 24.09 25.46 -1.81
CA CYS J 194 24.92 25.54 -0.59
C CYS J 194 24.06 25.58 0.64
N GLY J 195 22.95 26.26 0.48
CA GLY J 195 22.04 26.43 1.58
C GLY J 195 21.45 25.25 2.32
N GLY J 196 21.63 24.05 1.83
CA GLY J 196 21.02 22.99 2.60
C GLY J 196 19.77 22.39 2.01
N GLU J 197 19.86 21.06 1.96
CA GLU J 197 18.86 20.14 1.44
C GLU J 197 17.42 20.57 1.68
N GLY J 198 16.60 20.32 0.66
CA GLY J 198 15.20 20.64 0.74
C GLY J 198 14.88 22.05 0.37
N GLN J 199 15.57 22.60 -0.60
CA GLN J 199 15.24 23.97 -0.97
C GLN J 199 14.63 23.97 -2.38
N PRO J 200 13.56 24.75 -2.59
CA PRO J 200 12.87 24.86 -3.90
C PRO J 200 13.69 25.56 -4.96
N ALA J 201 14.86 24.99 -5.24
CA ALA J 201 15.83 25.49 -6.23
C ALA J 201 15.37 26.57 -7.22
N ASP J 202 14.40 26.23 -8.05
CA ASP J 202 13.85 27.13 -9.09
C ASP J 202 13.15 28.40 -8.61
N SER J 203 12.44 28.28 -7.48
CA SER J 203 11.73 29.39 -6.89
C SER J 203 12.74 30.42 -6.36
N VAL J 204 13.77 29.96 -5.65
CA VAL J 204 14.78 30.88 -5.14
C VAL J 204 15.35 31.65 -6.32
N ARG J 205 15.69 30.93 -7.39
CA ARG J 205 16.25 31.55 -8.58
C ARG J 205 15.29 32.55 -9.19
N GLU J 206 14.05 32.10 -9.37
CA GLU J 206 13.01 32.93 -9.97
C GLU J 206 12.89 34.26 -9.17
N PHE J 207 12.81 34.13 -7.84
CA PHE J 207 12.70 35.29 -6.96
C PHE J 207 13.83 36.25 -7.25
N ALA J 208 15.04 35.69 -7.21
CA ALA J 208 16.29 36.42 -7.43
C ALA J 208 16.27 37.25 -8.69
N GLU J 209 15.86 36.63 -9.79
CA GLU J 209 15.83 37.32 -11.04
C GLU J 209 14.84 38.48 -11.08
N ALA J 210 13.65 38.26 -10.55
CA ALA J 210 12.65 39.31 -10.55
C ALA J 210 13.17 40.45 -9.72
N PHE J 211 13.53 40.11 -8.50
CA PHE J 211 14.05 41.08 -7.55
C PHE J 211 15.19 41.86 -8.18
N ALA J 212 16.11 41.13 -8.81
CA ALA J 212 17.27 41.74 -9.42
C ALA J 212 16.85 42.83 -10.38
N MET J 213 15.95 42.52 -11.31
CA MET J 213 15.55 43.54 -12.27
C MET J 213 14.83 44.74 -11.66
N THR J 214 14.11 44.48 -10.57
CA THR J 214 13.39 45.56 -9.92
C THR J 214 14.46 46.50 -9.38
N ILE J 215 15.55 45.95 -8.83
CA ILE J 215 16.63 46.79 -8.29
C ILE J 215 17.32 47.55 -9.42
N THR J 216 17.42 46.90 -10.58
CA THR J 216 18.07 47.47 -11.76
C THR J 216 17.47 48.77 -12.13
N MET J 217 16.15 48.76 -12.30
CA MET J 217 15.40 49.95 -12.68
C MET J 217 15.59 50.97 -11.61
N ALA J 218 15.49 50.49 -10.37
CA ALA J 218 15.66 51.32 -9.19
C ALA J 218 16.95 52.11 -9.38
N ASP J 219 17.96 51.43 -9.88
CA ASP J 219 19.25 52.03 -10.12
C ASP J 219 19.14 53.16 -11.15
N ASP J 220 19.00 52.75 -12.40
CA ASP J 220 18.92 53.66 -13.52
C ASP J 220 18.19 54.96 -13.21
N LEU J 221 17.16 54.91 -12.39
CA LEU J 221 16.40 56.11 -12.07
C LEU J 221 17.09 56.99 -11.04
N THR J 222 17.90 56.39 -10.18
CA THR J 222 18.63 57.17 -9.19
C THR J 222 19.87 57.76 -9.92
N ASP J 223 20.50 56.90 -10.73
CA ASP J 223 21.71 57.20 -11.52
C ASP J 223 21.58 58.26 -12.64
N TYR J 224 20.35 58.63 -13.03
CA TYR J 224 20.17 59.65 -14.06
C TYR J 224 20.36 61.02 -13.41
N ASP J 225 19.79 61.15 -12.20
CA ASP J 225 19.86 62.39 -11.42
C ASP J 225 21.20 62.47 -10.68
N ARG J 226 21.32 61.64 -9.64
CA ARG J 226 22.49 61.57 -8.76
C ARG J 226 23.89 61.80 -9.37
N ASN J 227 24.14 61.24 -10.56
CA ASN J 227 25.43 61.46 -11.24
C ASN J 227 25.26 61.42 -12.77
N GLY J 228 24.55 62.43 -13.30
CA GLY J 228 24.29 62.55 -14.72
C GLY J 228 24.85 61.47 -15.61
N GLU J 229 24.02 60.49 -15.94
CA GLU J 229 24.35 59.34 -16.81
C GLU J 229 23.17 59.41 -17.79
N ARG J 230 23.31 58.99 -19.04
CA ARG J 230 22.15 59.18 -19.90
C ARG J 230 21.97 58.32 -21.15
N ASP J 231 23.03 57.67 -21.62
CA ASP J 231 22.92 56.89 -22.86
C ASP J 231 22.44 55.44 -22.75
N GLY J 232 21.14 55.23 -22.89
CA GLY J 232 20.59 53.88 -22.80
C GLY J 232 20.02 53.67 -21.39
N ASN J 233 20.07 54.75 -20.62
CA ASN J 233 19.58 54.81 -19.23
C ASN J 233 18.04 54.93 -19.25
N LEU J 234 17.35 54.03 -18.54
CA LEU J 234 15.89 54.01 -18.52
C LEU J 234 15.21 55.35 -18.21
N ALA J 235 15.83 56.15 -17.34
CA ALA J 235 15.26 57.45 -16.98
C ALA J 235 15.27 58.39 -18.17
N HIS J 236 16.29 58.22 -19.01
CA HIS J 236 16.43 59.04 -20.19
C HIS J 236 15.39 58.59 -21.20
N LEU J 237 15.39 57.29 -21.50
CA LEU J 237 14.42 56.75 -22.44
C LEU J 237 12.99 57.17 -22.07
N MET J 238 12.80 57.60 -20.82
CA MET J 238 11.49 58.06 -20.37
C MET J 238 11.37 59.53 -20.72
N ARG J 239 12.42 60.31 -20.41
CA ARG J 239 12.51 61.75 -20.73
C ARG J 239 12.34 61.99 -22.24
N THR J 240 13.10 61.22 -23.02
CA THR J 240 13.10 61.31 -24.48
C THR J 240 11.81 60.76 -25.11
N GLY J 241 10.82 60.44 -24.28
CA GLY J 241 9.58 59.90 -24.80
C GLY J 241 9.75 58.63 -25.62
N ALA J 242 10.88 57.93 -25.47
CA ALA J 242 11.13 56.68 -26.19
C ALA J 242 10.57 55.47 -25.40
N VAL J 243 10.30 55.70 -24.12
CA VAL J 243 9.74 54.69 -23.22
C VAL J 243 8.52 55.28 -22.48
N ALA J 244 7.42 54.52 -22.49
CA ALA J 244 6.15 54.92 -21.89
C ALA J 244 6.04 54.82 -20.39
N GLY J 245 5.80 55.94 -19.73
CA GLY J 245 5.67 55.92 -18.29
C GLY J 245 4.79 54.76 -17.84
N GLN J 246 3.62 54.61 -18.47
CA GLN J 246 2.66 53.56 -18.12
C GLN J 246 3.24 52.16 -18.26
N ASP J 247 4.26 52.02 -19.12
CA ASP J 247 4.89 50.72 -19.36
C ASP J 247 5.97 50.33 -18.38
N VAL J 248 6.65 51.36 -17.90
CA VAL J 248 7.69 51.21 -16.90
C VAL J 248 6.93 50.64 -15.70
N VAL J 249 5.86 51.34 -15.31
CA VAL J 249 4.99 50.96 -14.19
C VAL J 249 4.42 49.55 -14.38
N ASP J 250 4.09 49.22 -15.62
CA ASP J 250 3.56 47.92 -15.90
C ASP J 250 4.61 46.89 -15.69
N LEU J 251 5.80 47.14 -16.23
CA LEU J 251 6.91 46.22 -16.07
C LEU J 251 7.16 45.99 -14.57
N LEU J 252 7.36 47.11 -13.86
CA LEU J 252 7.61 47.14 -12.43
C LEU J 252 6.73 46.17 -11.71
N GLU J 253 5.44 46.37 -11.93
CA GLU J 253 4.43 45.57 -11.30
C GLU J 253 4.43 44.17 -11.78
N GLU J 254 4.83 43.96 -13.01
CA GLU J 254 4.88 42.61 -13.53
C GLU J 254 5.97 41.84 -12.81
N LEU J 255 7.01 42.59 -12.43
CA LEU J 255 8.16 42.02 -11.71
C LEU J 255 7.78 41.66 -10.26
N ARG J 256 6.99 42.55 -9.64
CA ARG J 256 6.50 42.35 -8.27
C ARG J 256 5.66 41.06 -8.34
N GLY J 257 4.98 40.87 -9.47
CA GLY J 257 4.18 39.67 -9.65
C GLY J 257 5.08 38.44 -9.60
N ARG J 258 5.97 38.33 -10.57
CA ARG J 258 6.91 37.21 -10.70
C ARG J 258 7.51 36.87 -9.32
N ALA J 259 7.97 37.91 -8.61
CA ALA J 259 8.62 37.79 -7.30
C ALA J 259 7.79 37.15 -6.19
N LEU J 260 6.67 37.83 -5.92
CA LEU J 260 5.68 37.45 -4.91
C LEU J 260 5.23 36.03 -5.16
N ALA J 261 5.10 35.72 -6.44
CA ALA J 261 4.70 34.41 -6.88
C ALA J 261 5.68 33.35 -6.35
N ALA J 262 6.98 33.60 -6.58
CA ALA J 262 8.06 32.68 -6.18
C ALA J 262 8.27 32.45 -4.70
N VAL J 263 8.09 33.51 -3.91
CA VAL J 263 8.25 33.41 -2.45
C VAL J 263 7.04 32.63 -1.92
N ALA J 264 5.97 32.61 -2.73
CA ALA J 264 4.71 31.91 -2.45
C ALA J 264 4.81 30.40 -2.74
N ALA J 265 5.54 30.01 -3.78
CA ALA J 265 5.71 28.58 -4.07
C ALA J 265 6.18 27.90 -2.79
N PRO J 266 5.62 26.72 -2.49
CA PRO J 266 5.86 25.84 -1.32
C PRO J 266 7.29 25.27 -1.14
N PRO J 267 7.83 25.30 0.11
CA PRO J 267 7.18 25.83 1.33
C PRO J 267 6.93 27.34 1.26
N GLY J 268 7.87 28.09 0.69
CA GLY J 268 7.69 29.53 0.59
C GLY J 268 8.35 30.38 1.68
N ALA J 269 8.65 31.60 1.29
CA ALA J 269 9.32 32.55 2.17
C ALA J 269 8.42 33.69 2.56
N PRO J 270 7.49 33.45 3.49
CA PRO J 270 6.56 34.50 3.93
C PRO J 270 7.28 35.77 4.31
N GLY J 271 8.46 35.58 4.88
CA GLY J 271 9.25 36.71 5.29
C GLY J 271 9.63 37.68 4.20
N LEU J 272 9.77 37.22 2.95
CA LEU J 272 10.18 38.07 1.83
C LEU J 272 9.09 38.92 1.18
N VAL J 273 7.86 38.57 1.50
CA VAL J 273 6.69 39.26 0.97
C VAL J 273 6.70 40.79 1.25
N PRO J 274 6.97 41.16 2.49
CA PRO J 274 6.99 42.58 2.82
C PRO J 274 8.15 43.27 2.08
N VAL J 275 9.26 42.53 1.94
CA VAL J 275 10.49 42.96 1.28
C VAL J 275 10.25 43.29 -0.15
N VAL J 276 9.57 42.35 -0.83
CA VAL J 276 9.23 42.52 -2.25
C VAL J 276 8.49 43.84 -2.45
N HIS J 277 7.36 43.93 -1.77
CA HIS J 277 6.52 45.13 -1.82
C HIS J 277 7.38 46.31 -1.45
N LEU J 278 8.17 46.17 -0.39
CA LEU J 278 8.98 47.27 0.06
C LEU J 278 9.76 47.93 -1.06
N TYR J 279 10.54 47.11 -1.77
CA TYR J 279 11.40 47.59 -2.83
C TYR J 279 10.67 48.13 -4.02
N THR J 280 9.79 47.29 -4.57
CA THR J 280 8.98 47.66 -5.72
C THR J 280 8.19 48.93 -5.45
N ASP J 281 7.52 48.97 -4.31
CA ASP J 281 6.75 50.15 -3.86
C ASP J 281 7.66 51.38 -3.86
N ASP J 282 8.89 51.23 -3.36
CA ASP J 282 9.81 52.37 -3.31
C ASP J 282 10.12 53.01 -4.65
N VAL J 283 10.21 52.20 -5.71
CA VAL J 283 10.48 52.75 -7.02
C VAL J 283 9.30 53.64 -7.38
N LEU J 284 8.10 53.07 -7.32
CA LEU J 284 6.84 53.77 -7.61
C LEU J 284 6.72 55.09 -6.90
N VAL J 285 6.66 54.98 -5.58
CA VAL J 285 6.55 56.12 -4.69
C VAL J 285 7.63 57.20 -4.79
N ARG J 286 8.90 56.85 -4.59
CA ARG J 286 9.96 57.86 -4.58
C ARG J 286 10.77 58.08 -5.85
N LEU J 287 10.98 57.06 -6.67
CA LEU J 287 11.81 57.25 -7.86
C LEU J 287 11.02 57.55 -9.13
N LEU J 288 9.95 56.81 -9.39
CA LEU J 288 9.18 57.05 -10.60
C LEU J 288 8.59 58.44 -10.79
N PRO J 289 8.16 59.10 -9.71
CA PRO J 289 7.59 60.46 -9.81
C PRO J 289 8.45 61.49 -10.56
N ARG J 290 9.78 61.42 -10.43
CA ARG J 290 10.73 62.36 -11.09
C ARG J 290 10.69 62.35 -12.62
N HIS J 291 10.64 61.16 -13.18
CA HIS J 291 10.63 61.01 -14.63
C HIS J 291 9.24 60.64 -15.13
N LEU J 292 8.25 61.44 -14.75
CA LEU J 292 6.85 61.25 -15.16
C LEU J 292 6.24 62.64 -15.30
#